data_8YHD
#
_entry.id   8YHD
#
_cell.length_a   1.00
_cell.length_b   1.00
_cell.length_c   1.00
_cell.angle_alpha   90.00
_cell.angle_beta   90.00
_cell.angle_gamma   90.00
#
_symmetry.space_group_name_H-M   'P 1'
#
loop_
_entity.id
_entity.type
_entity.pdbx_description
1 polymer 'a protein'
2 polymer 'a protein'
3 polymer 'a protein'
4 polymer 'RNA (53-MER)'
5 polymer 'RNA (35-MER)'
6 non-polymer 'ZINC ION'
#
loop_
_entity_poly.entity_id
_entity_poly.type
_entity_poly.pdbx_seq_one_letter_code
_entity_poly.pdbx_strand_id
1 'polypeptide(L)'
;MAKTMKKIYVTMKTLSPLYTGEVRREDKEAAQKRVNFPVRKTATNKVLIPFKGALRSALEIMLKAKGENVCDTGESRARP
CGRCVTCSLFGSMGRAGRASVDFLISNDTKEQIVRESTHLRIERQTKSASDTFKGEEVIEGATFTATITISNPQEKDLSL
IQSALKFIEENGIGGWLNKGYGRVSFEVKSEDVATDRFLK
;
A,B,C,D,E,F,J,O
2 'polypeptide(L)'
;MKEIKGILESITGFSIPLDNGEYALYPAGRHLRGAIGYIAFNLDLPISSKFLDFDFDDIIFRDLLPISKCGKIFYPEKNS
NSLKCPSCNEIYGSSVLRNIMARGLSYKEVIEGKKYRLSIIVKDEKYLNEMEAIIRYILSYGIYLGNKVSKGYGKFKIKE
YSIVDILPVKDSEVLLLSDAIIDNGEKDIVFSKKEISSSKFEIIRKRGKAKGDIIRDNNHNGFYIGKYGGLGFGEIISLK
;
G
3 'polypeptide(L)'
;MIKFIGGASKVTGSAFLLETGNAKILIDCGIEQEKGIEKDNNEIIEKKINEIGKADICILTHAHLDHSGLVPLLVKKRKV
NKIISTPATKELCRLLFNDFQRIQEENNDIPLYSYDDIESSFEIWDEIDDRNTIELFDTKITFYNNSHIIGSVSVFIETH
NGNYLFSGDIGSKLQQLMDYPPDMPDGNVDYLILESTYGNKSHDSSDRDRLLEIAKTTCENGGKVLIPSFAIGRLQEVLY
TFSNYNFNFPVYIDSPMGSKVTNLIKEYNIYLKKKLRRLSITDDLFNNKYIAINTSNQSKELSNSKEPAVIISASGMLEG
GRILNHLEQIKNDENSTLIFVGYQAQNTRGRKILDGEEKVRCRIEKLNSFSAHADQDELIDYIERLKYTPYKVFLVHGEK
EQREILAKRIISKKIRVELPENYSQGKEILIEKKVVLNINTDNMCNFASYRLMPFSGFIVEKDDRIEINDKNWFDMIWNE
EYNKMRSQIVAEDFSTDQNEDSMALPDMSHDKIIENIEYLFNIKILSKNRIKEFWEEFCKGQKAAIKYITQVHRKNPNTG
RRNWNPPEGDFTDNEIEKLYETAYNTLLSLIKYDKNKVYNILINFNPKL
;
H,I,K,L
4 'polyribonucleotide' GGUUAAAACUCUUCUCAUGCUGGAUUCGAAAUUAGGUGCGCUUCGCGUUUAAGUCCCAUAUGGUGG M
5 'polyribonucleotide' GAACACCCAAUAGCGAAGCGCACCUAAUUUCGAAUCCAGCAUGAGAAGCUAA N
#
loop_
_chem_comp.id
_chem_comp.type
_chem_comp.name
_chem_comp.formula
A RNA linking ADENOSINE-5'-MONOPHOSPHATE 'C10 H14 N5 O7 P'
C RNA linking CYTIDINE-5'-MONOPHOSPHATE 'C9 H14 N3 O8 P'
G RNA linking GUANOSINE-5'-MONOPHOSPHATE 'C10 H14 N5 O8 P'
U RNA linking URIDINE-5'-MONOPHOSPHATE 'C9 H13 N2 O9 P'
ZN non-polymer 'ZINC ION' 'Zn 2'
#
# COMPACT_ATOMS: atom_id res chain seq x y z
N ALA A 2 80.05 12.66 -21.15
CA ALA A 2 78.73 13.17 -21.50
C ALA A 2 78.54 13.22 -23.01
N LYS A 3 78.87 14.22 -23.70
CA LYS A 3 78.66 14.31 -25.17
C LYS A 3 79.80 13.59 -25.89
N THR A 4 80.99 13.46 -25.19
CA THR A 4 82.08 12.72 -25.81
C THR A 4 82.51 11.58 -24.92
N MET A 5 83.06 10.54 -25.53
CA MET A 5 83.68 9.43 -24.83
C MET A 5 85.13 9.32 -25.30
N LYS A 6 85.96 8.67 -24.48
CA LYS A 6 87.37 8.54 -24.80
C LYS A 6 87.73 7.07 -24.91
N LYS A 7 88.43 6.71 -25.98
CA LYS A 7 88.83 5.34 -26.25
C LYS A 7 90.34 5.26 -26.11
N ILE A 8 90.82 4.36 -25.26
CA ILE A 8 92.25 4.15 -25.08
C ILE A 8 92.54 2.70 -25.46
N TYR A 9 93.12 2.51 -26.64
CA TYR A 9 93.48 1.18 -27.13
C TYR A 9 94.85 0.83 -26.56
N VAL A 10 94.90 -0.18 -25.71
CA VAL A 10 96.08 -0.56 -24.96
C VAL A 10 96.60 -1.87 -25.54
N THR A 11 97.87 -1.88 -25.97
CA THR A 11 98.52 -3.11 -26.41
C THR A 11 99.64 -3.47 -25.43
N MET A 12 99.82 -4.76 -25.21
CA MET A 12 100.72 -5.30 -24.20
C MET A 12 101.60 -6.39 -24.79
N LYS A 13 102.90 -6.16 -24.77
CA LYS A 13 103.88 -7.18 -25.17
C LYS A 13 104.65 -7.61 -23.93
N THR A 14 104.62 -8.90 -23.63
CA THR A 14 105.29 -9.40 -22.44
C THR A 14 106.78 -9.58 -22.72
N LEU A 15 107.62 -9.06 -21.82
CA LEU A 15 109.06 -9.25 -21.92
C LEU A 15 109.58 -10.32 -20.98
N SER A 16 108.82 -10.65 -19.93
CA SER A 16 109.09 -11.75 -19.02
C SER A 16 107.92 -12.71 -19.18
N PRO A 17 107.98 -13.94 -18.66
CA PRO A 17 106.78 -14.79 -18.66
C PRO A 17 105.69 -14.23 -17.78
N LEU A 18 104.44 -14.52 -18.15
CA LEU A 18 103.26 -14.03 -17.45
C LEU A 18 102.49 -15.22 -16.91
N TYR A 19 102.01 -15.10 -15.67
CA TYR A 19 101.18 -16.11 -15.04
C TYR A 19 99.78 -15.57 -14.85
N THR A 20 98.79 -16.40 -15.12
CA THR A 20 97.38 -16.02 -15.01
C THR A 20 96.66 -16.75 -13.90
N GLY A 21 96.70 -18.08 -13.90
CA GLY A 21 95.96 -18.86 -12.94
C GLY A 21 94.51 -19.04 -13.36
N GLU A 22 94.00 -20.26 -13.26
CA GLU A 22 92.64 -20.55 -13.68
C GLU A 22 91.67 -20.04 -12.62
N VAL A 23 90.89 -19.02 -12.97
CA VAL A 23 89.88 -18.50 -12.05
C VAL A 23 88.72 -19.48 -11.93
N ARG A 24 88.47 -20.28 -12.97
CA ARG A 24 87.39 -21.24 -12.97
C ARG A 24 87.66 -22.39 -12.01
N ARG A 25 86.58 -23.04 -11.58
CA ARG A 25 86.68 -24.18 -10.67
C ARG A 25 86.27 -25.46 -11.38
N LYS A 41 93.27 -16.45 -17.74
CA LYS A 41 93.40 -17.90 -17.92
C LYS A 41 93.15 -18.28 -19.38
N THR A 42 92.01 -18.91 -19.65
CA THR A 42 91.62 -19.29 -21.00
C THR A 42 90.20 -18.81 -21.27
N ALA A 43 89.96 -18.31 -22.48
CA ALA A 43 88.66 -17.74 -22.81
C ALA A 43 87.92 -18.57 -23.86
N THR A 44 88.42 -18.63 -25.08
CA THR A 44 87.95 -19.47 -26.17
C THR A 44 89.16 -20.08 -26.88
N ASN A 45 90.03 -20.68 -26.07
CA ASN A 45 91.45 -21.01 -26.26
C ASN A 45 92.29 -19.74 -26.25
N LYS A 46 91.78 -18.62 -25.78
CA LYS A 46 92.50 -17.35 -25.81
C LYS A 46 92.77 -16.88 -24.39
N VAL A 47 93.91 -16.21 -24.19
CA VAL A 47 94.37 -15.90 -22.83
C VAL A 47 93.75 -14.58 -22.39
N LEU A 48 93.39 -14.49 -21.10
CA LEU A 48 92.49 -13.44 -20.62
C LEU A 48 92.87 -13.10 -19.19
N ILE A 49 93.48 -11.93 -18.96
CA ILE A 49 93.97 -11.58 -17.62
C ILE A 49 93.34 -10.25 -17.18
N PRO A 50 93.06 -10.05 -15.89
CA PRO A 50 92.35 -8.83 -15.45
C PRO A 50 93.21 -7.58 -15.50
N PHE A 51 92.52 -6.43 -15.57
CA PHE A 51 93.20 -5.15 -15.68
C PHE A 51 92.67 -4.05 -14.78
N LYS A 52 91.42 -4.16 -14.33
CA LYS A 52 90.81 -3.05 -13.56
C LYS A 52 91.56 -2.87 -12.25
N GLY A 53 91.64 -3.93 -11.45
CA GLY A 53 92.28 -3.85 -10.15
C GLY A 53 93.74 -3.45 -10.23
N ALA A 54 94.40 -3.81 -11.33
CA ALA A 54 95.79 -3.44 -11.54
C ALA A 54 95.95 -1.93 -11.69
N LEU A 55 95.12 -1.31 -12.53
CA LEU A 55 95.18 0.13 -12.74
C LEU A 55 94.67 0.90 -11.53
N ARG A 56 93.66 0.36 -10.84
CA ARG A 56 93.23 0.95 -9.57
C ARG A 56 94.36 0.95 -8.56
N SER A 57 95.05 -0.18 -8.40
CA SER A 57 96.16 -0.27 -7.45
C SER A 57 97.31 0.63 -7.86
N ALA A 58 97.54 0.78 -9.17
CA ALA A 58 98.58 1.68 -9.66
C ALA A 58 98.34 3.13 -9.25
N LEU A 59 97.11 3.62 -9.49
CA LEU A 59 96.82 4.98 -9.02
C LEU A 59 96.70 5.07 -7.51
N GLU A 60 96.37 3.98 -6.82
CA GLU A 60 96.29 4.05 -5.36
C GLU A 60 97.68 4.19 -4.73
N ILE A 61 98.66 3.41 -5.18
CA ILE A 61 100.03 3.58 -4.67
C ILE A 61 100.64 4.90 -5.13
N MET A 62 100.38 5.33 -6.38
CA MET A 62 100.88 6.65 -6.82
C MET A 62 100.29 7.80 -6.02
N LEU A 63 98.97 7.84 -5.90
CA LEU A 63 98.31 9.01 -5.37
C LEU A 63 98.24 8.99 -3.85
N LYS A 64 98.51 7.84 -3.22
CA LYS A 64 98.85 7.85 -1.81
C LYS A 64 100.30 8.26 -1.59
N ALA A 65 101.20 7.88 -2.51
CA ALA A 65 102.59 8.30 -2.39
C ALA A 65 102.77 9.79 -2.69
N LYS A 66 101.95 10.35 -3.57
CA LYS A 66 102.08 11.74 -3.99
C LYS A 66 101.31 12.71 -3.10
N GLY A 67 100.78 12.24 -1.98
CA GLY A 67 100.08 13.11 -1.04
C GLY A 67 98.75 13.67 -1.52
N GLU A 68 97.95 12.85 -2.20
CA GLU A 68 96.59 13.22 -2.56
C GLU A 68 95.62 12.24 -1.92
N ASN A 69 94.33 12.60 -1.96
CA ASN A 69 93.29 11.80 -1.32
C ASN A 69 93.10 10.50 -2.06
N VAL A 70 93.35 9.38 -1.40
CA VAL A 70 93.25 8.05 -2.00
C VAL A 70 92.59 7.12 -0.99
N CYS A 71 91.61 6.36 -1.45
CA CYS A 71 91.02 5.30 -0.66
C CYS A 71 91.89 4.06 -0.81
N ASP A 72 92.22 3.43 0.32
CA ASP A 72 92.94 2.16 0.27
C ASP A 72 91.92 1.04 0.20
N THR A 73 91.61 0.60 -1.03
CA THR A 73 90.64 -0.47 -1.23
C THR A 73 91.44 -1.78 -1.29
N GLY A 74 91.90 -2.17 -0.11
CA GLY A 74 92.59 -3.43 0.06
C GLY A 74 92.16 -4.16 1.31
N GLU A 75 91.42 -3.49 2.17
CA GLU A 75 90.99 -4.04 3.44
C GLU A 75 89.74 -4.90 3.24
N SER A 76 89.41 -5.69 4.27
CA SER A 76 88.25 -6.58 4.18
C SER A 76 86.94 -5.81 4.18
N ARG A 77 86.89 -4.68 4.89
CA ARG A 77 85.73 -3.81 4.90
C ARG A 77 85.94 -2.56 4.06
N ALA A 78 86.62 -2.69 2.92
CA ALA A 78 86.99 -1.55 2.10
C ALA A 78 85.78 -1.02 1.36
N ARG A 79 85.24 0.09 1.83
CA ARG A 79 84.15 0.80 1.16
C ARG A 79 84.70 2.13 0.66
N PRO A 80 84.87 2.31 -0.66
CA PRO A 80 85.37 3.58 -1.18
C PRO A 80 84.47 4.76 -0.87
N CYS A 81 85.10 5.90 -0.59
CA CYS A 81 84.38 7.08 -0.11
C CYS A 81 83.57 7.74 -1.22
N GLY A 82 84.06 7.71 -2.44
CA GLY A 82 83.41 8.40 -3.53
C GLY A 82 83.92 9.80 -3.80
N ARG A 83 84.92 10.26 -3.05
CA ARG A 83 85.43 11.62 -3.21
C ARG A 83 86.84 11.69 -3.80
N CYS A 84 87.55 10.57 -3.87
CA CYS A 84 88.90 10.59 -4.44
C CYS A 84 88.86 10.60 -5.95
N VAL A 85 90.04 10.65 -6.55
CA VAL A 85 90.17 10.59 -7.99
C VAL A 85 90.11 9.14 -8.47
N THR A 86 90.61 8.21 -7.67
CA THR A 86 90.46 6.78 -7.95
C THR A 86 89.06 6.27 -7.67
N CYS A 87 88.22 7.05 -6.99
CA CYS A 87 86.82 6.71 -6.79
C CYS A 87 85.95 7.19 -7.94
N SER A 88 86.49 7.92 -8.89
CA SER A 88 85.77 8.39 -10.06
C SER A 88 86.23 7.72 -11.34
N LEU A 89 87.54 7.51 -11.49
CA LEU A 89 88.04 6.79 -12.66
C LEU A 89 87.70 5.32 -12.58
N PHE A 90 87.64 4.76 -11.38
CA PHE A 90 87.43 3.34 -11.17
C PHE A 90 86.12 3.00 -10.49
N GLY A 91 85.70 3.75 -9.48
CA GLY A 91 84.32 3.63 -9.04
C GLY A 91 84.18 3.76 -7.54
N SER A 92 82.91 3.84 -7.12
CA SER A 92 82.52 3.93 -5.72
C SER A 92 81.26 3.10 -5.50
N MET A 93 80.72 3.16 -4.28
CA MET A 93 79.50 2.42 -3.94
C MET A 93 78.31 2.90 -4.76
N GLY A 94 78.08 4.21 -4.80
CA GLY A 94 77.09 4.71 -5.71
C GLY A 94 77.63 4.82 -7.12
N ARG A 95 78.56 5.75 -7.33
CA ARG A 95 78.96 6.10 -8.68
C ARG A 95 79.88 5.04 -9.27
N ALA A 96 79.54 4.59 -10.48
CA ALA A 96 80.41 3.66 -11.19
C ALA A 96 81.63 4.39 -11.72
N GLY A 97 82.61 3.61 -12.16
CA GLY A 97 83.80 4.19 -12.76
C GLY A 97 83.49 4.75 -14.14
N ARG A 98 84.02 5.94 -14.38
CA ARG A 98 83.91 6.54 -15.71
C ARG A 98 84.67 5.73 -16.74
N ALA A 99 85.83 5.20 -16.36
CA ALA A 99 86.56 4.28 -17.23
C ALA A 99 86.05 2.86 -17.03
N SER A 100 85.60 2.24 -18.11
CA SER A 100 85.30 0.83 -18.18
C SER A 100 86.57 0.19 -18.74
N VAL A 101 87.32 -0.44 -17.85
CA VAL A 101 88.58 -1.08 -18.19
C VAL A 101 88.29 -2.49 -18.66
N ASP A 102 88.46 -2.73 -19.96
CA ASP A 102 88.21 -4.06 -20.47
C ASP A 102 89.36 -5.01 -20.14
N PHE A 103 89.05 -6.30 -20.22
CA PHE A 103 90.05 -7.36 -20.14
C PHE A 103 91.01 -7.23 -21.31
N LEU A 104 92.27 -7.62 -21.11
CA LEU A 104 93.18 -7.74 -22.23
C LEU A 104 93.10 -9.16 -22.76
N ILE A 105 92.79 -9.27 -24.05
CA ILE A 105 92.67 -10.54 -24.74
C ILE A 105 93.86 -10.66 -25.68
N SER A 106 94.53 -11.81 -25.66
CA SER A 106 95.67 -12.05 -26.52
C SER A 106 95.24 -12.10 -27.98
N ASN A 107 96.18 -11.84 -28.88
CA ASN A 107 95.90 -11.92 -30.30
C ASN A 107 96.04 -13.33 -30.86
N ASP A 108 96.60 -14.27 -30.09
CA ASP A 108 96.81 -15.63 -30.53
C ASP A 108 96.12 -16.60 -29.57
N THR A 109 95.96 -17.84 -30.02
CA THR A 109 95.30 -18.88 -29.25
C THR A 109 96.25 -19.47 -28.20
N LYS A 110 95.73 -20.37 -27.37
CA LYS A 110 96.55 -20.98 -26.32
C LYS A 110 97.53 -22.00 -26.86
N GLU A 111 97.32 -22.51 -28.08
CA GLU A 111 98.23 -23.51 -28.65
C GLU A 111 99.59 -22.91 -28.97
N GLN A 112 99.65 -21.59 -29.20
CA GLN A 112 100.92 -20.93 -29.50
C GLN A 112 101.54 -20.22 -28.31
N ILE A 113 100.78 -19.94 -27.25
CA ILE A 113 101.23 -19.10 -26.16
C ILE A 113 101.56 -19.91 -24.91
N VAL A 114 100.81 -20.98 -24.64
CA VAL A 114 100.98 -21.73 -23.39
C VAL A 114 102.26 -22.54 -23.47
N ARG A 115 103.15 -22.32 -22.50
CA ARG A 115 104.43 -23.02 -22.45
C ARG A 115 104.25 -24.43 -21.88
N GLU A 136 102.52 -23.51 -16.22
CA GLU A 136 101.62 -22.83 -17.13
C GLU A 136 101.88 -21.33 -17.15
N GLU A 137 102.62 -20.88 -18.17
CA GLU A 137 103.01 -19.48 -18.30
C GLU A 137 102.75 -19.03 -19.73
N VAL A 138 103.12 -17.78 -20.02
CA VAL A 138 102.81 -17.10 -21.26
C VAL A 138 104.12 -16.65 -21.91
N ILE A 139 104.25 -16.87 -23.22
CA ILE A 139 105.47 -16.57 -23.98
C ILE A 139 105.70 -15.07 -24.07
N GLU A 140 106.89 -14.69 -24.53
CA GLU A 140 107.23 -13.29 -24.74
C GLU A 140 106.56 -12.75 -25.99
N GLY A 141 106.15 -11.48 -25.92
CA GLY A 141 105.53 -10.80 -27.05
C GLY A 141 104.18 -11.33 -27.46
N ALA A 142 103.29 -11.59 -26.50
CA ALA A 142 101.99 -12.19 -26.82
C ALA A 142 100.98 -11.20 -27.37
N THR A 143 101.20 -9.89 -27.15
CA THR A 143 100.39 -8.78 -27.68
C THR A 143 98.91 -8.89 -27.27
N PHE A 144 98.67 -8.79 -25.96
CA PHE A 144 97.32 -8.65 -25.44
C PHE A 144 96.76 -7.29 -25.81
N THR A 145 95.47 -7.24 -26.16
CA THR A 145 94.81 -5.99 -26.51
C THR A 145 93.63 -5.73 -25.61
N ALA A 146 93.49 -4.48 -25.18
CA ALA A 146 92.35 -4.04 -24.37
C ALA A 146 91.95 -2.65 -24.82
N THR A 147 90.80 -2.20 -24.35
CA THR A 147 90.28 -0.88 -24.70
C THR A 147 89.62 -0.30 -23.46
N ILE A 148 90.16 0.80 -22.95
CA ILE A 148 89.58 1.49 -21.81
C ILE A 148 88.65 2.57 -22.33
N THR A 149 87.38 2.50 -21.92
CA THR A 149 86.34 3.40 -22.44
C THR A 149 85.91 4.34 -21.33
N ILE A 150 86.24 5.63 -21.48
CA ILE A 150 85.94 6.64 -20.46
C ILE A 150 84.67 7.38 -20.87
N SER A 151 83.69 7.39 -19.97
CA SER A 151 82.36 7.88 -20.28
C SER A 151 82.30 9.41 -20.26
N ASN A 152 82.62 10.02 -19.13
CA ASN A 152 82.69 11.47 -19.00
C ASN A 152 84.13 11.83 -18.71
N PRO A 153 84.94 12.12 -19.75
CA PRO A 153 86.38 12.34 -19.52
C PRO A 153 86.70 13.65 -18.82
N GLN A 154 87.15 13.52 -17.57
CA GLN A 154 87.66 14.61 -16.75
C GLN A 154 89.16 14.68 -16.95
N GLU A 155 89.62 15.70 -17.70
CA GLU A 155 90.86 15.78 -18.49
C GLU A 155 92.09 15.04 -17.96
N LYS A 156 92.53 15.42 -16.75
CA LYS A 156 93.76 14.95 -16.11
C LYS A 156 93.83 13.43 -15.98
N ASP A 157 92.66 12.79 -15.86
CA ASP A 157 92.47 11.35 -15.74
C ASP A 157 93.24 10.58 -16.83
N LEU A 158 93.28 11.13 -18.06
CA LEU A 158 93.95 10.42 -19.16
C LEU A 158 95.42 10.26 -18.85
N SER A 159 96.05 11.33 -18.34
CA SER A 159 97.46 11.31 -17.99
C SER A 159 97.72 10.34 -16.85
N LEU A 160 96.73 10.18 -15.96
CA LEU A 160 96.86 9.23 -14.86
C LEU A 160 96.97 7.81 -15.38
N ILE A 161 96.14 7.46 -16.37
CA ILE A 161 96.30 6.15 -17.01
C ILE A 161 97.62 6.10 -17.77
N GLN A 162 98.00 7.24 -18.33
CA GLN A 162 99.31 7.28 -19.02
C GLN A 162 100.35 7.00 -17.94
N SER A 163 100.20 7.65 -16.79
CA SER A 163 101.16 7.42 -15.68
C SER A 163 100.99 5.99 -15.18
N ALA A 164 99.76 5.53 -15.06
CA ALA A 164 99.53 4.20 -14.47
C ALA A 164 100.24 3.12 -15.27
N LEU A 165 100.07 3.12 -16.59
CA LEU A 165 100.64 2.02 -17.38
C LEU A 165 102.15 1.97 -17.11
N LYS A 166 102.79 3.14 -17.02
CA LYS A 166 104.27 3.17 -16.82
C LYS A 166 104.59 2.52 -15.48
N PHE A 167 103.89 2.93 -14.42
CA PHE A 167 104.11 2.31 -13.10
C PHE A 167 103.93 0.82 -13.23
N ILE A 168 102.85 0.43 -13.90
CA ILE A 168 102.56 -1.03 -14.01
C ILE A 168 103.81 -1.69 -14.62
N GLU A 169 104.38 -1.06 -15.65
CA GLU A 169 105.54 -1.70 -16.32
C GLU A 169 106.61 -1.97 -15.27
N GLU A 170 106.74 -1.06 -14.30
CA GLU A 170 107.79 -1.19 -13.26
C GLU A 170 107.49 -2.38 -12.35
N ASN A 171 106.24 -2.83 -12.27
CA ASN A 171 105.91 -3.90 -11.30
C ASN A 171 105.36 -5.16 -11.97
N GLY A 172 104.90 -5.10 -13.24
CA GLY A 172 104.27 -6.26 -13.82
C GLY A 172 102.91 -6.58 -13.19
N ILE A 173 102.20 -7.49 -13.86
CA ILE A 173 100.86 -7.89 -13.46
C ILE A 173 100.73 -9.40 -13.58
N GLY A 174 99.66 -9.93 -12.99
CA GLY A 174 99.45 -11.36 -12.98
C GLY A 174 100.15 -12.09 -11.86
N GLY A 175 100.86 -11.38 -10.99
CA GLY A 175 101.55 -12.01 -9.89
C GLY A 175 102.91 -12.54 -10.27
N TRP A 176 103.54 -13.17 -9.27
CA TRP A 176 104.92 -13.69 -9.32
C TRP A 176 105.90 -12.57 -9.67
N LEU A 177 105.63 -11.36 -9.15
CA LEU A 177 106.49 -10.22 -9.42
C LEU A 177 107.82 -10.33 -8.68
N ASN A 178 107.81 -10.93 -7.48
CA ASN A 178 109.04 -11.22 -6.78
C ASN A 178 109.84 -12.32 -7.46
N LYS A 179 109.19 -13.16 -8.26
CA LYS A 179 109.85 -14.17 -9.07
C LYS A 179 110.30 -13.64 -10.43
N GLY A 180 110.07 -12.35 -10.70
CA GLY A 180 110.48 -11.76 -11.95
C GLY A 180 109.54 -12.03 -13.12
N TYR A 181 108.38 -12.61 -12.86
CA TYR A 181 107.43 -12.95 -13.92
C TYR A 181 106.37 -11.86 -14.02
N GLY A 182 106.15 -11.37 -15.24
CA GLY A 182 105.10 -10.41 -15.50
C GLY A 182 105.56 -9.08 -16.10
N ARG A 183 106.85 -8.86 -16.34
CA ARG A 183 107.33 -7.58 -16.83
C ARG A 183 106.91 -7.36 -18.28
N VAL A 184 106.25 -6.23 -18.53
CA VAL A 184 105.47 -6.02 -19.75
C VAL A 184 105.72 -4.63 -20.30
N SER A 185 105.45 -4.45 -21.59
CA SER A 185 105.55 -3.16 -22.27
C SER A 185 104.20 -2.80 -22.86
N PHE A 186 103.86 -1.52 -22.81
CA PHE A 186 102.56 -1.03 -23.23
C PHE A 186 102.69 -0.03 -24.36
N GLU A 187 101.74 -0.07 -25.29
CA GLU A 187 101.55 0.97 -26.28
C GLU A 187 100.13 1.51 -26.18
N VAL A 188 99.99 2.82 -26.33
CA VAL A 188 98.75 3.55 -26.09
C VAL A 188 98.30 4.21 -27.38
N LYS A 189 97.04 4.00 -27.75
CA LYS A 189 96.41 4.72 -28.83
C LYS A 189 95.23 5.49 -28.26
N SER A 190 95.27 6.81 -28.35
CA SER A 190 94.23 7.65 -27.79
C SER A 190 93.27 8.09 -28.89
N GLU A 191 91.98 8.16 -28.56
CA GLU A 191 90.98 8.65 -29.48
C GLU A 191 89.87 9.29 -28.67
N ASP A 192 89.33 10.40 -29.16
CA ASP A 192 88.21 11.07 -28.52
C ASP A 192 87.03 11.00 -29.49
N VAL A 193 86.08 10.12 -29.19
CA VAL A 193 84.95 9.90 -30.08
C VAL A 193 83.73 10.60 -29.52
N ALA A 194 82.74 10.79 -30.38
CA ALA A 194 81.44 11.24 -29.92
C ALA A 194 80.71 10.08 -29.27
N THR A 195 79.85 10.41 -28.30
CA THR A 195 79.07 9.39 -27.62
C THR A 195 77.96 8.85 -28.53
N ASP A 196 77.56 9.63 -29.53
CA ASP A 196 76.46 9.31 -30.42
C ASP A 196 76.97 8.95 -31.81
N ARG A 197 78.04 8.15 -31.86
CA ARG A 197 78.69 7.82 -33.12
C ARG A 197 77.85 6.86 -33.98
N PHE A 198 77.28 5.83 -33.37
CA PHE A 198 76.61 4.78 -34.13
C PHE A 198 75.23 5.20 -34.65
N LEU A 199 74.72 6.34 -34.19
CA LEU A 199 73.48 6.93 -34.65
C LEU A 199 73.48 7.27 -36.14
N ALA B 2 49.53 -2.05 -36.62
CA ALA B 2 49.12 -1.84 -38.01
C ALA B 2 49.09 -3.16 -38.78
N LYS B 3 49.18 -3.06 -40.10
CA LYS B 3 49.11 -4.23 -40.96
C LYS B 3 50.42 -5.00 -41.05
N THR B 4 51.51 -4.44 -40.52
CA THR B 4 52.82 -5.08 -40.58
C THR B 4 53.53 -4.92 -39.25
N MET B 5 54.56 -5.73 -39.05
CA MET B 5 55.32 -5.70 -37.81
C MET B 5 56.74 -6.20 -38.09
N LYS B 6 57.68 -5.67 -37.31
CA LYS B 6 59.10 -6.01 -37.54
C LYS B 6 59.62 -6.98 -36.51
N LYS B 7 60.23 -8.06 -36.97
CA LYS B 7 60.92 -8.99 -36.10
C LYS B 7 62.41 -8.82 -36.28
N ILE B 8 63.11 -8.52 -35.20
CA ILE B 8 64.56 -8.39 -35.18
C ILE B 8 65.08 -9.56 -34.37
N TYR B 9 65.58 -10.59 -35.06
CA TYR B 9 66.15 -11.74 -34.38
C TYR B 9 67.61 -11.40 -34.06
N VAL B 10 67.92 -11.33 -32.76
CA VAL B 10 69.18 -10.83 -32.25
C VAL B 10 69.96 -11.99 -31.67
N THR B 11 71.23 -12.11 -32.06
CA THR B 11 72.11 -13.17 -31.57
C THR B 11 73.26 -12.55 -30.80
N MET B 12 73.46 -13.01 -29.58
CA MET B 12 74.58 -12.65 -28.71
C MET B 12 75.65 -13.74 -28.76
N LYS B 13 76.89 -13.33 -29.02
CA LYS B 13 78.07 -14.15 -28.79
C LYS B 13 78.94 -13.48 -27.74
N THR B 14 79.24 -14.20 -26.66
CA THR B 14 80.03 -13.66 -25.57
C THR B 14 81.51 -13.71 -25.90
N LEU B 15 82.19 -12.57 -25.79
CA LEU B 15 83.65 -12.50 -26.07
C LEU B 15 84.39 -12.46 -24.73
N SER B 16 84.05 -11.53 -23.85
CA SER B 16 84.60 -11.45 -22.52
C SER B 16 83.48 -11.80 -21.54
N PRO B 17 83.78 -12.48 -20.42
CA PRO B 17 82.75 -13.29 -19.74
C PRO B 17 81.60 -12.48 -19.17
N LEU B 18 80.40 -13.06 -19.30
CA LEU B 18 79.20 -12.29 -18.93
C LEU B 18 78.70 -12.66 -17.55
N TYR B 19 78.36 -11.64 -16.78
CA TYR B 19 77.71 -11.82 -15.49
C TYR B 19 76.46 -10.95 -15.47
N THR B 20 75.31 -11.57 -15.25
CA THR B 20 74.10 -10.83 -14.91
C THR B 20 73.55 -11.47 -13.63
N GLY B 21 73.22 -10.63 -12.66
CA GLY B 21 73.06 -11.11 -11.30
C GLY B 21 71.78 -11.89 -11.11
N GLU B 22 71.84 -12.85 -10.18
CA GLU B 22 70.67 -13.65 -9.88
C GLU B 22 69.70 -12.80 -9.07
N VAL B 23 68.43 -12.90 -9.44
CA VAL B 23 67.41 -11.96 -9.00
C VAL B 23 66.40 -12.59 -8.04
N ARG B 24 66.07 -13.86 -8.22
CA ARG B 24 65.08 -14.54 -7.43
C ARG B 24 65.66 -14.80 -6.04
N ARG B 25 64.90 -14.49 -4.99
CA ARG B 25 65.43 -14.52 -3.63
C ARG B 25 65.75 -15.93 -3.16
N GLU B 26 64.86 -16.87 -3.46
CA GLU B 26 65.07 -18.27 -3.09
C GLU B 26 66.21 -18.90 -3.90
N ASP B 27 66.37 -18.50 -5.17
CA ASP B 27 67.50 -18.97 -5.95
C ASP B 27 68.82 -18.41 -5.42
N LYS B 28 68.80 -17.14 -4.97
CA LYS B 28 69.99 -16.53 -4.36
C LYS B 28 70.34 -17.22 -3.05
N GLU B 29 69.34 -17.57 -2.24
CA GLU B 29 69.64 -18.27 -0.98
C GLU B 29 70.06 -19.72 -1.22
N ALA B 30 69.56 -20.35 -2.28
CA ALA B 30 70.03 -21.69 -2.61
C ALA B 30 71.46 -21.67 -3.11
N ALA B 31 71.83 -20.63 -3.86
CA ALA B 31 73.19 -20.52 -4.37
C ALA B 31 74.15 -19.88 -3.37
N GLN B 32 73.66 -19.31 -2.28
CA GLN B 32 74.52 -18.66 -1.30
C GLN B 32 75.38 -19.64 -0.52
N LYS B 33 75.06 -20.93 -0.54
CA LYS B 33 75.93 -21.92 0.09
C LYS B 33 77.22 -22.11 -0.71
N ARG B 34 77.17 -21.89 -2.03
CA ARG B 34 78.35 -22.03 -2.86
C ARG B 34 78.97 -20.70 -3.26
N VAL B 35 78.18 -19.79 -3.85
CA VAL B 35 78.70 -18.56 -4.42
C VAL B 35 78.01 -17.37 -3.78
N ASN B 36 78.67 -16.21 -3.88
CA ASN B 36 78.08 -14.95 -3.42
C ASN B 36 77.54 -14.10 -4.56
N PHE B 37 77.79 -14.47 -5.80
CA PHE B 37 77.23 -13.76 -6.96
C PHE B 37 76.76 -14.76 -8.00
N PRO B 38 75.56 -15.32 -7.84
CA PRO B 38 75.06 -16.27 -8.83
C PRO B 38 74.57 -15.56 -10.09
N VAL B 39 74.59 -16.29 -11.20
CA VAL B 39 74.08 -15.76 -12.45
C VAL B 39 72.55 -15.84 -12.47
N ARG B 40 71.91 -15.11 -13.24
CA ARG B 40 70.44 -15.20 -13.38
C ARG B 40 70.14 -16.41 -14.22
N LYS B 41 69.59 -17.39 -13.72
CA LYS B 41 69.33 -18.68 -14.33
C LYS B 41 67.84 -18.93 -14.41
N THR B 42 67.43 -19.64 -15.46
CA THR B 42 66.07 -20.12 -15.60
C THR B 42 65.86 -21.37 -14.76
N ALA B 43 64.58 -21.77 -14.65
CA ALA B 43 64.24 -23.10 -14.14
C ALA B 43 64.36 -24.15 -15.22
N THR B 44 64.58 -23.74 -16.47
CA THR B 44 64.98 -24.61 -17.58
C THR B 44 66.51 -24.73 -17.61
N ASN B 45 67.18 -24.12 -16.62
CA ASN B 45 68.64 -24.10 -16.46
C ASN B 45 69.34 -23.44 -17.65
N LYS B 46 68.71 -22.40 -18.18
CA LYS B 46 69.31 -21.51 -19.15
C LYS B 46 69.60 -20.18 -18.48
N VAL B 47 70.27 -19.29 -19.19
CA VAL B 47 70.60 -17.98 -18.64
C VAL B 47 69.74 -16.93 -19.34
N LEU B 48 69.18 -16.01 -18.56
CA LEU B 48 68.40 -14.91 -19.11
C LEU B 48 69.07 -13.60 -18.73
N ILE B 49 69.24 -12.72 -19.69
CA ILE B 49 69.79 -11.38 -19.49
C ILE B 49 68.69 -10.38 -19.79
N PRO B 50 68.43 -9.41 -18.90
CA PRO B 50 67.54 -8.30 -19.25
C PRO B 50 68.08 -7.52 -20.45
N PHE B 51 67.17 -7.15 -21.36
CA PHE B 51 67.55 -6.61 -22.64
C PHE B 51 66.87 -5.28 -22.95
N LYS B 52 65.70 -5.01 -22.38
CA LYS B 52 65.02 -3.74 -22.60
C LYS B 52 65.78 -2.58 -21.99
N GLY B 53 66.32 -2.77 -20.78
CA GLY B 53 67.02 -1.70 -20.11
C GLY B 53 68.33 -1.32 -20.77
N ALA B 54 69.06 -2.30 -21.30
CA ALA B 54 70.31 -2.04 -22.00
C ALA B 54 70.09 -1.19 -23.25
N LEU B 55 69.14 -1.60 -24.09
CA LEU B 55 68.80 -0.86 -25.30
C LEU B 55 68.22 0.52 -24.97
N ARG B 56 67.37 0.60 -23.94
CA ARG B 56 66.77 1.87 -23.56
C ARG B 56 67.82 2.85 -23.02
N SER B 57 68.71 2.37 -22.15
CA SER B 57 69.78 3.21 -21.62
C SER B 57 70.74 3.63 -22.73
N ALA B 58 71.01 2.72 -23.67
CA ALA B 58 71.84 3.02 -24.83
C ALA B 58 71.25 4.13 -25.68
N LEU B 59 69.96 4.04 -25.98
CA LEU B 59 69.32 5.08 -26.77
C LEU B 59 69.16 6.38 -26.01
N GLU B 60 68.87 6.31 -24.70
CA GLU B 60 68.77 7.53 -23.88
C GLU B 60 70.08 8.28 -23.83
N ILE B 61 71.19 7.56 -23.63
CA ILE B 61 72.52 8.15 -23.61
C ILE B 61 72.86 8.74 -24.98
N MET B 62 72.58 7.99 -26.05
CA MET B 62 72.99 8.43 -27.38
C MET B 62 72.15 9.60 -27.91
N LEU B 63 70.84 9.50 -27.77
CA LEU B 63 70.01 10.63 -28.21
C LEU B 63 70.23 11.84 -27.30
N LYS B 64 70.53 11.64 -26.02
CA LYS B 64 70.80 12.81 -25.18
C LYS B 64 72.12 13.45 -25.56
N ALA B 65 73.10 12.64 -25.97
CA ALA B 65 74.38 13.18 -26.42
C ALA B 65 74.26 13.89 -27.76
N LYS B 66 73.41 13.38 -28.66
CA LYS B 66 73.21 14.05 -29.94
C LYS B 66 72.46 15.37 -29.75
N GLY B 67 71.59 15.44 -28.75
CA GLY B 67 70.93 16.68 -28.39
C GLY B 67 69.46 16.76 -28.70
N GLU B 68 68.88 15.75 -29.34
CA GLU B 68 67.44 15.76 -29.54
C GLU B 68 66.74 15.41 -28.23
N ASN B 69 65.44 15.71 -28.20
CA ASN B 69 64.65 15.61 -26.97
C ASN B 69 64.47 14.16 -26.56
N VAL B 70 64.95 13.83 -25.36
CA VAL B 70 64.81 12.50 -24.78
C VAL B 70 64.90 12.66 -23.27
N CYS B 71 64.38 11.67 -22.55
CA CYS B 71 64.34 11.75 -21.10
C CYS B 71 65.59 11.14 -20.47
N ASP B 72 65.68 11.29 -19.15
CA ASP B 72 66.56 10.50 -18.30
C ASP B 72 65.61 9.76 -17.37
N THR B 73 65.08 8.62 -17.85
CA THR B 73 64.14 7.82 -17.08
C THR B 73 64.82 7.20 -15.87
N GLY B 74 66.12 6.94 -15.96
CA GLY B 74 66.88 6.32 -14.90
C GLY B 74 67.11 7.17 -13.67
N GLU B 75 66.69 8.44 -13.67
CA GLU B 75 66.61 9.18 -12.42
C GLU B 75 65.52 8.61 -11.55
N SER B 76 65.69 8.81 -10.24
CA SER B 76 64.78 8.21 -9.25
C SER B 76 63.35 8.70 -9.47
N ARG B 77 62.44 7.75 -9.57
CA ARG B 77 61.01 8.03 -9.74
C ARG B 77 60.76 9.05 -10.86
N ALA B 78 61.50 8.92 -11.96
CA ALA B 78 61.31 9.80 -13.09
C ALA B 78 60.18 9.31 -13.98
N ARG B 79 59.25 10.19 -14.28
CA ARG B 79 58.14 9.88 -15.16
C ARG B 79 58.55 10.11 -16.61
N PRO B 80 58.40 9.12 -17.48
CA PRO B 80 58.60 9.34 -18.92
C PRO B 80 57.61 10.34 -19.49
N CYS B 81 58.05 11.07 -20.51
CA CYS B 81 57.24 12.17 -21.02
C CYS B 81 56.05 11.66 -21.82
N GLY B 82 56.28 10.68 -22.69
CA GLY B 82 55.29 10.26 -23.65
C GLY B 82 55.40 10.90 -25.01
N ARG B 83 56.47 11.65 -25.27
CA ARG B 83 56.58 12.44 -26.49
C ARG B 83 57.80 12.13 -27.35
N CYS B 84 58.86 11.55 -26.80
CA CYS B 84 60.09 11.41 -27.56
C CYS B 84 60.08 10.06 -28.29
N VAL B 85 61.21 9.73 -28.93
CA VAL B 85 61.27 8.51 -29.71
C VAL B 85 61.64 7.30 -28.86
N THR B 86 62.30 7.51 -27.72
CA THR B 86 62.57 6.38 -26.82
C THR B 86 61.32 6.01 -26.02
N CYS B 87 60.55 7.00 -25.57
CA CYS B 87 59.27 6.70 -24.93
C CYS B 87 58.19 6.31 -25.92
N SER B 88 58.43 6.46 -27.22
CA SER B 88 57.53 5.84 -28.18
C SER B 88 57.94 4.40 -28.44
N LEU B 89 59.22 4.17 -28.70
CA LEU B 89 59.68 2.80 -29.08
C LEU B 89 59.68 1.90 -27.85
N PHE B 90 60.00 2.44 -26.69
CA PHE B 90 60.12 1.59 -25.51
C PHE B 90 59.09 1.84 -24.42
N GLY B 91 58.39 2.97 -24.43
CA GLY B 91 57.23 3.12 -23.56
C GLY B 91 57.11 4.32 -22.65
N SER B 92 55.87 4.69 -22.34
CA SER B 92 55.54 5.81 -21.46
C SER B 92 54.62 5.33 -20.35
N MET B 93 54.08 6.13 -19.56
CA MET B 93 53.11 5.64 -18.58
C MET B 93 51.80 5.37 -19.32
N GLY B 94 51.38 6.35 -20.24
CA GLY B 94 50.17 5.96 -20.95
C GLY B 94 50.47 4.88 -21.98
N ARG B 95 51.17 5.23 -23.04
CA ARG B 95 51.37 4.29 -24.14
C ARG B 95 52.46 3.29 -23.80
N ALA B 96 52.21 2.03 -24.13
CA ALA B 96 53.24 1.02 -24.01
C ALA B 96 54.23 1.15 -25.14
N GLY B 97 55.38 0.51 -24.96
CA GLY B 97 56.37 0.48 -26.02
C GLY B 97 55.94 -0.38 -27.18
N ARG B 98 56.30 0.10 -28.36
CA ARG B 98 56.07 -0.65 -29.58
C ARG B 98 57.03 -1.82 -29.74
N ALA B 99 58.22 -1.76 -29.15
CA ALA B 99 59.20 -2.84 -29.23
C ALA B 99 58.99 -3.77 -28.05
N SER B 100 58.51 -4.97 -28.33
CA SER B 100 58.34 -5.99 -27.26
C SER B 100 59.66 -6.75 -27.21
N VAL B 101 60.62 -6.18 -26.53
CA VAL B 101 61.94 -6.76 -26.38
C VAL B 101 61.87 -7.91 -25.40
N ASP B 102 62.26 -9.10 -25.84
CA ASP B 102 62.22 -10.26 -24.96
C ASP B 102 63.59 -10.48 -24.32
N PHE B 103 63.64 -11.46 -23.43
CA PHE B 103 64.86 -11.77 -22.69
C PHE B 103 65.87 -12.47 -23.59
N LEU B 104 67.11 -12.53 -23.12
CA LEU B 104 68.20 -13.14 -23.87
C LEU B 104 68.36 -14.56 -23.35
N ILE B 105 67.59 -15.48 -23.91
CA ILE B 105 67.62 -16.88 -23.50
C ILE B 105 68.84 -17.53 -24.14
N SER B 106 69.65 -18.20 -23.31
CA SER B 106 70.83 -18.87 -23.83
C SER B 106 70.43 -20.11 -24.62
N ASN B 107 71.15 -20.35 -25.72
CA ASN B 107 70.89 -21.52 -26.54
C ASN B 107 71.39 -22.81 -25.89
N ASP B 108 72.34 -22.71 -24.96
CA ASP B 108 72.85 -23.84 -24.22
C ASP B 108 72.25 -23.83 -22.82
N THR B 109 72.70 -24.75 -21.98
CA THR B 109 72.24 -24.86 -20.61
C THR B 109 73.34 -24.48 -19.64
N LYS B 110 72.96 -24.38 -18.36
CA LYS B 110 73.86 -23.88 -17.33
C LYS B 110 74.98 -24.86 -16.99
N GLU B 111 74.87 -26.12 -17.38
CA GLU B 111 75.96 -27.06 -17.16
C GLU B 111 77.03 -26.98 -18.24
N GLN B 112 76.83 -26.20 -19.30
CA GLN B 112 77.83 -26.06 -20.34
C GLN B 112 78.41 -24.65 -20.46
N ILE B 113 77.66 -23.61 -20.09
CA ILE B 113 78.13 -22.25 -20.30
C ILE B 113 78.36 -21.46 -19.02
N VAL B 114 77.90 -22.00 -17.88
CA VAL B 114 78.06 -21.28 -16.59
C VAL B 114 79.13 -22.00 -15.75
N ARG B 115 80.13 -21.25 -15.28
CA ARG B 115 81.23 -21.86 -14.47
C ARG B 115 81.46 -21.02 -13.21
N GLU B 116 81.89 -21.67 -12.12
CA GLU B 116 82.13 -20.96 -10.84
C GLU B 116 83.54 -20.35 -10.84
N SER B 117 83.62 -19.02 -10.74
CA SER B 117 84.93 -18.32 -10.67
C SER B 117 85.10 -17.57 -9.35
N THR B 118 86.25 -17.69 -8.71
CA THR B 118 86.52 -17.10 -7.40
C THR B 118 87.36 -15.84 -7.62
N HIS B 119 86.77 -14.68 -7.35
CA HIS B 119 87.45 -13.41 -7.47
C HIS B 119 87.89 -12.92 -6.09
N LEU B 120 89.08 -12.32 -6.03
CA LEU B 120 89.69 -11.92 -4.77
C LEU B 120 90.04 -10.44 -4.79
N ARG B 121 90.18 -9.88 -3.59
CA ARG B 121 90.61 -8.51 -3.37
C ARG B 121 91.92 -8.52 -2.60
N ILE B 122 92.92 -7.81 -3.14
CA ILE B 122 94.29 -7.81 -2.65
C ILE B 122 94.54 -6.53 -1.85
N GLU B 123 95.28 -6.66 -0.74
CA GLU B 123 95.79 -5.49 -0.04
C GLU B 123 96.81 -4.75 -0.92
N ARG B 124 96.92 -3.45 -0.70
CA ARG B 124 97.68 -2.60 -1.61
C ARG B 124 99.13 -2.42 -1.19
N GLN B 125 99.43 -2.54 0.10
CA GLN B 125 100.77 -2.36 0.61
C GLN B 125 101.51 -3.67 0.81
N THR B 126 100.82 -4.71 1.28
CA THR B 126 101.45 -6.01 1.47
C THR B 126 101.33 -6.92 0.26
N LYS B 127 100.50 -6.54 -0.73
CA LYS B 127 100.24 -7.30 -1.97
C LYS B 127 99.76 -8.71 -1.66
N SER B 128 98.84 -8.85 -0.71
CA SER B 128 98.29 -10.13 -0.32
C SER B 128 96.76 -10.04 -0.36
N ALA B 129 96.12 -11.16 -0.64
CA ALA B 129 94.67 -11.18 -0.79
C ALA B 129 93.99 -11.10 0.58
N SER B 130 93.22 -10.04 0.79
CA SER B 130 92.45 -9.92 2.03
C SER B 130 91.04 -10.47 1.90
N ASP B 131 90.42 -10.36 0.73
CA ASP B 131 89.06 -10.84 0.56
C ASP B 131 89.01 -11.87 -0.56
N THR B 132 88.13 -12.85 -0.39
CA THR B 132 87.91 -13.84 -1.43
C THR B 132 86.41 -14.14 -1.48
N PHE B 133 85.83 -14.02 -2.67
CA PHE B 133 84.42 -14.34 -2.87
C PHE B 133 84.30 -15.16 -4.14
N LYS B 134 83.20 -15.91 -4.23
CA LYS B 134 82.96 -16.76 -5.38
C LYS B 134 81.69 -16.31 -6.07
N GLY B 135 81.76 -16.16 -7.39
CA GLY B 135 80.59 -15.90 -8.20
C GLY B 135 80.55 -16.86 -9.37
N GLU B 136 79.54 -16.68 -10.20
CA GLU B 136 79.42 -17.44 -11.43
C GLU B 136 79.41 -16.49 -12.62
N GLU B 137 80.00 -16.93 -13.72
CA GLU B 137 80.00 -16.18 -14.96
C GLU B 137 79.75 -17.07 -16.16
N VAL B 138 79.02 -16.51 -17.12
CA VAL B 138 78.76 -17.19 -18.38
C VAL B 138 80.04 -17.18 -19.21
N ILE B 139 80.39 -18.35 -19.77
CA ILE B 139 81.66 -18.43 -20.49
C ILE B 139 81.52 -17.75 -21.83
N GLU B 140 82.67 -17.48 -22.44
CA GLU B 140 82.75 -16.83 -23.73
C GLU B 140 82.68 -17.84 -24.87
N GLY B 141 82.06 -17.40 -25.95
CA GLY B 141 81.54 -18.29 -26.97
C GLY B 141 80.10 -18.71 -26.78
N ALA B 142 79.45 -18.27 -25.71
CA ALA B 142 78.06 -18.61 -25.46
C ALA B 142 77.14 -17.83 -26.39
N THR B 143 76.05 -18.47 -26.81
CA THR B 143 75.11 -17.91 -27.77
C THR B 143 73.77 -17.68 -27.09
N PHE B 144 73.26 -16.47 -27.21
CA PHE B 144 71.97 -16.09 -26.67
C PHE B 144 71.08 -15.59 -27.81
N THR B 145 69.78 -15.77 -27.68
CA THR B 145 68.84 -15.38 -28.72
C THR B 145 67.77 -14.47 -28.14
N ALA B 146 67.38 -13.45 -28.91
CA ALA B 146 66.25 -12.60 -28.56
C ALA B 146 65.45 -12.29 -29.82
N THR B 147 64.18 -11.97 -29.64
CA THR B 147 63.26 -11.60 -30.73
C THR B 147 62.61 -10.27 -30.38
N ILE B 148 63.12 -9.19 -30.95
CA ILE B 148 62.53 -7.87 -30.76
C ILE B 148 61.34 -7.74 -31.69
N THR B 149 60.16 -7.53 -31.14
CA THR B 149 58.93 -7.43 -31.91
C THR B 149 58.42 -5.99 -31.87
N ILE B 150 58.57 -5.28 -32.98
CA ILE B 150 58.10 -3.90 -33.10
C ILE B 150 56.78 -3.89 -33.83
N SER B 151 55.72 -3.53 -33.13
CA SER B 151 54.42 -3.26 -33.73
C SER B 151 54.34 -1.78 -34.11
N ASN B 152 53.49 -1.49 -35.10
CA ASN B 152 53.35 -0.18 -35.71
C ASN B 152 54.70 0.42 -36.16
N PRO B 153 55.40 -0.22 -37.11
CA PRO B 153 56.81 0.11 -37.32
C PRO B 153 57.00 1.42 -38.07
N GLN B 154 57.95 2.21 -37.59
CA GLN B 154 58.43 3.37 -38.30
C GLN B 154 59.62 2.96 -39.17
N GLU B 155 60.35 3.93 -39.71
CA GLU B 155 61.51 3.64 -40.52
C GLU B 155 62.81 3.70 -39.74
N LYS B 156 62.87 4.53 -38.70
CA LYS B 156 64.09 4.70 -37.91
C LYS B 156 64.26 3.64 -36.84
N ASP B 157 63.29 2.72 -36.70
CA ASP B 157 63.33 1.71 -35.63
C ASP B 157 64.52 0.78 -35.79
N LEU B 158 64.74 0.28 -37.01
CA LEU B 158 65.84 -0.64 -37.28
C LEU B 158 67.19 0.03 -37.06
N SER B 159 67.34 1.28 -37.49
CA SER B 159 68.59 2.00 -37.32
C SER B 159 68.87 2.32 -35.86
N LEU B 160 67.84 2.71 -35.10
CA LEU B 160 68.03 3.00 -33.68
C LEU B 160 68.35 1.75 -32.87
N ILE B 161 67.73 0.61 -33.20
CA ILE B 161 68.08 -0.63 -32.50
C ILE B 161 69.49 -1.09 -32.89
N GLN B 162 69.84 -0.99 -34.18
CA GLN B 162 71.19 -1.37 -34.61
C GLN B 162 72.28 -0.44 -34.07
N SER B 163 71.94 0.81 -33.78
CA SER B 163 72.88 1.74 -33.16
C SER B 163 73.03 1.49 -31.66
N ALA B 164 71.92 1.23 -30.99
CA ALA B 164 71.96 0.90 -29.57
C ALA B 164 72.69 -0.42 -29.33
N LEU B 165 72.58 -1.36 -30.28
CA LEU B 165 73.23 -2.65 -30.11
C LEU B 165 74.74 -2.51 -30.22
N LYS B 166 75.21 -1.61 -31.11
CA LYS B 166 76.63 -1.30 -31.20
C LYS B 166 77.11 -0.55 -29.96
N PHE B 167 76.24 0.25 -29.34
CA PHE B 167 76.60 0.87 -28.07
C PHE B 167 76.79 -0.18 -26.98
N ILE B 168 75.93 -1.22 -26.99
CA ILE B 168 76.08 -2.33 -26.04
C ILE B 168 77.35 -3.14 -26.36
N GLU B 169 77.72 -3.25 -27.64
CA GLU B 169 79.04 -3.77 -27.99
C GLU B 169 80.16 -2.94 -27.38
N GLU B 170 80.03 -1.62 -27.39
CA GLU B 170 81.15 -0.78 -26.92
C GLU B 170 81.27 -0.92 -25.41
N ASN B 171 80.12 -0.80 -24.71
CA ASN B 171 80.08 -0.72 -23.22
C ASN B 171 79.79 -2.04 -22.51
N GLY B 172 79.33 -3.07 -23.21
CA GLY B 172 79.02 -4.30 -22.51
C GLY B 172 77.57 -4.37 -22.03
N ILE B 173 77.17 -5.57 -21.63
CA ILE B 173 75.84 -5.84 -21.11
C ILE B 173 75.98 -6.69 -19.85
N GLY B 174 75.05 -6.49 -18.92
CA GLY B 174 75.06 -7.27 -17.69
C GLY B 174 75.72 -6.56 -16.54
N GLY B 175 76.52 -7.29 -15.76
CA GLY B 175 77.19 -6.76 -14.61
C GLY B 175 78.70 -6.80 -14.73
N TRP B 176 79.34 -6.10 -13.78
CA TRP B 176 80.80 -5.93 -13.69
C TRP B 176 81.37 -5.34 -14.97
N LEU B 177 80.66 -4.36 -15.51
CA LEU B 177 80.96 -3.80 -16.84
C LEU B 177 82.26 -3.02 -16.85
N ASN B 178 82.70 -2.55 -15.69
CA ASN B 178 83.92 -1.75 -15.62
C ASN B 178 85.17 -2.61 -15.48
N LYS B 179 85.03 -3.84 -14.97
CA LYS B 179 86.17 -4.75 -14.83
C LYS B 179 86.36 -5.66 -16.03
N GLY B 180 85.74 -5.35 -17.18
CA GLY B 180 85.95 -6.10 -18.39
C GLY B 180 84.88 -7.12 -18.71
N TYR B 181 83.85 -7.24 -17.89
CA TYR B 181 82.84 -8.27 -18.09
C TYR B 181 81.73 -7.74 -18.98
N GLY B 182 81.33 -8.55 -19.96
CA GLY B 182 80.10 -8.33 -20.68
C GLY B 182 80.19 -7.78 -22.09
N ARG B 183 81.39 -7.60 -22.65
CA ARG B 183 81.50 -7.18 -24.04
C ARG B 183 81.13 -8.34 -24.97
N VAL B 184 80.00 -8.20 -25.66
CA VAL B 184 79.46 -9.24 -26.53
C VAL B 184 79.29 -8.71 -27.95
N SER B 185 79.10 -9.64 -28.89
CA SER B 185 78.91 -9.35 -30.30
C SER B 185 77.49 -9.71 -30.71
N PHE B 186 76.92 -8.91 -31.61
CA PHE B 186 75.54 -9.10 -32.02
C PHE B 186 75.44 -9.38 -33.51
N GLU B 187 74.58 -10.33 -33.85
CA GLU B 187 74.23 -10.64 -35.23
C GLU B 187 72.72 -10.45 -35.38
N VAL B 188 72.32 -9.57 -36.28
CA VAL B 188 70.95 -9.08 -36.37
C VAL B 188 70.35 -9.52 -37.70
N LYS B 189 69.17 -10.17 -37.63
CA LYS B 189 68.41 -10.52 -38.82
C LYS B 189 67.02 -9.91 -38.68
N SER B 190 66.74 -8.88 -39.46
CA SER B 190 65.42 -8.23 -39.36
C SER B 190 64.53 -8.84 -40.43
N GLU B 191 63.23 -8.70 -40.27
CA GLU B 191 62.28 -9.26 -41.23
C GLU B 191 60.89 -8.71 -40.92
N ASP B 192 60.34 -7.97 -41.87
CA ASP B 192 58.94 -7.53 -41.80
C ASP B 192 58.01 -8.68 -42.11
N VAL B 193 57.08 -8.95 -41.19
CA VAL B 193 55.95 -9.79 -41.45
C VAL B 193 54.71 -8.90 -41.48
N ALA B 194 53.61 -9.49 -41.89
CA ALA B 194 52.32 -8.86 -41.65
C ALA B 194 51.86 -9.24 -40.25
N THR B 195 50.69 -8.74 -39.85
CA THR B 195 50.18 -9.08 -38.53
C THR B 195 49.20 -10.25 -38.59
N ASP B 196 48.74 -10.63 -39.78
CA ASP B 196 47.77 -11.71 -39.96
C ASP B 196 48.42 -12.98 -40.52
N ARG B 197 49.61 -13.31 -40.08
CA ARG B 197 50.32 -14.50 -40.59
C ARG B 197 49.69 -15.78 -40.05
N PHE B 198 49.22 -15.75 -38.81
CA PHE B 198 48.64 -16.95 -38.16
C PHE B 198 47.22 -17.13 -38.66
N LEU B 199 46.59 -16.05 -39.09
CA LEU B 199 45.20 -16.13 -39.64
C LEU B 199 45.21 -17.06 -40.86
N LYS B 200 44.20 -17.95 -40.96
CA LYS B 200 44.14 -18.90 -42.09
C LYS B 200 42.78 -18.74 -42.81
N ALA C 2 23.05 -25.70 -29.77
CA ALA C 2 23.38 -26.67 -30.80
C ALA C 2 23.44 -28.08 -30.24
N LYS C 3 23.50 -29.07 -31.14
CA LYS C 3 23.55 -30.46 -30.71
C LYS C 3 24.93 -30.85 -30.20
N THR C 4 25.97 -30.21 -30.69
CA THR C 4 27.34 -30.52 -30.31
C THR C 4 28.01 -29.30 -29.72
N MET C 5 29.07 -29.53 -28.95
CA MET C 5 29.91 -28.49 -28.41
C MET C 5 31.38 -28.86 -28.64
N LYS C 6 32.23 -27.84 -28.60
CA LYS C 6 33.64 -27.98 -28.88
C LYS C 6 34.42 -27.78 -27.58
N LYS C 7 35.28 -28.73 -27.25
CA LYS C 7 36.16 -28.62 -26.10
C LYS C 7 37.59 -28.44 -26.60
N ILE C 8 38.22 -27.33 -26.22
CA ILE C 8 39.61 -27.07 -26.55
C ILE C 8 40.37 -27.05 -25.23
N TYR C 9 41.08 -28.14 -24.93
CA TYR C 9 41.93 -28.20 -23.74
C TYR C 9 43.27 -27.59 -24.07
N VAL C 10 43.60 -26.48 -23.42
CA VAL C 10 44.77 -25.67 -23.73
C VAL C 10 45.77 -25.85 -22.60
N THR C 11 46.99 -26.24 -22.95
CA THR C 11 48.09 -26.38 -22.01
C THR C 11 49.17 -25.36 -22.38
N MET C 12 49.55 -24.54 -21.42
CA MET C 12 50.50 -23.46 -21.63
C MET C 12 51.77 -23.76 -20.83
N LYS C 13 52.91 -23.78 -21.50
CA LYS C 13 54.19 -23.84 -20.81
C LYS C 13 54.89 -22.49 -20.91
N THR C 14 55.50 -22.07 -19.81
CA THR C 14 56.18 -20.79 -19.73
C THR C 14 57.62 -20.96 -20.22
N LEU C 15 58.00 -20.20 -21.23
CA LEU C 15 59.37 -20.21 -21.74
C LEU C 15 60.21 -19.08 -21.17
N SER C 16 59.53 -18.00 -20.79
CA SER C 16 60.18 -16.83 -20.16
C SER C 16 59.36 -16.49 -18.91
N PRO C 17 59.97 -15.90 -17.86
CA PRO C 17 59.24 -15.65 -16.61
C PRO C 17 57.91 -14.97 -16.86
N LEU C 18 56.90 -15.36 -16.10
CA LEU C 18 55.54 -14.88 -16.32
C LEU C 18 55.10 -14.03 -15.14
N TYR C 19 54.73 -12.80 -15.43
CA TYR C 19 54.07 -11.93 -14.47
C TYR C 19 52.68 -11.62 -15.01
N THR C 20 51.66 -11.94 -14.23
CA THR C 20 50.35 -11.35 -14.38
C THR C 20 49.97 -10.81 -13.01
N GLY C 21 49.40 -9.61 -12.99
CA GLY C 21 49.33 -8.88 -11.75
C GLY C 21 48.16 -9.29 -10.87
N GLU C 22 48.39 -9.17 -9.57
CA GLU C 22 47.43 -9.55 -8.57
C GLU C 22 46.31 -8.53 -8.55
N VAL C 23 45.07 -8.99 -8.36
CA VAL C 23 43.90 -8.13 -8.51
C VAL C 23 43.19 -7.85 -7.20
N ARG C 24 43.27 -8.75 -6.22
CA ARG C 24 42.48 -8.61 -5.02
C ARG C 24 43.12 -7.56 -4.11
N ARG C 25 42.30 -6.64 -3.60
CA ARG C 25 42.81 -5.53 -2.79
C ARG C 25 43.41 -6.03 -1.49
N GLU C 26 42.77 -7.00 -0.85
CA GLU C 26 43.27 -7.54 0.41
C GLU C 26 44.57 -8.31 0.19
N ASP C 27 44.66 -9.07 -0.91
CA ASP C 27 45.89 -9.81 -1.21
C ASP C 27 47.03 -8.88 -1.57
N LYS C 28 46.73 -7.80 -2.31
CA LYS C 28 47.74 -6.79 -2.63
C LYS C 28 48.23 -6.09 -1.37
N GLU C 29 47.31 -5.67 -0.51
CA GLU C 29 47.66 -4.95 0.72
C GLU C 29 48.40 -5.85 1.70
N ALA C 30 48.06 -7.14 1.74
CA ALA C 30 48.85 -8.07 2.54
C ALA C 30 50.22 -8.32 1.92
N ALA C 31 50.33 -8.17 0.61
CA ALA C 31 51.60 -8.42 -0.05
C ALA C 31 52.57 -7.26 0.00
N GLN C 32 52.13 -6.05 0.41
CA GLN C 32 52.90 -4.81 0.21
C GLN C 32 54.21 -4.81 0.96
N LYS C 33 54.21 -5.36 2.17
CA LYS C 33 55.43 -5.36 3.00
C LYS C 33 56.43 -6.32 2.37
N ARG C 34 55.95 -7.47 1.89
CA ARG C 34 56.83 -8.49 1.33
C ARG C 34 57.31 -8.09 -0.08
N VAL C 35 56.36 -7.91 -1.00
CA VAL C 35 56.67 -7.60 -2.40
C VAL C 35 55.94 -6.32 -2.81
N ASN C 36 56.32 -5.80 -3.97
CA ASN C 36 55.61 -4.66 -4.56
C ASN C 36 54.75 -5.07 -5.74
N PHE C 37 54.96 -6.25 -6.29
CA PHE C 37 54.22 -6.72 -7.47
C PHE C 37 53.90 -8.20 -7.33
N PRO C 38 52.86 -8.54 -6.58
CA PRO C 38 52.50 -9.95 -6.43
C PRO C 38 51.79 -10.48 -7.67
N VAL C 39 51.91 -11.78 -7.88
CA VAL C 39 51.29 -12.43 -9.03
C VAL C 39 49.83 -12.73 -8.69
N ARG C 40 48.99 -12.82 -9.64
CA ARG C 40 47.56 -13.11 -9.41
C ARG C 40 47.53 -14.50 -8.83
N LYS C 41 46.86 -14.67 -7.82
CA LYS C 41 46.88 -15.91 -7.05
C LYS C 41 45.49 -16.45 -6.81
N THR C 42 45.31 -17.72 -7.08
CA THR C 42 44.16 -18.48 -6.61
C THR C 42 44.27 -18.69 -5.09
N ALA C 43 43.15 -18.56 -4.38
CA ALA C 43 43.18 -18.67 -2.91
C ALA C 43 43.44 -20.09 -2.42
N THR C 44 43.37 -21.10 -3.28
CA THR C 44 43.93 -22.41 -2.96
C THR C 44 45.36 -22.57 -3.46
N ASN C 45 46.09 -21.45 -3.50
CA ASN C 45 47.54 -21.38 -3.75
C ASN C 45 47.90 -21.88 -5.14
N LYS C 46 47.20 -21.36 -6.15
CA LYS C 46 47.53 -21.61 -7.55
C LYS C 46 47.61 -20.26 -8.25
N VAL C 47 48.09 -20.22 -9.49
CA VAL C 47 48.29 -18.92 -10.18
C VAL C 47 47.26 -18.80 -11.30
N LEU C 48 46.47 -17.72 -11.33
CA LEU C 48 45.39 -17.55 -12.33
C LEU C 48 45.75 -16.42 -13.30
N ILE C 49 45.79 -16.72 -14.60
CA ILE C 49 46.10 -15.71 -15.65
C ILE C 49 44.84 -15.53 -16.48
N PRO C 50 44.32 -14.31 -16.69
CA PRO C 50 43.17 -14.15 -17.56
C PRO C 50 43.50 -14.62 -18.99
N PHE C 51 42.48 -15.30 -19.63
CA PHE C 51 42.69 -15.84 -21.00
C PHE C 51 41.85 -15.01 -22.00
N LYS C 52 40.58 -14.89 -21.80
CA LYS C 52 39.68 -14.10 -22.66
C LYS C 52 40.17 -12.67 -22.51
N GLY C 53 40.62 -12.06 -23.59
CA GLY C 53 41.23 -10.74 -23.46
C GLY C 53 42.59 -10.85 -24.06
N ALA C 54 43.16 -12.04 -24.06
CA ALA C 54 44.44 -12.26 -24.75
C ALA C 54 44.06 -12.98 -26.03
N LEU C 55 42.93 -13.66 -26.00
CA LEU C 55 42.45 -14.36 -27.22
C LEU C 55 41.64 -13.34 -28.01
N ARG C 56 40.83 -12.55 -27.33
CA ARG C 56 40.00 -11.54 -27.99
C ARG C 56 40.85 -10.43 -28.57
N SER C 57 41.82 -9.94 -27.80
CA SER C 57 42.70 -8.88 -28.29
C SER C 57 43.57 -9.36 -29.45
N ALA C 58 44.10 -10.58 -29.34
CA ALA C 58 44.91 -11.17 -30.40
C ALA C 58 44.13 -11.28 -31.70
N LEU C 59 42.91 -11.82 -31.61
CA LEU C 59 42.05 -11.96 -32.79
C LEU C 59 41.61 -10.62 -33.34
N GLU C 60 41.44 -9.60 -32.49
CA GLU C 60 41.05 -8.29 -33.00
C GLU C 60 42.19 -7.62 -33.77
N ILE C 61 43.45 -7.69 -33.28
CA ILE C 61 44.55 -7.12 -34.07
C ILE C 61 44.77 -7.91 -35.37
N MET C 62 44.69 -9.24 -35.35
CA MET C 62 44.93 -9.97 -36.60
C MET C 62 43.80 -9.78 -37.60
N LEU C 63 42.56 -9.80 -37.13
CA LEU C 63 41.42 -9.61 -38.04
C LEU C 63 41.32 -8.18 -38.54
N LYS C 64 41.76 -7.20 -37.73
CA LYS C 64 41.76 -5.83 -38.22
C LYS C 64 42.90 -5.61 -39.20
N ALA C 65 44.01 -6.33 -39.05
CA ALA C 65 45.09 -6.24 -40.03
C ALA C 65 44.71 -6.92 -41.34
N LYS C 66 43.86 -7.90 -41.34
CA LYS C 66 43.51 -8.63 -42.58
C LYS C 66 42.40 -7.88 -43.31
N GLY C 67 41.61 -7.08 -42.59
CA GLY C 67 40.60 -6.27 -43.21
C GLY C 67 39.18 -6.74 -43.00
N GLU C 68 38.97 -7.76 -42.18
CA GLU C 68 37.62 -8.22 -41.86
C GLU C 68 36.92 -7.19 -40.98
N ASN C 69 35.60 -7.06 -41.18
CA ASN C 69 34.81 -6.03 -40.52
C ASN C 69 34.59 -6.43 -39.05
N VAL C 70 35.61 -6.15 -38.24
CA VAL C 70 35.57 -6.42 -36.81
C VAL C 70 35.65 -5.11 -36.05
N CYS C 71 35.20 -5.16 -34.81
CA CYS C 71 35.17 -3.99 -33.94
C CYS C 71 36.30 -4.06 -32.92
N ASP C 72 36.51 -2.93 -32.25
CA ASP C 72 37.54 -2.80 -31.21
C ASP C 72 36.83 -2.76 -29.86
N THR C 73 37.12 -3.74 -29.01
CA THR C 73 36.58 -3.76 -27.66
C THR C 73 37.57 -3.23 -26.63
N GLY C 74 38.73 -2.74 -27.07
CA GLY C 74 39.73 -2.25 -26.14
C GLY C 74 39.69 -0.76 -25.93
N GLU C 75 38.98 -0.04 -26.80
CA GLU C 75 38.79 1.38 -26.63
C GLU C 75 37.85 1.66 -25.46
N SER C 76 37.83 2.92 -25.03
CA SER C 76 37.13 3.31 -23.82
C SER C 76 35.62 3.14 -23.95
N ARG C 77 35.09 2.22 -23.14
CA ARG C 77 33.66 1.85 -23.05
C ARG C 77 33.10 1.45 -24.41
N ALA C 78 33.92 0.82 -25.24
CA ALA C 78 33.62 0.63 -26.64
C ALA C 78 32.65 -0.54 -26.77
N ARG C 79 31.43 -0.26 -27.20
CA ARG C 79 30.40 -1.27 -27.29
C ARG C 79 30.70 -2.25 -28.43
N PRO C 80 30.75 -3.55 -28.15
CA PRO C 80 30.91 -4.53 -29.21
C PRO C 80 29.71 -4.55 -30.16
N CYS C 81 30.01 -4.74 -31.45
CA CYS C 81 29.03 -4.51 -32.50
C CYS C 81 27.98 -5.61 -32.57
N GLY C 82 28.40 -6.86 -32.42
CA GLY C 82 27.48 -7.98 -32.52
C GLY C 82 27.39 -8.62 -33.88
N ARG C 83 28.27 -8.26 -34.81
CA ARG C 83 28.23 -8.79 -36.16
C ARG C 83 29.52 -9.42 -36.63
N CYS C 84 30.63 -9.23 -35.93
CA CYS C 84 31.88 -9.84 -36.32
C CYS C 84 32.03 -11.22 -35.69
N VAL C 85 33.03 -11.96 -36.16
CA VAL C 85 33.28 -13.29 -35.61
C VAL C 85 33.94 -13.22 -34.24
N THR C 86 34.60 -12.11 -33.91
CA THR C 86 35.05 -11.88 -32.54
C THR C 86 33.86 -11.65 -31.61
N CYS C 87 32.85 -10.92 -32.09
CA CYS C 87 31.63 -10.71 -31.33
C CYS C 87 30.84 -12.00 -31.16
N SER C 88 30.88 -12.87 -32.18
CA SER C 88 30.17 -14.14 -32.07
C SER C 88 30.92 -15.11 -31.17
N LEU C 89 32.25 -15.09 -31.21
CA LEU C 89 33.04 -16.02 -30.40
C LEU C 89 33.06 -15.61 -28.93
N PHE C 90 33.38 -14.34 -28.65
CA PHE C 90 33.64 -13.92 -27.29
C PHE C 90 32.54 -13.07 -26.68
N GLY C 91 31.69 -12.44 -27.48
CA GLY C 91 30.53 -11.84 -26.87
C GLY C 91 30.22 -10.42 -27.28
N SER C 92 29.00 -10.08 -27.29
CA SER C 92 28.62 -8.70 -27.63
C SER C 92 27.88 -8.12 -26.43
N MET C 93 27.22 -7.03 -26.68
CA MET C 93 26.61 -6.29 -25.59
C MET C 93 25.10 -6.54 -25.67
N GLY C 94 24.72 -7.81 -25.43
CA GLY C 94 23.38 -8.26 -25.75
C GLY C 94 23.28 -9.68 -26.26
N ARG C 95 24.38 -10.23 -26.80
CA ARG C 95 24.50 -11.66 -27.04
C ARG C 95 25.81 -12.14 -26.43
N ALA C 96 25.75 -13.20 -25.63
CA ALA C 96 26.94 -13.71 -24.98
C ALA C 96 27.83 -14.45 -25.97
N GLY C 97 29.04 -14.74 -25.54
CA GLY C 97 30.01 -15.42 -26.37
C GLY C 97 29.83 -16.93 -26.30
N ARG C 98 29.98 -17.56 -27.47
CA ARG C 98 29.88 -19.00 -27.53
C ARG C 98 31.09 -19.67 -26.91
N ALA C 99 32.25 -19.03 -26.97
CA ALA C 99 33.48 -19.58 -26.42
C ALA C 99 33.63 -19.13 -24.98
N SER C 100 33.17 -19.96 -24.05
CA SER C 100 33.46 -19.78 -22.64
C SER C 100 34.91 -20.15 -22.39
N VAL C 101 35.74 -19.17 -22.06
CA VAL C 101 37.17 -19.35 -21.93
C VAL C 101 37.52 -19.41 -20.45
N ASP C 102 38.11 -20.52 -20.04
CA ASP C 102 38.52 -20.70 -18.66
C ASP C 102 39.74 -19.84 -18.34
N PHE C 103 39.90 -19.58 -17.04
CA PHE C 103 41.17 -19.06 -16.56
C PHE C 103 42.27 -20.11 -16.69
N LEU C 104 43.51 -19.64 -16.70
CA LEU C 104 44.68 -20.51 -16.83
C LEU C 104 45.10 -20.97 -15.45
N ILE C 105 44.47 -22.05 -14.99
CA ILE C 105 44.80 -22.65 -13.70
C ILE C 105 46.16 -23.31 -13.78
N SER C 106 47.04 -22.97 -12.85
CA SER C 106 48.34 -23.61 -12.78
C SER C 106 48.20 -25.05 -12.30
N ASN C 107 49.05 -25.93 -12.84
CA ASN C 107 49.05 -27.32 -12.42
C ASN C 107 49.89 -27.56 -11.17
N ASP C 108 50.56 -26.53 -10.66
CA ASP C 108 51.36 -26.61 -9.45
C ASP C 108 50.97 -25.48 -8.52
N THR C 109 51.72 -25.31 -7.44
CA THR C 109 51.34 -24.40 -6.37
C THR C 109 52.19 -23.13 -6.37
N LYS C 110 51.89 -22.27 -5.39
CA LYS C 110 52.70 -21.07 -5.15
C LYS C 110 54.15 -21.42 -4.79
N GLU C 111 54.33 -22.41 -3.92
CA GLU C 111 55.66 -22.73 -3.41
C GLU C 111 56.58 -23.32 -4.47
N GLN C 112 56.02 -23.84 -5.55
CA GLN C 112 56.81 -24.52 -6.58
C GLN C 112 57.12 -23.65 -7.79
N ILE C 113 56.21 -22.79 -8.22
CA ILE C 113 56.41 -22.04 -9.45
C ILE C 113 56.47 -20.53 -9.26
N VAL C 114 56.01 -19.99 -8.14
CA VAL C 114 56.03 -18.55 -7.93
C VAL C 114 57.27 -18.22 -7.13
N ARG C 115 58.08 -17.32 -7.70
CA ARG C 115 59.33 -16.89 -7.04
C ARG C 115 59.27 -15.39 -6.78
N GLU C 116 59.86 -14.95 -5.69
CA GLU C 116 59.88 -13.55 -5.27
C GLU C 116 61.25 -12.97 -5.64
N SER C 117 61.23 -11.86 -6.38
CA SER C 117 62.39 -11.36 -7.10
C SER C 117 62.52 -9.85 -6.89
N THR C 118 63.69 -9.34 -7.54
CA THR C 118 64.08 -7.92 -7.37
C THR C 118 64.48 -7.28 -8.68
N HIS C 119 63.79 -6.11 -9.04
CA HIS C 119 64.18 -5.42 -10.25
C HIS C 119 64.65 -4.02 -9.90
N LEU C 120 65.35 -3.38 -10.84
CA LEU C 120 65.99 -2.10 -10.57
C LEU C 120 65.66 -1.07 -11.63
N ARG C 121 65.69 0.19 -11.22
CA ARG C 121 65.81 1.33 -12.12
C ARG C 121 67.21 1.92 -11.92
N ILE C 122 67.97 2.00 -13.02
CA ILE C 122 69.39 2.31 -13.01
C ILE C 122 69.62 3.67 -13.66
N GLU C 123 70.42 4.53 -13.02
CA GLU C 123 70.83 5.79 -13.65
C GLU C 123 71.63 5.53 -14.93
N ARG C 124 71.44 6.41 -15.90
CA ARG C 124 72.14 6.31 -17.18
C ARG C 124 73.49 6.99 -17.16
N GLN C 125 73.80 7.76 -16.11
CA GLN C 125 75.10 8.43 -15.98
C GLN C 125 75.95 7.84 -14.88
N THR C 126 75.39 7.65 -13.68
CA THR C 126 76.15 7.09 -12.58
C THR C 126 76.20 5.56 -12.60
N LYS C 127 75.33 4.93 -13.39
CA LYS C 127 75.21 3.46 -13.54
C LYS C 127 75.01 2.77 -12.19
N SER C 128 74.17 3.36 -11.35
CA SER C 128 73.82 2.79 -10.06
C SER C 128 72.32 2.62 -9.97
N ALA C 129 71.88 1.85 -8.99
CA ALA C 129 70.46 1.63 -8.74
C ALA C 129 69.83 2.92 -8.22
N SER C 130 69.02 3.56 -9.06
CA SER C 130 68.18 4.65 -8.59
C SER C 130 67.06 4.13 -7.72
N ASP C 131 66.46 3.02 -8.14
CA ASP C 131 65.31 2.50 -7.43
C ASP C 131 65.40 0.98 -7.40
N THR C 132 64.97 0.39 -6.30
CA THR C 132 64.84 -1.06 -6.18
C THR C 132 63.37 -1.38 -5.90
N PHE C 133 62.89 -2.47 -6.50
CA PHE C 133 61.52 -2.87 -6.25
C PHE C 133 61.36 -4.37 -6.39
N LYS C 134 60.62 -4.94 -5.46
CA LYS C 134 60.64 -6.38 -5.22
C LYS C 134 59.29 -6.93 -5.67
N GLY C 135 59.31 -7.67 -6.77
CA GLY C 135 58.06 -8.24 -7.31
C GLY C 135 58.10 -9.75 -7.20
N GLU C 136 57.16 -10.45 -7.84
CA GLU C 136 57.22 -11.93 -7.85
C GLU C 136 56.61 -12.44 -9.16
N GLU C 137 57.37 -13.22 -9.93
CA GLU C 137 56.83 -13.67 -11.24
C GLU C 137 56.72 -15.20 -11.25
N VAL C 138 56.34 -15.80 -12.29
CA VAL C 138 56.14 -17.28 -12.38
C VAL C 138 57.36 -17.86 -13.10
N ILE C 139 57.96 -18.90 -12.53
CA ILE C 139 59.18 -19.52 -13.12
C ILE C 139 58.88 -20.10 -14.50
N GLU C 140 59.91 -20.28 -15.32
CA GLU C 140 59.72 -20.89 -16.66
C GLU C 140 59.47 -22.39 -16.48
N GLY C 141 58.91 -23.06 -17.49
CA GLY C 141 58.64 -24.47 -17.36
C GLY C 141 57.39 -24.80 -16.57
N ALA C 142 56.65 -23.78 -16.14
CA ALA C 142 55.41 -24.00 -15.40
C ALA C 142 54.28 -24.30 -16.36
N THR C 143 53.41 -25.23 -15.97
CA THR C 143 52.33 -25.71 -16.81
C THR C 143 51.00 -25.16 -16.32
N PHE C 144 50.22 -24.62 -17.26
CA PHE C 144 48.93 -24.02 -16.98
C PHE C 144 47.87 -24.69 -17.84
N THR C 145 46.66 -24.79 -17.32
CA THR C 145 45.60 -25.55 -17.96
C THR C 145 44.33 -24.70 -18.05
N ALA C 146 43.77 -24.60 -19.26
CA ALA C 146 42.49 -23.94 -19.46
C ALA C 146 41.64 -24.79 -20.39
N THR C 147 40.35 -24.51 -20.43
CA THR C 147 39.41 -25.20 -21.29
C THR C 147 38.50 -24.19 -21.94
N ILE C 148 38.52 -24.13 -23.26
CA ILE C 148 37.62 -23.27 -24.03
C ILE C 148 36.46 -24.12 -24.53
N THR C 149 35.26 -23.79 -24.09
CA THR C 149 34.06 -24.53 -24.45
C THR C 149 33.24 -23.68 -25.42
N ILE C 150 33.06 -24.18 -26.63
CA ILE C 150 32.31 -23.47 -27.66
C ILE C 150 30.94 -24.13 -27.77
N SER C 151 29.90 -23.34 -27.54
CA SER C 151 28.55 -23.89 -27.36
C SER C 151 27.90 -24.24 -28.68
N ASN C 152 27.84 -23.29 -29.61
CA ASN C 152 27.33 -23.52 -30.96
C ASN C 152 28.49 -23.38 -31.93
N PRO C 153 29.23 -24.46 -32.20
CA PRO C 153 30.46 -24.34 -32.97
C PRO C 153 30.22 -24.10 -34.44
N GLN C 154 31.10 -23.31 -35.03
CA GLN C 154 31.14 -23.06 -36.46
C GLN C 154 32.40 -23.71 -37.04
N GLU C 155 32.58 -23.55 -38.36
CA GLU C 155 33.69 -24.23 -39.03
C GLU C 155 35.03 -23.60 -38.66
N LYS C 156 35.12 -22.28 -38.70
CA LYS C 156 36.36 -21.58 -38.41
C LYS C 156 36.38 -21.09 -36.96
N ASP C 157 36.30 -22.04 -36.03
CA ASP C 157 36.39 -21.72 -34.62
C ASP C 157 37.70 -22.19 -33.98
N LEU C 158 38.16 -23.40 -34.31
CA LEU C 158 39.46 -23.84 -33.82
C LEU C 158 40.58 -23.04 -34.46
N SER C 159 40.42 -22.68 -35.73
CA SER C 159 41.48 -21.97 -36.46
C SER C 159 41.70 -20.57 -35.90
N LEU C 160 40.63 -19.89 -35.52
CA LEU C 160 40.76 -18.55 -34.94
C LEU C 160 41.37 -18.60 -33.55
N ILE C 161 41.00 -19.61 -32.75
CA ILE C 161 41.59 -19.79 -31.42
C ILE C 161 43.07 -20.14 -31.53
N GLN C 162 43.43 -21.01 -32.47
CA GLN C 162 44.83 -21.38 -32.65
C GLN C 162 45.66 -20.22 -33.19
N SER C 163 45.07 -19.39 -34.06
CA SER C 163 45.73 -18.19 -34.53
C SER C 163 45.95 -17.20 -33.39
N ALA C 164 44.95 -17.07 -32.52
CA ALA C 164 45.08 -16.21 -31.34
C ALA C 164 46.16 -16.75 -30.39
N LEU C 165 46.24 -18.06 -30.25
CA LEU C 165 47.27 -18.66 -29.41
C LEU C 165 48.66 -18.41 -29.98
N LYS C 166 48.82 -18.53 -31.30
CA LYS C 166 50.12 -18.27 -31.93
C LYS C 166 50.51 -16.80 -31.80
N PHE C 167 49.52 -15.90 -31.88
CA PHE C 167 49.80 -14.49 -31.61
C PHE C 167 50.18 -14.26 -30.15
N ILE C 168 49.64 -15.06 -29.24
CA ILE C 168 50.03 -14.95 -27.83
C ILE C 168 51.46 -15.45 -27.61
N GLU C 169 51.87 -16.55 -28.27
CA GLU C 169 53.27 -16.97 -28.19
C GLU C 169 54.20 -15.95 -28.84
N GLU C 170 53.70 -15.22 -29.84
CA GLU C 170 54.53 -14.20 -30.46
C GLU C 170 54.67 -12.95 -29.57
N ASN C 171 53.59 -12.51 -28.93
CA ASN C 171 53.63 -11.26 -28.16
C ASN C 171 53.66 -11.43 -26.64
N GLY C 172 53.09 -12.49 -26.10
CA GLY C 172 53.09 -12.67 -24.66
C GLY C 172 51.70 -12.51 -24.07
N ILE C 173 51.52 -13.12 -22.89
CA ILE C 173 50.27 -13.03 -22.14
C ILE C 173 50.60 -12.53 -20.74
N GLY C 174 49.75 -11.69 -20.19
CA GLY C 174 49.97 -11.18 -18.84
C GLY C 174 50.61 -9.81 -18.84
N GLY C 175 51.55 -9.58 -17.92
CA GLY C 175 52.18 -8.29 -17.76
C GLY C 175 53.66 -8.32 -18.10
N TRP C 176 54.21 -7.11 -18.23
CA TRP C 176 55.64 -6.86 -18.52
C TRP C 176 56.06 -7.52 -19.83
N LEU C 177 55.16 -7.52 -20.81
CA LEU C 177 55.42 -8.20 -22.07
C LEU C 177 56.50 -7.52 -22.89
N ASN C 178 56.61 -6.19 -22.76
CA ASN C 178 57.61 -5.44 -23.49
C ASN C 178 58.99 -5.57 -22.86
N LYS C 179 59.07 -6.00 -21.60
CA LYS C 179 60.35 -6.21 -20.94
C LYS C 179 60.88 -7.62 -21.14
N GLY C 180 60.05 -8.55 -21.58
CA GLY C 180 60.49 -9.90 -21.80
C GLY C 180 59.64 -10.97 -21.16
N TYR C 181 58.67 -10.55 -20.36
CA TYR C 181 57.88 -11.50 -19.60
C TYR C 181 56.72 -12.04 -20.43
N GLY C 182 56.27 -13.24 -20.08
CA GLY C 182 55.04 -13.78 -20.62
C GLY C 182 55.15 -14.59 -21.88
N ARG C 183 56.36 -14.94 -22.32
CA ARG C 183 56.51 -15.69 -23.56
C ARG C 183 56.19 -17.16 -23.30
N VAL C 184 55.22 -17.71 -24.01
CA VAL C 184 54.61 -18.98 -23.68
C VAL C 184 54.61 -19.89 -24.90
N SER C 185 54.24 -21.16 -24.58
CA SER C 185 54.05 -22.17 -25.62
C SER C 185 52.61 -22.64 -25.44
N PHE C 186 52.03 -23.25 -26.49
CA PHE C 186 50.68 -23.77 -26.39
C PHE C 186 50.59 -25.18 -26.97
N GLU C 187 49.82 -26.03 -26.32
CA GLU C 187 49.42 -27.32 -26.85
C GLU C 187 47.90 -27.44 -26.75
N VAL C 188 47.26 -27.75 -27.87
CA VAL C 188 45.81 -27.81 -27.97
C VAL C 188 45.40 -29.27 -28.15
N LYS C 189 44.48 -29.73 -27.32
CA LYS C 189 43.79 -31.00 -27.53
C LYS C 189 42.32 -30.69 -27.69
N SER C 190 41.81 -30.78 -28.92
CA SER C 190 40.44 -30.38 -29.20
C SER C 190 39.59 -31.60 -29.52
N GLU C 191 38.29 -31.46 -29.24
CA GLU C 191 37.37 -32.58 -29.35
C GLU C 191 35.95 -32.06 -29.51
N ASP C 192 35.11 -32.88 -30.11
CA ASP C 192 33.68 -32.61 -30.26
C ASP C 192 32.92 -33.48 -29.28
N VAL C 193 32.16 -32.87 -28.39
CA VAL C 193 31.31 -33.58 -27.47
C VAL C 193 29.86 -33.30 -27.84
N ALA C 194 28.97 -34.16 -27.36
CA ALA C 194 27.56 -33.87 -27.40
C ALA C 194 27.21 -33.02 -26.20
N THR C 195 26.20 -32.16 -26.36
CA THR C 195 25.73 -31.38 -25.23
C THR C 195 25.01 -32.26 -24.22
N ASP C 196 24.45 -33.40 -24.66
CA ASP C 196 23.72 -34.32 -23.80
C ASP C 196 24.60 -35.46 -23.30
N ARG C 197 25.89 -35.21 -23.05
CA ARG C 197 26.78 -36.30 -22.67
C ARG C 197 26.64 -36.70 -21.21
N PHE C 198 26.01 -35.89 -20.38
CA PHE C 198 25.85 -36.24 -18.97
C PHE C 198 24.53 -36.93 -18.66
N LEU C 199 23.55 -36.75 -19.55
CA LEU C 199 22.20 -37.30 -19.33
C LEU C 199 22.30 -38.83 -19.28
N LYS C 200 22.08 -39.43 -18.11
CA LYS C 200 22.24 -40.90 -17.93
C LYS C 200 20.88 -41.53 -17.59
N ALA D 2 -12.15 -26.12 28.91
CA ALA D 2 -12.24 -24.73 28.49
C ALA D 2 -11.64 -23.80 29.55
N LYS D 3 -11.25 -24.27 30.66
CA LYS D 3 -10.69 -23.41 31.73
C LYS D 3 -9.23 -23.09 31.40
N THR D 4 -8.57 -24.00 30.63
CA THR D 4 -7.19 -23.74 30.27
C THR D 4 -7.09 -23.44 28.78
N MET D 5 -5.96 -22.86 28.41
CA MET D 5 -5.72 -22.40 27.05
C MET D 5 -4.23 -22.50 26.77
N LYS D 6 -3.87 -22.91 25.56
CA LYS D 6 -2.46 -23.08 25.23
C LYS D 6 -2.00 -21.91 24.35
N LYS D 7 -1.03 -21.15 24.85
CA LYS D 7 -0.43 -20.06 24.09
C LYS D 7 0.92 -20.53 23.57
N ILE D 8 1.09 -20.47 22.25
CA ILE D 8 2.31 -20.88 21.58
C ILE D 8 2.87 -19.63 20.92
N TYR D 9 3.91 -19.05 21.51
CA TYR D 9 4.58 -17.89 20.93
C TYR D 9 5.71 -18.37 20.04
N VAL D 10 5.58 -18.12 18.74
CA VAL D 10 6.60 -18.51 17.77
C VAL D 10 7.32 -17.24 17.31
N THR D 11 8.63 -17.36 17.19
CA THR D 11 9.48 -16.34 16.59
C THR D 11 10.18 -16.97 15.40
N MET D 12 9.91 -16.44 14.22
CA MET D 12 10.47 -16.94 12.98
C MET D 12 11.65 -16.06 12.60
N LYS D 13 12.84 -16.62 12.61
CA LYS D 13 14.00 -15.97 12.05
C LYS D 13 14.10 -16.33 10.58
N THR D 14 14.37 -15.34 9.76
CA THR D 14 14.43 -15.52 8.31
C THR D 14 15.86 -15.88 7.92
N LEU D 15 16.04 -16.99 7.21
CA LEU D 15 17.37 -17.48 6.85
C LEU D 15 17.69 -17.40 5.38
N SER D 16 16.70 -17.46 4.53
CA SER D 16 16.84 -17.30 3.09
C SER D 16 16.10 -16.00 2.80
N PRO D 17 16.06 -15.49 1.57
CA PRO D 17 15.07 -14.44 1.26
C PRO D 17 13.65 -14.94 1.41
N LEU D 18 12.74 -13.97 1.51
CA LEU D 18 11.31 -14.29 1.73
C LEU D 18 10.41 -13.39 0.90
N TYR D 19 9.66 -13.97 -0.03
CA TYR D 19 8.67 -13.20 -0.75
C TYR D 19 7.33 -13.70 -0.27
N THR D 20 6.53 -12.79 0.23
CA THR D 20 5.10 -12.98 0.33
C THR D 20 4.45 -11.88 -0.51
N GLY D 21 3.23 -12.11 -0.96
CA GLY D 21 2.61 -11.27 -1.96
C GLY D 21 1.56 -10.34 -1.38
N GLU D 22 1.64 -9.08 -1.79
CA GLU D 22 0.58 -8.10 -1.54
C GLU D 22 -0.77 -8.63 -2.02
N VAL D 23 -1.73 -8.64 -1.10
CA VAL D 23 -3.06 -9.15 -1.41
C VAL D 23 -3.98 -8.01 -1.77
N ARG D 24 -3.60 -6.78 -1.46
CA ARG D 24 -4.48 -5.63 -1.53
C ARG D 24 -4.33 -4.99 -2.91
N ARG D 25 -5.44 -4.93 -3.64
CA ARG D 25 -5.44 -4.42 -5.01
C ARG D 25 -5.02 -2.97 -5.07
N GLU D 26 -5.45 -2.17 -4.09
CA GLU D 26 -5.02 -0.78 -4.00
C GLU D 26 -3.52 -0.67 -3.73
N ASP D 27 -2.99 -1.49 -2.82
CA ASP D 27 -1.56 -1.45 -2.53
C ASP D 27 -0.72 -2.01 -3.66
N LYS D 28 -1.25 -3.02 -4.37
CA LYS D 28 -0.58 -3.51 -5.57
C LYS D 28 -0.52 -2.44 -6.64
N GLU D 29 -1.67 -1.82 -6.96
CA GLU D 29 -1.72 -0.80 -8.00
C GLU D 29 -0.92 0.44 -7.64
N ALA D 30 -0.80 0.75 -6.35
CA ALA D 30 0.12 1.80 -5.92
C ALA D 30 1.57 1.36 -6.07
N ALA D 31 1.84 0.07 -5.87
CA ALA D 31 3.22 -0.42 -5.89
C ALA D 31 3.66 -1.02 -7.22
N GLN D 32 2.73 -1.36 -8.13
CA GLN D 32 3.15 -1.89 -9.42
C GLN D 32 3.56 -0.82 -10.44
N LYS D 33 3.65 0.44 -10.04
CA LYS D 33 4.39 1.41 -10.84
C LYS D 33 5.87 1.45 -10.48
N ARG D 34 6.29 0.73 -9.45
CA ARG D 34 7.68 0.74 -9.03
C ARG D 34 8.28 -0.66 -8.91
N VAL D 35 7.50 -1.65 -8.49
CA VAL D 35 8.00 -3.01 -8.33
C VAL D 35 6.91 -3.97 -8.79
N ASN D 36 7.31 -5.05 -9.45
CA ASN D 36 6.32 -5.93 -10.05
C ASN D 36 5.75 -6.96 -9.08
N PHE D 37 6.50 -7.31 -8.04
CA PHE D 37 6.05 -8.26 -7.01
C PHE D 37 6.19 -7.62 -5.64
N PRO D 38 5.16 -6.89 -5.20
CA PRO D 38 5.21 -6.26 -3.88
C PRO D 38 5.15 -7.28 -2.75
N VAL D 39 5.69 -6.90 -1.62
CA VAL D 39 5.61 -7.72 -0.41
C VAL D 39 4.34 -7.35 0.34
N ARG D 40 3.67 -8.37 0.89
CA ARG D 40 2.54 -8.14 1.78
C ARG D 40 3.00 -7.40 3.03
N LYS D 41 2.53 -6.18 3.16
CA LYS D 41 2.92 -5.31 4.25
C LYS D 41 1.69 -4.85 5.01
N THR D 42 1.93 -4.31 6.20
CA THR D 42 0.83 -3.70 6.91
C THR D 42 0.71 -2.22 6.56
N ALA D 43 -0.40 -1.62 6.99
CA ALA D 43 -0.53 -0.18 6.94
C ALA D 43 0.34 0.51 7.98
N THR D 44 0.75 -0.22 9.02
CA THR D 44 1.78 0.22 9.95
C THR D 44 3.18 -0.18 9.49
N ASN D 45 3.30 -0.57 8.21
CA ASN D 45 4.57 -0.76 7.50
C ASN D 45 5.38 -1.94 8.05
N LYS D 46 4.68 -2.99 8.49
CA LYS D 46 5.29 -4.23 8.94
C LYS D 46 4.89 -5.34 7.98
N VAL D 47 5.70 -6.37 7.86
CA VAL D 47 5.43 -7.43 6.89
C VAL D 47 4.43 -8.41 7.45
N LEU D 48 3.40 -8.71 6.67
CA LEU D 48 2.36 -9.67 7.01
C LEU D 48 2.57 -10.96 6.24
N ILE D 49 2.61 -12.08 6.96
CA ILE D 49 2.67 -13.41 6.35
C ILE D 49 1.51 -14.22 6.90
N PRO D 50 0.74 -14.91 6.06
CA PRO D 50 -0.25 -15.85 6.58
C PRO D 50 0.42 -17.05 7.22
N PHE D 51 -0.22 -17.59 8.25
CA PHE D 51 0.43 -18.63 9.04
C PHE D 51 -0.48 -19.84 9.21
N LYS D 52 -1.79 -19.62 9.22
CA LYS D 52 -2.74 -20.71 9.46
C LYS D 52 -2.77 -21.68 8.30
N GLY D 53 -2.74 -21.16 7.07
CA GLY D 53 -2.76 -22.03 5.91
C GLY D 53 -1.51 -22.86 5.76
N ALA D 54 -0.35 -22.29 6.14
CA ALA D 54 0.91 -23.02 6.04
C ALA D 54 0.97 -24.18 7.04
N LEU D 55 0.57 -23.92 8.29
CA LEU D 55 0.53 -24.97 9.30
C LEU D 55 -0.52 -26.03 8.95
N ARG D 56 -1.66 -25.59 8.42
CA ARG D 56 -2.71 -26.52 8.03
C ARG D 56 -2.23 -27.43 6.90
N SER D 57 -1.64 -26.84 5.84
CA SER D 57 -1.17 -27.61 4.70
C SER D 57 -0.05 -28.56 5.09
N ALA D 58 0.84 -28.11 5.99
CA ALA D 58 1.88 -28.99 6.52
C ALA D 58 1.29 -30.19 7.24
N LEU D 59 0.26 -29.96 8.05
CA LEU D 59 -0.33 -31.05 8.81
C LEU D 59 -1.12 -32.01 7.91
N GLU D 60 -1.82 -31.50 6.89
CA GLU D 60 -2.53 -32.42 5.99
C GLU D 60 -1.57 -33.24 5.13
N ILE D 61 -0.48 -32.64 4.64
CA ILE D 61 0.50 -33.40 3.87
C ILE D 61 1.16 -34.48 4.72
N MET D 62 1.57 -34.12 5.94
CA MET D 62 2.25 -35.08 6.81
C MET D 62 1.32 -36.17 7.33
N LEU D 63 0.09 -35.81 7.69
CA LEU D 63 -0.83 -36.79 8.24
C LEU D 63 -1.49 -37.64 7.16
N LYS D 64 -1.56 -37.14 5.91
CA LYS D 64 -1.92 -38.01 4.80
C LYS D 64 -0.79 -38.97 4.49
N ALA D 65 0.46 -38.52 4.64
CA ALA D 65 1.58 -39.42 4.44
C ALA D 65 1.69 -40.45 5.55
N LYS D 66 1.28 -40.12 6.77
CA LYS D 66 1.30 -41.09 7.85
C LYS D 66 0.20 -42.13 7.70
N GLY D 67 -0.85 -41.82 6.93
CA GLY D 67 -1.97 -42.70 6.76
C GLY D 67 -3.16 -42.38 7.64
N GLU D 68 -3.08 -41.30 8.41
CA GLU D 68 -4.18 -40.90 9.27
C GLU D 68 -5.34 -40.36 8.43
N ASN D 69 -6.54 -40.42 9.00
CA ASN D 69 -7.72 -39.93 8.31
C ASN D 69 -7.76 -38.40 8.31
N VAL D 70 -7.14 -37.78 7.30
CA VAL D 70 -7.13 -36.34 7.17
C VAL D 70 -7.64 -35.98 5.79
N CYS D 71 -8.69 -35.16 5.74
CA CYS D 71 -9.25 -34.73 4.47
C CYS D 71 -8.36 -33.67 3.83
N ASP D 72 -8.34 -33.67 2.50
CA ASP D 72 -7.60 -32.69 1.73
C ASP D 72 -8.50 -31.48 1.54
N THR D 73 -8.22 -30.41 2.27
CA THR D 73 -8.97 -29.17 2.14
C THR D 73 -8.40 -28.31 1.01
N GLY D 74 -7.19 -28.63 0.54
CA GLY D 74 -6.55 -27.83 -0.49
C GLY D 74 -7.13 -27.98 -1.87
N GLU D 75 -7.91 -29.03 -2.13
CA GLU D 75 -8.61 -29.16 -3.40
C GLU D 75 -9.68 -28.08 -3.54
N SER D 76 -10.06 -27.81 -4.79
CA SER D 76 -10.92 -26.70 -5.11
C SER D 76 -12.33 -26.92 -4.55
N ARG D 77 -12.81 -25.98 -3.76
CA ARG D 77 -14.16 -26.10 -3.16
C ARG D 77 -14.25 -27.40 -2.37
N ALA D 78 -13.22 -27.68 -1.57
CA ALA D 78 -13.23 -28.89 -0.71
C ALA D 78 -13.91 -28.55 0.61
N ARG D 79 -14.85 -29.40 1.04
CA ARG D 79 -15.58 -29.15 2.32
C ARG D 79 -14.94 -30.02 3.41
N PRO D 80 -14.39 -29.45 4.51
CA PRO D 80 -13.82 -30.25 5.59
C PRO D 80 -14.89 -31.09 6.27
N CYS D 81 -14.50 -32.31 6.65
CA CYS D 81 -15.43 -33.26 7.21
C CYS D 81 -15.78 -32.95 8.66
N GLY D 82 -14.80 -32.52 9.46
CA GLY D 82 -15.02 -32.24 10.86
C GLY D 82 -14.68 -33.38 11.79
N ARG D 83 -14.50 -34.58 11.25
CA ARG D 83 -14.14 -35.76 12.04
C ARG D 83 -12.67 -36.09 11.90
N CYS D 84 -11.86 -35.07 11.64
CA CYS D 84 -10.42 -35.20 11.41
C CYS D 84 -9.68 -34.77 12.66
N VAL D 85 -8.35 -34.62 12.54
CA VAL D 85 -7.52 -34.04 13.57
C VAL D 85 -7.08 -32.63 13.20
N THR D 86 -6.80 -32.39 11.92
CA THR D 86 -6.61 -31.03 11.44
C THR D 86 -7.90 -30.23 11.40
N CYS D 87 -9.05 -30.90 11.35
CA CYS D 87 -10.32 -30.20 11.38
C CYS D 87 -10.61 -29.66 12.78
N SER D 88 -10.10 -30.31 13.81
CA SER D 88 -10.27 -29.80 15.17
C SER D 88 -9.35 -28.61 15.43
N LEU D 89 -8.12 -28.66 14.91
CA LEU D 89 -7.18 -27.56 15.11
C LEU D 89 -7.53 -26.36 14.25
N PHE D 90 -7.86 -26.57 12.99
CA PHE D 90 -7.95 -25.48 12.03
C PHE D 90 -9.34 -25.30 11.45
N GLY D 91 -10.32 -26.03 11.94
CA GLY D 91 -11.69 -25.68 11.63
C GLY D 91 -12.31 -26.60 10.60
N SER D 92 -13.64 -26.55 10.54
CA SER D 92 -14.41 -27.28 9.54
C SER D 92 -15.69 -26.51 9.26
N MET D 93 -16.46 -27.05 8.32
CA MET D 93 -17.81 -26.56 8.04
C MET D 93 -18.71 -27.04 9.16
N GLY D 94 -18.78 -26.28 10.24
CA GLY D 94 -19.64 -26.66 11.35
C GLY D 94 -19.00 -26.47 12.71
N ARG D 95 -17.67 -26.43 12.76
CA ARG D 95 -16.96 -26.21 14.01
C ARG D 95 -15.73 -25.36 13.72
N ALA D 96 -15.57 -24.27 14.45
CA ALA D 96 -14.40 -23.43 14.30
C ALA D 96 -13.17 -24.13 14.86
N GLY D 97 -12.01 -23.71 14.38
CA GLY D 97 -10.77 -24.28 14.89
C GLY D 97 -10.45 -23.73 16.26
N ARG D 98 -10.00 -24.63 17.14
CA ARG D 98 -9.55 -24.23 18.45
C ARG D 98 -8.25 -23.42 18.38
N ALA D 99 -7.41 -23.71 17.40
CA ALA D 99 -6.13 -23.03 17.26
C ALA D 99 -6.32 -21.77 16.42
N SER D 100 -6.55 -20.65 17.10
CA SER D 100 -6.53 -19.35 16.46
C SER D 100 -5.09 -18.94 16.24
N VAL D 101 -4.72 -18.76 14.98
CA VAL D 101 -3.33 -18.62 14.55
C VAL D 101 -3.14 -17.21 14.02
N ASP D 102 -2.31 -16.42 14.70
CA ASP D 102 -2.09 -15.04 14.30
C ASP D 102 -1.19 -14.97 13.06
N PHE D 103 -1.23 -13.80 12.43
CA PHE D 103 -0.29 -13.49 11.34
C PHE D 103 1.13 -13.38 11.87
N LEU D 104 2.09 -13.64 10.99
CA LEU D 104 3.49 -13.44 11.32
C LEU D 104 3.81 -11.99 10.98
N ILE D 105 3.68 -11.12 11.95
CA ILE D 105 4.00 -9.70 11.77
C ILE D 105 5.45 -9.50 12.17
N SER D 106 6.11 -8.58 11.50
CA SER D 106 7.53 -8.38 11.71
C SER D 106 7.79 -7.52 12.95
N ASN D 107 8.93 -7.77 13.59
CA ASN D 107 9.35 -6.89 14.68
C ASN D 107 9.83 -5.55 14.14
N ASP D 108 10.59 -5.56 13.05
CA ASP D 108 11.03 -4.33 12.42
C ASP D 108 10.01 -3.90 11.36
N THR D 109 10.36 -2.88 10.60
CA THR D 109 9.45 -2.28 9.63
C THR D 109 9.99 -2.44 8.22
N LYS D 110 9.19 -1.99 7.26
CA LYS D 110 9.67 -1.77 5.90
C LYS D 110 10.72 -0.66 5.94
N GLU D 111 11.71 -0.78 5.05
CA GLU D 111 12.97 0.00 4.88
C GLU D 111 13.97 -0.43 5.93
N GLN D 112 13.71 -1.50 6.66
CA GLN D 112 14.70 -2.05 7.57
C GLN D 112 14.85 -3.53 7.30
N ILE D 113 13.78 -4.19 6.88
CA ILE D 113 13.84 -5.58 6.46
C ILE D 113 13.37 -5.80 5.03
N VAL D 114 12.72 -4.84 4.40
CA VAL D 114 12.18 -4.99 3.06
C VAL D 114 13.17 -4.39 2.08
N ARG D 115 13.59 -5.10 1.13
CA ARG D 115 14.57 -4.63 0.12
C ARG D 115 13.95 -4.87 -1.26
N GLU D 116 14.41 -4.23 -2.26
CA GLU D 116 13.77 -4.11 -3.57
C GLU D 116 14.77 -4.59 -4.62
N SER D 117 14.41 -5.65 -5.34
CA SER D 117 15.38 -6.51 -6.01
C SER D 117 15.05 -6.67 -7.49
N THR D 118 16.09 -6.99 -8.26
CA THR D 118 16.03 -7.17 -9.70
C THR D 118 16.19 -8.65 -10.02
N HIS D 119 15.14 -9.22 -10.62
CA HIS D 119 15.15 -10.66 -10.99
C HIS D 119 15.31 -10.74 -12.51
N LEU D 120 15.67 -11.91 -13.03
CA LEU D 120 15.99 -12.01 -14.44
C LEU D 120 15.49 -13.32 -15.05
N ARG D 121 15.43 -13.33 -16.38
CA ARG D 121 15.14 -14.51 -17.19
C ARG D 121 16.05 -14.49 -18.40
N ILE D 122 16.80 -15.58 -18.58
CA ILE D 122 17.95 -15.66 -19.49
C ILE D 122 17.64 -16.65 -20.61
N GLU D 123 17.88 -16.23 -21.85
CA GLU D 123 17.83 -17.10 -23.02
C GLU D 123 18.81 -18.25 -22.89
N ARG D 124 18.37 -19.45 -23.26
CA ARG D 124 19.25 -20.60 -23.08
C ARG D 124 20.29 -20.71 -24.19
N GLN D 125 19.95 -20.36 -25.42
CA GLN D 125 20.89 -20.46 -26.53
C GLN D 125 21.69 -19.18 -26.74
N THR D 126 21.34 -18.10 -26.07
CA THR D 126 22.00 -16.81 -26.23
C THR D 126 22.72 -16.36 -24.97
N LYS D 127 22.24 -16.80 -23.78
CA LYS D 127 22.74 -16.40 -22.46
C LYS D 127 22.68 -14.89 -22.29
N SER D 128 21.53 -14.32 -22.64
CA SER D 128 21.24 -12.91 -22.50
C SER D 128 19.94 -12.73 -21.76
N ALA D 129 19.80 -11.58 -21.11
CA ALA D 129 18.64 -11.28 -20.27
C ALA D 129 17.42 -11.06 -21.16
N SER D 130 16.63 -12.11 -21.33
CA SER D 130 15.43 -12.02 -22.16
C SER D 130 14.31 -11.30 -21.45
N ASP D 131 14.24 -11.38 -20.16
CA ASP D 131 13.20 -10.62 -19.44
C ASP D 131 13.74 -10.18 -18.09
N THR D 132 13.23 -9.12 -17.57
CA THR D 132 13.59 -8.59 -16.26
C THR D 132 12.33 -8.18 -15.53
N PHE D 133 12.26 -8.52 -14.26
CA PHE D 133 11.22 -8.00 -13.39
C PHE D 133 11.86 -7.57 -12.08
N LYS D 134 11.06 -6.93 -11.24
CA LYS D 134 11.57 -6.41 -9.99
C LYS D 134 10.61 -6.89 -8.91
N GLY D 135 11.17 -7.47 -7.85
CA GLY D 135 10.39 -8.00 -6.75
C GLY D 135 10.74 -7.30 -5.45
N GLU D 136 9.99 -7.62 -4.42
CA GLU D 136 10.26 -7.14 -3.08
C GLU D 136 10.46 -8.33 -2.17
N GLU D 137 11.52 -8.29 -1.38
CA GLU D 137 11.95 -9.46 -0.62
C GLU D 137 12.26 -9.04 0.80
N VAL D 138 12.14 -10.01 1.70
CA VAL D 138 12.39 -9.80 3.12
C VAL D 138 13.77 -10.37 3.43
N ILE D 139 14.61 -9.56 4.09
CA ILE D 139 16.00 -9.92 4.33
C ILE D 139 16.12 -11.02 5.36
N GLU D 140 17.33 -11.53 5.50
CA GLU D 140 17.67 -12.62 6.38
C GLU D 140 18.00 -12.08 7.76
N GLY D 141 17.66 -12.86 8.78
CA GLY D 141 17.74 -12.40 10.15
C GLY D 141 16.56 -11.57 10.60
N ALA D 142 15.58 -11.36 9.75
CA ALA D 142 14.36 -10.65 10.12
C ALA D 142 13.52 -11.52 11.04
N THR D 143 13.11 -10.96 12.16
CA THR D 143 12.36 -11.70 13.17
C THR D 143 10.87 -11.38 13.03
N PHE D 144 10.04 -12.42 13.04
CA PHE D 144 8.61 -12.29 13.00
C PHE D 144 8.04 -12.98 14.23
N THR D 145 6.99 -12.41 14.82
CA THR D 145 6.37 -13.04 15.98
C THR D 145 4.91 -13.36 15.69
N ALA D 146 4.48 -14.53 16.13
CA ALA D 146 3.08 -14.90 16.08
C ALA D 146 2.72 -15.63 17.36
N THR D 147 1.40 -15.68 17.63
CA THR D 147 0.88 -16.40 18.80
C THR D 147 -0.25 -17.26 18.35
N ILE D 148 -0.20 -18.54 18.72
CA ILE D 148 -1.26 -19.49 18.44
C ILE D 148 -1.96 -19.77 19.76
N THR D 149 -3.22 -19.40 19.86
CA THR D 149 -4.00 -19.67 21.06
C THR D 149 -4.97 -20.82 20.78
N ILE D 150 -4.85 -21.88 21.57
CA ILE D 150 -5.68 -23.06 21.42
C ILE D 150 -6.63 -23.09 22.60
N SER D 151 -7.93 -23.12 22.29
CA SER D 151 -8.97 -22.81 23.26
C SER D 151 -9.32 -24.00 24.13
N ASN D 152 -9.55 -25.16 23.51
CA ASN D 152 -9.78 -26.41 24.23
C ASN D 152 -8.58 -27.31 23.94
N PRO D 153 -7.50 -27.21 24.71
CA PRO D 153 -6.26 -27.88 24.34
C PRO D 153 -6.30 -29.38 24.64
N GLN D 154 -5.64 -30.12 23.77
CA GLN D 154 -5.34 -31.52 23.96
C GLN D 154 -3.83 -31.71 24.00
N GLU D 155 -3.39 -32.94 24.19
CA GLU D 155 -1.97 -33.20 24.32
C GLU D 155 -1.25 -33.12 22.98
N LYS D 156 -1.93 -33.48 21.89
CA LYS D 156 -1.31 -33.58 20.58
C LYS D 156 -1.12 -32.24 19.88
N ASP D 157 -1.66 -31.15 20.43
CA ASP D 157 -1.71 -29.89 19.70
C ASP D 157 -0.34 -29.25 19.58
N LEU D 158 0.42 -29.20 20.68
CA LEU D 158 1.75 -28.58 20.66
C LEU D 158 2.71 -29.37 19.79
N SER D 159 2.66 -30.70 19.88
CA SER D 159 3.52 -31.55 19.07
C SER D 159 3.18 -31.42 17.60
N LEU D 160 1.88 -31.35 17.27
CA LEU D 160 1.47 -31.19 15.88
C LEU D 160 1.87 -29.83 15.32
N ILE D 161 1.74 -28.77 16.12
CA ILE D 161 2.15 -27.43 15.69
C ILE D 161 3.66 -27.37 15.49
N GLN D 162 4.44 -27.95 16.42
CA GLN D 162 5.90 -27.95 16.28
C GLN D 162 6.36 -28.78 15.09
N SER D 163 5.69 -29.91 14.90
CA SER D 163 5.96 -30.76 13.72
C SER D 163 5.75 -29.90 12.48
N ALA D 164 4.57 -29.33 12.36
CA ALA D 164 4.23 -28.51 11.20
C ALA D 164 5.25 -27.40 10.99
N LEU D 165 5.74 -26.80 12.09
CA LEU D 165 6.79 -25.79 12.01
C LEU D 165 8.08 -26.35 11.42
N LYS D 166 8.46 -27.57 11.81
CA LYS D 166 9.64 -28.19 11.22
C LYS D 166 9.43 -28.49 9.74
N PHE D 167 8.19 -28.78 9.34
CA PHE D 167 7.89 -28.92 7.92
C PHE D 167 8.04 -27.58 7.19
N ILE D 168 7.67 -26.48 7.84
CA ILE D 168 7.91 -25.16 7.24
C ILE D 168 9.41 -24.83 7.16
N GLU D 169 10.20 -25.21 8.19
CA GLU D 169 11.65 -25.03 8.10
C GLU D 169 12.28 -25.90 7.02
N GLU D 170 11.63 -27.00 6.65
CA GLU D 170 12.10 -27.79 5.51
C GLU D 170 11.66 -27.20 4.17
N ASN D 171 10.40 -26.78 4.05
CA ASN D 171 9.79 -26.40 2.78
C ASN D 171 9.78 -24.89 2.55
N GLY D 172 9.23 -24.11 3.48
CA GLY D 172 9.08 -22.69 3.25
C GLY D 172 7.75 -22.15 3.71
N ILE D 173 7.68 -20.84 3.96
CA ILE D 173 6.52 -20.25 4.62
C ILE D 173 5.57 -19.58 3.63
N GLY D 174 6.09 -18.89 2.62
CA GLY D 174 5.23 -18.23 1.67
C GLY D 174 5.98 -17.88 0.41
N GLY D 175 5.26 -17.82 -0.70
CA GLY D 175 5.83 -17.35 -1.94
C GLY D 175 6.67 -18.37 -2.67
N TRP D 176 7.79 -17.92 -3.23
CA TRP D 176 8.54 -18.69 -4.21
C TRP D 176 9.45 -19.73 -3.53
N LEU D 177 8.81 -20.77 -2.99
CA LEU D 177 9.56 -21.80 -2.27
C LEU D 177 10.37 -22.72 -3.16
N ASN D 178 10.19 -22.67 -4.49
CA ASN D 178 10.93 -23.56 -5.37
C ASN D 178 12.28 -23.00 -5.78
N LYS D 179 12.43 -21.68 -5.80
CA LYS D 179 13.71 -21.07 -6.16
C LYS D 179 14.55 -20.70 -4.94
N GLY D 180 14.11 -21.03 -3.74
CA GLY D 180 14.96 -20.87 -2.57
C GLY D 180 14.41 -19.95 -1.52
N TYR D 181 13.33 -19.25 -1.84
CA TYR D 181 12.77 -18.27 -0.92
C TYR D 181 12.00 -18.96 0.19
N GLY D 182 12.02 -18.35 1.37
CA GLY D 182 11.18 -18.77 2.48
C GLY D 182 11.78 -19.75 3.45
N ARG D 183 13.04 -20.16 3.27
CA ARG D 183 13.67 -21.08 4.21
C ARG D 183 13.97 -20.34 5.51
N VAL D 184 13.28 -20.73 6.58
CA VAL D 184 13.25 -19.99 7.84
C VAL D 184 13.43 -20.97 8.99
N SER D 185 13.63 -20.41 10.18
CA SER D 185 13.71 -21.18 11.41
C SER D 185 12.73 -20.65 12.44
N PHE D 186 12.28 -21.53 13.32
CA PHE D 186 11.26 -21.21 14.31
C PHE D 186 11.79 -21.47 15.71
N GLU D 187 11.52 -20.56 16.62
CA GLU D 187 11.72 -20.78 18.05
C GLU D 187 10.37 -20.71 18.74
N VAL D 188 10.09 -21.72 19.57
CA VAL D 188 8.77 -21.94 20.16
C VAL D 188 8.87 -21.75 21.66
N LYS D 189 7.96 -20.95 22.22
CA LYS D 189 7.78 -20.85 23.66
C LYS D 189 6.32 -21.12 23.97
N SER D 190 6.05 -22.20 24.69
CA SER D 190 4.69 -22.66 24.93
C SER D 190 4.36 -22.54 26.40
N GLU D 191 3.14 -22.07 26.68
CA GLU D 191 2.69 -21.96 28.05
C GLU D 191 1.19 -22.26 28.11
N ASP D 192 0.75 -22.77 29.26
CA ASP D 192 -0.62 -23.20 29.47
C ASP D 192 -1.26 -22.24 30.47
N VAL D 193 -1.97 -21.26 29.95
CA VAL D 193 -2.59 -20.24 30.78
C VAL D 193 -3.99 -20.69 31.18
N ALA D 194 -4.53 -20.02 32.19
CA ALA D 194 -5.93 -20.19 32.54
C ALA D 194 -6.78 -19.22 31.74
N THR D 195 -8.01 -19.62 31.44
CA THR D 195 -8.89 -18.75 30.68
C THR D 195 -9.37 -17.56 31.50
N ASP D 196 -9.56 -17.76 32.81
CA ASP D 196 -9.86 -16.66 33.73
C ASP D 196 -8.61 -15.99 34.27
N ARG D 197 -7.66 -15.63 33.40
CA ARG D 197 -6.47 -14.92 33.82
C ARG D 197 -6.63 -13.42 33.69
N PHE D 198 -7.66 -13.01 32.96
CA PHE D 198 -7.88 -11.57 32.69
C PHE D 198 -8.94 -11.09 33.65
N LEU D 199 -9.85 -11.98 34.00
CA LEU D 199 -10.96 -11.62 34.92
C LEU D 199 -10.32 -11.28 36.27
N LYS D 200 -10.55 -10.05 36.76
CA LYS D 200 -10.00 -9.64 38.08
C LYS D 200 -11.16 -9.50 39.06
N ALA E 2 -29.14 4.81 40.37
CA ALA E 2 -29.92 5.48 39.33
C ALA E 2 -29.51 6.93 39.19
N LYS E 3 -28.88 7.47 40.23
CA LYS E 3 -28.40 8.85 40.21
C LYS E 3 -27.03 8.97 39.57
N THR E 4 -26.40 7.85 39.22
CA THR E 4 -25.10 7.88 38.55
C THR E 4 -25.11 6.86 37.42
N MET E 5 -24.27 7.12 36.42
CA MET E 5 -24.09 6.27 35.26
C MET E 5 -22.62 6.17 34.94
N LYS E 6 -22.17 4.95 34.66
CA LYS E 6 -20.79 4.74 34.23
C LYS E 6 -20.73 4.94 32.72
N LYS E 7 -19.75 5.70 32.24
CA LYS E 7 -19.55 5.84 30.80
C LYS E 7 -18.12 5.43 30.47
N ILE E 8 -17.99 4.36 29.70
CA ILE E 8 -16.72 3.82 29.26
C ILE E 8 -16.53 4.18 27.79
N TYR E 9 -15.63 5.11 27.51
CA TYR E 9 -15.26 5.44 26.15
C TYR E 9 -14.15 4.50 25.72
N VAL E 10 -14.41 3.74 24.65
CA VAL E 10 -13.54 2.67 24.20
C VAL E 10 -12.95 3.10 22.86
N THR E 11 -11.62 3.16 22.79
CA THR E 11 -10.90 3.55 21.59
C THR E 11 -10.03 2.37 21.17
N MET E 12 -10.47 1.75 20.03
CA MET E 12 -9.82 0.49 19.59
C MET E 12 -8.97 0.73 18.36
N LYS E 13 -7.78 0.10 18.38
CA LYS E 13 -6.88 0.25 17.25
C LYS E 13 -6.43 -1.12 16.77
N THR E 14 -6.48 -1.31 15.46
CA THR E 14 -6.22 -2.62 14.86
C THR E 14 -4.74 -2.89 14.74
N LEU E 15 -4.34 -4.10 15.14
CA LEU E 15 -2.91 -4.50 15.10
C LEU E 15 -2.77 -5.52 13.97
N SER E 16 -3.87 -6.14 13.56
CA SER E 16 -3.92 -7.09 12.46
C SER E 16 -4.97 -6.58 11.50
N PRO E 17 -5.04 -7.11 10.27
CA PRO E 17 -6.18 -6.80 9.41
C PRO E 17 -7.47 -7.31 10.05
N LEU E 18 -8.55 -6.58 9.82
CA LEU E 18 -9.81 -6.87 10.49
C LEU E 18 -10.88 -7.16 9.45
N TYR E 19 -11.63 -8.23 9.67
CA TYR E 19 -12.82 -8.51 8.88
C TYR E 19 -13.98 -8.82 9.82
N THR E 20 -15.07 -8.10 9.64
CA THR E 20 -16.41 -8.54 10.00
C THR E 20 -17.23 -8.37 8.75
N GLY E 21 -18.36 -9.07 8.65
CA GLY E 21 -19.06 -9.19 7.38
C GLY E 21 -20.28 -8.31 7.24
N GLU E 22 -20.56 -7.94 5.98
CA GLU E 22 -21.84 -7.34 5.59
C GLU E 22 -23.02 -8.20 6.03
N VAL E 23 -24.05 -7.52 6.51
CA VAL E 23 -25.23 -8.19 7.03
C VAL E 23 -26.49 -7.78 6.31
N ARG E 24 -26.45 -6.61 5.67
CA ARG E 24 -27.61 -6.16 4.86
C ARG E 24 -27.55 -6.90 3.51
N ARG E 25 -28.65 -7.57 3.12
CA ARG E 25 -28.66 -8.39 1.89
C ARG E 25 -28.41 -7.55 0.63
N GLU E 26 -28.87 -6.29 0.58
CA GLU E 26 -28.75 -5.45 -0.61
C GLU E 26 -27.34 -4.93 -0.82
N ASP E 27 -26.68 -4.52 0.26
CA ASP E 27 -25.29 -4.07 0.15
C ASP E 27 -24.35 -5.24 -0.11
N LYS E 28 -24.65 -6.42 0.46
CA LYS E 28 -23.89 -7.63 0.17
C LYS E 28 -24.02 -8.03 -1.30
N GLU E 29 -25.21 -7.88 -1.87
CA GLU E 29 -25.44 -8.21 -3.27
C GLU E 29 -24.73 -7.22 -4.19
N ALA E 30 -24.85 -5.93 -3.88
CA ALA E 30 -24.15 -4.90 -4.65
C ALA E 30 -22.64 -5.01 -4.54
N ALA E 31 -22.12 -5.50 -3.41
CA ALA E 31 -20.69 -5.68 -3.24
C ALA E 31 -20.19 -7.02 -3.74
N GLN E 32 -21.05 -8.05 -3.83
CA GLN E 32 -20.61 -9.37 -4.26
C GLN E 32 -20.54 -9.52 -5.77
N LYS E 33 -20.67 -8.39 -6.46
CA LYS E 33 -20.44 -8.39 -7.91
C LYS E 33 -18.94 -8.16 -8.06
N ARG E 34 -18.34 -7.51 -7.09
CA ARG E 34 -16.90 -7.28 -7.07
C ARG E 34 -16.17 -7.98 -5.93
N VAL E 35 -16.73 -8.04 -4.73
CA VAL E 35 -16.01 -8.48 -3.54
C VAL E 35 -16.79 -9.63 -2.90
N ASN E 36 -16.13 -10.77 -2.73
CA ASN E 36 -16.82 -11.94 -2.20
C ASN E 36 -17.11 -11.82 -0.70
N PHE E 37 -16.34 -11.01 0.03
CA PHE E 37 -16.54 -10.82 1.47
C PHE E 37 -16.43 -9.36 1.87
N PRO E 38 -17.50 -8.57 1.73
CA PRO E 38 -17.43 -7.17 2.13
C PRO E 38 -17.47 -6.98 3.65
N VAL E 39 -16.86 -5.89 4.11
CA VAL E 39 -16.93 -5.51 5.52
C VAL E 39 -18.31 -4.93 5.81
N ARG E 40 -18.77 -5.01 7.06
CA ARG E 40 -19.98 -4.30 7.47
C ARG E 40 -19.71 -2.81 7.53
N LYS E 41 -20.48 -2.03 6.77
CA LYS E 41 -20.27 -0.59 6.58
C LYS E 41 -21.54 0.16 6.94
N THR E 42 -21.40 1.46 7.23
CA THR E 42 -22.56 2.33 7.32
C THR E 42 -23.06 2.70 5.93
N ALA E 43 -24.19 3.41 5.92
CA ALA E 43 -24.56 4.15 4.72
C ALA E 43 -23.78 5.44 4.61
N THR E 44 -23.17 5.91 5.71
CA THR E 44 -22.23 7.03 5.70
C THR E 44 -20.80 6.57 5.48
N ASN E 45 -20.62 5.34 4.98
CA ASN E 45 -19.34 4.78 4.50
C ASN E 45 -18.33 4.55 5.60
N LYS E 46 -18.80 4.15 6.79
CA LYS E 46 -17.95 3.95 7.96
C LYS E 46 -18.18 2.53 8.48
N VAL E 47 -17.12 1.86 8.90
CA VAL E 47 -17.22 0.41 9.24
C VAL E 47 -17.83 0.19 10.63
N LEU E 48 -18.74 -0.76 10.73
CA LEU E 48 -19.39 -1.09 12.02
C LEU E 48 -18.85 -2.44 12.46
N ILE E 49 -18.66 -2.62 13.75
CA ILE E 49 -18.25 -3.95 14.26
C ILE E 49 -19.14 -4.27 15.47
N PRO E 50 -20.03 -5.28 15.42
CA PRO E 50 -20.81 -5.69 16.58
C PRO E 50 -19.94 -5.87 17.82
N PHE E 51 -20.41 -5.35 18.94
CA PHE E 51 -19.57 -5.20 20.13
C PHE E 51 -20.17 -5.86 21.36
N LYS E 52 -21.50 -5.90 21.45
CA LYS E 52 -22.13 -6.46 22.64
C LYS E 52 -21.94 -7.96 22.74
N GLY E 53 -22.05 -8.65 21.60
CA GLY E 53 -21.83 -10.08 21.59
C GLY E 53 -20.40 -10.48 21.89
N ALA E 54 -19.44 -9.66 21.46
CA ALA E 54 -18.03 -9.93 21.74
C ALA E 54 -17.73 -9.83 23.24
N LEU E 55 -18.18 -8.73 23.86
CA LEU E 55 -18.00 -8.53 25.29
C LEU E 55 -18.73 -9.59 26.11
N ARG E 56 -19.96 -9.90 25.69
CA ARG E 56 -20.77 -10.89 26.39
C ARG E 56 -20.15 -12.29 26.28
N SER E 57 -19.70 -12.67 25.07
CA SER E 57 -19.08 -13.97 24.88
C SER E 57 -17.78 -14.09 25.66
N ALA E 58 -16.99 -13.00 25.69
CA ALA E 58 -15.78 -12.95 26.50
C ALA E 58 -16.08 -13.18 27.96
N LEU E 59 -17.07 -12.48 28.50
CA LEU E 59 -17.38 -12.60 29.92
C LEU E 59 -17.96 -13.96 30.27
N GLU E 60 -18.77 -14.57 29.39
CA GLU E 60 -19.25 -15.92 29.71
C GLU E 60 -18.15 -16.98 29.65
N ILE E 61 -17.20 -16.86 28.73
CA ILE E 61 -16.10 -17.84 28.71
C ILE E 61 -15.22 -17.71 29.96
N MET E 62 -14.83 -16.48 30.34
CA MET E 62 -13.99 -16.36 31.53
C MET E 62 -14.74 -16.64 32.83
N LEU E 63 -16.00 -16.22 32.94
CA LEU E 63 -16.73 -16.50 34.17
C LEU E 63 -17.20 -17.94 34.25
N LYS E 64 -17.28 -18.66 33.13
CA LYS E 64 -17.54 -20.10 33.23
C LYS E 64 -16.26 -20.86 33.52
N ALA E 65 -15.11 -20.33 33.08
CA ALA E 65 -13.84 -20.95 33.47
C ALA E 65 -13.50 -20.68 34.94
N LYS E 66 -13.93 -19.54 35.46
CA LYS E 66 -13.67 -19.21 36.87
C LYS E 66 -14.51 -20.08 37.80
N GLY E 67 -15.75 -20.37 37.42
CA GLY E 67 -16.60 -21.23 38.20
C GLY E 67 -17.87 -20.59 38.73
N GLU E 68 -18.17 -19.36 38.35
CA GLU E 68 -19.38 -18.70 38.81
C GLU E 68 -20.60 -19.24 38.08
N ASN E 69 -21.77 -19.02 38.67
CA ASN E 69 -23.03 -19.55 38.13
C ASN E 69 -23.48 -18.55 37.08
N VAL E 70 -22.85 -18.65 35.90
CA VAL E 70 -23.06 -17.74 34.79
C VAL E 70 -23.62 -18.55 33.62
N CYS E 71 -24.76 -18.11 33.10
CA CYS E 71 -25.47 -18.86 32.06
C CYS E 71 -24.77 -18.72 30.71
N ASP E 72 -25.14 -19.61 29.79
CA ASP E 72 -24.65 -19.59 28.43
C ASP E 72 -25.80 -19.20 27.52
N THR E 73 -25.66 -18.06 26.85
CA THR E 73 -26.61 -17.62 25.83
C THR E 73 -26.12 -17.89 24.42
N GLY E 74 -25.07 -18.68 24.28
CA GLY E 74 -24.54 -18.99 22.97
C GLY E 74 -25.19 -20.18 22.28
N GLU E 75 -25.81 -21.06 23.07
CA GLU E 75 -26.45 -22.24 22.49
C GLU E 75 -27.72 -21.83 21.77
N SER E 76 -28.21 -22.75 20.92
CA SER E 76 -29.32 -22.48 20.02
C SER E 76 -30.62 -22.17 20.74
N ARG E 77 -31.10 -20.92 20.59
CA ARG E 77 -32.29 -20.37 21.27
C ARG E 77 -32.23 -20.58 22.78
N ALA E 78 -31.04 -20.39 23.36
CA ALA E 78 -30.84 -20.57 24.78
C ALA E 78 -31.37 -19.37 25.55
N ARG E 79 -32.21 -19.63 26.52
CA ARG E 79 -32.81 -18.58 27.34
C ARG E 79 -31.83 -18.14 28.42
N PRO E 80 -31.57 -16.85 28.57
CA PRO E 80 -30.76 -16.37 29.69
C PRO E 80 -31.46 -16.58 31.03
N CYS E 81 -30.67 -16.85 32.06
CA CYS E 81 -31.20 -17.19 33.37
C CYS E 81 -31.80 -15.97 34.06
N GLY E 82 -31.07 -14.85 34.07
CA GLY E 82 -31.52 -13.66 34.73
C GLY E 82 -30.92 -13.40 36.10
N ARG E 83 -30.14 -14.34 36.63
CA ARG E 83 -29.61 -14.23 37.99
C ARG E 83 -28.09 -14.23 38.03
N CYS E 84 -27.43 -13.98 36.91
CA CYS E 84 -25.98 -14.03 36.87
C CYS E 84 -25.42 -12.64 36.59
N VAL E 85 -24.09 -12.58 36.50
CA VAL E 85 -23.40 -11.32 36.30
C VAL E 85 -23.62 -10.80 34.89
N THR E 86 -23.45 -11.66 33.89
CA THR E 86 -23.62 -11.23 32.50
C THR E 86 -25.08 -11.07 32.11
N CYS E 87 -26.01 -11.59 32.91
CA CYS E 87 -27.42 -11.24 32.74
C CYS E 87 -27.71 -9.86 33.31
N SER E 88 -27.02 -9.47 34.37
CA SER E 88 -27.19 -8.12 34.90
C SER E 88 -26.56 -7.10 33.98
N LEU E 89 -25.38 -7.41 33.44
CA LEU E 89 -24.66 -6.44 32.63
C LEU E 89 -25.22 -6.33 31.22
N PHE E 90 -25.44 -7.47 30.55
CA PHE E 90 -25.83 -7.46 29.16
C PHE E 90 -27.28 -7.85 28.89
N GLY E 91 -27.93 -8.60 29.76
CA GLY E 91 -29.37 -8.69 29.67
C GLY E 91 -29.98 -10.03 29.97
N SER E 92 -31.28 -10.03 30.22
CA SER E 92 -32.06 -11.22 30.51
C SER E 92 -33.39 -11.10 29.79
N MET E 93 -34.27 -12.05 30.08
CA MET E 93 -35.59 -12.04 29.45
C MET E 93 -36.48 -10.96 30.01
N GLY E 94 -36.43 -10.72 31.32
CA GLY E 94 -37.32 -9.78 31.96
C GLY E 94 -36.69 -8.43 32.21
N ARG E 95 -35.38 -8.34 32.12
CA ARG E 95 -34.64 -7.12 32.41
C ARG E 95 -33.63 -6.85 31.30
N ALA E 96 -33.67 -5.65 30.74
CA ALA E 96 -32.67 -5.26 29.76
C ALA E 96 -31.33 -5.05 30.43
N GLY E 97 -30.26 -5.27 29.67
CA GLY E 97 -28.93 -5.12 30.21
C GLY E 97 -28.60 -3.68 30.52
N ARG E 98 -27.92 -3.49 31.65
CA ARG E 98 -27.58 -2.16 32.09
C ARG E 98 -26.46 -1.53 31.28
N ALA E 99 -25.61 -2.34 30.65
CA ALA E 99 -24.51 -1.83 29.84
C ALA E 99 -24.98 -1.72 28.40
N SER E 100 -25.48 -0.54 28.04
CA SER E 100 -25.80 -0.24 26.65
C SER E 100 -24.50 -0.11 25.87
N VAL E 101 -24.20 -1.10 25.04
CA VAL E 101 -22.94 -1.18 24.32
C VAL E 101 -23.16 -0.68 22.90
N ASP E 102 -22.48 0.40 22.54
CA ASP E 102 -22.60 0.97 21.21
C ASP E 102 -21.84 0.13 20.20
N PHE E 103 -22.10 0.38 18.92
CA PHE E 103 -21.33 -0.23 17.86
C PHE E 103 -19.94 0.37 17.79
N LEU E 104 -18.99 -0.40 17.28
CA LEU E 104 -17.63 0.10 17.08
C LEU E 104 -17.61 0.85 15.75
N ILE E 105 -17.94 2.13 15.81
CA ILE E 105 -17.90 3.00 14.64
C ILE E 105 -16.46 3.43 14.42
N SER E 106 -15.97 3.26 13.19
CA SER E 106 -14.63 3.69 12.84
C SER E 106 -14.53 5.21 12.83
N ASN E 107 -13.32 5.72 13.01
CA ASN E 107 -13.14 7.16 12.88
C ASN E 107 -13.05 7.57 11.41
N ASP E 108 -12.55 6.69 10.55
CA ASP E 108 -12.32 6.99 9.16
C ASP E 108 -13.38 6.34 8.27
N THR E 109 -13.14 6.36 6.97
CA THR E 109 -14.08 5.97 5.93
C THR E 109 -13.41 4.92 5.06
N LYS E 110 -14.22 4.04 4.42
CA LYS E 110 -13.82 2.93 3.56
C LYS E 110 -12.67 3.20 2.59
N GLU E 111 -12.65 4.40 2.00
CA GLU E 111 -11.57 4.76 1.08
C GLU E 111 -10.25 5.05 1.78
N GLN E 112 -10.25 5.10 3.11
CA GLN E 112 -9.03 5.22 3.89
C GLN E 112 -8.69 3.97 4.68
N ILE E 113 -9.67 3.12 4.99
CA ILE E 113 -9.40 1.96 5.83
C ILE E 113 -9.80 0.63 5.22
N VAL E 114 -10.80 0.56 4.34
CA VAL E 114 -11.22 -0.77 3.82
C VAL E 114 -10.47 -1.08 2.52
N ARG E 115 -9.69 -2.16 2.52
CA ARG E 115 -8.88 -2.51 1.33
C ARG E 115 -9.35 -3.86 0.78
N GLU E 116 -9.62 -3.92 -0.52
CA GLU E 116 -9.99 -5.22 -1.14
C GLU E 116 -8.80 -6.14 -0.95
N SER E 117 -9.05 -7.44 -0.98
CA SER E 117 -7.99 -8.39 -0.68
C SER E 117 -8.21 -9.68 -1.45
N THR E 118 -7.11 -10.34 -1.80
CA THR E 118 -7.14 -11.60 -2.53
C THR E 118 -6.72 -12.72 -1.58
N HIS E 119 -7.64 -13.65 -1.40
CA HIS E 119 -7.36 -14.79 -0.51
C HIS E 119 -7.21 -16.02 -1.40
N LEU E 120 -6.49 -17.04 -0.93
CA LEU E 120 -6.25 -18.21 -1.77
C LEU E 120 -6.53 -19.52 -1.06
N ARG E 121 -6.66 -20.55 -1.88
CA ARG E 121 -6.78 -21.94 -1.45
C ARG E 121 -5.87 -22.75 -2.34
N ILE E 122 -4.86 -23.38 -1.74
CA ILE E 122 -3.72 -23.95 -2.46
C ILE E 122 -3.78 -25.46 -2.33
N GLU E 123 -3.67 -26.15 -3.46
CA GLU E 123 -3.67 -27.60 -3.44
C GLU E 123 -2.40 -28.14 -2.82
N ARG E 124 -2.54 -29.14 -1.96
CA ARG E 124 -1.43 -29.55 -1.12
C ARG E 124 -0.41 -30.40 -1.85
N GLN E 125 -0.78 -30.92 -3.03
CA GLN E 125 0.13 -31.74 -3.82
C GLN E 125 0.76 -30.98 -4.98
N THR E 126 0.01 -30.02 -5.52
CA THR E 126 0.47 -29.28 -6.70
C THR E 126 1.03 -27.93 -6.33
N LYS E 127 0.67 -27.39 -5.17
CA LYS E 127 1.12 -26.05 -4.72
C LYS E 127 0.58 -25.01 -5.70
N SER E 128 -0.53 -25.33 -6.35
CA SER E 128 -1.16 -24.36 -7.26
C SER E 128 -2.40 -23.76 -6.59
N ALA E 129 -2.69 -22.51 -6.87
CA ALA E 129 -3.92 -21.87 -6.38
C ALA E 129 -5.13 -22.62 -6.93
N SER E 130 -5.69 -23.51 -6.12
CA SER E 130 -6.90 -24.22 -6.50
C SER E 130 -8.10 -23.29 -6.51
N ASP E 131 -8.16 -22.35 -5.58
CA ASP E 131 -9.27 -21.40 -5.49
C ASP E 131 -8.73 -20.06 -5.08
N THR E 132 -9.51 -19.01 -5.37
CA THR E 132 -9.27 -17.73 -4.74
C THR E 132 -10.58 -16.96 -4.62
N PHE E 133 -10.54 -15.92 -3.79
CA PHE E 133 -11.70 -15.08 -3.54
C PHE E 133 -11.20 -13.70 -3.13
N LYS E 134 -12.10 -12.72 -3.18
CA LYS E 134 -11.72 -11.35 -2.87
C LYS E 134 -12.60 -10.83 -1.75
N GLY E 135 -11.99 -10.51 -0.63
CA GLY E 135 -12.71 -9.97 0.51
C GLY E 135 -12.16 -8.62 0.92
N GLU E 136 -13.07 -7.72 1.26
CA GLU E 136 -12.68 -6.45 1.85
C GLU E 136 -12.22 -6.66 3.28
N GLU E 137 -11.32 -5.80 3.74
CA GLU E 137 -10.71 -5.95 5.05
C GLU E 137 -10.25 -4.59 5.55
N VAL E 138 -10.37 -4.39 6.86
CA VAL E 138 -9.99 -3.13 7.50
C VAL E 138 -8.52 -3.19 7.87
N ILE E 139 -7.81 -2.09 7.61
CA ILE E 139 -6.37 -2.06 7.80
C ILE E 139 -5.99 -2.03 9.27
N GLU E 140 -4.70 -2.17 9.49
CA GLU E 140 -4.04 -2.11 10.77
C GLU E 140 -3.73 -0.66 11.12
N GLY E 141 -4.01 -0.28 12.35
CA GLY E 141 -3.94 1.11 12.74
C GLY E 141 -5.23 1.88 12.59
N ALA E 142 -6.28 1.26 12.07
CA ALA E 142 -7.58 1.92 12.00
C ALA E 142 -8.18 2.03 13.39
N THR E 143 -8.76 3.20 13.67
CA THR E 143 -9.24 3.53 15.00
C THR E 143 -10.77 3.53 15.02
N PHE E 144 -11.33 2.85 16.02
CA PHE E 144 -12.76 2.65 16.19
C PHE E 144 -13.17 3.17 17.56
N THR E 145 -14.35 3.77 17.62
CA THR E 145 -14.83 4.43 18.83
C THR E 145 -16.15 3.82 19.25
N ALA E 146 -16.25 3.41 20.51
CA ALA E 146 -17.49 2.93 21.09
C ALA E 146 -17.71 3.56 22.45
N THR E 147 -18.96 3.52 22.91
CA THR E 147 -19.30 4.05 24.22
C THR E 147 -20.19 3.02 24.92
N ILE E 148 -19.78 2.60 26.11
CA ILE E 148 -20.54 1.67 26.92
C ILE E 148 -21.15 2.45 28.06
N THR E 149 -22.48 2.51 28.09
CA THR E 149 -23.23 3.32 29.04
C THR E 149 -23.91 2.39 30.05
N ILE E 150 -23.41 2.38 31.27
CA ILE E 150 -23.89 1.48 32.31
C ILE E 150 -24.81 2.27 33.24
N SER E 151 -26.07 1.84 33.31
CA SER E 151 -27.07 2.43 34.17
C SER E 151 -27.18 1.62 35.46
N ASN E 152 -27.34 2.34 36.58
CA ASN E 152 -27.27 1.83 37.95
C ASN E 152 -26.01 0.99 38.17
N PRO E 153 -24.81 1.58 38.13
CA PRO E 153 -23.60 0.77 38.09
C PRO E 153 -23.27 0.15 39.45
N GLN E 154 -22.61 -1.00 39.39
CA GLN E 154 -22.00 -1.62 40.55
C GLN E 154 -20.50 -1.37 40.54
N GLU E 155 -19.81 -1.98 41.49
CA GLU E 155 -18.38 -1.73 41.66
C GLU E 155 -17.56 -2.46 40.60
N LYS E 156 -17.98 -3.65 40.21
CA LYS E 156 -17.14 -4.57 39.45
C LYS E 156 -17.25 -4.34 37.94
N ASP E 157 -18.15 -3.44 37.50
CA ASP E 157 -18.50 -3.32 36.07
C ASP E 157 -17.34 -2.83 35.23
N LEU E 158 -16.54 -1.91 35.76
CA LEU E 158 -15.34 -1.45 35.06
C LEU E 158 -14.33 -2.58 34.89
N SER E 159 -14.12 -3.36 35.95
CA SER E 159 -13.18 -4.48 35.89
C SER E 159 -13.67 -5.55 34.92
N LEU E 160 -14.99 -5.78 34.89
CA LEU E 160 -15.57 -6.78 34.00
C LEU E 160 -15.44 -6.37 32.54
N ILE E 161 -15.75 -5.11 32.22
CA ILE E 161 -15.63 -4.62 30.86
C ILE E 161 -14.17 -4.59 30.41
N GLN E 162 -13.25 -4.16 31.30
CA GLN E 162 -11.84 -4.10 30.95
C GLN E 162 -11.24 -5.49 30.76
N SER E 163 -11.65 -6.45 31.59
CA SER E 163 -11.20 -7.83 31.41
C SER E 163 -11.72 -8.42 30.11
N ALA E 164 -12.99 -8.14 29.78
CA ALA E 164 -13.54 -8.62 28.51
C ALA E 164 -12.84 -7.98 27.33
N LEU E 165 -12.45 -6.71 27.45
CA LEU E 165 -11.65 -6.07 26.40
C LEU E 165 -10.27 -6.69 26.27
N LYS E 166 -9.66 -7.12 27.38
CA LYS E 166 -8.37 -7.79 27.29
C LYS E 166 -8.51 -9.16 26.63
N PHE E 167 -9.64 -9.83 26.88
CA PHE E 167 -9.96 -11.09 26.19
C PHE E 167 -10.15 -10.87 24.69
N ILE E 168 -10.80 -9.78 24.30
CA ILE E 168 -10.98 -9.47 22.88
C ILE E 168 -9.64 -9.10 22.25
N GLU E 169 -8.76 -8.43 22.99
CA GLU E 169 -7.39 -8.18 22.54
C GLU E 169 -6.64 -9.48 22.28
N GLU E 170 -6.83 -10.45 23.16
CA GLU E 170 -6.21 -11.77 22.98
C GLU E 170 -6.79 -12.52 21.78
N ASN E 171 -8.11 -12.62 21.69
CA ASN E 171 -8.75 -13.57 20.79
C ASN E 171 -9.27 -12.96 19.50
N GLY E 172 -9.57 -11.68 19.47
CA GLY E 172 -9.95 -11.05 18.22
C GLY E 172 -11.41 -10.66 18.20
N ILE E 173 -11.73 -9.74 17.29
CA ILE E 173 -13.09 -9.23 17.13
C ILE E 173 -13.45 -9.30 15.65
N GLY E 174 -14.70 -9.61 15.36
CA GLY E 174 -15.14 -9.76 13.99
C GLY E 174 -15.08 -11.20 13.52
N GLY E 175 -14.70 -11.40 12.25
CA GLY E 175 -14.60 -12.72 11.68
C GLY E 175 -13.17 -13.04 11.28
N TRP E 176 -12.97 -14.28 10.84
CA TRP E 176 -11.67 -14.83 10.40
C TRP E 176 -10.63 -14.75 11.50
N LEU E 177 -11.05 -15.00 12.74
CA LEU E 177 -10.16 -14.90 13.89
C LEU E 177 -9.10 -15.99 13.91
N ASN E 178 -9.37 -17.11 13.26
CA ASN E 178 -8.44 -18.23 13.26
C ASN E 178 -7.25 -18.00 12.34
N LYS E 179 -7.45 -17.29 11.23
CA LYS E 179 -6.35 -17.05 10.30
C LYS E 179 -5.57 -15.80 10.63
N GLY E 180 -5.91 -15.12 11.72
CA GLY E 180 -5.12 -14.00 12.21
C GLY E 180 -5.82 -12.67 12.20
N TYR E 181 -7.11 -12.62 11.90
CA TYR E 181 -7.79 -11.34 11.78
C TYR E 181 -8.42 -10.93 13.10
N GLY E 182 -8.53 -9.62 13.30
CA GLY E 182 -9.23 -9.06 14.43
C GLY E 182 -8.40 -8.73 15.65
N ARG E 183 -7.08 -8.86 15.59
CA ARG E 183 -6.24 -8.60 16.75
C ARG E 183 -6.11 -7.10 16.95
N VAL E 184 -6.59 -6.61 18.09
CA VAL E 184 -6.74 -5.18 18.34
C VAL E 184 -6.18 -4.84 19.71
N SER E 185 -6.12 -3.54 19.99
CA SER E 185 -5.85 -3.03 21.33
C SER E 185 -6.97 -2.09 21.72
N PHE E 186 -7.28 -2.06 23.01
CA PHE E 186 -8.31 -1.19 23.54
C PHE E 186 -7.70 -0.17 24.50
N GLU E 187 -8.18 1.06 24.41
CA GLU E 187 -7.87 2.11 25.38
C GLU E 187 -9.17 2.56 26.01
N VAL E 188 -9.17 2.62 27.33
CA VAL E 188 -10.38 2.84 28.13
C VAL E 188 -10.26 4.20 28.80
N LYS E 189 -11.26 5.05 28.57
CA LYS E 189 -11.43 6.26 29.35
C LYS E 189 -12.78 6.17 30.04
N SER E 190 -12.77 5.83 31.31
CA SER E 190 -13.99 5.74 32.08
C SER E 190 -14.28 7.05 32.80
N GLU E 191 -15.57 7.29 33.06
CA GLU E 191 -16.00 8.47 33.78
C GLU E 191 -17.40 8.25 34.35
N ASP E 192 -17.57 8.57 35.63
CA ASP E 192 -18.88 8.49 36.28
C ASP E 192 -19.59 9.83 36.09
N VAL E 193 -20.78 9.78 35.51
CA VAL E 193 -21.60 10.96 35.31
C VAL E 193 -22.84 10.83 36.17
N ALA E 194 -23.52 11.94 36.37
CA ALA E 194 -24.82 11.93 37.01
C ALA E 194 -25.90 11.95 35.94
N THR E 195 -26.99 11.21 36.18
CA THR E 195 -28.05 11.04 35.20
C THR E 195 -28.80 12.33 34.89
N ASP E 196 -28.71 13.33 35.76
CA ASP E 196 -29.36 14.61 35.55
C ASP E 196 -28.44 15.64 34.88
N ARG E 197 -27.45 15.19 34.11
CA ARG E 197 -26.48 16.14 33.55
C ARG E 197 -27.10 16.98 32.45
N PHE E 198 -28.07 16.42 31.71
CA PHE E 198 -28.61 17.10 30.54
C PHE E 198 -29.61 18.19 30.91
N LEU E 199 -30.17 18.07 32.12
CA LEU E 199 -31.19 19.02 32.59
C LEU E 199 -30.53 20.37 32.89
N LYS E 200 -31.05 21.44 32.29
CA LYS E 200 -30.46 22.79 32.46
C LYS E 200 -31.13 23.49 33.66
N ALA F 2 -52.75 29.90 26.82
CA ALA F 2 -53.72 29.40 25.86
C ALA F 2 -53.69 30.24 24.59
N LYS F 3 -53.20 31.48 24.70
CA LYS F 3 -53.07 32.35 23.56
C LYS F 3 -51.81 32.10 22.75
N THR F 4 -50.94 31.21 23.23
CA THR F 4 -49.67 30.91 22.61
C THR F 4 -49.53 29.39 22.56
N MET F 5 -48.99 28.88 21.46
CA MET F 5 -48.55 27.50 21.33
C MET F 5 -47.08 27.51 20.92
N LYS F 6 -46.36 26.48 21.34
CA LYS F 6 -44.95 26.37 21.01
C LYS F 6 -44.74 25.19 20.07
N LYS F 7 -44.15 25.46 18.92
CA LYS F 7 -43.81 24.42 17.95
C LYS F 7 -42.34 24.08 18.09
N ILE F 8 -42.04 22.80 18.27
CA ILE F 8 -40.67 22.32 18.27
C ILE F 8 -40.56 21.34 17.12
N TYR F 9 -39.90 21.75 16.05
CA TYR F 9 -39.66 20.88 14.91
C TYR F 9 -38.37 20.11 15.17
N VAL F 10 -38.51 18.79 15.32
CA VAL F 10 -37.41 17.90 15.67
C VAL F 10 -37.02 17.15 14.40
N THR F 11 -35.80 17.37 13.93
CA THR F 11 -35.27 16.55 12.86
C THR F 11 -34.14 15.69 13.43
N MET F 12 -34.04 14.47 12.94
CA MET F 12 -33.22 13.45 13.58
C MET F 12 -32.45 12.67 12.53
N LYS F 13 -31.14 12.55 12.73
CA LYS F 13 -30.28 11.83 11.82
C LYS F 13 -29.74 10.59 12.52
N THR F 14 -29.90 9.45 11.88
CA THR F 14 -29.52 8.18 12.47
C THR F 14 -28.01 7.99 12.32
N LEU F 15 -27.33 7.74 13.44
CA LEU F 15 -25.87 7.61 13.46
C LEU F 15 -25.41 6.16 13.48
N SER F 16 -26.04 5.33 14.29
CA SER F 16 -25.90 3.89 14.27
C SER F 16 -27.28 3.33 13.92
N PRO F 17 -27.35 2.17 13.24
CA PRO F 17 -28.61 1.74 12.60
C PRO F 17 -29.78 1.56 13.55
N LEU F 18 -30.97 1.81 13.06
CA LEU F 18 -32.15 1.96 13.90
C LEU F 18 -33.09 0.79 13.68
N TYR F 19 -33.63 0.26 14.79
CA TYR F 19 -34.68 -0.74 14.75
C TYR F 19 -35.84 -0.29 15.61
N THR F 20 -37.04 -0.34 15.04
CA THR F 20 -38.28 -0.14 15.78
C THR F 20 -39.30 -1.11 15.22
N GLY F 21 -39.73 -2.05 16.04
CA GLY F 21 -40.43 -3.22 15.53
C GLY F 21 -41.83 -2.91 15.04
N GLU F 22 -42.29 -3.78 14.14
CA GLU F 22 -43.63 -3.62 13.58
C GLU F 22 -44.67 -3.95 14.63
N VAL F 23 -45.72 -3.12 14.69
CA VAL F 23 -46.76 -3.30 15.69
C VAL F 23 -47.96 -3.95 15.05
N ARG F 24 -48.19 -3.67 13.77
CA ARG F 24 -49.37 -4.17 13.06
C ARG F 24 -49.24 -5.67 12.89
N ARG F 25 -50.28 -6.42 13.31
CA ARG F 25 -50.19 -7.87 13.27
C ARG F 25 -50.17 -8.39 11.84
N GLU F 26 -51.03 -7.82 10.97
CA GLU F 26 -51.11 -8.28 9.59
C GLU F 26 -49.84 -7.94 8.81
N ASP F 27 -49.29 -6.74 9.01
CA ASP F 27 -48.08 -6.34 8.30
C ASP F 27 -46.87 -7.14 8.77
N LYS F 28 -46.78 -7.39 10.08
CA LYS F 28 -45.69 -8.20 10.62
C LYS F 28 -45.78 -9.65 10.13
N GLU F 29 -46.99 -10.23 10.15
CA GLU F 29 -47.19 -11.60 9.71
C GLU F 29 -47.01 -11.75 8.21
N ALA F 30 -47.36 -10.73 7.43
CA ALA F 30 -47.01 -10.74 6.01
C ALA F 30 -45.52 -10.60 5.80
N ALA F 31 -44.82 -9.94 6.73
CA ALA F 31 -43.37 -9.86 6.67
C ALA F 31 -42.68 -11.04 7.32
N GLN F 32 -43.40 -11.94 8.02
CA GLN F 32 -42.77 -13.10 8.65
C GLN F 32 -42.27 -14.13 7.66
N LYS F 33 -42.72 -14.08 6.41
CA LYS F 33 -42.22 -15.02 5.40
C LYS F 33 -40.77 -14.75 5.05
N ARG F 34 -40.35 -13.47 5.07
CA ARG F 34 -38.98 -13.10 4.72
C ARG F 34 -38.18 -12.54 5.89
N VAL F 35 -38.84 -12.01 6.92
CA VAL F 35 -38.19 -11.18 7.92
C VAL F 35 -38.68 -11.62 9.30
N ASN F 36 -37.76 -11.82 10.25
CA ASN F 36 -38.21 -12.14 11.60
C ASN F 36 -38.49 -10.89 12.44
N PHE F 37 -37.80 -9.78 12.17
CA PHE F 37 -37.98 -8.53 12.91
C PHE F 37 -38.26 -7.37 11.97
N PRO F 38 -39.52 -7.15 11.61
CA PRO F 38 -39.84 -6.04 10.70
C PRO F 38 -39.70 -4.69 11.38
N VAL F 39 -39.41 -3.70 10.60
CA VAL F 39 -39.32 -2.33 11.10
C VAL F 39 -40.71 -1.71 10.98
N ARG F 40 -41.00 -0.73 11.83
CA ARG F 40 -42.33 -0.12 11.89
C ARG F 40 -42.51 0.82 10.70
N LYS F 41 -43.29 0.38 9.72
CA LYS F 41 -43.46 1.11 8.47
C LYS F 41 -44.86 1.70 8.39
N THR F 42 -45.01 2.67 7.49
CA THR F 42 -46.34 3.14 7.16
C THR F 42 -46.98 2.23 6.12
N ALA F 43 -48.24 2.54 5.80
CA ALA F 43 -48.82 2.05 4.56
C ALA F 43 -48.37 2.87 3.37
N THR F 44 -47.85 4.08 3.61
CA THR F 44 -47.22 4.91 2.60
C THR F 44 -45.72 4.68 2.52
N ASN F 45 -45.23 3.57 3.09
CA ASN F 45 -43.86 3.07 2.96
C ASN F 45 -42.83 4.05 3.50
N LYS F 46 -43.00 4.42 4.77
CA LYS F 46 -42.14 5.39 5.43
C LYS F 46 -42.08 4.97 6.90
N VAL F 47 -40.90 4.96 7.49
CA VAL F 47 -40.74 4.36 8.85
C VAL F 47 -41.25 5.29 9.96
N LEU F 48 -42.05 4.74 10.88
CA LEU F 48 -42.56 5.54 12.03
C LEU F 48 -41.84 5.07 13.30
N ILE F 49 -41.55 5.99 14.22
CA ILE F 49 -40.90 5.67 15.51
C ILE F 49 -41.65 6.36 16.64
N PRO F 50 -42.27 5.65 17.60
CA PRO F 50 -42.90 6.25 18.80
C PRO F 50 -41.94 7.15 19.54
N PHE F 51 -42.33 8.39 19.71
CA PHE F 51 -41.47 9.45 20.19
C PHE F 51 -41.89 10.01 21.54
N LYS F 52 -43.17 9.91 21.88
CA LYS F 52 -43.63 10.50 23.13
C LYS F 52 -43.23 9.67 24.34
N GLY F 53 -43.20 8.34 24.16
CA GLY F 53 -42.77 7.46 25.23
C GLY F 53 -41.30 7.62 25.56
N ALA F 54 -40.46 7.79 24.52
CA ALA F 54 -39.02 7.99 24.74
C ALA F 54 -38.74 9.30 25.44
N LEU F 55 -39.43 10.38 25.05
CA LEU F 55 -39.28 11.68 25.71
C LEU F 55 -39.75 11.63 27.15
N ARG F 56 -40.90 10.99 27.39
CA ARG F 56 -41.44 10.88 28.75
C ARG F 56 -40.53 10.02 29.64
N SER F 57 -40.00 8.93 29.10
CA SER F 57 -39.10 8.06 29.86
C SER F 57 -37.79 8.76 30.18
N ALA F 58 -37.23 9.48 29.20
CA ALA F 58 -36.02 10.26 29.42
C ALA F 58 -36.22 11.31 30.50
N LEU F 59 -37.34 12.03 30.44
CA LEU F 59 -37.60 13.06 31.44
C LEU F 59 -37.84 12.47 32.82
N GLU F 60 -38.55 11.35 32.92
CA GLU F 60 -38.76 10.76 34.24
C GLU F 60 -37.49 10.16 34.83
N ILE F 61 -36.60 9.58 34.01
CA ILE F 61 -35.34 9.06 34.54
C ILE F 61 -34.46 10.20 35.06
N MET F 62 -34.30 11.27 34.26
CA MET F 62 -33.45 12.39 34.69
C MET F 62 -34.07 13.17 35.85
N LEU F 63 -35.38 13.37 35.86
CA LEU F 63 -36.01 14.11 36.94
C LEU F 63 -36.16 13.29 38.21
N LYS F 64 -36.18 11.95 38.13
CA LYS F 64 -36.11 11.16 39.34
C LYS F 64 -34.70 11.17 39.91
N ALA F 65 -33.70 11.17 39.02
CA ALA F 65 -32.31 11.25 39.47
C ALA F 65 -31.99 12.59 40.12
N LYS F 66 -32.50 13.69 39.57
CA LYS F 66 -32.24 15.01 40.14
C LYS F 66 -32.94 15.18 41.49
N GLY F 67 -34.21 14.78 41.57
CA GLY F 67 -34.90 14.83 42.84
C GLY F 67 -36.15 15.68 42.89
N GLU F 68 -36.84 15.80 41.76
CA GLU F 68 -38.18 16.36 41.75
C GLU F 68 -39.21 15.30 42.10
N ASN F 69 -40.42 15.76 42.39
CA ASN F 69 -41.54 14.88 42.75
C ASN F 69 -42.18 14.38 41.47
N VAL F 70 -41.48 13.47 40.80
CA VAL F 70 -41.97 12.87 39.56
C VAL F 70 -42.28 11.41 39.81
N CYS F 71 -43.30 10.93 39.11
CA CYS F 71 -43.76 9.56 39.23
C CYS F 71 -43.07 8.69 38.18
N ASP F 72 -43.56 7.46 38.03
CA ASP F 72 -43.01 6.48 37.08
C ASP F 72 -44.24 5.81 36.45
N THR F 73 -44.54 6.18 35.21
CA THR F 73 -45.68 5.59 34.49
C THR F 73 -45.25 4.35 33.69
N GLY F 74 -44.33 3.59 34.27
CA GLY F 74 -43.79 2.48 33.53
C GLY F 74 -43.94 1.21 34.32
N GLU F 75 -44.30 1.32 35.59
CA GLU F 75 -44.64 0.15 36.38
C GLU F 75 -46.01 -0.37 35.96
N SER F 76 -46.36 -1.56 36.47
CA SER F 76 -47.48 -2.35 35.94
C SER F 76 -48.83 -1.66 36.09
N ARG F 77 -49.15 -1.17 37.29
CA ARG F 77 -50.44 -0.52 37.55
C ARG F 77 -50.18 0.83 38.23
N ALA F 78 -49.22 1.57 37.68
CA ALA F 78 -48.74 2.81 38.28
C ALA F 78 -49.54 3.98 37.71
N ARG F 79 -50.45 4.49 38.51
CA ARG F 79 -51.29 5.61 38.11
C ARG F 79 -50.44 6.89 38.07
N PRO F 80 -50.41 7.61 36.96
CA PRO F 80 -49.72 8.90 36.97
C PRO F 80 -50.58 9.98 37.64
N CYS F 81 -49.91 10.78 38.44
CA CYS F 81 -50.56 11.83 39.22
C CYS F 81 -50.74 13.07 38.32
N GLY F 82 -51.25 14.15 38.89
CA GLY F 82 -51.38 15.37 38.12
C GLY F 82 -50.35 16.40 38.52
N ARG F 83 -49.67 16.14 39.64
CA ARG F 83 -48.78 17.10 40.28
C ARG F 83 -47.32 16.87 39.88
N CYS F 84 -47.04 16.83 38.57
CA CYS F 84 -45.67 16.72 38.08
C CYS F 84 -45.45 17.75 36.99
N VAL F 85 -44.20 17.85 36.56
CA VAL F 85 -43.90 18.61 35.35
C VAL F 85 -43.83 17.68 34.14
N THR F 86 -43.60 16.39 34.34
CA THR F 86 -43.76 15.42 33.27
C THR F 86 -45.24 15.16 33.01
N CYS F 87 -46.04 15.04 34.07
CA CYS F 87 -47.47 14.78 33.93
C CYS F 87 -48.24 15.99 33.45
N SER F 88 -47.60 17.15 33.48
CA SER F 88 -48.23 18.39 32.97
C SER F 88 -47.94 18.49 31.49
N LEU F 89 -46.72 18.11 31.11
CA LEU F 89 -46.30 18.17 29.72
C LEU F 89 -46.88 17.00 28.91
N PHE F 90 -46.84 15.80 29.46
CA PHE F 90 -47.19 14.60 28.71
C PHE F 90 -48.49 13.93 29.16
N GLY F 91 -49.09 14.37 30.24
CA GLY F 91 -50.46 13.99 30.56
C GLY F 91 -50.56 13.07 31.74
N SER F 92 -51.81 12.86 32.14
CA SER F 92 -52.16 12.05 33.29
C SER F 92 -53.46 11.32 32.96
N MET F 93 -54.08 10.71 33.98
CA MET F 93 -55.39 10.12 33.79
C MET F 93 -56.49 11.17 33.64
N GLY F 94 -56.28 12.37 34.17
CA GLY F 94 -57.25 13.44 34.07
C GLY F 94 -56.97 14.41 32.94
N ARG F 95 -56.23 15.47 33.27
CA ARG F 95 -55.85 16.47 32.27
C ARG F 95 -54.95 15.86 31.20
N ALA F 96 -55.19 16.25 29.95
CA ALA F 96 -54.43 15.73 28.82
C ALA F 96 -53.03 16.34 28.79
N GLY F 97 -52.21 15.80 27.89
CA GLY F 97 -50.84 16.28 27.77
C GLY F 97 -50.79 17.62 27.06
N ARG F 98 -49.99 18.52 27.64
CA ARG F 98 -49.79 19.82 27.01
C ARG F 98 -48.94 19.69 25.75
N ALA F 99 -47.99 18.78 25.76
CA ALA F 99 -47.15 18.52 24.58
C ALA F 99 -47.74 17.37 23.79
N SER F 100 -48.08 17.76 22.51
CA SER F 100 -48.52 16.75 21.53
C SER F 100 -47.27 16.39 20.76
N VAL F 101 -46.86 15.11 20.86
CA VAL F 101 -45.63 14.70 20.23
C VAL F 101 -45.98 13.82 19.03
N ASP F 102 -45.58 14.25 17.84
CA ASP F 102 -45.88 13.48 16.64
C ASP F 102 -44.97 12.26 16.55
N PHE F 103 -45.33 11.36 15.65
CA PHE F 103 -44.45 10.26 15.29
C PHE F 103 -43.25 10.78 14.51
N LEU F 104 -42.15 10.06 14.63
CA LEU F 104 -40.90 10.40 13.94
C LEU F 104 -40.96 9.74 12.58
N ILE F 105 -41.57 10.42 11.62
CA ILE F 105 -41.83 9.84 10.31
C ILE F 105 -40.64 10.16 9.39
N SER F 106 -40.17 9.16 8.69
CA SER F 106 -38.95 9.30 7.87
C SER F 106 -39.18 10.19 6.66
N ASN F 107 -38.16 10.87 6.24
CA ASN F 107 -38.24 11.70 5.04
C ASN F 107 -38.10 10.88 3.76
N ASP F 108 -37.55 9.67 3.83
CA ASP F 108 -37.36 8.81 2.69
C ASP F 108 -38.22 7.57 2.80
N THR F 109 -38.31 6.82 1.71
CA THR F 109 -39.11 5.62 1.66
C THR F 109 -38.31 4.42 2.14
N LYS F 110 -39.01 3.29 2.31
CA LYS F 110 -38.38 2.06 2.81
C LYS F 110 -37.47 1.41 1.79
N GLU F 111 -37.59 1.76 0.51
CA GLU F 111 -36.62 1.26 -0.47
C GLU F 111 -35.24 1.85 -0.23
N GLN F 112 -35.18 3.08 0.28
CA GLN F 112 -33.93 3.80 0.42
C GLN F 112 -33.25 3.58 1.75
N ILE F 113 -34.02 3.42 2.83
CA ILE F 113 -33.44 3.43 4.16
C ILE F 113 -33.63 2.12 4.93
N VAL F 114 -34.52 1.22 4.51
CA VAL F 114 -34.72 -0.03 5.23
C VAL F 114 -33.94 -1.13 4.53
N ARG F 115 -33.13 -1.87 5.29
CA ARG F 115 -32.33 -2.97 4.77
C ARG F 115 -32.59 -4.21 5.62
N GLU F 116 -32.92 -5.31 4.95
CA GLU F 116 -33.03 -6.60 5.60
C GLU F 116 -31.65 -7.04 6.07
N SER F 117 -31.56 -7.61 7.27
CA SER F 117 -30.28 -7.83 7.91
C SER F 117 -30.18 -9.23 8.50
N THR F 118 -28.98 -9.78 8.47
CA THR F 118 -28.67 -11.05 9.11
C THR F 118 -28.11 -10.78 10.50
N HIS F 119 -28.74 -11.35 11.52
CA HIS F 119 -28.21 -11.33 12.87
C HIS F 119 -27.95 -12.75 13.33
N LEU F 120 -26.92 -12.89 14.17
CA LEU F 120 -26.41 -14.19 14.57
C LEU F 120 -26.48 -14.37 16.08
N ARG F 121 -26.48 -15.65 16.46
CA ARG F 121 -26.19 -16.07 17.82
C ARG F 121 -25.12 -17.14 17.73
N ILE F 122 -23.96 -16.88 18.32
CA ILE F 122 -22.77 -17.70 18.18
C ILE F 122 -22.55 -18.49 19.45
N GLU F 123 -22.31 -19.79 19.31
CA GLU F 123 -21.93 -20.62 20.45
C GLU F 123 -20.58 -20.18 21.00
N ARG F 124 -20.42 -20.34 22.31
CA ARG F 124 -19.21 -19.83 22.95
C ARG F 124 -18.02 -20.77 22.74
N GLN F 125 -18.23 -22.07 22.90
CA GLN F 125 -17.15 -23.04 22.77
C GLN F 125 -16.97 -23.52 21.34
N THR F 126 -18.07 -23.73 20.63
CA THR F 126 -18.03 -24.13 19.23
C THR F 126 -17.53 -23.00 18.34
N LYS F 127 -17.81 -21.75 18.72
CA LYS F 127 -17.52 -20.53 17.96
C LYS F 127 -18.14 -20.56 16.56
N SER F 128 -19.29 -21.20 16.43
CA SER F 128 -20.03 -21.27 15.19
C SER F 128 -21.41 -20.66 15.39
N ALA F 129 -22.06 -20.33 14.28
CA ALA F 129 -23.37 -19.69 14.31
C ALA F 129 -24.42 -20.69 14.75
N SER F 130 -24.85 -20.60 16.01
CA SER F 130 -25.90 -21.47 16.50
C SER F 130 -27.28 -21.06 15.99
N ASP F 131 -27.50 -19.76 15.81
CA ASP F 131 -28.82 -19.28 15.37
C ASP F 131 -28.64 -18.14 14.39
N THR F 132 -29.55 -18.07 13.42
CA THR F 132 -29.56 -17.00 12.43
C THR F 132 -30.97 -16.49 12.27
N PHE F 133 -31.12 -15.17 12.16
CA PHE F 133 -32.42 -14.59 11.85
C PHE F 133 -32.23 -13.30 11.07
N LYS F 134 -33.33 -12.81 10.49
CA LYS F 134 -33.35 -11.61 9.69
C LYS F 134 -34.15 -10.52 10.38
N GLY F 135 -33.63 -9.31 10.39
CA GLY F 135 -34.36 -8.17 10.91
C GLY F 135 -34.11 -6.95 10.05
N GLU F 136 -35.14 -6.14 9.89
CA GLU F 136 -35.03 -4.95 9.08
C GLU F 136 -34.46 -3.83 9.93
N GLU F 137 -33.50 -3.08 9.39
CA GLU F 137 -32.93 -1.97 10.11
C GLU F 137 -32.89 -0.73 9.22
N VAL F 138 -32.93 0.43 9.86
CA VAL F 138 -32.88 1.71 9.16
C VAL F 138 -31.41 2.11 8.98
N ILE F 139 -31.05 2.58 7.77
CA ILE F 139 -29.66 2.94 7.49
C ILE F 139 -29.27 4.18 8.28
N GLU F 140 -27.96 4.38 8.40
CA GLU F 140 -27.42 5.56 9.04
C GLU F 140 -27.50 6.75 8.10
N GLY F 141 -27.73 7.92 8.65
CA GLY F 141 -27.95 9.10 7.84
C GLY F 141 -29.39 9.32 7.44
N ALA F 142 -30.30 8.46 7.84
CA ALA F 142 -31.71 8.67 7.56
C ALA F 142 -32.25 9.80 8.41
N THR F 143 -33.11 10.62 7.82
CA THR F 143 -33.63 11.81 8.47
C THR F 143 -35.10 11.57 8.81
N PHE F 144 -35.45 11.79 10.07
CA PHE F 144 -36.80 11.62 10.58
C PHE F 144 -37.30 12.96 11.09
N THR F 145 -38.54 13.29 10.79
CA THR F 145 -39.12 14.57 11.15
C THR F 145 -40.32 14.36 12.06
N ALA F 146 -40.32 15.02 13.21
CA ALA F 146 -41.48 15.06 14.08
C ALA F 146 -41.70 16.51 14.50
N THR F 147 -42.92 16.81 14.91
CA THR F 147 -43.22 18.11 15.48
C THR F 147 -43.92 17.92 16.82
N ILE F 148 -43.49 18.70 17.81
CA ILE F 148 -44.07 18.69 19.13
C ILE F 148 -44.75 20.02 19.34
N THR F 149 -46.08 20.00 19.50
CA THR F 149 -46.75 21.23 19.87
C THR F 149 -46.94 21.25 21.38
N ILE F 150 -46.91 22.43 21.95
CA ILE F 150 -47.13 22.64 23.37
C ILE F 150 -48.23 23.68 23.49
N SER F 151 -49.37 23.27 24.04
CA SER F 151 -50.45 24.19 24.36
C SER F 151 -50.29 24.66 25.79
N ASN F 152 -50.52 25.95 26.01
CA ASN F 152 -50.10 26.71 27.19
C ASN F 152 -48.65 26.46 27.55
N PRO F 153 -47.65 27.02 26.83
CA PRO F 153 -46.25 26.77 27.19
C PRO F 153 -45.87 27.32 28.55
N GLN F 154 -44.96 26.61 29.19
CA GLN F 154 -44.36 27.16 30.41
C GLN F 154 -42.97 27.57 29.91
N GLU F 155 -42.09 28.08 30.75
CA GLU F 155 -40.79 28.59 30.32
C GLU F 155 -39.77 27.48 30.16
N LYS F 156 -39.79 26.48 31.04
CA LYS F 156 -38.80 25.42 31.04
C LYS F 156 -39.19 24.25 30.14
N ASP F 157 -40.20 24.42 29.28
CA ASP F 157 -40.66 23.31 28.45
C ASP F 157 -39.68 22.98 27.34
N LEU F 158 -39.13 24.02 26.69
CA LEU F 158 -38.15 23.81 25.63
C LEU F 158 -36.86 23.20 26.17
N SER F 159 -36.43 23.66 27.35
CA SER F 159 -35.24 23.10 27.99
C SER F 159 -35.46 21.65 28.39
N LEU F 160 -36.66 21.31 28.86
CA LEU F 160 -36.96 19.93 29.24
C LEU F 160 -36.99 19.02 28.01
N ILE F 161 -37.59 19.49 26.91
CA ILE F 161 -37.64 18.71 25.68
C ILE F 161 -36.25 18.52 25.11
N GLN F 162 -35.41 19.56 25.15
CA GLN F 162 -34.04 19.45 24.66
C GLN F 162 -33.20 18.54 25.54
N SER F 163 -33.42 18.56 26.86
CA SER F 163 -32.69 17.67 27.76
C SER F 163 -33.08 16.22 27.54
N ALA F 164 -34.36 15.97 27.30
CA ALA F 164 -34.80 14.63 26.93
C ALA F 164 -34.22 14.20 25.60
N LEU F 165 -34.04 15.13 24.66
CA LEU F 165 -33.41 14.77 23.39
C LEU F 165 -31.93 14.48 23.52
N LYS F 166 -31.22 15.16 24.42
CA LYS F 166 -29.84 14.76 24.71
C LYS F 166 -29.79 13.38 25.36
N PHE F 167 -30.76 13.06 26.22
CA PHE F 167 -30.83 11.73 26.81
C PHE F 167 -31.10 10.65 25.76
N ILE F 168 -31.96 10.95 24.79
CA ILE F 168 -32.22 9.98 23.72
C ILE F 168 -31.02 9.89 22.78
N GLU F 169 -30.28 11.00 22.57
CA GLU F 169 -29.03 10.96 21.82
C GLU F 169 -28.00 10.05 22.47
N GLU F 170 -27.92 10.11 23.80
CA GLU F 170 -27.01 9.24 24.53
C GLU F 170 -27.47 7.79 24.52
N ASN F 171 -28.75 7.55 24.83
CA ASN F 171 -29.23 6.20 25.07
C ASN F 171 -29.70 5.51 23.80
N GLY F 172 -30.60 6.14 23.06
CA GLY F 172 -31.11 5.58 21.82
C GLY F 172 -32.62 5.68 21.76
N ILE F 173 -33.13 5.45 20.54
CA ILE F 173 -34.56 5.44 20.29
C ILE F 173 -34.90 4.16 19.55
N GLY F 174 -36.13 3.70 19.71
CA GLY F 174 -36.53 2.44 19.13
C GLY F 174 -36.08 1.27 19.99
N GLY F 175 -35.74 0.16 19.32
CA GLY F 175 -35.36 -1.06 19.97
C GLY F 175 -33.89 -1.38 19.79
N TRP F 176 -33.49 -2.51 20.35
CA TRP F 176 -32.09 -3.01 20.32
C TRP F 176 -31.13 -1.93 20.80
N LEU F 177 -31.45 -1.26 21.90
CA LEU F 177 -30.61 -0.14 22.31
C LEU F 177 -29.34 -0.60 23.01
N ASN F 178 -29.37 -1.74 23.67
CA ASN F 178 -28.17 -2.21 24.37
C ASN F 178 -27.12 -2.78 23.43
N LYS F 179 -27.46 -3.10 22.22
CA LYS F 179 -26.54 -3.77 21.28
C LYS F 179 -26.07 -2.78 20.21
N GLY F 180 -26.25 -1.48 20.43
CA GLY F 180 -25.70 -0.46 19.56
C GLY F 180 -26.71 0.23 18.69
N TYR F 181 -27.94 -0.25 18.65
CA TYR F 181 -28.91 0.29 17.72
C TYR F 181 -29.58 1.53 18.28
N GLY F 182 -29.94 2.44 17.38
CA GLY F 182 -30.79 3.56 17.71
C GLY F 182 -30.09 4.84 18.13
N ARG F 183 -28.75 4.88 18.08
CA ARG F 183 -28.04 6.10 18.44
C ARG F 183 -28.28 7.14 17.37
N VAL F 184 -28.82 8.28 17.77
CA VAL F 184 -29.31 9.28 16.83
C VAL F 184 -28.81 10.64 17.27
N SER F 185 -29.02 11.59 16.38
CA SER F 185 -28.64 12.98 16.66
C SER F 185 -29.92 13.78 16.46
N PHE F 186 -30.10 14.82 17.23
CA PHE F 186 -31.31 15.62 17.16
C PHE F 186 -30.98 17.08 16.87
N GLU F 187 -31.84 17.73 16.09
CA GLU F 187 -31.76 19.15 15.82
C GLU F 187 -33.13 19.75 16.05
N VAL F 188 -33.19 20.86 16.77
CA VAL F 188 -34.42 21.48 17.22
C VAL F 188 -34.56 22.85 16.56
N LYS F 189 -35.67 23.06 15.88
CA LYS F 189 -36.05 24.39 15.41
C LYS F 189 -37.34 24.77 16.12
N SER F 190 -37.26 25.71 17.05
CA SER F 190 -38.39 26.06 17.89
C SER F 190 -38.95 27.42 17.50
N GLU F 191 -40.26 27.57 17.66
CA GLU F 191 -40.94 28.83 17.37
C GLU F 191 -42.16 28.95 18.26
N ASP F 192 -42.56 30.18 18.52
CA ASP F 192 -43.82 30.48 19.20
C ASP F 192 -44.82 30.98 18.17
N VAL F 193 -46.00 30.38 18.16
CA VAL F 193 -47.08 30.79 17.26
C VAL F 193 -48.33 31.03 18.10
N ALA F 194 -49.06 32.09 17.78
CA ALA F 194 -50.38 32.26 18.36
C ALA F 194 -51.30 31.16 17.86
N THR F 195 -52.25 30.76 18.69
CA THR F 195 -53.19 29.70 18.33
C THR F 195 -54.13 30.15 17.21
N ASP F 196 -54.28 31.46 17.03
CA ASP F 196 -54.96 32.06 15.89
C ASP F 196 -54.07 32.18 14.66
N ARG F 197 -53.04 31.32 14.52
CA ARG F 197 -52.23 31.31 13.31
C ARG F 197 -53.04 30.90 12.09
N PHE F 198 -54.09 30.11 12.29
CA PHE F 198 -54.89 29.57 11.21
C PHE F 198 -56.26 30.20 11.36
N LEU F 199 -56.40 31.42 10.85
CA LEU F 199 -57.62 32.23 10.87
C LEU F 199 -57.48 33.36 9.86
N LYS F 200 -58.46 33.50 8.98
CA LYS F 200 -58.42 34.53 7.94
C LYS F 200 -59.83 34.92 7.51
N ILE G 4 -94.95 7.18 -4.11
CA ILE G 4 -93.58 7.09 -4.61
C ILE G 4 -92.86 5.96 -3.89
N LYS G 5 -92.73 4.82 -4.56
CA LYS G 5 -92.08 3.66 -3.97
C LYS G 5 -90.57 3.84 -4.03
N GLY G 6 -89.88 3.49 -2.95
CA GLY G 6 -88.45 3.59 -3.02
C GLY G 6 -87.76 2.80 -1.93
N ILE G 7 -86.46 2.64 -2.11
CA ILE G 7 -85.60 1.94 -1.16
C ILE G 7 -84.58 2.94 -0.66
N LEU G 8 -84.49 3.09 0.68
CA LEU G 8 -83.53 3.91 1.40
C LEU G 8 -82.51 3.00 2.07
N GLU G 9 -81.23 3.32 1.90
CA GLU G 9 -80.14 2.57 2.54
C GLU G 9 -79.45 3.48 3.55
N SER G 10 -79.25 2.97 4.77
CA SER G 10 -78.58 3.70 5.83
C SER G 10 -77.09 3.35 5.84
N ILE G 11 -76.24 4.36 5.71
CA ILE G 11 -74.80 4.11 5.79
C ILE G 11 -74.29 4.51 7.17
N THR G 12 -74.88 5.56 7.74
CA THR G 12 -74.66 5.89 9.14
C THR G 12 -75.97 5.67 9.90
N GLY G 13 -75.86 5.06 11.07
CA GLY G 13 -77.04 4.63 11.80
C GLY G 13 -77.79 5.78 12.44
N PHE G 14 -78.96 5.41 12.96
CA PHE G 14 -79.94 6.38 13.43
C PHE G 14 -80.30 6.05 14.88
N SER G 15 -80.78 7.06 15.59
CA SER G 15 -81.17 6.94 16.98
C SER G 15 -82.46 7.74 17.17
N ILE G 16 -83.59 7.06 17.19
CA ILE G 16 -84.85 7.72 17.54
C ILE G 16 -85.31 7.16 18.89
N PRO G 17 -85.50 8.02 19.90
CA PRO G 17 -85.91 7.51 21.21
C PRO G 17 -87.41 7.48 21.43
N LEU G 18 -87.84 6.66 22.38
CA LEU G 18 -89.21 6.68 22.89
C LEU G 18 -89.17 6.90 24.40
N ASP G 19 -90.33 6.84 25.05
CA ASP G 19 -90.39 6.92 26.49
C ASP G 19 -90.09 5.56 27.11
N ASN G 20 -89.96 5.57 28.45
CA ASN G 20 -89.64 4.42 29.30
C ASN G 20 -88.30 3.77 28.96
N GLY G 21 -87.39 4.50 28.33
CA GLY G 21 -86.12 3.95 27.90
C GLY G 21 -86.21 2.89 26.81
N GLU G 22 -87.14 3.06 25.88
CA GLU G 22 -87.16 2.29 24.65
C GLU G 22 -86.79 3.15 23.45
N TYR G 23 -86.26 2.48 22.43
CA TYR G 23 -85.90 3.08 21.15
C TYR G 23 -86.51 2.19 20.08
N ALA G 24 -87.24 2.77 19.14
CA ALA G 24 -87.97 1.94 18.18
C ALA G 24 -87.03 1.37 17.11
N LEU G 25 -87.48 0.26 16.51
CA LEU G 25 -86.61 -0.54 15.66
C LEU G 25 -86.32 0.18 14.34
N TYR G 26 -87.34 0.72 13.73
CA TYR G 26 -87.50 1.33 12.43
C TYR G 26 -87.68 2.83 12.55
N PRO G 27 -87.24 3.62 11.56
CA PRO G 27 -87.52 5.06 11.60
C PRO G 27 -88.97 5.33 11.23
N ALA G 28 -89.65 6.12 12.04
CA ALA G 28 -91.05 6.36 11.75
C ALA G 28 -91.20 7.48 10.71
N GLY G 29 -92.40 7.57 10.13
CA GLY G 29 -92.67 8.54 9.10
C GLY G 29 -92.78 9.97 9.60
N ARG G 30 -92.99 10.15 10.90
CA ARG G 30 -92.94 11.48 11.50
C ARG G 30 -91.54 12.07 11.40
N HIS G 31 -90.51 11.23 11.59
CA HIS G 31 -89.12 11.70 11.44
C HIS G 31 -88.82 12.05 10.00
N LEU G 32 -89.36 11.18 9.08
CA LEU G 32 -89.18 11.43 7.63
C LEU G 32 -89.80 12.78 7.33
N ARG G 33 -91.02 12.97 7.69
CA ARG G 33 -91.71 14.24 7.49
C ARG G 33 -90.92 15.43 8.03
N GLY G 34 -90.44 15.34 9.27
CA GLY G 34 -89.76 16.48 9.88
C GLY G 34 -88.47 16.83 9.15
N ALA G 35 -87.72 15.80 8.74
CA ALA G 35 -86.52 15.99 7.93
C ALA G 35 -86.85 16.64 6.60
N ILE G 36 -87.87 16.15 5.90
CA ILE G 36 -88.22 16.67 4.59
C ILE G 36 -88.80 18.09 4.67
N GLY G 37 -89.58 18.39 5.71
CA GLY G 37 -90.09 19.73 5.88
C GLY G 37 -89.01 20.74 6.22
N TYR G 38 -88.03 20.33 7.05
CA TYR G 38 -86.80 21.10 7.22
C TYR G 38 -86.11 21.33 5.88
N ILE G 39 -86.07 20.31 5.05
CA ILE G 39 -85.31 20.35 3.82
C ILE G 39 -86.01 21.28 2.82
N ALA G 40 -87.34 21.27 2.84
CA ALA G 40 -88.14 22.13 1.98
C ALA G 40 -88.08 23.58 2.44
N PHE G 41 -87.87 23.67 3.85
CA PHE G 41 -87.66 25.03 4.41
C PHE G 41 -86.34 25.52 3.84
N ASN G 42 -85.28 24.72 3.95
CA ASN G 42 -83.93 25.15 3.50
C ASN G 42 -83.91 25.51 2.01
N LEU G 43 -84.92 25.05 1.26
CA LEU G 43 -84.94 25.32 -0.20
C LEU G 43 -86.14 26.21 -0.54
N ASP G 44 -86.82 26.74 0.49
CA ASP G 44 -87.99 27.62 0.28
C ASP G 44 -88.92 27.01 -0.77
N LEU G 45 -89.24 25.72 -0.62
CA LEU G 45 -90.22 25.08 -1.54
C LEU G 45 -91.61 25.58 -1.16
N PRO G 46 -92.56 25.70 -2.10
CA PRO G 46 -93.87 26.26 -1.78
C PRO G 46 -94.71 25.47 -0.79
N ILE G 47 -94.32 24.22 -0.48
CA ILE G 47 -95.19 23.38 0.39
C ILE G 47 -94.77 23.56 1.86
N SER G 48 -93.64 24.20 2.11
CA SER G 48 -93.14 24.31 3.52
C SER G 48 -94.31 24.56 4.48
N SER G 49 -95.01 25.69 4.32
CA SER G 49 -96.11 26.05 5.22
C SER G 49 -97.02 24.87 5.51
N LYS G 50 -97.20 23.97 4.54
CA LYS G 50 -98.06 22.81 4.75
C LYS G 50 -97.38 21.76 5.64
N PHE G 51 -96.06 21.56 5.48
CA PHE G 51 -95.37 20.68 6.44
C PHE G 51 -95.32 21.29 7.83
N LEU G 52 -95.36 22.62 7.92
CA LEU G 52 -95.51 23.26 9.22
C LEU G 52 -96.84 22.90 9.87
N ASP G 53 -97.90 22.76 9.08
CA ASP G 53 -99.19 22.33 9.58
C ASP G 53 -99.18 20.83 9.83
N PHE G 54 -99.68 20.42 10.99
CA PHE G 54 -99.69 19.00 11.35
C PHE G 54 -100.94 18.27 10.87
N ASP G 55 -101.82 18.94 10.12
CA ASP G 55 -103.11 18.38 9.75
C ASP G 55 -103.19 17.91 8.31
N PHE G 56 -102.45 18.58 7.44
CA PHE G 56 -102.45 18.26 5.99
C PHE G 56 -102.38 16.77 5.82
N ASP G 57 -103.23 16.24 4.99
CA ASP G 57 -103.29 14.82 4.71
C ASP G 57 -103.13 14.47 3.23
N ASP G 58 -102.90 15.47 2.37
CA ASP G 58 -102.77 15.29 0.92
C ASP G 58 -101.55 14.43 0.61
N ILE G 59 -100.39 14.84 1.13
CA ILE G 59 -99.19 14.02 1.06
C ILE G 59 -99.14 13.14 2.29
N ILE G 60 -99.10 11.83 2.09
CA ILE G 60 -99.02 10.92 3.23
C ILE G 60 -97.65 10.23 3.19
N PHE G 61 -96.81 10.68 4.11
CA PHE G 61 -95.52 10.07 4.43
C PHE G 61 -95.81 8.91 5.36
N ARG G 62 -95.78 7.70 4.79
CA ARG G 62 -96.04 6.49 5.60
C ARG G 62 -94.80 6.21 6.46
N ASP G 63 -94.80 5.08 7.15
CA ASP G 63 -93.68 4.75 8.02
C ASP G 63 -92.63 4.03 7.21
N LEU G 64 -91.37 4.28 7.54
CA LEU G 64 -90.31 3.50 6.92
C LEU G 64 -90.29 2.13 7.56
N LEU G 65 -90.62 1.11 6.75
CA LEU G 65 -90.67 -0.26 7.31
C LEU G 65 -89.48 -1.06 6.79
N PRO G 66 -88.78 -1.87 7.64
CA PRO G 66 -87.60 -2.57 7.18
C PRO G 66 -87.95 -3.51 6.07
N ILE G 67 -87.30 -3.36 4.92
CA ILE G 67 -87.54 -4.37 3.83
C ILE G 67 -86.76 -5.61 4.27
N SER G 68 -87.09 -6.79 3.71
CA SER G 68 -86.43 -8.03 4.19
C SER G 68 -85.63 -8.67 3.05
N LYS G 69 -84.95 -9.78 3.33
CA LYS G 69 -84.24 -10.48 2.24
C LYS G 69 -85.26 -10.77 1.13
N CYS G 70 -86.49 -11.11 1.52
CA CYS G 70 -87.55 -11.39 0.53
C CYS G 70 -87.57 -10.27 -0.49
N GLY G 71 -87.29 -9.05 -0.05
CA GLY G 71 -87.40 -7.89 -0.96
C GLY G 71 -88.73 -7.21 -0.70
N LYS G 72 -89.58 -7.85 0.09
CA LYS G 72 -90.91 -7.28 0.42
C LYS G 72 -90.76 -6.43 1.69
N ILE G 73 -91.88 -5.98 2.25
CA ILE G 73 -91.82 -5.09 3.45
C ILE G 73 -92.11 -5.92 4.71
N PHE G 74 -91.21 -5.92 5.69
CA PHE G 74 -91.49 -6.62 6.97
C PHE G 74 -92.80 -6.06 7.51
N TYR G 75 -93.59 -6.89 8.19
CA TYR G 75 -94.92 -6.45 8.70
C TYR G 75 -94.94 -6.61 10.20
N PRO G 76 -95.63 -5.73 10.95
CA PRO G 76 -95.58 -5.78 12.40
C PRO G 76 -96.30 -6.95 13.04
N GLU G 77 -95.90 -7.30 14.25
CA GLU G 77 -96.50 -8.46 14.96
C GLU G 77 -97.12 -7.96 16.28
N LYS G 78 -98.41 -8.28 16.50
CA LYS G 78 -99.13 -7.80 17.71
C LYS G 78 -98.43 -8.27 18.99
N ASN G 79 -98.48 -7.44 20.07
CA ASN G 79 -97.95 -7.89 21.38
C ASN G 79 -96.52 -8.41 21.21
N SER G 80 -95.61 -7.55 20.72
CA SER G 80 -94.19 -7.93 20.56
C SER G 80 -93.39 -6.69 20.20
N ASN G 81 -92.09 -6.83 19.98
CA ASN G 81 -91.27 -5.66 19.53
C ASN G 81 -90.44 -6.10 18.33
N SER G 82 -91.08 -6.62 17.29
CA SER G 82 -90.33 -7.13 16.12
C SER G 82 -91.25 -7.22 14.90
N LEU G 83 -90.68 -7.38 13.71
CA LEU G 83 -91.49 -7.46 12.47
C LEU G 83 -90.95 -8.63 11.64
N LYS G 84 -91.81 -9.43 11.00
CA LYS G 84 -91.33 -10.63 10.29
C LYS G 84 -91.98 -10.73 8.90
N CYS G 85 -91.18 -10.95 7.85
CA CYS G 85 -91.76 -10.98 6.49
C CYS G 85 -92.72 -12.15 6.41
N PRO G 86 -94.02 -11.92 6.22
CA PRO G 86 -94.97 -13.03 6.20
C PRO G 86 -94.44 -13.97 5.16
N SER G 87 -93.79 -13.41 4.14
CA SER G 87 -93.22 -14.25 3.06
C SER G 87 -92.06 -15.10 3.61
N CYS G 88 -91.25 -14.54 4.51
CA CYS G 88 -90.05 -15.28 4.96
C CYS G 88 -89.90 -15.20 6.49
N ASN G 89 -89.81 -16.34 7.17
CA ASN G 89 -89.58 -16.31 8.64
C ASN G 89 -88.45 -15.31 8.93
N ILE G 91 -86.98 -12.20 11.26
CA ILE G 91 -87.52 -11.27 12.25
C ILE G 91 -86.55 -10.10 12.39
N TYR G 92 -87.09 -8.89 12.39
CA TYR G 92 -86.33 -7.68 12.62
C TYR G 92 -86.71 -7.14 14.00
N GLY G 93 -85.76 -7.15 14.93
CA GLY G 93 -86.04 -6.55 16.22
C GLY G 93 -85.23 -7.07 17.38
N SER G 94 -84.87 -6.15 18.29
CA SER G 94 -84.08 -6.40 19.51
C SER G 94 -82.72 -7.04 19.24
N SER G 95 -82.22 -6.88 18.02
CA SER G 95 -80.86 -7.30 17.68
C SER G 95 -80.15 -6.30 16.79
N VAL G 96 -80.78 -5.17 16.46
CA VAL G 96 -80.13 -4.10 15.75
C VAL G 96 -79.99 -2.84 16.60
N LEU G 97 -80.68 -2.76 17.73
CA LEU G 97 -80.38 -1.73 18.72
C LEU G 97 -79.01 -2.01 19.33
N ARG G 98 -78.19 -0.98 19.42
CA ARG G 98 -76.83 -1.14 19.90
C ARG G 98 -76.59 -0.05 20.93
N ASN G 99 -76.08 -0.45 22.09
CA ASN G 99 -75.95 0.45 23.23
C ASN G 99 -74.67 1.27 23.08
N ILE G 100 -74.77 2.59 23.18
CA ILE G 100 -73.66 3.47 22.88
C ILE G 100 -73.39 4.38 24.07
N MET G 101 -72.17 4.32 24.61
CA MET G 101 -71.72 5.24 25.65
C MET G 101 -70.59 6.05 25.05
N ALA G 102 -70.79 7.35 24.92
CA ALA G 102 -69.89 8.24 24.19
C ALA G 102 -69.68 9.49 25.01
N ARG G 103 -68.50 9.61 25.63
CA ARG G 103 -68.05 10.77 26.39
C ARG G 103 -69.07 11.20 27.45
N GLY G 104 -69.53 10.22 28.21
CA GLY G 104 -70.62 10.46 29.13
C GLY G 104 -71.97 10.06 28.60
N LEU G 105 -72.31 10.54 27.40
CA LEU G 105 -73.65 10.40 26.84
C LEU G 105 -73.96 8.95 26.50
N SER G 106 -74.96 8.39 27.16
CA SER G 106 -75.37 7.01 26.89
C SER G 106 -76.74 7.01 26.23
N TYR G 107 -76.84 6.31 25.11
CA TYR G 107 -78.09 6.21 24.36
C TYR G 107 -78.08 4.86 23.63
N LYS G 108 -78.97 4.73 22.66
CA LYS G 108 -79.07 3.53 21.84
C LYS G 108 -79.21 3.94 20.39
N GLU G 109 -78.63 3.16 19.49
CA GLU G 109 -78.67 3.48 18.07
C GLU G 109 -78.89 2.22 17.24
N VAL G 110 -79.79 2.30 16.27
CA VAL G 110 -80.03 1.16 15.39
C VAL G 110 -78.95 1.11 14.33
N ILE G 111 -78.31 -0.06 14.20
CA ILE G 111 -77.19 -0.28 13.28
C ILE G 111 -77.54 -0.01 11.83
N GLU G 112 -76.52 0.35 11.06
CA GLU G 112 -76.64 0.83 9.70
C GLU G 112 -76.61 -0.35 8.73
N GLY G 113 -76.76 -0.04 7.44
CA GLY G 113 -76.66 -1.04 6.40
C GLY G 113 -77.95 -1.76 6.06
N LYS G 114 -78.94 -1.70 6.94
CA LYS G 114 -80.19 -2.36 6.62
C LYS G 114 -80.98 -1.46 5.66
N LYS G 115 -81.76 -2.10 4.79
CA LYS G 115 -82.53 -1.33 3.79
C LYS G 115 -83.96 -1.14 4.31
N TYR G 116 -84.50 0.07 4.16
CA TYR G 116 -85.88 0.36 4.64
C TYR G 116 -86.72 0.87 3.48
N ARG G 117 -88.04 0.81 3.65
CA ARG G 117 -88.99 1.25 2.60
C ARG G 117 -89.16 2.77 2.60
N LEU G 118 -89.23 3.39 1.42
CA LEU G 118 -89.49 4.85 1.34
C LEU G 118 -90.79 5.03 0.56
N SER G 119 -91.90 4.60 1.13
CA SER G 119 -93.17 4.66 0.38
C SER G 119 -94.03 5.85 0.83
N ILE G 120 -94.00 6.94 0.06
CA ILE G 120 -94.89 8.10 0.35
C ILE G 120 -96.05 8.03 -0.66
N ILE G 121 -97.12 8.78 -0.44
CA ILE G 121 -98.22 8.77 -1.44
C ILE G 121 -98.65 10.23 -1.67
N VAL G 122 -99.01 10.58 -2.91
CA VAL G 122 -99.32 11.97 -3.19
C VAL G 122 -100.66 12.01 -3.91
N LYS G 123 -101.68 12.59 -3.26
CA LYS G 123 -103.05 12.53 -3.75
C LYS G 123 -103.42 13.67 -4.68
N ASP G 124 -102.51 14.60 -4.99
CA ASP G 124 -102.83 15.75 -5.81
C ASP G 124 -101.67 16.01 -6.76
N GLU G 125 -101.95 16.79 -7.81
CA GLU G 125 -100.86 17.14 -8.75
C GLU G 125 -100.15 18.35 -8.17
N LYS G 126 -100.60 18.82 -7.01
CA LYS G 126 -99.98 20.08 -6.52
C LYS G 126 -98.52 19.82 -6.09
N TYR G 127 -98.10 18.56 -5.91
CA TYR G 127 -96.76 18.32 -5.32
C TYR G 127 -95.81 17.45 -6.15
N LEU G 128 -96.30 16.76 -7.16
CA LEU G 128 -95.41 15.86 -7.91
C LEU G 128 -94.08 16.53 -8.25
N ASN G 129 -94.12 17.79 -8.65
CA ASN G 129 -92.89 18.55 -8.88
C ASN G 129 -92.14 18.78 -7.57
N GLU G 130 -92.86 19.11 -6.50
CA GLU G 130 -92.26 19.33 -5.20
C GLU G 130 -91.63 18.06 -4.63
N MET G 131 -92.41 16.98 -4.55
CA MET G 131 -91.81 15.71 -4.08
C MET G 131 -90.60 15.41 -4.99
N GLU G 132 -90.82 15.48 -6.30
CA GLU G 132 -89.71 15.15 -7.23
C GLU G 132 -88.47 15.86 -6.71
N ALA G 133 -88.61 17.16 -6.43
CA ALA G 133 -87.48 17.95 -5.96
C ALA G 133 -86.92 17.41 -4.66
N ILE G 134 -87.79 16.99 -3.73
CA ILE G 134 -87.32 16.44 -2.45
C ILE G 134 -86.62 15.09 -2.62
N ILE G 135 -87.13 14.20 -3.50
CA ILE G 135 -86.45 12.93 -3.74
C ILE G 135 -85.13 13.16 -4.48
N ARG G 136 -85.10 14.13 -5.40
CA ARG G 136 -83.85 14.51 -6.08
C ARG G 136 -82.81 15.03 -5.08
N TYR G 137 -83.27 15.79 -4.09
CA TYR G 137 -82.37 16.29 -3.05
C TYR G 137 -81.88 15.14 -2.16
N ILE G 138 -82.76 14.19 -1.86
CA ILE G 138 -82.52 13.03 -1.02
C ILE G 138 -81.59 12.07 -1.77
N LEU G 139 -81.58 12.18 -3.10
CA LEU G 139 -80.76 11.36 -3.97
C LEU G 139 -79.33 11.87 -4.01
N SER G 140 -79.16 13.14 -4.38
CA SER G 140 -77.81 13.63 -4.59
C SER G 140 -77.06 13.82 -3.29
N TYR G 141 -77.73 14.26 -2.22
CA TYR G 141 -77.09 14.69 -0.98
C TYR G 141 -77.71 14.10 0.29
N GLY G 142 -78.54 13.06 0.18
CA GLY G 142 -78.99 12.31 1.34
C GLY G 142 -80.02 12.96 2.25
N ILE G 143 -80.59 12.19 3.18
CA ILE G 143 -81.54 12.68 4.17
C ILE G 143 -81.11 12.16 5.53
N TYR G 144 -81.57 12.83 6.60
CA TYR G 144 -81.18 12.49 7.96
C TYR G 144 -82.38 12.33 8.87
N LEU G 145 -82.39 11.24 9.64
CA LEU G 145 -83.48 10.93 10.55
C LEU G 145 -82.92 10.61 11.93
N GLY G 146 -83.62 11.09 12.96
CA GLY G 146 -83.27 10.76 14.33
C GLY G 146 -82.57 11.86 15.07
N ASN G 147 -81.89 11.47 16.15
CA ASN G 147 -81.04 12.40 16.87
C ASN G 147 -79.75 12.64 16.11
N LYS G 148 -79.01 13.65 16.58
CA LYS G 148 -77.63 13.97 16.16
C LYS G 148 -77.53 14.13 14.64
N VAL G 149 -78.51 14.86 14.09
CA VAL G 149 -78.55 15.15 12.65
C VAL G 149 -77.33 15.98 12.26
N SER G 150 -76.97 16.94 13.10
CA SER G 150 -75.80 17.76 12.81
C SER G 150 -74.50 17.06 13.17
N LYS G 151 -74.55 15.88 13.80
CA LYS G 151 -73.36 15.06 13.99
C LYS G 151 -73.28 13.90 13.00
N GLY G 152 -74.14 13.86 12.00
CA GLY G 152 -74.03 12.85 10.97
C GLY G 152 -74.75 11.55 11.25
N TYR G 153 -75.36 11.39 12.41
CA TYR G 153 -76.19 10.22 12.66
C TYR G 153 -77.49 10.29 11.88
N GLY G 154 -77.84 9.17 11.25
CA GLY G 154 -79.06 9.07 10.49
C GLY G 154 -78.92 9.23 8.99
N LYS G 155 -77.71 9.06 8.47
CA LYS G 155 -77.47 9.17 7.01
C LYS G 155 -78.37 8.15 6.31
N PHE G 156 -79.04 8.56 5.24
CA PHE G 156 -79.99 7.70 4.53
C PHE G 156 -80.00 8.16 3.08
N LYS G 157 -79.32 7.44 2.22
CA LYS G 157 -79.39 7.74 0.79
C LYS G 157 -80.38 6.79 0.14
N ILE G 158 -80.95 7.26 -0.98
CA ILE G 158 -81.84 6.42 -1.78
C ILE G 158 -81.06 5.26 -2.37
N LYS G 159 -81.77 4.16 -2.63
CA LYS G 159 -81.30 3.14 -3.52
C LYS G 159 -82.26 2.91 -4.68
N GLU G 160 -83.54 3.21 -4.49
CA GLU G 160 -84.48 3.12 -5.61
C GLU G 160 -85.58 4.16 -5.50
N TYR G 161 -86.00 4.66 -6.67
CA TYR G 161 -86.97 5.76 -6.82
C TYR G 161 -87.86 5.38 -7.99
N SER G 162 -89.10 4.97 -7.70
CA SER G 162 -90.09 4.66 -8.72
C SER G 162 -91.38 5.41 -8.42
N ILE G 163 -91.89 6.14 -9.41
CA ILE G 163 -93.16 6.85 -9.31
C ILE G 163 -94.22 5.89 -9.88
N VAL G 164 -94.84 5.12 -8.98
CA VAL G 164 -95.77 4.06 -9.35
C VAL G 164 -97.12 4.36 -8.70
N ASP G 165 -98.19 4.26 -9.48
CA ASP G 165 -99.55 4.63 -8.97
C ASP G 165 -99.91 3.84 -7.72
N ILE G 166 -100.83 4.38 -6.91
CA ILE G 166 -101.25 3.70 -5.66
C ILE G 166 -102.79 3.73 -5.58
N LEU G 167 -103.39 2.73 -4.93
CA LEU G 167 -104.86 2.65 -4.83
C LEU G 167 -105.26 2.28 -3.39
N PRO G 168 -106.39 2.78 -2.86
CA PRO G 168 -106.78 2.49 -1.48
C PRO G 168 -107.07 1.02 -1.25
N VAL G 169 -107.16 0.61 0.03
CA VAL G 169 -107.43 -0.82 0.38
C VAL G 169 -108.94 -1.08 0.28
N LYS G 170 -109.39 -1.73 -0.80
CA LYS G 170 -110.80 -2.06 -0.98
C LYS G 170 -111.21 -3.24 -0.10
N ASP G 171 -110.97 -3.08 1.20
CA ASP G 171 -111.28 -4.10 2.20
C ASP G 171 -111.57 -3.39 3.51
N SER G 172 -112.67 -3.75 4.16
CA SER G 172 -112.93 -3.26 5.51
C SER G 172 -112.22 -4.08 6.57
N GLU G 173 -111.54 -5.14 6.19
CA GLU G 173 -110.81 -6.01 7.10
C GLU G 173 -109.34 -5.63 6.99
N VAL G 174 -108.87 -4.70 7.82
CA VAL G 174 -107.55 -4.12 7.57
C VAL G 174 -106.68 -4.24 8.82
N LEU G 175 -105.40 -4.55 8.62
CA LEU G 175 -104.48 -4.70 9.73
C LEU G 175 -103.66 -3.41 9.90
N LEU G 176 -103.57 -2.91 11.14
CA LEU G 176 -102.87 -1.62 11.38
C LEU G 176 -101.37 -1.78 11.12
N LEU G 177 -100.85 -1.13 10.08
CA LEU G 177 -99.41 -1.22 9.75
C LEU G 177 -98.60 -0.43 10.78
N SER G 178 -99.12 0.61 11.31
CA SER G 178 -98.45 1.44 12.30
C SER G 178 -99.45 1.94 13.32
N ASP G 179 -98.95 2.74 14.27
CA ASP G 179 -99.70 3.12 15.46
C ASP G 179 -100.78 4.16 15.12
N ALA G 180 -102.04 3.71 15.12
CA ALA G 180 -103.15 4.59 14.84
C ALA G 180 -103.55 5.38 16.08
N ILE G 181 -104.24 6.50 15.85
CA ILE G 181 -104.70 7.38 16.92
C ILE G 181 -106.20 7.18 17.11
N ILE G 182 -106.60 6.80 18.33
CA ILE G 182 -107.99 6.68 18.71
C ILE G 182 -108.18 7.45 20.01
N ASP G 183 -109.42 7.88 20.25
CA ASP G 183 -109.72 8.71 21.42
C ASP G 183 -109.50 7.95 22.73
N ASN G 184 -109.93 6.69 22.79
CA ASN G 184 -109.76 5.86 23.98
C ASN G 184 -108.64 4.83 23.82
N GLY G 185 -107.58 5.17 23.09
CA GLY G 185 -106.53 4.21 22.81
C GLY G 185 -105.66 3.92 24.02
N GLU G 186 -104.92 2.80 23.93
CA GLU G 186 -104.12 2.33 25.06
C GLU G 186 -102.64 2.68 24.94
N LYS G 187 -102.09 2.70 23.73
CA LYS G 187 -100.71 3.06 23.49
C LYS G 187 -100.62 4.57 23.37
N ASP G 188 -99.91 5.22 24.30
CA ASP G 188 -99.68 6.65 24.18
C ASP G 188 -98.62 6.94 23.12
N ILE G 189 -99.02 7.59 22.04
CA ILE G 189 -98.14 7.96 20.95
C ILE G 189 -97.64 9.38 21.22
N VAL G 190 -96.33 9.53 21.34
CA VAL G 190 -95.72 10.81 21.66
C VAL G 190 -94.87 11.23 20.46
N PHE G 191 -95.04 12.47 20.02
CA PHE G 191 -94.22 13.04 18.97
C PHE G 191 -94.08 14.53 19.24
N SER G 192 -93.43 15.25 18.33
CA SER G 192 -93.16 16.66 18.58
C SER G 192 -93.32 17.46 17.31
N LYS G 193 -93.52 18.76 17.50
CA LYS G 193 -93.74 19.72 16.41
C LYS G 193 -92.92 20.98 16.71
N LYS G 194 -91.70 21.03 16.21
CA LYS G 194 -90.92 22.26 16.34
C LYS G 194 -91.42 23.32 15.36
N GLU G 195 -90.95 24.55 15.58
CA GLU G 195 -91.29 25.67 14.70
C GLU G 195 -90.00 26.50 14.52
N ILE G 196 -89.26 26.20 13.46
CA ILE G 196 -88.06 26.99 13.16
C ILE G 196 -88.47 28.38 12.70
N SER G 197 -87.57 29.34 12.95
CA SER G 197 -87.78 30.79 12.83
C SER G 197 -88.93 31.31 13.71
N SER G 198 -89.31 30.53 14.72
CA SER G 198 -90.23 30.97 15.76
C SER G 198 -89.81 30.52 17.15
N SER G 199 -88.86 29.59 17.26
CA SER G 199 -88.31 29.05 18.52
C SER G 199 -89.40 28.48 19.42
N LYS G 200 -90.22 27.61 18.85
CA LYS G 200 -91.34 26.98 19.55
C LYS G 200 -91.15 25.47 19.57
N PHE G 201 -91.31 24.86 20.73
CA PHE G 201 -91.22 23.42 20.89
C PHE G 201 -92.44 22.92 21.66
N GLU G 202 -92.95 21.77 21.23
CA GLU G 202 -94.11 21.15 21.93
C GLU G 202 -94.03 19.63 21.78
N ILE G 203 -94.44 18.88 22.81
CA ILE G 203 -94.45 17.39 22.72
C ILE G 203 -95.90 16.91 22.60
N ILE G 204 -96.29 16.47 21.41
CA ILE G 204 -97.71 16.03 21.17
C ILE G 204 -97.89 14.60 21.69
N ARG G 205 -98.55 14.44 22.85
CA ARG G 205 -98.82 13.09 23.41
C ARG G 205 -100.31 12.79 23.28
N LYS G 206 -100.69 11.79 22.48
CA LYS G 206 -102.08 11.43 22.25
C LYS G 206 -102.24 9.92 22.36
N ARG G 207 -103.36 9.49 22.93
CA ARG G 207 -103.62 8.07 23.06
C ARG G 207 -103.99 7.48 21.69
N GLY G 208 -103.78 6.18 21.56
CA GLY G 208 -104.13 5.53 20.29
C GLY G 208 -103.93 4.04 20.36
N LYS G 209 -104.11 3.41 19.20
CA LYS G 209 -104.00 1.97 19.06
C LYS G 209 -102.66 1.59 18.43
N ALA G 210 -102.14 0.43 18.86
CA ALA G 210 -100.83 -0.01 18.42
C ALA G 210 -100.91 -0.72 17.07
N LYS G 211 -99.74 -1.11 16.55
CA LYS G 211 -99.63 -1.72 15.23
C LYS G 211 -99.91 -3.21 15.31
N GLY G 212 -100.01 -3.85 14.14
CA GLY G 212 -100.16 -5.29 14.04
C GLY G 212 -101.45 -5.86 14.57
N ASP G 213 -102.53 -5.06 14.61
CA ASP G 213 -103.83 -5.53 15.08
C ASP G 213 -104.82 -5.43 13.94
N ILE G 214 -105.62 -6.48 13.76
CA ILE G 214 -106.64 -6.48 12.72
C ILE G 214 -107.83 -5.68 13.20
N ILE G 215 -108.32 -4.79 12.35
CA ILE G 215 -109.47 -3.95 12.63
C ILE G 215 -110.57 -4.29 11.63
N ARG G 216 -111.72 -4.71 12.15
CA ARG G 216 -112.94 -4.99 11.41
C ARG G 216 -113.82 -3.74 11.40
N ASP G 217 -113.48 -2.79 10.54
CA ASP G 217 -114.09 -1.48 10.61
C ASP G 217 -114.42 -1.05 9.19
N ASN G 218 -115.68 -0.70 8.94
CA ASN G 218 -116.18 -0.40 7.60
C ASN G 218 -115.82 1.02 7.13
N ASN G 219 -115.21 1.84 8.00
CA ASN G 219 -114.85 3.23 7.68
C ASN G 219 -113.89 3.30 6.48
N HIS G 220 -112.76 2.60 6.57
CA HIS G 220 -111.65 2.44 5.63
C HIS G 220 -110.79 3.69 5.42
N ASN G 221 -111.30 4.85 5.88
CA ASN G 221 -110.60 6.14 6.07
C ASN G 221 -109.70 6.53 4.89
N GLY G 222 -110.25 6.46 3.68
CA GLY G 222 -109.44 6.66 2.49
C GLY G 222 -108.44 5.54 2.29
N PHE G 223 -107.18 5.89 2.13
CA PHE G 223 -106.09 4.91 2.11
C PHE G 223 -105.38 4.98 3.46
N TYR G 224 -105.48 3.88 4.22
CA TYR G 224 -105.06 3.76 5.61
C TYR G 224 -105.69 4.87 6.45
N ILE G 225 -104.84 5.75 6.98
CA ILE G 225 -105.32 6.90 7.82
C ILE G 225 -106.18 6.33 8.96
N GLY G 226 -105.68 5.29 9.63
CA GLY G 226 -106.44 4.71 10.73
C GLY G 226 -107.77 4.11 10.34
N TYR G 228 -105.90 8.78 12.90
CA TYR G 228 -106.67 9.93 12.44
C TYR G 228 -105.78 11.16 12.26
N GLY G 229 -104.52 11.04 12.70
CA GLY G 229 -103.59 12.15 12.59
C GLY G 229 -103.08 12.38 11.18
N GLY G 230 -102.80 11.29 10.47
CA GLY G 230 -102.03 11.37 9.25
C GLY G 230 -100.60 11.78 9.59
N LEU G 231 -99.91 12.33 8.58
CA LEU G 231 -98.54 12.87 8.69
C LEU G 231 -97.57 11.85 9.30
N GLY G 232 -97.70 10.62 8.82
CA GLY G 232 -97.23 9.45 9.58
C GLY G 232 -98.39 8.79 10.33
N PHE G 233 -98.28 8.74 11.66
CA PHE G 233 -99.26 8.14 12.59
C PHE G 233 -99.63 6.73 12.13
N GLY G 234 -100.90 6.44 11.89
CA GLY G 234 -101.38 5.08 11.67
C GLY G 234 -101.50 4.72 10.19
N GLU G 235 -101.18 3.47 9.88
CA GLU G 235 -101.37 2.93 8.54
C GLU G 235 -102.16 1.64 8.61
N ILE G 236 -102.44 1.04 7.46
CA ILE G 236 -103.20 -0.21 7.39
C ILE G 236 -102.77 -0.96 6.13
N ILE G 237 -103.01 -2.27 6.14
CA ILE G 237 -102.66 -3.16 5.04
C ILE G 237 -103.82 -4.13 4.84
N SER G 238 -103.93 -4.65 3.63
CA SER G 238 -105.01 -5.56 3.25
C SER G 238 -104.74 -6.96 3.80
N LEU G 239 -105.62 -7.45 4.65
CA LEU G 239 -105.48 -8.78 5.22
C LEU G 239 -106.13 -9.84 4.34
N MET H 1 7.02 17.57 23.75
CA MET H 1 7.43 17.38 22.36
C MET H 1 8.89 17.01 22.24
N ILE H 2 9.78 17.97 22.53
CA ILE H 2 11.19 17.77 22.26
C ILE H 2 11.82 17.11 23.49
N LYS H 3 12.29 15.88 23.34
CA LYS H 3 13.05 15.23 24.39
C LYS H 3 14.54 15.50 24.18
N PHE H 4 15.27 15.66 25.28
CA PHE H 4 16.67 16.04 25.22
C PHE H 4 17.50 14.91 25.83
N ILE H 5 17.90 13.96 24.99
CA ILE H 5 18.76 12.88 25.45
C ILE H 5 20.17 13.39 25.72
N GLY H 6 20.68 14.29 24.89
CA GLY H 6 22.03 14.79 25.06
C GLY H 6 22.20 16.22 24.59
N SER H 14 25.48 15.12 21.50
CA SER H 14 24.27 15.85 21.14
C SER H 14 23.19 14.88 20.67
N ALA H 15 22.01 14.98 21.28
CA ALA H 15 20.90 14.09 20.91
C ALA H 15 19.58 14.79 21.25
N PHE H 16 18.85 15.19 20.22
CA PHE H 16 17.56 15.87 20.34
C PHE H 16 16.53 15.05 19.58
N LEU H 17 15.46 14.64 20.26
CA LEU H 17 14.38 13.87 19.65
C LEU H 17 13.14 14.76 19.59
N LEU H 18 12.46 14.77 18.44
CA LEU H 18 11.24 15.59 18.26
C LEU H 18 10.06 14.66 17.97
N GLU H 19 9.12 14.54 18.91
CA GLU H 19 7.96 13.63 18.73
C GLU H 19 6.84 14.41 18.05
N THR H 20 6.67 14.24 16.74
CA THR H 20 5.67 15.03 15.99
C THR H 20 4.31 14.38 16.09
N GLY H 21 4.09 13.49 17.07
CA GLY H 21 2.77 12.94 17.26
C GLY H 21 2.46 11.88 16.22
N ASN H 22 2.89 12.15 14.98
CA ASN H 22 2.73 11.19 13.90
C ASN H 22 4.00 10.39 13.66
N ALA H 23 5.16 10.98 13.96
CA ALA H 23 6.44 10.32 13.75
C ALA H 23 7.45 10.88 14.74
N LYS H 24 8.55 10.16 14.90
CA LYS H 24 9.63 10.57 15.77
C LYS H 24 10.84 10.93 14.92
N ILE H 25 11.33 12.15 15.08
CA ILE H 25 12.44 12.67 14.29
C ILE H 25 13.57 12.94 15.27
N LEU H 26 14.51 12.00 15.37
CA LEU H 26 15.74 12.30 16.08
C LEU H 26 16.60 13.17 15.19
N ILE H 27 17.33 14.12 15.79
CA ILE H 27 18.21 14.90 14.94
C ILE H 27 19.60 14.29 15.04
N ASP H 28 20.27 14.46 16.17
CA ASP H 28 21.66 14.01 16.26
C ASP H 28 21.77 12.79 17.16
N CYS H 29 22.77 11.97 16.91
CA CYS H 29 23.14 10.88 17.81
C CYS H 29 24.67 10.86 17.84
N GLY H 30 25.25 11.60 18.78
CA GLY H 30 26.69 11.77 18.86
C GLY H 30 27.33 10.94 19.97
N ILE H 31 28.64 11.12 20.10
CA ILE H 31 29.48 10.40 21.06
C ILE H 31 30.11 11.41 22.00
N GLU H 32 29.99 11.17 23.30
CA GLU H 32 30.62 12.00 24.30
C GLU H 32 32.14 11.81 24.28
N ASN H 41 29.86 3.48 31.63
CA ASN H 41 30.27 4.02 30.31
C ASN H 41 29.35 3.43 29.22
N ASN H 42 29.71 2.27 28.67
CA ASN H 42 28.90 1.70 27.55
C ASN H 42 27.43 1.68 27.94
N GLU H 43 27.13 1.27 29.18
CA GLU H 43 25.71 1.17 29.63
C GLU H 43 25.06 2.56 29.59
N ILE H 44 25.84 3.63 29.78
CA ILE H 44 25.29 5.02 29.68
C ILE H 44 24.92 5.28 28.21
N ILE H 45 25.81 4.94 27.28
CA ILE H 45 25.52 5.09 25.83
C ILE H 45 24.28 4.23 25.51
N GLU H 46 24.20 3.04 26.08
CA GLU H 46 23.05 2.13 25.83
C GLU H 46 21.77 2.74 26.41
N LYS H 47 21.87 3.43 27.54
CA LYS H 47 20.67 4.11 28.11
C LYS H 47 20.10 5.05 27.05
N LYS H 48 20.97 5.86 26.44
CA LYS H 48 20.52 6.80 25.37
C LYS H 48 19.89 5.99 24.23
N ILE H 49 20.60 4.98 23.72
CA ILE H 49 20.07 4.24 22.53
C ILE H 49 18.72 3.60 22.89
N ASN H 50 18.61 3.05 24.10
CA ASN H 50 17.34 2.41 24.55
C ASN H 50 16.24 3.47 24.65
N GLU H 51 16.59 4.67 25.16
CA GLU H 51 15.61 5.77 25.30
C GLU H 51 15.23 6.32 23.91
N ILE H 52 16.19 6.35 22.98
CA ILE H 52 15.92 6.93 21.62
C ILE H 52 14.60 6.32 21.11
N GLY H 53 14.40 5.02 21.36
CA GLY H 53 13.18 4.35 20.86
C GLY H 53 13.25 4.18 19.36
N LYS H 54 12.14 3.85 18.72
CA LYS H 54 12.14 3.75 17.26
C LYS H 54 11.96 5.14 16.69
N ALA H 55 12.96 5.61 15.93
CA ALA H 55 12.93 6.90 15.28
C ALA H 55 12.69 6.70 13.80
N ASP H 56 11.76 7.45 13.24
CA ASP H 56 11.54 7.35 11.79
C ASP H 56 12.71 7.94 11.03
N ILE H 57 13.36 8.96 11.58
CA ILE H 57 14.44 9.72 10.95
C ILE H 57 15.53 10.11 11.95
N CYS H 58 16.79 10.03 11.51
CA CYS H 58 17.91 10.74 12.13
C CYS H 58 18.48 11.76 11.13
N ILE H 59 18.49 13.05 11.49
CA ILE H 59 19.03 14.13 10.66
C ILE H 59 20.40 14.55 11.14
N LEU H 60 21.46 14.14 10.48
CA LEU H 60 22.80 14.44 11.01
C LEU H 60 23.14 15.88 10.61
N THR H 61 23.13 16.79 11.57
CA THR H 61 23.38 18.22 11.29
C THR H 61 24.69 18.38 10.60
N HIS H 62 25.71 17.67 11.07
CA HIS H 62 27.06 17.76 10.48
C HIS H 62 27.85 16.54 10.95
N ALA H 63 29.07 16.38 10.47
CA ALA H 63 29.82 15.15 10.81
C ALA H 63 31.08 15.50 11.60
N HIS H 64 31.04 15.42 12.89
CA HIS H 64 32.22 15.69 13.73
C HIS H 64 32.25 14.60 14.81
N LEU H 65 31.34 13.62 14.69
CA LEU H 65 31.32 12.46 15.63
C LEU H 65 30.81 12.98 16.99
N ASP H 66 30.25 14.18 17.01
CA ASP H 66 29.65 14.71 18.25
C ASP H 66 28.19 15.00 17.91
N HIS H 67 27.86 14.98 16.61
CA HIS H 67 26.46 15.18 16.16
C HIS H 67 26.16 13.91 15.37
N SER H 68 27.20 13.14 15.05
CA SER H 68 27.03 11.82 14.39
C SER H 68 27.86 10.83 15.21
N GLY H 69 27.96 9.56 14.80
CA GLY H 69 28.84 8.65 15.54
C GLY H 69 28.06 7.53 16.18
N LEU H 70 27.08 7.86 17.00
CA LEU H 70 26.21 6.80 17.56
C LEU H 70 25.03 6.60 16.60
N VAL H 71 25.25 6.82 15.30
CA VAL H 71 24.20 6.56 14.33
C VAL H 71 24.23 5.12 13.79
N PRO H 72 25.42 4.47 13.46
CA PRO H 72 25.41 3.02 13.16
C PRO H 72 24.77 2.12 14.21
N LEU H 73 24.91 2.49 15.49
CA LEU H 73 24.23 1.79 16.57
C LEU H 73 22.72 1.82 16.39
N LEU H 74 22.18 2.99 16.03
CA LEU H 74 20.77 3.11 15.68
C LEU H 74 20.42 2.29 14.46
N VAL H 75 21.37 2.06 13.55
CA VAL H 75 21.13 1.12 12.47
C VAL H 75 21.35 -0.32 12.95
N LYS H 76 22.26 -0.52 13.90
CA LYS H 76 22.55 -1.87 14.39
C LYS H 76 21.40 -2.42 15.20
N LYS H 77 20.89 -1.65 16.16
CA LYS H 77 19.76 -2.09 16.96
C LYS H 77 18.42 -1.79 16.30
N ARG H 78 18.45 -1.41 15.02
CA ARG H 78 17.19 -1.20 14.24
C ARG H 78 16.29 -0.17 14.93
N LYS H 79 16.76 1.06 15.06
CA LYS H 79 15.93 2.12 15.63
C LYS H 79 15.64 3.25 14.65
N VAL H 80 16.31 3.28 13.50
CA VAL H 80 16.15 4.35 12.52
C VAL H 80 15.75 3.73 11.19
N ASN H 81 14.67 4.25 10.60
CA ASN H 81 14.26 3.81 9.27
C ASN H 81 15.08 4.45 8.17
N LYS H 82 15.48 5.72 8.32
CA LYS H 82 16.10 6.47 7.25
C LYS H 82 16.87 7.66 7.81
N ILE H 83 18.06 7.91 7.27
CA ILE H 83 18.98 8.92 7.79
C ILE H 83 19.15 9.99 6.71
N ILE H 84 18.73 11.22 7.03
CA ILE H 84 18.72 12.31 6.05
C ILE H 84 19.88 13.25 6.37
N SER H 85 20.71 13.55 5.37
CA SER H 85 21.85 14.45 5.58
C SER H 85 22.17 15.21 4.30
N THR H 86 23.22 16.02 4.38
CA THR H 86 23.87 16.57 3.19
C THR H 86 24.75 15.49 2.56
N PRO H 87 24.87 15.49 1.21
CA PRO H 87 25.80 14.56 0.54
C PRO H 87 27.24 14.59 1.05
N ALA H 88 27.76 15.78 1.29
CA ALA H 88 29.12 15.89 1.80
C ALA H 88 29.20 15.48 3.27
N THR H 89 28.11 15.71 4.02
CA THR H 89 27.99 15.17 5.37
C THR H 89 28.00 13.64 5.34
N LYS H 90 27.35 13.05 4.33
CA LYS H 90 27.36 11.60 4.16
C LYS H 90 28.76 11.06 3.91
N GLU H 91 29.53 11.69 3.02
CA GLU H 91 30.85 11.16 2.70
C GLU H 91 31.86 11.42 3.82
N LEU H 92 31.75 12.58 4.48
CA LEU H 92 32.58 12.83 5.65
C LEU H 92 32.24 11.91 6.80
N CYS H 93 30.96 11.56 6.95
CA CYS H 93 30.55 10.56 7.93
C CYS H 93 31.12 9.18 7.59
N ARG H 94 31.21 8.86 6.30
CA ARG H 94 31.80 7.59 5.87
C ARG H 94 33.26 7.50 6.28
N LEU H 95 34.02 8.56 5.99
CA LEU H 95 35.44 8.61 6.37
C LEU H 95 35.62 8.54 7.88
N LEU H 96 34.77 9.27 8.62
CA LEU H 96 34.91 9.32 10.07
C LEU H 96 34.52 8.00 10.72
N PHE H 97 33.48 7.34 10.21
CA PHE H 97 33.05 6.06 10.77
C PHE H 97 34.11 4.97 10.56
N ASN H 98 34.68 4.91 9.34
CA ASN H 98 35.71 3.92 9.08
C ASN H 98 36.96 4.16 9.92
N ASP H 99 37.32 5.44 10.06
CA ASP H 99 38.58 5.78 10.77
C ASP H 99 38.39 5.52 12.26
N PHE H 100 37.21 5.85 12.77
CA PHE H 100 36.98 5.70 14.21
C PHE H 100 36.86 4.22 14.57
N GLN H 101 36.30 3.40 13.67
CA GLN H 101 36.31 1.95 13.88
C GLN H 101 37.72 1.39 13.82
N ARG H 102 38.59 1.96 12.99
CA ARG H 102 40.01 1.61 12.98
C ARG H 102 40.68 1.97 14.31
N ILE H 103 40.34 3.12 14.88
CA ILE H 103 40.90 3.53 16.17
C ILE H 103 40.39 2.62 17.29
N GLN H 104 39.09 2.32 17.28
CA GLN H 104 38.49 1.47 18.34
C GLN H 104 39.26 0.14 18.41
N GLU H 105 39.93 -0.24 17.32
CA GLU H 105 40.68 -1.52 17.28
C GLU H 105 42.13 -1.23 17.68
N GLU H 106 42.58 0.01 17.57
CA GLU H 106 43.95 0.40 18.00
C GLU H 106 44.04 0.21 19.52
N ASN H 107 43.03 0.69 20.25
CA ASN H 107 42.99 0.49 21.73
C ASN H 107 42.17 -0.77 22.00
N ASN H 108 41.88 -1.54 20.95
CA ASN H 108 41.13 -2.82 21.09
C ASN H 108 40.03 -2.63 22.15
N ASP H 109 39.22 -1.58 22.00
CA ASP H 109 38.08 -1.40 22.93
C ASP H 109 36.85 -2.09 22.34
N ILE H 110 36.34 -3.12 23.01
CA ILE H 110 35.07 -3.77 22.53
C ILE H 110 34.32 -2.71 21.73
N PRO H 111 34.31 -2.76 20.38
CA PRO H 111 33.75 -1.67 19.57
C PRO H 111 32.25 -1.50 19.80
N LEU H 112 31.78 -0.27 19.68
CA LEU H 112 30.33 0.02 19.85
C LEU H 112 29.60 -0.66 18.70
N TYR H 113 29.93 -0.30 17.47
CA TYR H 113 29.32 -0.91 16.29
C TYR H 113 30.40 -1.61 15.46
N SER H 114 29.97 -2.27 14.40
CA SER H 114 30.85 -2.99 13.49
C SER H 114 30.95 -2.24 12.17
N TYR H 115 31.78 -2.79 11.27
CA TYR H 115 31.80 -2.30 9.90
C TYR H 115 30.53 -2.64 9.16
N ASP H 116 29.90 -3.76 9.54
CA ASP H 116 28.61 -4.15 8.97
C ASP H 116 27.54 -3.11 9.29
N ASP H 117 27.57 -2.57 10.51
CA ASP H 117 26.66 -1.50 10.90
C ASP H 117 26.94 -0.22 10.13
N ILE H 118 28.21 0.05 9.82
CA ILE H 118 28.58 1.20 8.99
C ILE H 118 28.01 1.04 7.59
N GLU H 119 28.18 -0.14 6.99
CA GLU H 119 27.70 -0.36 5.63
C GLU H 119 26.17 -0.40 5.59
N SER H 120 25.53 -0.84 6.67
CA SER H 120 24.08 -0.77 6.78
C SER H 120 23.59 0.64 7.08
N SER H 121 24.44 1.53 7.58
CA SER H 121 24.01 2.89 7.86
C SER H 121 23.76 3.67 6.57
N PHE H 122 24.58 3.44 5.54
CA PHE H 122 24.37 4.08 4.25
C PHE H 122 23.38 3.34 3.39
N GLU H 123 22.88 2.20 3.87
CA GLU H 123 21.82 1.49 3.18
C GLU H 123 20.53 2.28 3.21
N ILE H 124 20.26 2.91 4.35
CA ILE H 124 19.05 3.68 4.61
C ILE H 124 19.32 5.18 4.59
N TRP H 125 20.53 5.58 4.19
CA TRP H 125 20.84 7.00 4.11
C TRP H 125 20.09 7.63 2.93
N ASP H 126 19.96 8.93 3.04
CA ASP H 126 19.25 9.75 2.03
C ASP H 126 19.93 11.10 2.09
N GLU H 127 20.05 11.78 0.96
CA GLU H 127 20.77 13.02 0.90
C GLU H 127 19.92 14.10 0.26
N ILE H 128 19.84 15.25 0.95
CA ILE H 128 19.15 16.44 0.47
C ILE H 128 20.10 17.59 0.78
N ASP H 129 20.20 18.55 -0.15
CA ASP H 129 21.35 19.46 -0.03
C ASP H 129 21.13 20.68 0.86
N ASP H 130 20.40 21.68 0.35
CA ASP H 130 19.93 22.83 1.10
C ASP H 130 18.81 23.50 0.31
N ARG H 131 18.02 24.32 1.01
CA ARG H 131 16.83 25.01 0.49
C ARG H 131 15.83 24.08 -0.20
N ASN H 132 15.81 22.82 0.17
CA ASN H 132 14.98 21.81 -0.47
C ASN H 132 14.11 21.16 0.59
N THR H 133 12.81 21.34 0.48
CA THR H 133 11.86 20.88 1.49
C THR H 133 11.42 19.46 1.15
N ILE H 134 11.78 18.58 2.08
CA ILE H 134 11.41 17.14 2.00
C ILE H 134 10.25 16.93 2.98
N GLU H 135 9.13 16.43 2.48
CA GLU H 135 7.97 16.19 3.36
C GLU H 135 8.02 14.74 3.85
N LEU H 136 8.28 14.55 5.14
CA LEU H 136 8.29 13.19 5.71
C LEU H 136 7.34 13.12 6.92
N PHE H 137 6.41 12.17 6.91
CA PHE H 137 5.47 11.96 8.05
C PHE H 137 4.88 13.28 8.53
N ASP H 138 4.22 14.04 7.66
CA ASP H 138 3.50 15.30 8.07
C ASP H 138 4.48 16.38 8.52
N THR H 139 5.78 16.15 8.41
CA THR H 139 6.73 17.19 8.77
C THR H 139 7.49 17.67 7.55
N LYS H 140 7.55 18.98 7.34
CA LYS H 140 8.37 19.54 6.24
C LYS H 140 9.76 19.86 6.78
N ILE H 141 10.79 19.20 6.25
CA ILE H 141 12.18 19.36 6.69
C ILE H 141 12.95 20.11 5.61
N THR H 142 13.71 21.14 6.02
CA THR H 142 14.54 21.93 5.12
C THR H 142 15.91 22.12 5.75
N PHE H 143 16.95 22.16 4.93
CA PHE H 143 18.33 22.31 5.40
C PHE H 143 18.86 23.69 5.06
N TYR H 144 19.63 24.29 5.97
CA TYR H 144 20.27 25.56 5.69
C TYR H 144 21.72 25.46 6.16
N ASN H 145 22.58 26.33 5.64
CA ASN H 145 24.00 26.27 5.99
C ASN H 145 24.26 27.06 7.27
N ASN H 146 25.19 26.56 8.10
CA ASN H 146 25.62 27.31 9.28
C ASN H 146 27.13 27.46 9.37
N SER H 147 27.88 27.13 8.32
CA SER H 147 29.28 27.54 8.12
C SER H 147 30.22 26.94 9.16
N HIS H 148 29.97 25.71 9.58
CA HIS H 148 30.87 25.02 10.50
C HIS H 148 31.84 24.14 9.74
N ILE H 149 31.30 23.18 8.98
CA ILE H 149 32.08 22.35 8.06
C ILE H 149 31.28 22.30 6.76
N ILE H 150 31.67 21.37 5.89
CA ILE H 150 31.28 21.40 4.48
C ILE H 150 29.77 21.22 4.33
N GLY H 151 29.22 20.23 5.01
CA GLY H 151 27.80 20.00 4.98
C GLY H 151 27.12 20.35 6.28
N SER H 152 27.58 21.45 6.87
CA SER H 152 26.95 21.91 8.12
C SER H 152 25.52 22.29 7.77
N VAL H 153 24.60 21.92 8.64
CA VAL H 153 23.18 22.15 8.37
C VAL H 153 22.45 22.51 9.65
N SER H 154 21.73 23.63 9.59
CA SER H 154 20.66 23.97 10.52
C SER H 154 19.38 23.40 9.95
N VAL H 155 18.68 22.63 10.76
CA VAL H 155 17.51 21.87 10.34
C VAL H 155 16.26 22.61 10.73
N PHE H 156 15.34 22.79 9.78
CA PHE H 156 14.05 23.41 10.03
C PHE H 156 12.96 22.38 9.77
N ILE H 157 12.33 21.89 10.85
CA ILE H 157 11.19 20.99 10.72
C ILE H 157 9.93 21.77 11.11
N GLU H 158 9.04 21.92 10.14
CA GLU H 158 7.71 22.48 10.38
C GLU H 158 6.74 21.32 10.59
N THR H 159 6.18 21.24 11.80
CA THR H 159 5.14 20.29 12.15
C THR H 159 3.86 21.06 12.43
N HIS H 160 2.75 20.30 12.50
CA HIS H 160 1.45 20.91 12.77
C HIS H 160 1.31 21.44 14.18
N ASN H 161 2.23 21.10 15.08
CA ASN H 161 2.30 21.70 16.41
C ASN H 161 3.47 22.66 16.54
N GLY H 162 4.01 23.15 15.44
CA GLY H 162 5.04 24.19 15.53
C GLY H 162 6.24 24.02 14.64
N ASN H 163 7.01 25.08 14.45
CA ASN H 163 8.19 25.06 13.62
C ASN H 163 9.44 25.12 14.48
N TYR H 164 10.38 24.21 14.24
CA TYR H 164 11.53 24.02 15.10
C TYR H 164 12.80 24.15 14.28
N LEU H 165 13.81 24.82 14.86
CA LEU H 165 15.07 25.08 14.18
C LEU H 165 16.22 24.62 15.06
N PHE H 166 17.00 23.67 14.56
CA PHE H 166 18.18 23.19 15.32
C PHE H 166 19.35 23.87 14.65
N SER H 167 19.88 24.89 15.31
CA SER H 167 20.93 25.74 14.69
C SER H 167 22.08 24.90 14.15
N GLY H 168 22.59 23.98 14.94
CA GLY H 168 23.78 23.26 14.49
C GLY H 168 24.96 24.09 14.93
N ASP H 169 26.18 23.63 14.74
CA ASP H 169 27.31 24.44 15.28
C ASP H 169 27.47 25.66 14.37
N ILE H 170 26.59 26.64 14.52
CA ILE H 170 26.70 27.88 13.72
C ILE H 170 28.20 28.21 13.67
N GLY H 171 28.72 28.54 12.50
CA GLY H 171 30.17 28.75 12.35
C GLY H 171 30.61 30.14 12.77
N SER H 172 31.52 30.76 12.01
CA SER H 172 32.09 32.04 12.47
C SER H 172 32.43 33.01 11.33
N LYS H 173 32.77 34.25 11.67
CA LYS H 173 33.24 35.15 10.63
C LYS H 173 34.67 34.81 10.20
N LEU H 174 35.33 34.00 11.02
CA LEU H 174 36.71 33.62 10.68
C LEU H 174 36.70 32.65 9.49
N GLN H 175 35.65 31.85 9.34
CA GLN H 175 35.65 30.81 8.27
C GLN H 175 36.11 31.44 6.96
N GLN H 176 37.13 30.85 6.35
CA GLN H 176 37.58 31.37 5.03
C GLN H 176 37.14 30.36 3.96
N LEU H 177 36.53 29.25 4.37
CA LEU H 177 36.10 28.21 3.40
C LEU H 177 34.58 28.32 3.15
N MET H 178 33.83 28.85 4.18
CA MET H 178 32.35 28.86 4.05
C MET H 178 31.80 30.30 4.01
N ASP H 179 30.48 30.47 3.88
CA ASP H 179 29.87 31.82 4.04
C ASP H 179 30.01 32.24 5.50
N TYR H 180 29.84 33.52 5.79
CA TYR H 180 29.95 34.04 7.17
C TYR H 180 28.57 34.28 7.73
N PRO H 181 27.51 34.55 6.93
CA PRO H 181 26.17 34.63 7.47
C PRO H 181 25.53 33.29 7.31
N PRO H 182 25.45 32.45 8.35
CA PRO H 182 24.73 31.19 8.25
C PRO H 182 23.32 31.47 7.78
N ASP H 183 22.80 30.69 6.83
CA ASP H 183 21.46 30.97 6.24
C ASP H 183 20.35 30.55 7.20
N MET H 184 19.17 31.16 7.07
CA MET H 184 18.09 30.91 8.05
C MET H 184 16.73 30.76 7.37
N PRO H 185 15.83 29.91 7.89
CA PRO H 185 14.47 29.82 7.36
C PRO H 185 13.86 31.20 7.18
N ASP H 186 13.27 31.43 6.01
CA ASP H 186 12.63 32.70 5.73
C ASP H 186 11.22 32.79 6.29
N GLY H 187 10.71 31.74 6.90
CA GLY H 187 9.40 31.71 7.49
C GLY H 187 9.41 32.01 8.98
N ASN H 188 8.48 31.40 9.70
CA ASN H 188 8.27 31.65 11.11
C ASN H 188 8.97 30.54 11.89
N VAL H 189 9.84 30.91 12.81
CA VAL H 189 10.52 29.96 13.67
C VAL H 189 9.90 30.08 15.05
N ASP H 190 9.20 29.03 15.49
CA ASP H 190 8.57 29.07 16.79
C ASP H 190 9.59 28.77 17.90
N TYR H 191 10.22 27.60 17.82
CA TYR H 191 11.22 27.18 18.79
C TYR H 191 12.55 27.09 18.08
N LEU H 192 13.63 27.56 18.73
CA LEU H 192 15.02 27.43 18.21
C LEU H 192 15.80 26.59 19.23
N ILE H 193 16.73 25.75 18.77
CA ILE H 193 17.61 24.97 19.69
C ILE H 193 19.05 25.37 19.35
N LEU H 194 19.42 26.61 19.65
CA LEU H 194 20.79 27.11 19.35
C LEU H 194 21.77 26.40 20.27
N GLU H 195 23.07 26.60 20.06
CA GLU H 195 24.08 25.87 20.85
C GLU H 195 25.22 26.81 21.23
N SER H 196 25.59 26.84 22.52
CA SER H 196 26.59 27.84 22.92
C SER H 196 27.87 27.12 23.37
N THR H 197 28.61 26.61 22.39
CA THR H 197 29.98 26.18 22.67
C THR H 197 30.85 27.38 23.04
N TYR H 198 30.64 28.50 22.35
CA TYR H 198 31.26 29.81 22.60
C TYR H 198 32.78 29.80 22.56
N SER H 206 41.07 38.14 13.24
CA SER H 206 41.87 37.70 12.08
C SER H 206 43.36 37.64 12.44
N ASP H 207 43.71 36.90 13.49
CA ASP H 207 45.13 36.72 13.89
C ASP H 207 45.83 35.81 12.87
N ARG H 208 45.08 35.30 11.89
CA ARG H 208 45.68 34.45 10.84
C ARG H 208 46.93 35.11 10.26
N ASP H 209 46.84 36.40 9.91
CA ASP H 209 47.98 37.05 9.27
C ASP H 209 49.27 36.80 10.04
N ARG H 210 49.17 36.73 11.38
CA ARG H 210 50.29 36.39 12.23
C ARG H 210 50.95 35.09 11.80
N LEU H 211 50.14 34.06 11.52
CA LEU H 211 50.69 32.78 11.04
C LEU H 211 51.41 32.98 9.72
N LEU H 212 50.77 33.75 8.81
CA LEU H 212 51.37 34.05 7.51
C LEU H 212 52.60 34.93 7.66
N GLU H 213 52.73 35.66 8.77
CA GLU H 213 53.99 36.27 9.10
C GLU H 213 55.01 35.23 9.53
N ILE H 214 54.70 34.48 10.60
CA ILE H 214 55.76 33.76 11.30
C ILE H 214 56.19 32.51 10.54
N ALA H 215 55.28 31.88 9.79
CA ALA H 215 55.69 30.79 8.92
C ALA H 215 56.55 31.30 7.78
N LYS H 216 56.32 32.56 7.35
CA LYS H 216 57.24 33.17 6.41
C LYS H 216 58.55 33.54 7.08
N THR H 217 58.55 33.75 8.39
CA THR H 217 59.80 34.07 9.08
C THR H 217 60.66 32.82 9.24
N THR H 218 60.06 31.76 9.77
CA THR H 218 60.78 30.56 10.21
C THR H 218 61.45 29.82 9.08
N CYS H 219 60.73 29.61 7.97
CA CYS H 219 61.35 29.00 6.79
C CYS H 219 62.35 29.95 6.13
N GLU H 220 62.27 31.23 6.50
CA GLU H 220 63.32 32.17 6.04
C GLU H 220 64.49 31.93 6.99
N ASN H 221 64.18 31.59 8.26
CA ASN H 221 65.25 31.27 9.24
C ASN H 221 65.87 29.92 8.85
N GLY H 222 65.25 29.22 7.89
CA GLY H 222 65.79 27.92 7.42
C GLY H 222 65.19 26.77 8.20
N GLY H 223 64.53 27.05 9.33
CA GLY H 223 63.88 25.99 10.13
C GLY H 223 62.54 25.60 9.53
N LYS H 224 61.99 24.47 9.95
CA LYS H 224 60.70 23.98 9.41
C LYS H 224 59.54 24.59 10.23
N VAL H 225 58.30 24.42 9.76
CA VAL H 225 57.13 24.91 10.56
C VAL H 225 56.23 23.70 10.84
N LEU H 226 55.61 23.65 12.02
CA LEU H 226 54.66 22.55 12.33
C LEU H 226 53.31 23.16 12.71
N ILE H 227 52.21 22.67 12.13
CA ILE H 227 50.86 23.24 12.39
C ILE H 227 49.91 22.10 12.80
N PRO H 228 49.96 21.52 14.02
CA PRO H 228 49.03 20.43 14.36
C PRO H 228 47.57 20.87 14.31
N SER H 229 46.78 20.24 13.43
CA SER H 229 45.35 20.62 13.26
C SER H 229 44.48 19.38 13.01
N PHE H 230 43.20 19.44 13.38
CA PHE H 230 42.27 18.29 13.18
C PHE H 230 42.03 18.14 11.68
N ALA H 231 41.82 16.89 11.23
CA ALA H 231 41.69 16.65 9.77
C ALA H 231 40.36 17.15 9.23
N ILE H 232 39.29 17.08 10.04
CA ILE H 232 37.95 17.45 9.50
C ILE H 232 37.63 18.93 9.78
N GLY H 233 37.57 19.75 8.74
CA GLY H 233 37.17 21.17 8.91
C GLY H 233 38.06 21.98 9.81
N ARG H 234 39.38 21.90 9.63
CA ARG H 234 40.30 22.75 10.41
C ARG H 234 41.62 22.83 9.64
N LEU H 235 42.07 21.70 9.12
CA LEU H 235 43.34 21.63 8.36
C LEU H 235 43.18 22.39 7.03
N GLN H 236 42.00 22.33 6.42
CA GLN H 236 41.78 22.99 5.13
C GLN H 236 41.66 24.50 5.26
N GLU H 237 41.23 24.97 6.43
CA GLU H 237 41.18 26.44 6.62
C GLU H 237 42.62 26.87 6.88
N VAL H 238 43.42 26.00 7.49
CA VAL H 238 44.86 26.33 7.71
C VAL H 238 45.54 26.21 6.35
N LEU H 239 45.05 25.31 5.50
CA LEU H 239 45.60 25.19 4.14
C LEU H 239 45.12 26.36 3.30
N TYR H 240 43.85 26.73 3.41
CA TYR H 240 43.33 27.79 2.50
C TYR H 240 44.16 29.03 2.75
N THR H 241 44.36 29.37 4.01
CA THR H 241 45.07 30.62 4.31
C THR H 241 46.44 30.53 3.71
N PHE H 242 47.04 29.35 3.78
CA PHE H 242 48.43 29.20 3.28
C PHE H 242 48.44 29.11 1.77
N SER H 243 47.28 29.27 1.11
CA SER H 243 47.23 29.06 -0.36
C SER H 243 46.79 30.33 -1.07
N ASN H 244 45.69 30.94 -0.63
CA ASN H 244 45.27 32.24 -1.22
C ASN H 244 46.42 33.23 -1.02
N TYR H 245 47.25 33.00 0.00
CA TYR H 245 48.42 33.86 0.24
C TYR H 245 49.64 33.18 -0.34
N ASN H 246 50.73 33.94 -0.52
CA ASN H 246 51.91 33.34 -1.20
C ASN H 246 52.96 32.96 -0.15
N PHE H 247 53.36 31.69 -0.16
CA PHE H 247 54.44 31.23 0.75
C PHE H 247 55.42 30.51 -0.14
N ASN H 248 56.44 31.23 -0.61
CA ASN H 248 57.39 30.63 -1.57
C ASN H 248 58.02 29.35 -1.07
N PHE H 249 58.09 29.17 0.24
CA PHE H 249 58.62 27.95 0.84
C PHE H 249 57.61 26.80 0.65
N PRO H 250 58.04 25.53 0.68
CA PRO H 250 57.11 24.44 0.35
C PRO H 250 56.16 24.07 1.48
N VAL H 251 55.04 23.46 1.09
CA VAL H 251 53.94 23.07 1.97
C VAL H 251 53.65 21.58 1.73
N TYR H 252 53.31 20.86 2.81
CA TYR H 252 53.00 19.44 2.74
C TYR H 252 51.84 19.14 3.69
N ILE H 253 51.17 18.01 3.45
CA ILE H 253 50.11 17.49 4.33
C ILE H 253 50.51 16.08 4.74
N ASP H 254 50.99 15.90 5.96
CA ASP H 254 51.23 14.55 6.48
C ASP H 254 50.09 14.10 7.38
N SER H 255 48.92 13.89 6.78
CA SER H 255 47.74 13.49 7.53
C SER H 255 47.02 12.37 6.79
N PRO H 256 46.74 11.24 7.45
CA PRO H 256 46.03 10.14 6.78
C PRO H 256 44.55 10.28 6.38
N MET H 257 43.61 10.70 7.23
CA MET H 257 42.31 11.11 6.71
C MET H 257 42.40 12.47 6.04
N GLY H 258 43.42 13.27 6.44
CA GLY H 258 43.52 14.66 6.02
C GLY H 258 43.65 14.86 4.52
N SER H 259 44.45 14.02 3.86
CA SER H 259 44.55 14.08 2.41
C SER H 259 43.23 13.68 1.75
N LYS H 260 42.55 12.68 2.30
CA LYS H 260 41.28 12.23 1.71
C LYS H 260 40.18 13.26 1.89
N VAL H 261 40.15 13.96 3.02
CA VAL H 261 39.14 15.00 3.19
C VAL H 261 39.52 16.24 2.39
N THR H 262 40.82 16.47 2.13
CA THR H 262 41.21 17.54 1.20
C THR H 262 40.72 17.24 -0.22
N ASN H 263 40.82 15.98 -0.65
CA ASN H 263 40.18 15.59 -1.91
C ASN H 263 38.66 15.65 -1.83
N LEU H 264 38.08 15.47 -0.64
CA LEU H 264 36.64 15.67 -0.48
C LEU H 264 36.25 17.15 -0.61
N ILE H 265 37.12 18.07 -0.17
CA ILE H 265 36.92 19.49 -0.42
C ILE H 265 36.95 19.76 -1.93
N LYS H 266 37.93 19.17 -2.61
CA LYS H 266 38.07 19.40 -4.05
C LYS H 266 36.95 18.74 -4.85
N GLU H 267 36.33 17.70 -4.33
CA GLU H 267 35.11 17.17 -4.96
C GLU H 267 33.91 18.05 -4.65
N TYR H 268 33.60 18.22 -3.36
CA TYR H 268 32.43 18.96 -2.92
C TYR H 268 32.73 20.43 -2.66
N ASN H 269 33.45 21.06 -3.60
CA ASN H 269 33.63 22.50 -3.59
C ASN H 269 32.39 23.27 -4.00
N ILE H 270 31.41 22.60 -4.62
CA ILE H 270 30.19 23.29 -5.03
C ILE H 270 29.32 23.60 -3.82
N TYR H 271 29.54 22.94 -2.68
CA TYR H 271 28.76 23.22 -1.50
C TYR H 271 29.42 24.29 -0.63
N LEU H 272 30.50 24.89 -1.13
CA LEU H 272 31.22 25.96 -0.46
C LEU H 272 30.69 27.34 -0.79
N LYS H 273 31.51 28.34 -0.48
CA LYS H 273 31.25 29.74 -0.72
C LYS H 273 31.05 30.01 -2.21
N LYS H 274 30.21 30.99 -2.51
CA LYS H 274 29.91 31.29 -3.94
C LYS H 274 31.18 31.79 -4.62
N LYS H 275 32.05 32.49 -3.88
CA LYS H 275 33.32 32.91 -4.47
C LYS H 275 34.14 31.71 -4.96
N LEU H 276 34.04 30.57 -4.27
CA LEU H 276 34.80 29.36 -4.60
C LEU H 276 33.95 28.30 -5.29
N ARG H 277 32.99 28.72 -6.12
CA ARG H 277 32.25 27.77 -6.94
C ARG H 277 33.17 27.11 -7.98
N ARG H 278 34.01 27.93 -8.62
CA ARG H 278 34.90 27.44 -9.66
C ARG H 278 36.31 27.24 -9.10
N ASP H 284 40.91 24.13 -9.07
CA ASP H 284 42.27 24.47 -8.57
C ASP H 284 42.15 25.02 -7.14
N LEU H 285 41.22 24.47 -6.36
CA LEU H 285 41.05 24.91 -4.94
C LEU H 285 42.35 24.61 -4.18
N PHE H 286 42.73 25.46 -3.23
CA PHE H 286 44.00 25.26 -2.49
C PHE H 286 45.14 25.31 -3.49
N ASN H 287 44.89 25.88 -4.67
CA ASN H 287 45.93 25.90 -5.74
C ASN H 287 46.52 24.50 -5.85
N ASN H 288 47.85 24.40 -5.88
CA ASN H 288 48.52 23.07 -5.92
C ASN H 288 49.64 23.09 -4.88
N LYS H 289 49.65 24.12 -4.03
CA LYS H 289 50.76 24.27 -3.06
C LYS H 289 50.89 22.99 -2.24
N TYR H 290 49.79 22.46 -1.73
CA TYR H 290 49.90 21.28 -0.81
C TYR H 290 50.45 20.09 -1.57
N ILE H 291 51.41 19.38 -0.97
CA ILE H 291 51.91 18.11 -1.57
C ILE H 291 51.32 17.01 -0.70
N ALA H 292 50.59 16.06 -1.27
CA ALA H 292 49.95 15.12 -0.34
C ALA H 292 50.96 14.03 -0.02
N ILE H 293 51.31 13.91 1.26
CA ILE H 293 52.24 12.88 1.70
C ILE H 293 51.49 11.55 1.78
N ASN H 294 51.63 10.72 0.74
CA ASN H 294 50.77 9.57 0.58
C ASN H 294 51.18 8.40 1.47
N THR H 295 52.47 8.19 1.69
CA THR H 295 52.99 6.99 2.33
C THR H 295 53.70 7.32 3.64
N SER H 296 53.82 6.30 4.50
CA SER H 296 54.52 6.45 5.76
C SER H 296 56.03 6.57 5.56
N ASN H 297 56.55 5.94 4.49
CA ASN H 297 57.95 6.13 4.11
C ASN H 297 58.22 7.58 3.78
N GLN H 298 57.31 8.21 3.03
CA GLN H 298 57.40 9.65 2.76
C GLN H 298 57.27 10.47 4.03
N SER H 299 56.48 9.99 4.99
CA SER H 299 56.35 10.68 6.29
C SER H 299 57.68 10.70 7.04
N LYS H 300 58.37 9.56 7.11
CA LYS H 300 59.64 9.49 7.81
C LYS H 300 60.74 10.28 7.11
N GLU H 301 60.80 10.18 5.78
CA GLU H 301 61.81 10.94 5.04
C GLU H 301 61.53 12.44 5.06
N LEU H 302 60.25 12.84 5.09
CA LEU H 302 59.87 14.24 5.29
C LEU H 302 60.28 14.72 6.67
N SER H 303 60.14 13.87 7.69
CA SER H 303 60.62 14.24 9.03
C SER H 303 62.15 14.28 9.10
N ASN H 304 62.85 13.62 8.19
CA ASN H 304 64.29 13.79 8.10
C ASN H 304 64.72 14.90 7.15
N SER H 305 63.78 15.64 6.56
CA SER H 305 64.15 16.68 5.62
C SER H 305 64.67 17.92 6.36
N LYS H 306 65.21 18.86 5.58
CA LYS H 306 65.85 20.07 6.10
C LYS H 306 65.07 21.34 5.76
N GLU H 307 64.54 21.31 4.45
CA GLU H 307 63.83 22.49 3.91
C GLU H 307 63.12 23.26 5.05
N VAL H 310 56.14 23.32 5.05
CA VAL H 310 55.20 23.32 6.16
C VAL H 310 54.44 22.00 6.18
N ILE H 311 54.33 21.41 7.37
CA ILE H 311 53.79 20.08 7.58
C ILE H 311 52.57 20.20 8.46
N ILE H 312 51.40 19.82 7.95
CA ILE H 312 50.15 19.88 8.69
C ILE H 312 49.75 18.44 8.97
N SER H 313 49.44 18.16 10.24
CA SER H 313 49.40 16.78 10.72
C SER H 313 48.62 16.75 12.02
N ALA H 314 48.62 15.58 12.67
CA ALA H 314 48.28 15.36 14.07
C ALA H 314 46.82 15.59 14.43
N SER H 315 46.42 15.19 15.62
CA SER H 315 45.14 15.58 16.20
C SER H 315 45.35 16.05 17.63
N GLY H 316 45.24 17.36 17.84
CA GLY H 316 45.53 17.99 19.12
C GLY H 316 46.92 17.75 19.68
N MET H 317 47.90 17.55 18.78
CA MET H 317 49.31 17.24 19.12
C MET H 317 49.43 16.05 20.06
N LEU H 318 48.64 15.01 19.79
CA LEU H 318 48.68 13.80 20.60
C LEU H 318 49.81 12.88 20.17
N ARG H 322 53.11 9.11 12.72
CA ARG H 322 53.45 10.20 11.81
C ARG H 322 53.79 11.48 12.57
N ILE H 323 52.89 11.89 13.47
CA ILE H 323 53.05 13.13 14.23
C ILE H 323 54.23 13.06 15.20
N LEU H 324 54.57 11.84 15.66
CA LEU H 324 55.61 11.72 16.68
C LEU H 324 57.00 12.01 16.12
N ASN H 325 57.31 11.50 14.92
CA ASN H 325 58.59 11.80 14.28
C ASN H 325 58.69 13.27 13.92
N HIS H 326 57.60 13.82 13.41
CA HIS H 326 57.58 15.25 13.04
C HIS H 326 57.83 16.05 14.32
N LEU H 327 57.28 15.59 15.44
CA LEU H 327 57.45 16.31 16.73
C LEU H 327 58.95 16.34 17.06
N GLU H 328 59.67 15.24 16.84
CA GLU H 328 61.10 15.17 17.23
C GLU H 328 61.89 16.23 16.44
N GLN H 329 61.72 16.31 15.13
CA GLN H 329 62.53 17.25 14.32
C GLN H 329 61.94 18.67 14.44
N ILE H 330 60.69 18.79 14.90
CA ILE H 330 60.11 20.14 15.11
C ILE H 330 60.56 20.58 16.51
N LYS H 331 61.20 19.67 17.26
CA LYS H 331 61.73 19.98 18.60
C LYS H 331 63.25 20.13 18.50
N ASN H 332 63.94 19.15 17.89
CA ASN H 332 65.38 19.24 17.68
C ASN H 332 65.93 20.59 18.12
N THR H 337 59.30 26.20 14.15
CA THR H 337 58.22 26.89 14.87
C THR H 337 57.02 25.98 14.98
N LEU H 338 56.77 25.46 16.18
CA LEU H 338 55.58 24.58 16.40
C LEU H 338 54.40 25.46 16.80
N ILE H 339 53.41 25.61 15.92
CA ILE H 339 52.28 26.54 16.21
C ILE H 339 51.08 25.71 16.66
N PHE H 340 50.28 26.23 17.59
CA PHE H 340 49.05 25.51 17.94
C PHE H 340 47.82 26.22 17.38
N VAL H 341 46.94 25.42 16.82
CA VAL H 341 45.69 25.87 16.25
C VAL H 341 44.53 25.08 16.85
N ARG H 363 59.51 26.46 19.40
CA ARG H 363 58.89 27.80 19.54
C ARG H 363 57.39 27.62 19.80
N ILE H 364 57.02 27.35 21.04
CA ILE H 364 55.59 27.07 21.35
C ILE H 364 54.78 28.32 20.98
N GLU H 365 53.61 28.13 20.37
CA GLU H 365 52.82 29.29 19.92
C GLU H 365 51.34 28.89 19.85
N LYS H 366 50.45 29.76 20.43
CA LYS H 366 48.99 29.50 20.31
C LYS H 366 48.36 30.61 19.46
N LEU H 367 47.65 30.22 18.36
CA LEU H 367 46.96 31.25 17.55
C LEU H 367 45.46 30.92 17.58
N ASN H 368 44.63 31.86 18.05
CA ASN H 368 43.18 31.58 18.23
C ASN H 368 42.37 31.94 16.98
N SER H 369 42.99 32.64 16.03
CA SER H 369 42.24 33.12 14.84
C SER H 369 41.53 31.94 14.15
N PHE H 370 42.24 30.82 13.98
CA PHE H 370 41.66 29.63 13.32
C PHE H 370 40.72 28.95 14.30
N SER H 371 39.51 29.49 14.46
CA SER H 371 38.49 28.85 15.32
C SER H 371 37.23 28.63 14.49
N ALA H 372 36.45 27.59 14.75
CA ALA H 372 35.30 27.29 13.86
C ALA H 372 33.98 27.56 14.58
N HIS H 373 33.94 27.28 15.88
CA HIS H 373 32.68 27.47 16.64
C HIS H 373 32.33 28.96 16.70
N ALA H 374 31.07 29.28 16.98
CA ALA H 374 30.61 30.69 17.00
C ALA H 374 31.05 31.45 18.25
N ASP H 375 30.85 32.77 18.24
CA ASP H 375 31.17 33.60 19.43
C ASP H 375 29.86 34.21 19.91
N GLN H 376 29.75 34.52 21.20
CA GLN H 376 28.45 34.97 21.70
C GLN H 376 27.75 35.91 20.71
N ASP H 377 28.53 36.81 20.09
CA ASP H 377 27.96 37.84 19.24
C ASP H 377 27.37 37.27 17.96
N GLU H 378 28.03 36.25 17.39
CA GLU H 378 27.50 35.62 16.18
C GLU H 378 26.23 34.82 16.46
N LEU H 379 26.14 34.18 17.63
CA LEU H 379 24.91 33.48 18.00
C LEU H 379 23.76 34.47 18.20
N ILE H 380 24.06 35.59 18.86
CA ILE H 380 23.06 36.63 19.10
C ILE H 380 22.62 37.26 17.79
N ASP H 381 23.57 37.47 16.87
CA ASP H 381 23.26 37.99 15.56
C ASP H 381 22.50 37.00 14.70
N TYR H 382 22.69 35.69 14.94
CA TYR H 382 21.93 34.69 14.20
C TYR H 382 20.47 34.67 14.64
N ILE H 383 20.21 34.82 15.93
CA ILE H 383 18.80 34.94 16.34
C ILE H 383 18.21 36.30 16.00
N GLU H 384 19.02 37.35 15.97
CA GLU H 384 18.50 38.68 15.71
C GLU H 384 18.29 38.92 14.22
N ARG H 385 18.57 37.91 13.39
CA ARG H 385 18.39 37.97 11.95
C ARG H 385 17.22 37.12 11.48
N LEU H 386 16.65 36.27 12.33
CA LEU H 386 15.40 35.59 12.00
C LEU H 386 14.28 36.61 11.90
N LYS H 387 13.33 36.33 11.00
CA LYS H 387 12.24 37.26 10.69
C LYS H 387 11.37 37.55 11.91
N TYR H 388 11.02 36.50 12.64
CA TYR H 388 10.22 36.59 13.86
C TYR H 388 11.07 36.10 15.02
N THR H 389 10.96 36.77 16.16
CA THR H 389 11.70 36.32 17.35
C THR H 389 11.11 35.01 17.85
N PRO H 390 11.95 34.02 18.17
CA PRO H 390 11.42 32.71 18.57
C PRO H 390 10.73 32.76 19.92
N TYR H 391 9.83 31.81 20.11
CA TYR H 391 9.09 31.72 21.38
C TYR H 391 10.02 31.33 22.52
N LYS H 392 10.98 30.44 22.25
CA LYS H 392 11.85 29.95 23.29
C LYS H 392 13.14 29.46 22.65
N VAL H 393 14.28 29.87 23.21
CA VAL H 393 15.58 29.41 22.74
C VAL H 393 16.02 28.29 23.66
N PHE H 394 16.17 27.09 23.12
CA PHE H 394 16.60 25.93 23.90
C PHE H 394 18.13 25.92 23.88
N LEU H 395 18.73 26.54 24.88
CA LEU H 395 20.18 26.75 24.86
C LEU H 395 20.87 25.50 25.38
N VAL H 396 21.31 24.65 24.46
CA VAL H 396 21.98 23.40 24.78
C VAL H 396 23.47 23.53 24.57
N HIS H 397 24.23 22.52 25.01
CA HIS H 397 25.63 22.27 24.61
C HIS H 397 26.63 23.37 24.92
N GLU H 399 29.46 23.67 28.36
CA GLU H 399 29.60 23.84 29.80
C GLU H 399 28.59 24.85 30.33
N LYS H 400 28.39 24.78 31.70
CA LYS H 400 27.31 25.61 32.31
C LYS H 400 27.56 27.11 32.15
N GLU H 401 28.75 27.58 32.32
CA GLU H 401 29.05 29.00 32.40
C GLU H 401 28.69 29.73 31.11
N GLN H 402 28.98 29.10 29.96
CA GLN H 402 28.66 29.67 28.67
C GLN H 402 27.16 29.82 28.46
N ARG H 403 26.41 28.77 28.82
CA ARG H 403 24.96 28.79 28.73
C ARG H 403 24.36 29.84 29.66
N GLU H 404 24.96 30.04 30.84
CA GLU H 404 24.46 31.04 31.78
C GLU H 404 24.70 32.46 31.26
N ILE H 405 25.89 32.76 30.76
CA ILE H 405 26.17 34.13 30.30
C ILE H 405 25.39 34.44 29.02
N LEU H 406 25.26 33.47 28.12
CA LEU H 406 24.45 33.67 26.92
C LEU H 406 22.97 33.82 27.27
N ALA H 407 22.48 33.06 28.26
CA ALA H 407 21.09 33.18 28.65
C ALA H 407 20.81 34.51 29.35
N LYS H 408 21.68 35.10 30.00
CA LYS H 408 21.45 36.43 30.59
C LYS H 408 21.33 37.42 29.43
N ARG H 409 22.36 37.32 28.44
CA ARG H 409 22.22 38.30 27.36
C ARG H 409 20.92 38.09 26.58
N ILE H 410 20.48 36.85 26.42
CA ILE H 410 19.22 36.56 25.72
C ILE H 410 18.03 37.12 26.48
N ILE H 411 17.98 36.90 27.80
CA ILE H 411 16.92 37.46 28.62
C ILE H 411 17.00 38.98 28.64
N SER H 412 18.22 39.53 28.54
CA SER H 412 18.37 40.98 28.31
C SER H 412 17.84 41.40 26.94
N LYS H 413 17.90 40.52 25.94
CA LYS H 413 17.29 40.78 24.63
C LYS H 413 15.84 40.35 24.54
N LYS H 414 15.23 39.97 25.67
CA LYS H 414 13.79 39.71 25.81
C LYS H 414 13.33 38.52 24.98
N ILE H 415 14.10 37.43 25.01
CA ILE H 415 13.73 36.14 24.43
C ILE H 415 13.82 35.10 25.53
N ARG H 416 12.88 34.15 25.56
CA ARG H 416 12.84 33.17 26.63
C ARG H 416 13.87 32.05 26.39
N VAL H 417 14.45 31.55 27.49
CA VAL H 417 15.35 30.41 27.48
C VAL H 417 14.98 29.45 28.61
N GLU H 418 14.82 28.17 28.26
CA GLU H 418 14.95 27.06 29.19
C GLU H 418 16.26 26.33 28.88
N LEU H 419 17.05 26.03 29.90
CA LEU H 419 18.36 25.34 29.72
C LEU H 419 18.20 23.86 30.10
N PRO H 420 17.97 22.93 29.15
CA PRO H 420 17.75 21.52 29.48
C PRO H 420 19.05 20.79 29.82
N ILE H 429 1.27 26.41 25.78
CA ILE H 429 1.41 27.07 24.49
C ILE H 429 1.11 26.04 23.38
N LEU H 430 -0.18 25.91 23.07
CA LEU H 430 -0.67 24.96 22.07
C LEU H 430 -0.76 25.68 20.74
N ILE H 431 0.34 25.70 20.00
CA ILE H 431 0.42 26.43 18.74
C ILE H 431 0.19 25.43 17.60
N GLU H 432 -1.06 25.39 17.13
CA GLU H 432 -1.49 24.43 16.13
C GLU H 432 -1.68 25.15 14.81
N LYS H 433 -0.99 24.66 13.77
CA LYS H 433 -1.07 25.25 12.41
C LYS H 433 -2.35 24.76 11.74
N LYS H 434 -3.47 25.41 12.04
CA LYS H 434 -4.77 24.98 11.55
C LYS H 434 -4.92 25.29 10.06
N VAL H 435 -5.98 24.74 9.47
CA VAL H 435 -6.32 24.97 8.07
C VAL H 435 -7.67 25.68 8.03
N VAL H 436 -7.76 26.73 7.21
CA VAL H 436 -8.91 27.61 7.19
C VAL H 436 -9.65 27.41 5.87
N LEU H 437 -10.96 27.18 5.95
CA LEU H 437 -11.73 26.86 4.74
C LEU H 437 -11.97 28.09 3.89
N ASN H 438 -12.56 29.15 4.47
CA ASN H 438 -12.71 30.49 3.86
C ASN H 438 -13.49 30.48 2.54
N ILE H 439 -14.41 29.52 2.38
CA ILE H 439 -15.23 29.42 1.18
C ILE H 439 -16.53 28.75 1.62
N ASN H 440 -17.63 29.11 0.97
CA ASN H 440 -18.96 28.63 1.36
C ASN H 440 -19.11 27.14 1.12
N THR H 441 -19.83 26.48 2.03
CA THR H 441 -20.12 25.05 1.94
C THR H 441 -21.62 24.77 1.92
N ASP H 442 -22.46 25.80 1.72
CA ASP H 442 -23.91 25.61 1.83
C ASP H 442 -24.46 24.87 0.61
N ASN H 443 -23.75 25.15 -0.54
CA ASN H 443 -24.16 24.59 -1.86
C ASN H 443 -23.45 23.27 -2.14
N MET H 444 -23.71 22.25 -1.30
CA MET H 444 -23.12 20.93 -1.43
C MET H 444 -24.14 19.99 -2.10
N CYS H 445 -23.70 18.78 -2.48
CA CYS H 445 -24.58 17.81 -3.09
C CYS H 445 -24.15 16.38 -2.75
N ASN H 446 -25.08 15.46 -2.89
CA ASN H 446 -24.84 14.03 -2.72
C ASN H 446 -24.74 13.35 -4.10
N PHE H 447 -23.54 12.91 -4.46
CA PHE H 447 -23.41 12.10 -5.67
C PHE H 447 -23.39 10.60 -5.41
N ALA H 448 -22.36 10.11 -4.75
CA ALA H 448 -22.24 8.68 -4.43
C ALA H 448 -21.81 8.58 -2.98
N SER H 449 -22.78 8.75 -2.08
CA SER H 449 -22.60 8.69 -0.61
C SER H 449 -21.51 9.64 -0.10
N TYR H 450 -21.29 10.77 -0.78
CA TYR H 450 -20.35 11.78 -0.33
C TYR H 450 -20.92 13.17 -0.56
N ARG H 451 -20.67 14.05 0.41
CA ARG H 451 -21.10 15.44 0.36
C ARG H 451 -19.99 16.24 -0.32
N LEU H 452 -20.13 16.53 -1.61
CA LEU H 452 -19.03 17.10 -2.36
C LEU H 452 -19.42 18.41 -3.02
N MET H 453 -18.44 19.30 -3.20
CA MET H 453 -18.62 20.49 -4.04
C MET H 453 -17.33 20.76 -4.82
N PRO H 454 -17.41 20.77 -6.15
CA PRO H 454 -16.28 21.25 -6.95
C PRO H 454 -15.98 22.73 -6.66
N PHE H 455 -14.79 23.07 -6.37
CA PHE H 455 -14.44 24.47 -6.06
C PHE H 455 -13.21 24.88 -6.84
N SER H 456 -13.07 26.10 -7.15
CA SER H 456 -11.95 26.71 -7.86
C SER H 456 -11.29 27.70 -6.92
N GLY H 457 -10.03 27.46 -6.60
CA GLY H 457 -9.38 28.30 -5.62
C GLY H 457 -7.88 28.18 -5.61
N PHE H 458 -7.30 28.63 -4.51
CA PHE H 458 -5.87 28.73 -4.32
C PHE H 458 -5.54 28.31 -2.90
N ILE H 459 -4.44 27.57 -2.75
CA ILE H 459 -3.97 27.13 -1.44
C ILE H 459 -2.94 28.17 -0.98
N VAL H 460 -3.37 29.09 -0.15
CA VAL H 460 -2.43 30.06 0.39
C VAL H 460 -1.79 29.50 1.65
N GLU H 461 -0.49 29.78 1.79
CA GLU H 461 0.35 29.15 2.78
C GLU H 461 0.98 30.20 3.68
N LYS H 462 0.12 31.05 4.24
CA LYS H 462 0.48 31.93 5.35
C LYS H 462 1.13 31.16 6.49
N ASP H 463 2.12 31.81 7.13
CA ASP H 463 2.94 31.14 8.14
C ASP H 463 2.15 30.80 9.39
N ASP H 464 1.08 31.55 9.67
CA ASP H 464 0.23 31.24 10.81
C ASP H 464 -0.66 30.03 10.55
N ARG H 465 -1.26 29.96 9.36
CA ARG H 465 -2.23 28.93 9.05
C ARG H 465 -2.37 28.80 7.54
N ILE H 466 -2.55 27.57 7.07
CA ILE H 466 -2.89 27.31 5.68
C ILE H 466 -4.34 27.73 5.48
N GLU H 467 -4.64 28.32 4.33
CA GLU H 467 -6.01 28.77 4.09
C GLU H 467 -6.30 28.56 2.61
N ILE H 468 -7.58 28.33 2.30
CA ILE H 468 -8.03 28.04 0.94
C ILE H 468 -8.93 29.18 0.50
N ASN H 469 -8.69 29.71 -0.69
CA ASN H 469 -9.37 30.93 -1.11
C ASN H 469 -9.90 30.80 -2.52
N ASP H 470 -10.79 31.71 -2.88
CA ASP H 470 -11.47 31.68 -4.17
C ASP H 470 -10.76 32.59 -5.17
N LYS H 471 -11.41 32.86 -6.31
CA LYS H 471 -10.86 33.76 -7.31
C LYS H 471 -10.90 35.21 -6.85
N ASN H 472 -11.85 35.53 -5.97
CA ASN H 472 -11.98 36.86 -5.37
C ASN H 472 -10.71 37.28 -4.65
N TRP H 473 -10.14 36.36 -3.88
CA TRP H 473 -8.93 36.64 -3.10
C TRP H 473 -7.72 36.90 -4.00
N PHE H 474 -7.55 36.10 -5.05
CA PHE H 474 -6.41 36.31 -5.95
C PHE H 474 -6.54 37.62 -6.73
N ASP H 475 -7.76 37.96 -7.16
CA ASP H 475 -7.96 39.23 -7.85
C ASP H 475 -7.77 40.43 -6.92
N MET H 476 -8.10 40.25 -5.65
CA MET H 476 -7.99 41.34 -4.66
C MET H 476 -6.53 41.49 -4.23
N ILE H 477 -5.76 40.41 -4.18
CA ILE H 477 -4.34 40.61 -3.86
C ILE H 477 -3.61 41.19 -5.07
N TRP H 478 -4.10 40.89 -6.28
CA TRP H 478 -3.53 41.49 -7.48
C TRP H 478 -3.78 42.99 -7.48
N ASN H 479 -4.94 43.40 -6.97
CA ASN H 479 -5.21 44.77 -6.59
C ASN H 479 -4.27 45.13 -5.43
N LEU H 505 24.35 30.01 -14.41
CA LEU H 505 24.13 28.82 -15.22
C LEU H 505 23.80 29.23 -16.65
N PRO H 506 24.34 28.50 -17.62
CA PRO H 506 23.98 28.72 -19.04
C PRO H 506 22.49 28.53 -19.28
N ASP H 507 21.96 29.30 -20.23
CA ASP H 507 20.53 29.31 -20.52
C ASP H 507 20.33 28.86 -21.97
N MET H 508 19.37 27.95 -22.13
CA MET H 508 19.04 27.40 -23.45
C MET H 508 17.52 27.27 -23.53
N SER H 509 16.96 27.41 -24.73
CA SER H 509 15.53 27.30 -24.93
C SER H 509 15.06 25.86 -24.70
N HIS H 510 13.76 25.73 -24.43
CA HIS H 510 13.16 24.44 -24.14
C HIS H 510 13.21 23.52 -25.36
N ASP H 511 12.97 24.06 -26.55
CA ASP H 511 13.04 23.27 -27.78
C ASP H 511 14.47 22.87 -28.08
N LYS H 512 15.45 23.71 -27.74
CA LYS H 512 16.87 23.41 -28.05
C LYS H 512 17.36 22.37 -27.05
N ILE H 513 16.87 22.45 -25.81
CA ILE H 513 17.19 21.43 -24.81
C ILE H 513 16.60 20.08 -25.21
N ILE H 514 15.34 20.07 -25.68
CA ILE H 514 14.69 18.85 -26.16
C ILE H 514 15.46 18.25 -27.33
N GLU H 515 15.87 19.10 -28.27
CA GLU H 515 16.62 18.66 -29.45
C GLU H 515 17.98 18.09 -29.08
N ASN H 516 18.68 18.76 -28.15
CA ASN H 516 20.00 18.29 -27.75
C ASN H 516 19.94 16.99 -26.95
N ILE H 517 18.95 16.86 -26.06
CA ILE H 517 18.82 15.62 -25.29
C ILE H 517 18.41 14.47 -26.21
N GLU H 518 17.57 14.73 -27.22
CA GLU H 518 17.22 13.72 -28.20
C GLU H 518 18.42 13.29 -29.04
N TYR H 519 19.25 14.25 -29.45
CA TYR H 519 20.37 13.92 -30.32
C TYR H 519 21.48 13.22 -29.54
N LEU H 520 21.72 13.62 -28.30
CA LEU H 520 22.68 12.91 -27.46
C LEU H 520 22.14 11.60 -26.92
N PHE H 521 20.83 11.39 -26.96
CA PHE H 521 20.26 10.10 -26.61
C PHE H 521 20.34 9.13 -27.79
N ASN H 522 20.25 9.64 -29.01
CA ASN H 522 20.38 8.76 -30.17
C ASN H 522 21.82 8.32 -30.40
N ILE H 523 22.79 9.21 -30.15
CA ILE H 523 24.19 8.84 -30.26
C ILE H 523 24.72 8.21 -28.97
N LYS H 524 23.86 8.04 -27.97
CA LYS H 524 24.12 7.29 -26.73
C LYS H 524 25.23 7.91 -25.89
N ILE H 525 25.26 9.25 -25.83
CA ILE H 525 25.98 9.92 -24.75
C ILE H 525 25.10 10.00 -23.52
N LEU H 526 23.91 10.56 -23.66
CA LEU H 526 22.91 10.55 -22.61
C LEU H 526 22.13 9.25 -22.72
N SER H 527 22.12 8.47 -21.66
CA SER H 527 21.44 7.20 -21.64
C SER H 527 20.35 7.23 -20.58
N LYS H 528 19.60 6.13 -20.49
CA LYS H 528 18.55 6.04 -19.48
C LYS H 528 19.12 5.96 -18.08
N ASN H 529 20.27 5.29 -17.92
CA ASN H 529 20.95 5.27 -16.63
C ASN H 529 21.48 6.65 -16.27
N ARG H 530 22.02 7.37 -17.26
CA ARG H 530 22.53 8.73 -17.03
C ARG H 530 21.40 9.69 -16.66
N ILE H 531 20.29 9.63 -17.39
CA ILE H 531 19.14 10.47 -17.10
C ILE H 531 18.53 10.12 -15.74
N LYS H 532 18.53 8.84 -15.39
CA LYS H 532 18.03 8.42 -14.08
C LYS H 532 18.92 8.92 -12.95
N GLU H 533 20.24 8.79 -13.10
CA GLU H 533 21.16 9.28 -12.08
C GLU H 533 21.12 10.80 -11.96
N PHE H 534 20.97 11.49 -13.10
CA PHE H 534 20.74 12.93 -13.06
C PHE H 534 19.46 13.28 -12.31
N TRP H 535 18.39 12.51 -12.51
CA TRP H 535 17.13 12.84 -11.84
C TRP H 535 17.24 12.61 -10.34
N GLU H 536 17.96 11.56 -9.93
CA GLU H 536 18.21 11.37 -8.50
C GLU H 536 19.07 12.48 -7.91
N GLU H 537 20.07 12.98 -8.65
CA GLU H 537 20.85 14.10 -8.12
C GLU H 537 20.10 15.42 -8.17
N PHE H 538 19.21 15.59 -9.14
CA PHE H 538 18.41 16.80 -9.24
C PHE H 538 17.29 16.83 -8.22
N CYS H 539 16.84 15.66 -7.75
CA CYS H 539 15.92 15.61 -6.63
C CYS H 539 16.60 16.06 -5.34
N LYS H 540 17.90 15.85 -5.22
CA LYS H 540 18.63 16.31 -4.04
C LYS H 540 18.82 17.81 -4.03
N GLY H 541 18.94 18.42 -5.19
CA GLY H 541 19.13 19.84 -5.29
C GLY H 541 19.80 20.20 -6.60
N GLN H 542 19.86 21.49 -6.86
CA GLN H 542 20.51 21.97 -8.07
C GLN H 542 22.02 21.78 -7.98
N LYS H 543 22.60 22.04 -6.81
CA LYS H 543 24.05 21.97 -6.66
C LYS H 543 24.57 20.54 -6.69
N ALA H 544 23.76 19.58 -6.24
CA ALA H 544 24.12 18.17 -6.36
C ALA H 544 24.22 17.73 -7.81
N ALA H 545 23.27 18.18 -8.65
CA ALA H 545 23.33 17.85 -10.06
C ALA H 545 24.45 18.58 -10.76
N ILE H 546 24.74 19.83 -10.35
CA ILE H 546 25.89 20.55 -10.88
C ILE H 546 27.20 19.82 -10.58
N LYS H 547 27.30 19.25 -9.39
CA LYS H 547 28.52 18.48 -9.07
C LYS H 547 28.52 17.23 -9.92
N TYR H 548 27.39 16.56 -10.00
CA TYR H 548 27.35 15.28 -10.70
C TYR H 548 27.77 15.42 -12.16
N ILE H 549 27.24 16.42 -12.86
CA ILE H 549 27.63 16.66 -14.26
C ILE H 549 29.06 17.19 -14.34
N THR H 550 29.51 17.94 -13.33
CA THR H 550 30.93 18.31 -13.26
C THR H 550 31.83 17.08 -13.10
N GLN H 551 31.35 16.06 -12.40
CA GLN H 551 32.12 14.81 -12.29
C GLN H 551 32.08 14.00 -13.59
N VAL H 552 30.91 13.96 -14.24
CA VAL H 552 30.73 13.20 -15.49
C VAL H 552 31.35 13.91 -16.70
N HIS H 553 31.74 15.19 -16.56
CA HIS H 553 32.28 15.92 -17.69
C HIS H 553 33.73 16.36 -17.45
N ARG H 554 34.29 16.11 -16.27
CA ARG H 554 35.68 16.48 -16.02
C ARG H 554 36.61 15.54 -16.78
N LYS H 555 37.45 16.13 -17.65
CA LYS H 555 38.48 15.37 -18.36
C LYS H 555 39.67 15.28 -17.43
N ASN H 556 39.94 14.07 -16.95
CA ASN H 556 41.01 13.74 -16.02
C ASN H 556 42.36 14.12 -16.63
N PRO H 557 43.17 14.92 -15.93
CA PRO H 557 44.40 15.45 -16.54
C PRO H 557 45.47 14.40 -16.78
N ASN H 558 45.41 13.31 -16.02
CA ASN H 558 46.45 12.25 -16.14
C ASN H 558 46.14 11.43 -17.39
N THR H 559 44.94 10.88 -17.48
CA THR H 559 44.47 10.10 -18.61
C THR H 559 43.21 10.75 -19.12
N GLY H 560 43.16 11.08 -20.41
CA GLY H 560 42.11 11.91 -20.99
C GLY H 560 40.73 11.29 -21.03
N ARG H 561 40.20 10.96 -19.86
CA ARG H 561 38.95 10.25 -19.69
C ARG H 561 37.94 11.22 -19.10
N ARG H 562 36.82 11.42 -19.81
CA ARG H 562 35.89 12.46 -19.43
C ARG H 562 34.80 11.98 -18.49
N ASN H 563 34.50 10.67 -18.49
CA ASN H 563 33.52 9.88 -17.70
C ASN H 563 32.09 9.98 -18.25
N TRP H 564 31.90 10.40 -19.49
CA TRP H 564 30.62 10.25 -20.17
C TRP H 564 30.51 8.85 -20.78
N ASN H 565 29.46 8.65 -21.59
CA ASN H 565 29.31 7.49 -22.48
C ASN H 565 29.73 7.90 -23.88
N PRO H 566 30.58 7.11 -24.55
CA PRO H 566 31.12 7.54 -25.84
C PRO H 566 30.07 7.57 -26.93
N PRO H 567 30.21 8.44 -27.92
CA PRO H 567 29.22 8.53 -28.99
C PRO H 567 29.23 7.31 -29.90
N GLU H 568 28.06 7.03 -30.48
CA GLU H 568 27.87 5.91 -31.40
C GLU H 568 27.86 6.46 -32.82
N GLY H 569 28.98 6.32 -33.51
CA GLY H 569 29.09 6.81 -34.87
C GLY H 569 30.54 6.93 -35.30
N ASP H 570 30.75 7.74 -36.33
CA ASP H 570 32.06 7.91 -36.97
C ASP H 570 32.58 9.33 -36.79
N PHE H 571 32.53 9.80 -35.54
CA PHE H 571 32.87 11.22 -35.32
C PHE H 571 34.35 11.38 -35.07
N THR H 572 34.88 12.56 -35.40
CA THR H 572 36.27 12.87 -35.14
C THR H 572 36.42 13.41 -33.71
N ASP H 573 37.67 13.57 -33.27
CA ASP H 573 37.98 13.84 -31.87
C ASP H 573 37.43 15.19 -31.40
N ASN H 574 37.58 16.23 -32.23
CA ASN H 574 37.02 17.52 -31.88
C ASN H 574 35.50 17.52 -31.93
N GLU H 575 34.92 16.70 -32.80
CA GLU H 575 33.46 16.57 -32.82
C GLU H 575 32.95 15.86 -31.57
N ILE H 576 33.67 14.83 -31.11
CA ILE H 576 33.31 14.14 -29.87
C ILE H 576 33.45 15.07 -28.67
N GLU H 577 34.48 15.93 -28.68
CA GLU H 577 34.64 16.91 -27.60
C GLU H 577 33.55 17.98 -27.65
N LYS H 578 33.11 18.38 -28.85
CA LYS H 578 31.99 19.31 -28.96
C LYS H 578 30.69 18.68 -28.50
N LEU H 579 30.52 17.39 -28.76
CA LEU H 579 29.35 16.67 -28.25
C LEU H 579 29.35 16.60 -26.73
N TYR H 580 30.53 16.40 -26.14
CA TYR H 580 30.62 16.37 -24.67
C TYR H 580 30.35 17.75 -24.07
N GLU H 581 30.85 18.81 -24.70
CA GLU H 581 30.52 20.18 -24.31
C GLU H 581 29.04 20.46 -24.41
N THR H 582 28.41 19.94 -25.48
CA THR H 582 26.97 20.10 -25.69
C THR H 582 26.18 19.41 -24.59
N ALA H 583 26.61 18.21 -24.18
CA ALA H 583 25.96 17.49 -23.09
C ALA H 583 26.13 18.23 -21.76
N TYR H 584 27.32 18.79 -21.52
CA TYR H 584 27.59 19.55 -20.30
C TYR H 584 26.69 20.77 -20.20
N ASN H 585 26.65 21.58 -21.26
CA ASN H 585 25.83 22.77 -21.25
C ASN H 585 24.35 22.46 -21.24
N THR H 586 23.93 21.37 -21.89
CA THR H 586 22.52 21.00 -21.92
C THR H 586 22.02 20.57 -20.54
N LEU H 587 22.77 19.69 -19.87
CA LEU H 587 22.34 19.27 -18.53
C LEU H 587 22.50 20.40 -17.50
N LEU H 588 23.53 21.26 -17.67
CA LEU H 588 23.68 22.42 -16.80
C LEU H 588 22.53 23.41 -16.98
N SER H 589 22.08 23.60 -18.21
CA SER H 589 20.97 24.51 -18.48
C SER H 589 19.66 23.92 -17.99
N LEU H 590 19.57 22.60 -17.97
CA LEU H 590 18.32 21.94 -17.48
C LEU H 590 18.31 22.03 -15.95
N ILE H 591 19.49 22.09 -15.33
CA ILE H 591 19.50 22.24 -13.87
C ILE H 591 18.72 23.50 -13.45
N LYS H 592 18.77 24.56 -14.27
CA LYS H 592 18.10 25.83 -13.95
C LYS H 592 16.59 25.72 -13.83
N TYR H 593 15.97 24.76 -14.51
CA TYR H 593 14.51 24.70 -14.58
C TYR H 593 13.96 24.09 -13.30
N ASP H 594 12.64 24.12 -13.16
CA ASP H 594 11.96 23.53 -12.03
C ASP H 594 11.73 22.04 -12.27
N LYS H 595 11.37 21.32 -11.20
CA LYS H 595 11.35 19.87 -11.23
C LYS H 595 10.27 19.32 -12.16
N ASN H 596 9.13 20.01 -12.25
CA ASN H 596 8.06 19.58 -13.14
C ASN H 596 8.49 19.66 -14.61
N LYS H 597 9.19 20.73 -14.99
CA LYS H 597 9.67 20.86 -16.36
C LYS H 597 10.76 19.83 -16.67
N VAL H 598 11.65 19.57 -15.71
CA VAL H 598 12.69 18.57 -15.91
C VAL H 598 12.10 17.17 -16.01
N TYR H 599 11.08 16.88 -15.21
CA TYR H 599 10.40 15.59 -15.29
C TYR H 599 9.67 15.44 -16.62
N ASN H 600 9.01 16.51 -17.09
CA ASN H 600 8.32 16.45 -18.37
C ASN H 600 9.28 16.30 -19.54
N ILE H 601 10.48 16.87 -19.44
CA ILE H 601 11.47 16.70 -20.51
C ILE H 601 12.07 15.29 -20.46
N LEU H 602 12.48 14.84 -19.29
CA LEU H 602 13.19 13.57 -19.17
C LEU H 602 12.27 12.35 -19.19
N ILE H 603 10.98 12.48 -18.93
CA ILE H 603 10.17 11.23 -18.90
C ILE H 603 9.88 10.85 -20.36
N ASN H 604 10.51 11.55 -21.30
CA ASN H 604 10.32 11.23 -22.74
C ASN H 604 11.52 10.43 -23.23
N PHE H 605 12.59 10.39 -22.44
CA PHE H 605 13.79 9.60 -22.81
C PHE H 605 13.86 8.38 -21.91
N ASN H 606 13.78 8.58 -20.60
CA ASN H 606 13.70 7.45 -19.65
C ASN H 606 12.30 7.45 -19.05
N PRO H 607 11.37 6.60 -19.54
CA PRO H 607 9.99 6.62 -19.06
C PRO H 607 9.83 6.14 -17.63
N LYS H 608 10.82 6.38 -16.77
CA LYS H 608 10.77 5.94 -15.36
C LYS H 608 11.60 6.91 -14.51
N LEU H 609 11.93 8.10 -15.04
CA LEU H 609 12.75 9.11 -14.32
C LEU H 609 12.39 10.51 -14.78
N VAL I 435 -35.34 20.87 -21.40
CA VAL I 435 -34.13 20.12 -21.07
C VAL I 435 -33.53 19.51 -22.33
N VAL I 436 -32.24 19.72 -22.54
CA VAL I 436 -31.53 19.19 -23.70
C VAL I 436 -30.64 18.03 -23.24
N LEU I 437 -30.76 16.88 -23.92
CA LEU I 437 -30.04 15.68 -23.52
C LEU I 437 -28.53 15.82 -23.76
N ASN I 438 -28.15 15.98 -25.03
CA ASN I 438 -26.80 16.33 -25.49
C ASN I 438 -25.80 15.18 -25.12
N ILE I 439 -26.33 13.96 -25.02
CA ILE I 439 -25.55 12.76 -24.68
C ILE I 439 -25.95 11.60 -25.58
N ASN I 440 -25.14 10.54 -25.51
CA ASN I 440 -25.33 9.35 -26.33
C ASN I 440 -26.59 8.59 -25.94
N THR I 441 -27.22 7.96 -26.94
CA THR I 441 -28.47 7.23 -26.71
C THR I 441 -28.43 5.82 -27.26
N ASP I 442 -27.24 5.25 -27.47
CA ASP I 442 -27.13 3.83 -27.74
C ASP I 442 -26.88 3.08 -26.43
N ASN I 443 -26.79 1.76 -26.50
CA ASN I 443 -26.67 0.94 -25.27
C ASN I 443 -27.90 1.28 -24.43
N MET I 444 -29.10 1.05 -24.98
CA MET I 444 -30.28 1.49 -24.26
C MET I 444 -31.13 0.23 -24.03
N CYS I 445 -30.89 -0.43 -22.90
CA CYS I 445 -31.40 -1.77 -22.65
C CYS I 445 -32.90 -1.76 -22.36
N ASN I 446 -33.50 -2.94 -22.48
CA ASN I 446 -34.91 -3.15 -22.23
C ASN I 446 -35.08 -3.73 -20.83
N PHE I 447 -35.83 -3.03 -19.98
CA PHE I 447 -36.18 -3.50 -18.65
C PHE I 447 -37.69 -3.41 -18.56
N ALA I 448 -38.36 -4.57 -18.54
CA ALA I 448 -39.82 -4.73 -18.53
C ALA I 448 -40.36 -4.02 -19.76
N SER I 449 -41.39 -3.17 -19.63
CA SER I 449 -41.91 -2.40 -20.74
C SER I 449 -41.21 -1.05 -20.89
N TYR I 450 -40.01 -0.90 -20.35
CA TYR I 450 -39.29 0.36 -20.40
C TYR I 450 -37.95 0.18 -21.10
N ARG I 451 -37.45 1.29 -21.65
CA ARG I 451 -36.11 1.35 -22.21
C ARG I 451 -35.27 2.22 -21.30
N LEU I 452 -34.33 1.61 -20.58
CA LEU I 452 -33.52 2.34 -19.61
C LEU I 452 -32.06 2.33 -20.04
N MET I 453 -31.28 3.17 -19.39
CA MET I 453 -29.83 3.16 -19.52
C MET I 453 -29.21 3.60 -18.20
N PRO I 454 -28.34 2.77 -17.60
CA PRO I 454 -27.55 3.22 -16.45
C PRO I 454 -26.65 4.39 -16.80
N PHE I 455 -26.93 5.54 -16.24
CA PHE I 455 -26.33 6.77 -16.71
C PHE I 455 -25.72 7.53 -15.54
N SER I 456 -24.68 8.31 -15.83
CA SER I 456 -23.92 8.99 -14.80
C SER I 456 -23.30 10.23 -15.42
N GLY I 457 -23.69 11.41 -14.93
CA GLY I 457 -23.42 12.67 -15.62
C GLY I 457 -23.66 13.87 -14.72
N PHE I 458 -23.80 15.06 -15.32
CA PHE I 458 -23.97 16.31 -14.60
C PHE I 458 -25.19 17.08 -15.11
N ILE I 459 -25.78 17.87 -14.22
CA ILE I 459 -26.93 18.73 -14.51
C ILE I 459 -26.43 20.17 -14.56
N VAL I 460 -26.46 20.79 -15.74
CA VAL I 460 -25.99 22.17 -15.91
C VAL I 460 -27.18 23.08 -16.14
N GLU I 461 -27.41 24.02 -15.23
CA GLU I 461 -28.44 25.05 -15.40
C GLU I 461 -27.78 26.28 -16.02
N LYS I 462 -28.06 26.53 -17.29
CA LYS I 462 -27.53 27.69 -17.99
C LYS I 462 -28.64 28.68 -18.33
N ARG I 465 -30.26 25.74 -22.11
CA ARG I 465 -30.95 26.19 -20.91
C ARG I 465 -30.65 25.23 -19.78
N ILE I 466 -31.04 23.96 -19.96
CA ILE I 466 -30.70 22.88 -19.03
C ILE I 466 -29.99 21.81 -19.84
N GLU I 467 -28.79 21.44 -19.41
CA GLU I 467 -27.92 20.56 -20.18
C GLU I 467 -27.52 19.39 -19.30
N ILE I 468 -27.88 18.18 -19.71
CA ILE I 468 -27.44 16.97 -19.02
C ILE I 468 -26.10 16.59 -19.64
N ASN I 469 -25.02 17.24 -19.21
CA ASN I 469 -23.72 16.98 -19.80
C ASN I 469 -23.03 15.80 -19.11
N ASP I 470 -22.24 15.07 -19.90
CA ASP I 470 -21.54 13.88 -19.44
C ASP I 470 -20.17 14.21 -18.86
N LYS I 471 -19.34 13.19 -18.63
CA LYS I 471 -18.02 13.38 -18.05
C LYS I 471 -17.02 13.96 -19.06
N ASN I 472 -17.31 13.87 -20.36
CA ASN I 472 -16.47 14.47 -21.38
C ASN I 472 -16.48 15.99 -21.27
N TRP I 473 -17.68 16.57 -21.10
CA TRP I 473 -17.83 18.00 -20.87
C TRP I 473 -17.14 18.42 -19.59
N PHE I 474 -17.22 17.59 -18.55
CA PHE I 474 -16.65 17.94 -17.25
C PHE I 474 -15.13 17.96 -17.30
N ASP I 475 -14.52 16.98 -17.97
CA ASP I 475 -13.08 16.99 -18.11
C ASP I 475 -12.60 18.14 -19.00
N MET I 476 -13.42 18.51 -20.00
CA MET I 476 -13.09 19.69 -20.82
C MET I 476 -13.12 20.98 -20.01
N ILE I 477 -14.20 21.19 -19.24
CA ILE I 477 -14.30 22.37 -18.39
C ILE I 477 -13.26 22.38 -17.27
N TRP I 478 -12.93 21.20 -16.71
CA TRP I 478 -11.90 21.11 -15.69
C TRP I 478 -10.54 21.50 -16.22
N ASN I 479 -10.20 21.01 -17.43
CA ASN I 479 -8.95 21.38 -18.06
C ASN I 479 -8.93 22.86 -18.41
N GLU I 480 -10.07 23.39 -18.88
CA GLU I 480 -10.23 24.82 -19.17
C GLU I 480 -9.93 25.68 -17.95
N GLU I 481 -10.58 25.39 -16.83
CA GLU I 481 -10.35 26.14 -15.59
C GLU I 481 -8.95 25.97 -15.04
N TYR I 482 -8.44 24.74 -15.08
CA TYR I 482 -7.11 24.49 -14.48
C TYR I 482 -6.06 25.18 -15.34
N ASN I 483 -6.14 24.99 -16.66
CA ASN I 483 -5.20 25.71 -17.57
C ASN I 483 -5.40 27.22 -17.40
N LYS I 484 -6.65 27.68 -17.43
CA LYS I 484 -6.94 29.13 -17.26
C LYS I 484 -6.31 29.61 -15.95
N MET I 485 -6.58 28.90 -14.85
CA MET I 485 -6.11 29.37 -13.52
C MET I 485 -4.58 29.26 -13.45
N ARG I 486 -3.99 28.19 -13.97
CA ARG I 486 -2.53 28.00 -13.83
C ARG I 486 -1.82 29.22 -14.43
N SER I 487 -2.26 29.65 -15.63
CA SER I 487 -1.63 30.82 -16.29
C SER I 487 -1.93 32.09 -15.48
N GLN I 488 -3.16 32.23 -14.98
CA GLN I 488 -3.55 33.42 -14.20
C GLN I 488 -2.48 33.70 -13.13
N ILE I 489 -1.90 32.65 -12.57
CA ILE I 489 -0.84 32.81 -11.53
C ILE I 489 0.51 33.06 -12.22
N VAL I 490 0.85 32.26 -13.23
CA VAL I 490 2.14 32.41 -13.91
C VAL I 490 2.26 33.79 -14.54
N ALA I 504 -5.65 11.61 -34.26
CA ALA I 504 -6.11 10.76 -35.35
C ALA I 504 -6.18 9.30 -34.92
N LEU I 505 -7.36 8.70 -35.06
CA LEU I 505 -7.58 7.31 -34.71
C LEU I 505 -7.90 6.53 -35.98
N PRO I 506 -7.35 5.33 -36.16
CA PRO I 506 -7.73 4.49 -37.31
C PRO I 506 -9.19 4.08 -37.23
N ASP I 507 -9.86 4.10 -38.38
CA ASP I 507 -11.29 3.81 -38.47
C ASP I 507 -11.48 2.36 -38.86
N MET I 508 -11.88 1.56 -37.86
CA MET I 508 -12.10 0.11 -38.03
C MET I 508 -13.54 -0.21 -37.60
N SER I 509 -14.25 -1.05 -38.35
CA SER I 509 -15.66 -1.34 -38.07
C SER I 509 -15.84 -2.26 -36.87
N HIS I 510 -17.02 -2.12 -36.25
CA HIS I 510 -17.35 -2.78 -34.97
C HIS I 510 -17.32 -4.30 -35.06
N ASP I 511 -17.83 -4.86 -36.16
CA ASP I 511 -17.77 -6.31 -36.36
C ASP I 511 -16.34 -6.78 -36.49
N LYS I 512 -15.51 -5.98 -37.17
CA LYS I 512 -14.09 -6.35 -37.29
C LYS I 512 -13.51 -6.34 -35.87
N ILE I 513 -13.76 -5.26 -35.16
CA ILE I 513 -13.26 -5.15 -33.77
C ILE I 513 -13.58 -6.42 -32.99
N ILE I 514 -14.83 -6.89 -33.09
CA ILE I 514 -15.26 -8.08 -32.34
C ILE I 514 -14.47 -9.31 -32.80
N GLU I 515 -14.30 -9.46 -34.12
CA GLU I 515 -13.54 -10.59 -34.66
C GLU I 515 -12.08 -10.52 -34.26
N ASN I 516 -11.49 -9.32 -34.29
CA ASN I 516 -10.07 -9.18 -33.99
C ASN I 516 -9.77 -9.41 -32.52
N ILE I 517 -10.61 -8.90 -31.61
CA ILE I 517 -10.34 -9.15 -30.20
C ILE I 517 -10.66 -10.59 -29.84
N GLU I 518 -11.62 -11.23 -30.54
CA GLU I 518 -11.81 -12.68 -30.44
C GLU I 518 -10.54 -13.44 -30.82
N TYR I 519 -9.92 -13.06 -31.94
CA TYR I 519 -8.75 -13.79 -32.42
C TYR I 519 -7.54 -13.55 -31.53
N LEU I 520 -7.31 -12.29 -31.11
CA LEU I 520 -6.19 -12.01 -30.23
C LEU I 520 -6.39 -12.46 -28.79
N PHE I 521 -7.64 -12.66 -28.37
CA PHE I 521 -7.90 -13.27 -27.07
C PHE I 521 -7.69 -14.77 -27.12
N ASN I 522 -7.96 -15.41 -28.27
CA ASN I 522 -7.74 -16.85 -28.39
C ASN I 522 -6.25 -17.17 -28.39
N ILE I 523 -5.44 -16.34 -29.03
CA ILE I 523 -3.99 -16.55 -29.16
C ILE I 523 -3.20 -15.81 -28.10
N LYS I 524 -3.92 -15.23 -27.13
CA LYS I 524 -3.45 -14.71 -25.84
C LYS I 524 -2.63 -13.42 -25.95
N ILE I 525 -2.66 -12.72 -27.09
CA ILE I 525 -2.03 -11.41 -27.13
C ILE I 525 -2.84 -10.41 -26.31
N LEU I 526 -4.13 -10.33 -26.57
CA LEU I 526 -5.04 -9.51 -25.77
C LEU I 526 -5.60 -10.40 -24.68
N SER I 527 -5.04 -10.30 -23.48
CA SER I 527 -5.44 -11.11 -22.35
C SER I 527 -6.36 -10.30 -21.43
N LYS I 528 -6.87 -10.96 -20.40
CA LYS I 528 -7.82 -10.30 -19.48
C LYS I 528 -7.15 -9.19 -18.69
N ASN I 529 -5.88 -9.38 -18.33
CA ASN I 529 -5.14 -8.33 -17.64
C ASN I 529 -4.89 -7.15 -18.57
N ARG I 530 -4.60 -7.43 -19.85
CA ARG I 530 -4.39 -6.39 -20.85
C ARG I 530 -5.68 -5.59 -21.11
N ILE I 531 -6.80 -6.29 -21.27
CA ILE I 531 -8.08 -5.62 -21.47
C ILE I 531 -8.49 -4.82 -20.23
N LYS I 532 -8.20 -5.35 -19.04
CA LYS I 532 -8.55 -4.62 -17.82
C LYS I 532 -7.71 -3.37 -17.65
N GLU I 533 -6.39 -3.46 -17.91
CA GLU I 533 -5.54 -2.27 -17.82
C GLU I 533 -5.88 -1.24 -18.90
N PHE I 534 -6.19 -1.70 -20.11
CA PHE I 534 -6.61 -0.79 -21.17
C PHE I 534 -7.94 -0.13 -20.84
N TRP I 535 -8.81 -0.85 -20.12
CA TRP I 535 -10.08 -0.28 -19.71
C TRP I 535 -9.89 0.81 -18.66
N GLU I 536 -9.01 0.57 -17.67
CA GLU I 536 -8.71 1.61 -16.69
C GLU I 536 -8.03 2.82 -17.32
N GLU I 537 -7.15 2.60 -18.29
CA GLU I 537 -6.53 3.75 -18.96
C GLU I 537 -7.52 4.45 -19.90
N PHE I 538 -8.53 3.74 -20.40
CA PHE I 538 -9.56 4.39 -21.18
C PHE I 538 -10.49 5.20 -20.29
N CYS I 539 -10.68 4.77 -19.04
CA CYS I 539 -11.51 5.53 -18.12
C CYS I 539 -10.88 6.86 -17.71
N LYS I 540 -9.58 7.03 -17.86
CA LYS I 540 -8.93 8.30 -17.57
C LYS I 540 -8.90 9.23 -18.76
N GLY I 541 -9.35 8.79 -19.93
CA GLY I 541 -9.37 9.61 -21.12
C GLY I 541 -8.80 8.89 -22.32
N GLN I 542 -9.01 9.52 -23.48
CA GLN I 542 -8.52 8.95 -24.73
C GLN I 542 -7.01 9.09 -24.85
N LYS I 543 -6.46 10.22 -24.40
CA LYS I 543 -5.02 10.47 -24.54
C LYS I 543 -4.20 9.56 -23.63
N ALA I 544 -4.68 9.32 -22.41
CA ALA I 544 -3.98 8.43 -21.48
C ALA I 544 -4.00 7.00 -21.98
N ALA I 545 -5.14 6.57 -22.54
CA ALA I 545 -5.22 5.23 -23.10
C ALA I 545 -4.38 5.08 -24.36
N ILE I 546 -4.31 6.14 -25.18
CA ILE I 546 -3.43 6.16 -26.36
C ILE I 546 -1.98 6.03 -25.93
N LYS I 547 -1.66 6.73 -24.82
CA LYS I 547 -0.29 6.61 -24.29
C LYS I 547 -0.09 5.15 -23.90
N TYR I 548 -1.02 4.59 -23.20
CA TYR I 548 -0.88 3.24 -22.66
C TYR I 548 -0.61 2.23 -23.78
N ILE I 549 -1.43 2.25 -24.83
CA ILE I 549 -1.27 1.26 -25.89
C ILE I 549 0.00 1.56 -26.70
N THR I 550 0.41 2.83 -26.75
CA THR I 550 1.68 3.18 -27.37
C THR I 550 2.86 2.65 -26.57
N GLN I 551 2.78 2.67 -25.23
CA GLN I 551 3.84 2.05 -24.43
C GLN I 551 3.85 0.53 -24.54
N VAL I 552 2.67 -0.08 -24.69
CA VAL I 552 2.61 -1.53 -24.86
C VAL I 552 3.18 -1.95 -26.21
N HIS I 553 2.82 -1.23 -27.27
CA HIS I 553 3.20 -1.58 -28.63
C HIS I 553 4.64 -1.22 -28.98
N ARG I 554 5.29 -0.37 -28.17
CA ARG I 554 6.57 0.23 -28.56
C ARG I 554 7.68 -0.81 -28.59
N LYS I 555 8.21 -1.06 -29.79
CA LYS I 555 9.39 -1.90 -29.93
C LYS I 555 10.60 -1.16 -29.38
N ASN I 556 11.17 -1.69 -28.33
CA ASN I 556 12.28 -1.03 -27.66
C ASN I 556 13.52 -1.26 -28.52
N PRO I 557 14.20 -0.22 -29.00
CA PRO I 557 15.31 -0.41 -29.97
C PRO I 557 16.52 -1.12 -29.40
N ASN I 558 16.55 -1.30 -28.08
CA ASN I 558 17.76 -1.89 -27.45
C ASN I 558 17.54 -3.39 -27.24
N THR I 559 16.30 -3.83 -27.36
CA THR I 559 15.96 -5.24 -27.19
C THR I 559 15.13 -5.82 -28.32
N GLY I 560 14.38 -5.01 -29.05
CA GLY I 560 13.50 -5.52 -30.06
C GLY I 560 12.25 -6.18 -29.52
N ARG I 561 11.89 -5.90 -28.27
CA ARG I 561 10.75 -6.52 -27.61
C ARG I 561 9.66 -5.48 -27.40
N ARG I 562 8.43 -5.87 -27.70
CA ARG I 562 7.26 -5.07 -27.38
C ARG I 562 6.58 -5.67 -26.17
N ASN I 563 5.84 -4.85 -25.44
CA ASN I 563 5.25 -5.26 -24.18
C ASN I 563 3.99 -6.11 -24.33
N TRP I 564 3.62 -6.48 -25.56
CA TRP I 564 2.52 -7.41 -25.77
C TRP I 564 2.87 -8.79 -25.25
N ASN I 565 1.85 -9.52 -24.83
CA ASN I 565 2.02 -10.93 -24.54
C ASN I 565 2.31 -11.67 -25.84
N PRO I 566 3.26 -12.62 -25.85
CA PRO I 566 3.58 -13.33 -27.08
C PRO I 566 2.43 -14.22 -27.52
N PRO I 567 2.30 -14.47 -28.83
CA PRO I 567 1.20 -15.30 -29.32
C PRO I 567 1.38 -16.76 -28.94
N GLU I 568 0.26 -17.45 -28.77
CA GLU I 568 0.26 -18.89 -28.54
C GLU I 568 -0.07 -19.57 -29.86
N GLY I 569 0.90 -20.30 -30.41
CA GLY I 569 0.76 -20.89 -31.72
C GLY I 569 2.06 -20.87 -32.50
N ASP I 570 2.08 -21.52 -33.66
CA ASP I 570 3.30 -21.66 -34.47
C ASP I 570 3.40 -20.57 -35.52
N PHE I 571 3.36 -19.31 -35.10
CA PHE I 571 3.45 -18.18 -36.01
C PHE I 571 4.91 -17.77 -36.19
N THR I 572 5.27 -17.46 -37.44
CA THR I 572 6.57 -16.90 -37.72
C THR I 572 6.60 -15.43 -37.32
N ASP I 573 7.81 -14.85 -37.28
CA ASP I 573 8.04 -13.53 -36.70
C ASP I 573 7.35 -12.43 -37.50
N ASN I 574 7.22 -12.60 -38.82
CA ASN I 574 6.46 -11.65 -39.63
C ASN I 574 4.98 -11.69 -39.26
N GLU I 575 4.44 -12.89 -39.07
CA GLU I 575 3.04 -13.02 -38.67
C GLU I 575 2.83 -12.52 -37.25
N ILE I 576 3.81 -12.73 -36.37
CA ILE I 576 3.74 -12.21 -35.00
C ILE I 576 3.71 -10.69 -34.99
N GLU I 577 4.55 -10.06 -35.84
CA GLU I 577 4.56 -8.61 -35.96
C GLU I 577 3.26 -8.08 -36.57
N LYS I 578 2.69 -8.80 -37.54
CA LYS I 578 1.42 -8.39 -38.13
C LYS I 578 0.28 -8.50 -37.12
N LEU I 579 0.31 -9.52 -36.27
CA LEU I 579 -0.71 -9.65 -35.23
C LEU I 579 -0.55 -8.61 -34.13
N TYR I 580 0.68 -8.20 -33.83
CA TYR I 580 0.87 -7.08 -32.90
C TYR I 580 0.36 -5.77 -33.47
N GLU I 581 0.60 -5.54 -34.77
CA GLU I 581 0.05 -4.37 -35.44
C GLU I 581 -1.47 -4.42 -35.48
N THR I 582 -2.03 -5.63 -35.62
CA THR I 582 -3.47 -5.82 -35.57
C THR I 582 -4.03 -5.48 -34.19
N ALA I 583 -3.32 -5.87 -33.14
CA ALA I 583 -3.74 -5.53 -31.77
C ALA I 583 -3.68 -4.03 -31.52
N TYR I 584 -2.61 -3.39 -32.00
CA TYR I 584 -2.46 -1.93 -31.86
C TYR I 584 -3.57 -1.19 -32.59
N ASN I 585 -3.85 -1.60 -33.84
CA ASN I 585 -4.90 -0.94 -34.61
C ASN I 585 -6.29 -1.22 -34.03
N THR I 586 -6.50 -2.42 -33.48
CA THR I 586 -7.82 -2.78 -32.94
C THR I 586 -8.14 -2.01 -31.67
N LEU I 587 -7.21 -2.00 -30.70
CA LEU I 587 -7.49 -1.25 -29.48
C LEU I 587 -7.45 0.26 -29.73
N LEU I 588 -6.63 0.72 -30.68
CA LEU I 588 -6.58 2.14 -30.98
C LEU I 588 -7.81 2.60 -31.74
N SER I 589 -8.47 1.71 -32.49
CA SER I 589 -9.77 2.02 -33.06
C SER I 589 -10.87 1.95 -32.01
N LEU I 590 -10.74 1.03 -31.05
CA LEU I 590 -11.64 0.97 -29.89
C LEU I 590 -11.56 2.20 -29.01
N ILE I 591 -10.45 2.93 -29.03
CA ILE I 591 -10.30 4.16 -28.26
C ILE I 591 -11.29 5.23 -28.74
N LYS I 592 -11.58 5.26 -30.05
CA LYS I 592 -12.42 6.29 -30.64
C LYS I 592 -13.90 6.16 -30.25
N TYR I 593 -14.34 4.99 -29.79
CA TYR I 593 -15.73 4.82 -29.43
C TYR I 593 -16.03 5.43 -28.06
N ASP I 594 -17.32 5.57 -27.75
CA ASP I 594 -17.73 6.08 -26.45
C ASP I 594 -17.77 4.95 -25.41
N LYS I 595 -17.85 5.35 -24.13
CA LYS I 595 -17.47 4.52 -22.99
C LYS I 595 -18.36 3.28 -22.86
N ASN I 596 -19.66 3.43 -23.09
CA ASN I 596 -20.60 2.32 -22.97
C ASN I 596 -20.36 1.27 -24.05
N LYS I 597 -20.00 1.72 -25.25
CA LYS I 597 -19.76 0.78 -26.34
C LYS I 597 -18.48 -0.02 -26.12
N VAL I 598 -17.43 0.62 -25.61
CA VAL I 598 -16.20 -0.09 -25.23
C VAL I 598 -16.47 -1.08 -24.10
N TYR I 599 -17.31 -0.70 -23.14
CA TYR I 599 -17.66 -1.62 -22.05
C TYR I 599 -18.43 -2.82 -22.59
N ASN I 600 -19.26 -2.59 -23.60
CA ASN I 600 -20.08 -3.69 -24.14
C ASN I 600 -19.17 -4.64 -24.92
N ILE I 601 -18.25 -4.10 -25.72
CA ILE I 601 -17.33 -4.98 -26.44
C ILE I 601 -16.46 -5.77 -25.45
N LEU I 602 -15.87 -5.09 -24.47
CA LEU I 602 -14.90 -5.78 -23.64
C LEU I 602 -15.51 -6.60 -22.52
N ILE I 603 -16.82 -6.51 -22.28
CA ILE I 603 -17.44 -7.30 -21.23
C ILE I 603 -17.69 -8.74 -21.67
N ASN I 604 -17.62 -9.02 -22.97
CA ASN I 604 -17.73 -10.39 -23.45
C ASN I 604 -16.41 -11.14 -23.39
N PHE I 605 -15.34 -10.47 -22.97
CA PHE I 605 -13.98 -10.99 -22.99
C PHE I 605 -13.40 -11.09 -21.59
N ASN I 606 -13.47 -9.98 -20.85
CA ASN I 606 -13.01 -9.95 -19.44
C ASN I 606 -14.23 -9.57 -18.58
N PRO I 607 -14.96 -10.55 -18.01
CA PRO I 607 -16.18 -10.25 -17.28
C PRO I 607 -15.94 -9.37 -16.05
N LYS I 608 -14.75 -9.47 -15.46
CA LYS I 608 -14.45 -8.71 -14.21
C LYS I 608 -13.94 -7.31 -14.54
N LEU I 609 -14.66 -6.59 -15.53
CA LEU I 609 -14.08 -5.32 -15.93
C LEU I 609 -14.35 -4.22 -14.92
N ALA J 2 4.23 -38.88 -2.68
CA ALA J 2 3.45 -38.24 -1.64
C ALA J 2 3.75 -38.87 -0.28
N LYS J 3 4.29 -40.07 -0.25
CA LYS J 3 4.66 -40.72 1.02
C LYS J 3 6.14 -40.48 1.34
N THR J 4 7.02 -40.52 0.31
CA THR J 4 8.43 -40.25 0.52
C THR J 4 8.84 -39.00 -0.24
N MET J 5 10.03 -38.50 0.08
CA MET J 5 10.54 -37.25 -0.45
C MET J 5 12.04 -37.38 -0.65
N LYS J 6 12.58 -36.69 -1.64
CA LYS J 6 13.99 -36.84 -1.99
C LYS J 6 14.78 -35.60 -1.56
N LYS J 7 15.81 -35.82 -0.73
CA LYS J 7 16.77 -34.79 -0.35
C LYS J 7 18.03 -34.99 -1.16
N ILE J 8 18.41 -33.98 -1.93
CA ILE J 8 19.76 -33.88 -2.48
C ILE J 8 20.46 -32.75 -1.74
N TYR J 9 21.36 -33.11 -0.83
CA TYR J 9 22.21 -32.14 -0.17
C TYR J 9 23.40 -31.88 -1.08
N VAL J 10 23.56 -30.63 -1.50
CA VAL J 10 24.50 -30.24 -2.53
C VAL J 10 25.56 -29.36 -1.86
N THR J 11 26.80 -29.81 -1.92
CA THR J 11 27.94 -29.07 -1.36
C THR J 11 28.85 -28.69 -2.52
N MET J 12 28.99 -27.40 -2.76
CA MET J 12 29.69 -26.89 -3.92
C MET J 12 30.97 -26.18 -3.48
N LYS J 13 32.08 -26.58 -4.06
CA LYS J 13 33.37 -25.96 -3.78
C LYS J 13 33.78 -25.15 -5.00
N THR J 14 34.08 -23.88 -4.77
CA THR J 14 34.39 -22.95 -5.85
C THR J 14 35.81 -23.20 -6.34
N LEU J 15 35.98 -23.44 -7.64
CA LEU J 15 37.27 -23.80 -8.22
C LEU J 15 37.89 -22.71 -9.08
N SER J 16 37.16 -21.63 -9.34
CA SER J 16 37.64 -20.45 -10.03
C SER J 16 36.76 -19.33 -9.53
N PRO J 17 37.27 -18.08 -9.47
CA PRO J 17 36.57 -17.00 -8.74
C PRO J 17 35.14 -16.76 -9.20
N LEU J 18 34.25 -16.53 -8.26
CA LEU J 18 32.83 -16.54 -8.57
C LEU J 18 32.26 -15.14 -8.44
N TYR J 19 31.29 -14.83 -9.30
CA TYR J 19 30.62 -13.53 -9.23
C TYR J 19 29.15 -13.75 -9.55
N THR J 20 28.31 -13.70 -8.53
CA THR J 20 26.89 -13.47 -8.69
C THR J 20 26.61 -12.02 -8.30
N GLY J 21 25.85 -11.32 -9.12
CA GLY J 21 25.67 -9.90 -8.89
C GLY J 21 24.65 -9.59 -7.81
N GLU J 22 24.87 -8.46 -7.14
CA GLU J 22 23.88 -7.91 -6.23
C GLU J 22 22.60 -7.56 -6.97
N VAL J 23 21.47 -7.90 -6.35
CA VAL J 23 20.17 -7.78 -7.00
C VAL J 23 19.40 -6.67 -6.32
N ARG J 24 19.69 -6.46 -5.04
CA ARG J 24 18.97 -5.48 -4.24
C ARG J 24 19.43 -4.09 -4.63
N ARG J 25 18.45 -3.23 -4.92
CA ARG J 25 18.74 -1.88 -5.40
C ARG J 25 19.42 -1.05 -4.33
N GLU J 26 18.98 -1.20 -3.08
CA GLU J 26 19.61 -0.48 -1.99
C GLU J 26 21.01 -1.00 -1.70
N ASP J 27 21.23 -2.31 -1.82
CA ASP J 27 22.55 -2.86 -1.59
C ASP J 27 23.52 -2.51 -2.72
N LYS J 28 23.01 -2.48 -3.95
CA LYS J 28 23.84 -2.08 -5.09
C LYS J 28 24.14 -0.58 -5.07
N GLU J 29 23.19 0.23 -4.59
CA GLU J 29 23.37 1.67 -4.56
C GLU J 29 24.28 2.10 -3.40
N ALA J 30 24.20 1.40 -2.27
CA ALA J 30 25.08 1.72 -1.15
C ALA J 30 26.51 1.25 -1.36
N ALA J 31 26.76 0.42 -2.37
CA ALA J 31 28.09 -0.09 -2.63
C ALA J 31 28.75 0.49 -3.88
N GLN J 32 28.02 1.28 -4.67
CA GLN J 32 28.52 1.76 -5.96
C GLN J 32 29.66 2.75 -5.84
N LYS J 33 29.81 3.41 -4.69
CA LYS J 33 30.97 4.25 -4.45
C LYS J 33 32.17 3.44 -3.97
N ARG J 34 31.98 2.15 -3.71
CA ARG J 34 33.04 1.30 -3.16
C ARG J 34 33.38 0.15 -4.10
N VAL J 35 32.37 -0.55 -4.64
CA VAL J 35 32.54 -1.57 -5.67
C VAL J 35 31.55 -1.32 -6.81
N ASN J 36 32.03 -1.38 -8.04
CA ASN J 36 31.15 -1.30 -9.21
C ASN J 36 30.35 -2.59 -9.46
N PHE J 37 30.86 -3.75 -9.04
CA PHE J 37 30.14 -5.02 -9.16
C PHE J 37 30.07 -5.72 -7.81
N PRO J 38 28.96 -5.53 -7.06
CA PRO J 38 28.80 -6.15 -5.77
C PRO J 38 28.35 -7.58 -5.90
N VAL J 39 28.68 -8.44 -4.97
CA VAL J 39 28.29 -9.87 -5.05
C VAL J 39 27.00 -10.07 -4.25
N ARG J 40 26.18 -11.02 -4.64
CA ARG J 40 24.85 -11.21 -4.02
C ARG J 40 25.11 -11.75 -2.63
N LYS J 41 24.64 -11.03 -1.64
CA LYS J 41 24.96 -11.44 -0.26
C LYS J 41 23.70 -11.38 0.59
N THR J 42 23.79 -11.94 1.77
CA THR J 42 22.68 -11.88 2.69
C THR J 42 22.85 -10.68 3.62
N ALA J 43 21.85 -10.45 4.46
CA ALA J 43 22.00 -9.52 5.57
C ALA J 43 22.81 -10.11 6.70
N THR J 44 22.97 -11.44 6.73
CA THR J 44 23.93 -12.12 7.59
C THR J 44 25.29 -12.26 6.92
N ASN J 45 25.51 -11.54 5.82
CA ASN J 45 26.81 -11.40 5.14
C ASN J 45 27.34 -12.74 4.61
N LYS J 46 26.43 -13.54 4.05
CA LYS J 46 26.77 -14.80 3.42
C LYS J 46 26.32 -14.75 1.97
N VAL J 47 27.07 -15.40 1.09
CA VAL J 47 26.86 -15.22 -0.34
C VAL J 47 25.67 -16.04 -0.81
N LEU J 48 24.79 -15.40 -1.58
CA LEU J 48 23.56 -15.96 -2.09
C LEU J 48 23.75 -16.27 -3.57
N ILE J 49 23.48 -17.50 -3.98
CA ILE J 49 23.51 -17.79 -5.42
C ILE J 49 22.19 -18.40 -5.86
N PRO J 50 21.54 -17.85 -6.88
CA PRO J 50 20.38 -18.53 -7.47
C PRO J 50 20.79 -19.83 -8.14
N PHE J 51 20.01 -20.86 -7.88
CA PHE J 51 20.35 -22.23 -8.22
C PHE J 51 19.29 -22.94 -9.05
N LYS J 52 18.01 -22.64 -8.80
CA LYS J 52 16.90 -23.24 -9.52
C LYS J 52 16.94 -22.90 -11.01
N GLY J 53 17.24 -21.64 -11.32
CA GLY J 53 17.33 -21.23 -12.72
C GLY J 53 18.50 -21.86 -13.46
N ALA J 54 19.64 -22.02 -12.77
CA ALA J 54 20.80 -22.64 -13.40
C ALA J 54 20.55 -24.11 -13.73
N LEU J 55 19.94 -24.84 -12.79
CA LEU J 55 19.59 -26.24 -13.02
C LEU J 55 18.55 -26.39 -14.11
N ARG J 56 17.54 -25.50 -14.11
CA ARG J 56 16.50 -25.55 -15.13
C ARG J 56 17.06 -25.24 -16.52
N SER J 57 17.92 -24.22 -16.63
CA SER J 57 18.52 -23.86 -17.91
C SER J 57 19.44 -24.95 -18.42
N ALA J 58 20.20 -25.57 -17.52
CA ALA J 58 21.06 -26.69 -17.88
C ALA J 58 20.26 -27.87 -18.41
N LEU J 59 19.20 -28.26 -17.70
CA LEU J 59 18.41 -29.40 -18.14
C LEU J 59 17.66 -29.13 -19.44
N GLU J 60 17.18 -27.90 -19.65
CA GLU J 60 16.58 -27.53 -20.94
C GLU J 60 17.58 -27.62 -22.07
N ILE J 61 18.82 -27.19 -21.83
CA ILE J 61 19.83 -27.19 -22.90
C ILE J 61 20.21 -28.63 -23.29
N MET J 62 20.48 -29.49 -22.30
CA MET J 62 20.84 -30.88 -22.61
C MET J 62 19.66 -31.67 -23.17
N LEU J 63 18.45 -31.47 -22.63
CA LEU J 63 17.31 -32.24 -23.11
C LEU J 63 16.82 -31.75 -24.46
N LYS J 64 17.06 -30.48 -24.80
CA LYS J 64 16.75 -30.02 -26.15
C LYS J 64 17.78 -30.55 -27.13
N ALA J 65 19.05 -30.61 -26.72
CA ALA J 65 20.06 -31.17 -27.60
C ALA J 65 20.00 -32.68 -27.70
N LYS J 66 19.27 -33.36 -26.80
CA LYS J 66 19.07 -34.80 -26.91
C LYS J 66 17.94 -35.13 -27.86
N GLY J 67 16.93 -34.27 -27.96
CA GLY J 67 15.78 -34.52 -28.80
C GLY J 67 14.50 -34.79 -28.04
N GLU J 68 14.55 -34.84 -26.71
CA GLU J 68 13.34 -35.00 -25.92
C GLU J 68 12.53 -33.71 -25.90
N ASN J 69 11.22 -33.86 -25.77
CA ASN J 69 10.29 -32.73 -25.83
C ASN J 69 10.37 -31.94 -24.54
N VAL J 70 11.09 -30.82 -24.57
CA VAL J 70 11.11 -29.86 -23.46
C VAL J 70 10.79 -28.48 -24.00
N CYS J 71 10.11 -27.69 -23.18
CA CYS J 71 9.81 -26.31 -23.50
C CYS J 71 11.04 -25.45 -23.28
N ASP J 72 11.15 -24.40 -24.07
CA ASP J 72 12.24 -23.42 -23.92
C ASP J 72 11.64 -22.25 -23.17
N THR J 73 11.70 -22.32 -21.84
CA THR J 73 11.06 -21.35 -20.96
C THR J 73 11.84 -20.03 -20.92
N GLY J 74 13.15 -20.07 -21.14
CA GLY J 74 14.00 -18.90 -21.04
C GLY J 74 13.80 -17.85 -22.13
N GLU J 75 13.00 -18.13 -23.15
CA GLU J 75 12.56 -17.08 -24.05
C GLU J 75 11.64 -16.11 -23.31
N SER J 76 11.56 -14.89 -23.85
CA SER J 76 10.86 -13.80 -23.18
C SER J 76 9.38 -14.08 -23.07
N ARG J 77 8.87 -14.09 -21.82
CA ARG J 77 7.46 -14.31 -21.47
C ARG J 77 6.94 -15.64 -22.02
N ALA J 78 7.79 -16.66 -21.99
CA ALA J 78 7.45 -17.95 -22.55
C ALA J 78 6.76 -18.81 -21.50
N ARG J 79 5.55 -19.25 -21.80
CA ARG J 79 4.81 -20.09 -20.89
C ARG J 79 5.36 -21.51 -20.95
N PRO J 80 5.72 -22.10 -19.81
CA PRO J 80 6.12 -23.51 -19.79
C PRO J 80 4.96 -24.42 -20.19
N CYS J 81 5.30 -25.54 -20.84
CA CYS J 81 4.30 -26.37 -21.49
C CYS J 81 3.47 -27.16 -20.48
N GLY J 82 4.08 -27.60 -19.39
CA GLY J 82 3.38 -28.40 -18.40
C GLY J 82 3.41 -29.89 -18.64
N ARG J 83 4.01 -30.35 -19.73
CA ARG J 83 4.08 -31.77 -20.03
C ARG J 83 5.50 -32.31 -20.13
N CYS J 84 6.51 -31.46 -20.00
CA CYS J 84 7.90 -31.89 -20.08
C CYS J 84 8.44 -32.20 -18.69
N VAL J 85 9.59 -32.85 -18.64
CA VAL J 85 10.15 -33.27 -17.36
C VAL J 85 10.83 -32.12 -16.64
N THR J 86 11.22 -31.05 -17.35
CA THR J 86 11.63 -29.84 -16.66
C THR J 86 10.43 -29.09 -16.10
N CYS J 87 9.27 -29.23 -16.75
CA CYS J 87 8.03 -28.72 -16.16
C CYS J 87 7.61 -29.54 -14.95
N SER J 88 7.94 -30.83 -14.93
CA SER J 88 7.65 -31.63 -13.74
C SER J 88 8.60 -31.27 -12.62
N LEU J 89 9.89 -31.16 -12.92
CA LEU J 89 10.90 -30.93 -11.90
C LEU J 89 10.88 -29.50 -11.39
N PHE J 90 10.79 -28.52 -12.29
CA PHE J 90 10.93 -27.12 -11.91
C PHE J 90 9.67 -26.28 -12.10
N GLY J 91 8.61 -26.85 -12.63
CA GLY J 91 7.33 -26.17 -12.52
C GLY J 91 6.79 -25.69 -13.85
N SER J 92 5.50 -25.42 -13.84
CA SER J 92 4.79 -24.81 -14.95
C SER J 92 3.87 -23.75 -14.37
N MET J 93 3.08 -23.12 -15.23
CA MET J 93 2.17 -22.09 -14.76
C MET J 93 0.93 -22.68 -14.09
N GLY J 94 0.69 -23.97 -14.27
CA GLY J 94 -0.42 -24.64 -13.61
C GLY J 94 -0.01 -25.50 -12.43
N ARG J 95 1.21 -26.04 -12.48
CA ARG J 95 1.67 -26.94 -11.40
C ARG J 95 3.07 -26.53 -11.00
N ALA J 96 3.30 -26.43 -9.70
CA ALA J 96 4.60 -26.05 -9.19
C ALA J 96 5.61 -27.16 -9.41
N GLY J 97 6.87 -26.82 -9.21
CA GLY J 97 7.92 -27.81 -9.33
C GLY J 97 7.94 -28.73 -8.12
N ARG J 98 8.17 -30.01 -8.40
CA ARG J 98 8.47 -30.94 -7.31
C ARG J 98 9.78 -30.59 -6.64
N ALA J 99 10.80 -30.23 -7.41
CA ALA J 99 12.13 -29.97 -6.87
C ALA J 99 12.21 -28.53 -6.40
N SER J 100 11.89 -28.32 -5.12
CA SER J 100 12.16 -27.04 -4.47
C SER J 100 13.66 -26.94 -4.24
N VAL J 101 14.28 -25.98 -4.92
CA VAL J 101 15.74 -25.83 -4.94
C VAL J 101 16.10 -24.67 -4.05
N ASP J 102 16.86 -24.92 -3.01
CA ASP J 102 17.32 -23.85 -2.14
C ASP J 102 18.39 -23.02 -2.82
N PHE J 103 18.62 -21.84 -2.27
CA PHE J 103 19.74 -21.03 -2.70
C PHE J 103 21.05 -21.68 -2.26
N LEU J 104 22.12 -21.33 -2.95
CA LEU J 104 23.46 -21.76 -2.56
C LEU J 104 23.98 -20.75 -1.53
N ILE J 105 23.97 -21.14 -0.26
CA ILE J 105 24.38 -20.29 0.84
C ILE J 105 25.79 -20.67 1.24
N SER J 106 26.67 -19.68 1.32
CA SER J 106 28.05 -19.92 1.71
C SER J 106 28.14 -20.31 3.18
N ASN J 107 29.07 -21.21 3.49
CA ASN J 107 29.29 -21.57 4.89
C ASN J 107 30.03 -20.48 5.65
N ASP J 108 30.76 -19.61 4.97
CA ASP J 108 31.52 -18.55 5.61
C ASP J 108 30.93 -17.19 5.30
N THR J 109 31.48 -16.19 5.98
CA THR J 109 31.01 -14.82 5.97
C THR J 109 31.71 -14.08 4.82
N LYS J 110 31.17 -12.93 4.38
CA LYS J 110 31.76 -12.13 3.31
C LYS J 110 33.16 -11.63 3.63
N GLU J 111 33.54 -11.56 4.91
CA GLU J 111 34.87 -11.09 5.26
C GLU J 111 35.92 -12.15 4.99
N GLN J 112 35.52 -13.41 4.98
CA GLN J 112 36.46 -14.50 4.75
C GLN J 112 36.52 -14.94 3.29
N ILE J 113 35.46 -14.73 2.51
CA ILE J 113 35.43 -15.33 1.19
C ILE J 113 35.21 -14.33 0.04
N VAL J 114 34.90 -13.08 0.32
CA VAL J 114 34.59 -12.13 -0.74
C VAL J 114 35.67 -11.05 -0.76
N ARG J 115 36.26 -10.82 -1.93
CA ARG J 115 37.35 -9.87 -2.05
C ARG J 115 37.05 -8.84 -3.13
N GLU J 116 37.62 -7.64 -3.04
CA GLU J 116 37.47 -6.65 -4.13
C GLU J 116 38.47 -6.99 -5.24
N SER J 117 38.31 -6.43 -6.43
CA SER J 117 39.17 -6.83 -7.58
C SER J 117 39.23 -5.74 -8.65
N THR J 118 40.36 -5.63 -9.35
CA THR J 118 40.50 -4.66 -10.45
C THR J 118 40.34 -5.39 -11.73
N HIS J 119 39.26 -5.09 -12.42
CA HIS J 119 39.07 -5.67 -13.76
C HIS J 119 39.50 -4.57 -14.72
N LEU J 120 40.17 -4.93 -15.81
CA LEU J 120 40.65 -3.97 -16.78
C LEU J 120 40.01 -4.17 -18.14
N ARG J 121 40.02 -3.08 -18.90
CA ARG J 121 39.88 -3.08 -20.35
C ARG J 121 41.09 -2.35 -20.91
N ILE J 122 41.85 -3.06 -21.75
CA ILE J 122 43.12 -2.59 -22.29
C ILE J 122 42.99 -2.37 -23.78
N GLU J 123 43.47 -1.21 -24.25
CA GLU J 123 43.50 -0.89 -25.67
C GLU J 123 44.41 -1.85 -26.42
N ARG J 124 44.06 -2.13 -27.67
CA ARG J 124 44.78 -3.15 -28.43
C ARG J 124 45.96 -2.59 -29.22
N GLN J 125 45.94 -1.31 -29.59
CA GLN J 125 47.07 -0.75 -30.31
C GLN J 125 48.13 -0.22 -29.36
N THR J 126 47.73 0.60 -28.39
CA THR J 126 48.68 1.18 -27.46
C THR J 126 49.00 0.27 -26.28
N LYS J 127 48.33 -0.88 -26.16
CA LYS J 127 48.55 -1.90 -25.11
C LYS J 127 48.46 -1.30 -23.71
N SER J 128 47.54 -0.35 -23.56
CA SER J 128 47.48 0.37 -22.28
C SER J 128 46.08 0.36 -21.67
N ALA J 129 46.03 0.49 -20.37
CA ALA J 129 44.83 0.54 -19.56
C ALA J 129 43.84 1.61 -20.05
N SER J 130 42.70 1.16 -20.56
CA SER J 130 41.69 2.10 -21.01
C SER J 130 40.62 2.32 -19.95
N ASP J 131 39.98 1.25 -19.48
CA ASP J 131 39.00 1.34 -18.41
C ASP J 131 39.42 0.47 -17.23
N THR J 132 39.21 0.97 -16.03
CA THR J 132 39.43 0.19 -14.81
C THR J 132 38.13 0.16 -14.02
N PHE J 133 37.78 -1.02 -13.52
CA PHE J 133 36.57 -1.16 -12.73
C PHE J 133 36.84 -2.14 -11.60
N LYS J 134 35.95 -2.16 -10.61
CA LYS J 134 36.15 -2.98 -9.43
C LYS J 134 34.96 -3.90 -9.22
N GLY J 135 35.23 -5.17 -8.97
CA GLY J 135 34.21 -6.16 -8.70
C GLY J 135 34.42 -6.82 -7.35
N GLU J 136 33.41 -7.51 -6.84
CA GLU J 136 33.58 -8.39 -5.69
C GLU J 136 33.61 -9.81 -6.23
N GLU J 137 34.50 -10.63 -5.70
CA GLU J 137 34.54 -12.01 -6.16
C GLU J 137 34.67 -12.96 -4.98
N VAL J 138 33.97 -14.08 -5.08
CA VAL J 138 34.10 -15.17 -4.12
C VAL J 138 35.37 -15.93 -4.43
N ILE J 139 36.15 -16.25 -3.39
CA ILE J 139 37.47 -16.82 -3.63
C ILE J 139 37.28 -18.29 -3.94
N GLU J 140 38.32 -18.92 -4.45
CA GLU J 140 38.33 -20.34 -4.74
C GLU J 140 38.62 -21.13 -3.47
N GLY J 141 37.85 -22.18 -3.25
CA GLY J 141 37.87 -22.92 -2.01
C GLY J 141 36.68 -22.65 -1.11
N ALA J 142 35.84 -21.69 -1.45
CA ALA J 142 34.65 -21.42 -0.67
C ALA J 142 33.62 -22.53 -0.85
N THR J 143 32.90 -22.81 0.23
CA THR J 143 31.95 -23.91 0.27
C THR J 143 30.54 -23.37 0.38
N PHE J 144 29.66 -23.81 -0.52
CA PHE J 144 28.26 -23.43 -0.53
C PHE J 144 27.41 -24.68 -0.33
N THR J 145 26.27 -24.51 0.33
CA THR J 145 25.35 -25.61 0.59
C THR J 145 23.96 -25.26 0.08
N ALA J 146 23.28 -26.26 -0.49
CA ALA J 146 21.91 -26.10 -0.94
C ALA J 146 21.20 -27.43 -0.87
N THR J 147 19.97 -27.43 -0.39
CA THR J 147 19.19 -28.65 -0.26
C THR J 147 18.06 -28.64 -1.29
N ILE J 148 18.03 -29.66 -2.14
CA ILE J 148 16.98 -29.80 -3.15
C ILE J 148 15.99 -30.84 -2.65
N THR J 149 14.75 -30.41 -2.42
CA THR J 149 13.70 -31.29 -1.90
C THR J 149 12.70 -31.56 -3.01
N ILE J 150 12.57 -32.82 -3.39
CA ILE J 150 11.60 -33.25 -4.40
C ILE J 150 10.41 -33.85 -3.67
N SER J 151 9.22 -33.31 -3.94
CA SER J 151 8.01 -33.64 -3.19
C SER J 151 7.42 -34.98 -3.61
N ASN J 152 7.23 -35.19 -4.91
CA ASN J 152 6.81 -36.48 -5.44
C ASN J 152 7.94 -37.04 -6.28
N PRO J 153 8.88 -37.77 -5.66
CA PRO J 153 10.09 -38.20 -6.41
C PRO J 153 9.81 -39.33 -7.38
N GLN J 154 10.18 -39.11 -8.63
CA GLN J 154 10.17 -40.15 -9.64
C GLN J 154 11.56 -40.79 -9.72
N GLU J 155 11.74 -41.68 -10.68
CA GLU J 155 12.96 -42.48 -10.69
C GLU J 155 14.13 -41.68 -11.24
N LYS J 156 13.89 -40.81 -12.22
CA LYS J 156 14.96 -40.20 -12.99
C LYS J 156 15.34 -38.81 -12.48
N ASP J 157 14.66 -38.29 -11.45
CA ASP J 157 14.88 -36.90 -11.02
C ASP J 157 16.26 -36.68 -10.42
N LEU J 158 16.75 -37.65 -9.64
CA LEU J 158 18.09 -37.56 -9.05
C LEU J 158 19.16 -37.58 -10.15
N SER J 159 18.99 -38.44 -11.15
CA SER J 159 19.93 -38.50 -12.26
C SER J 159 19.87 -37.24 -13.11
N LEU J 160 18.68 -36.66 -13.26
CA LEU J 160 18.54 -35.40 -13.97
C LEU J 160 19.24 -34.26 -13.24
N ILE J 161 19.12 -34.22 -11.92
CA ILE J 161 19.79 -33.18 -11.13
C ILE J 161 21.30 -33.38 -11.17
N GLN J 162 21.78 -34.63 -11.12
CA GLN J 162 23.22 -34.87 -11.18
C GLN J 162 23.80 -34.54 -12.56
N SER J 163 23.06 -34.79 -13.63
CA SER J 163 23.52 -34.40 -14.96
C SER J 163 23.53 -32.88 -15.12
N ALA J 164 22.54 -32.20 -14.53
CA ALA J 164 22.55 -30.74 -14.54
C ALA J 164 23.68 -30.16 -13.71
N LEU J 165 24.04 -30.82 -12.61
CA LEU J 165 25.19 -30.39 -11.82
C LEU J 165 26.49 -30.60 -12.56
N LYS J 166 26.60 -31.70 -13.32
CA LYS J 166 27.79 -31.91 -14.13
C LYS J 166 27.88 -30.88 -15.26
N PHE J 167 26.72 -30.49 -15.81
CA PHE J 167 26.70 -29.40 -16.78
C PHE J 167 27.09 -28.06 -16.17
N ILE J 168 26.72 -27.82 -14.91
CA ILE J 168 27.04 -26.55 -14.27
C ILE J 168 28.54 -26.53 -13.92
N GLU J 169 29.10 -27.68 -13.52
CA GLU J 169 30.56 -27.82 -13.41
C GLU J 169 31.27 -27.55 -14.73
N GLU J 170 30.68 -27.99 -15.82
CA GLU J 170 31.38 -27.81 -17.12
C GLU J 170 31.24 -26.36 -17.57
N ASN J 171 30.09 -25.74 -17.36
CA ASN J 171 29.82 -24.40 -17.88
C ASN J 171 30.13 -23.30 -16.88
N GLY J 172 29.61 -23.40 -15.66
CA GLY J 172 29.79 -22.36 -14.68
C GLY J 172 28.48 -21.92 -14.05
N ILE J 173 28.55 -21.29 -12.88
CA ILE J 173 27.37 -20.74 -12.23
C ILE J 173 27.67 -19.29 -11.87
N GLY J 174 26.60 -18.51 -11.73
CA GLY J 174 26.76 -17.09 -11.51
C GLY J 174 26.97 -16.33 -12.82
N GLY J 175 27.76 -15.27 -12.75
CA GLY J 175 28.03 -14.41 -13.88
C GLY J 175 29.47 -14.46 -14.34
N TRP J 176 29.73 -13.71 -15.42
CA TRP J 176 31.03 -13.62 -16.10
C TRP J 176 31.54 -15.00 -16.51
N LEU J 177 30.64 -15.84 -17.01
CA LEU J 177 30.94 -17.25 -17.22
C LEU J 177 31.93 -17.48 -18.35
N ASN J 178 31.96 -16.58 -19.34
CA ASN J 178 32.87 -16.76 -20.46
C ASN J 178 34.28 -16.29 -20.15
N LYS J 179 34.48 -15.51 -19.09
CA LYS J 179 35.81 -15.06 -18.68
C LYS J 179 36.52 -16.05 -17.78
N GLY J 180 35.91 -17.18 -17.47
CA GLY J 180 36.48 -18.15 -16.55
C GLY J 180 35.92 -18.10 -15.16
N TYR J 181 34.95 -17.24 -14.90
CA TYR J 181 34.39 -17.12 -13.57
C TYR J 181 33.35 -18.20 -13.31
N GLY J 182 33.24 -18.60 -12.05
CA GLY J 182 32.14 -19.44 -11.62
C GLY J 182 32.28 -20.93 -11.84
N ARG J 183 33.48 -21.43 -12.10
CA ARG J 183 33.66 -22.87 -12.28
C ARG J 183 33.69 -23.53 -10.91
N VAL J 184 32.83 -24.52 -10.71
CA VAL J 184 32.57 -25.08 -9.39
C VAL J 184 32.75 -26.59 -9.44
N SER J 185 32.69 -27.20 -8.26
CA SER J 185 32.65 -28.64 -8.10
C SER J 185 31.50 -28.97 -7.16
N PHE J 186 30.89 -30.13 -7.38
CA PHE J 186 29.69 -30.51 -6.64
C PHE J 186 29.88 -31.84 -5.94
N GLU J 187 29.28 -31.96 -4.76
CA GLU J 187 29.32 -33.22 -3.99
C GLU J 187 27.89 -33.54 -3.53
N VAL J 188 27.11 -34.25 -4.36
CA VAL J 188 25.69 -34.54 -4.03
C VAL J 188 25.59 -35.61 -2.93
N LYS J 189 24.68 -35.44 -1.98
CA LYS J 189 24.45 -36.46 -0.92
C LYS J 189 22.93 -36.70 -0.85
N SER J 190 22.42 -37.66 -1.63
CA SER J 190 20.95 -37.89 -1.69
C SER J 190 20.46 -38.62 -0.42
N GLU J 191 19.14 -38.60 -0.19
CA GLU J 191 18.55 -39.26 0.99
C GLU J 191 17.02 -39.32 0.80
N ASP J 192 16.43 -40.51 0.92
CA ASP J 192 14.99 -40.65 0.72
C ASP J 192 14.34 -40.61 2.09
N VAL J 193 13.79 -39.46 2.45
CA VAL J 193 13.19 -39.27 3.76
C VAL J 193 11.70 -39.49 3.64
N ALA J 194 11.06 -39.74 4.78
CA ALA J 194 9.61 -39.80 4.79
C ALA J 194 9.07 -38.38 4.78
N THR J 195 7.80 -38.26 4.39
CA THR J 195 7.13 -36.98 4.52
C THR J 195 6.56 -36.76 5.92
N ASP J 196 6.28 -37.83 6.65
CA ASP J 196 5.68 -37.76 7.97
C ASP J 196 6.70 -37.92 9.09
N ARG J 197 7.99 -37.66 8.81
CA ARG J 197 9.04 -37.93 9.78
C ARG J 197 9.04 -36.95 10.94
N PHE J 198 8.46 -35.77 10.77
CA PHE J 198 8.41 -34.80 11.87
C PHE J 198 7.30 -35.10 12.86
N LEU J 199 6.35 -35.94 12.49
CA LEU J 199 5.23 -36.28 13.35
C LEU J 199 5.68 -37.17 14.50
N LYS J 200 5.55 -36.68 15.72
CA LYS J 200 5.99 -37.42 16.90
C LYS J 200 4.93 -38.39 17.37
N ASN K 163 -0.83 32.50 28.69
CA ASN K 163 -1.01 33.80 29.29
C ASN K 163 -1.61 34.79 28.29
N TYR K 164 -2.70 35.43 28.69
CA TYR K 164 -3.38 36.41 27.86
C TYR K 164 -3.52 37.70 28.65
N LEU K 165 -2.96 38.78 28.07
CA LEU K 165 -3.03 40.13 28.68
C LEU K 165 -3.92 41.00 27.79
N PHE K 166 -4.87 41.74 28.38
CA PHE K 166 -5.79 42.55 27.61
C PHE K 166 -5.55 44.04 27.84
N MET K 184 2.56 47.50 33.52
CA MET K 184 3.04 46.35 32.77
C MET K 184 3.19 45.14 33.67
N PRO K 185 2.31 44.14 33.50
CA PRO K 185 2.53 42.82 34.10
C PRO K 185 3.91 42.24 33.80
N ASP K 186 4.69 42.03 34.85
CA ASP K 186 6.09 41.65 34.69
C ASP K 186 6.23 40.18 34.26
N GLY K 187 5.25 39.35 34.61
CA GLY K 187 5.29 37.96 34.22
C GLY K 187 5.17 37.75 32.72
N ASN K 188 5.52 36.54 32.29
CA ASN K 188 5.54 36.18 30.88
C ASN K 188 4.16 36.31 30.25
N VAL K 189 4.13 36.90 29.06
CA VAL K 189 2.89 37.15 28.33
C VAL K 189 3.06 36.51 26.96
N ASP K 190 2.35 35.40 26.73
CA ASP K 190 2.42 34.74 25.44
C ASP K 190 1.57 35.45 24.39
N TYR K 191 0.46 36.05 24.82
CA TYR K 191 -0.45 36.67 23.83
C TYR K 191 -0.98 38.01 24.34
N LEU K 192 -0.97 39.03 23.47
CA LEU K 192 -1.45 40.38 23.85
C LEU K 192 -2.64 40.73 22.96
N ILE K 193 -3.69 41.33 23.54
CA ILE K 193 -4.89 41.72 22.75
C ILE K 193 -5.02 43.24 22.87
N LEU K 194 -4.55 43.98 21.86
CA LEU K 194 -4.64 45.43 21.90
C LEU K 194 -5.82 45.90 21.04
N ASP K 377 2.45 55.33 18.66
CA ASP K 377 3.81 54.88 18.93
C ASP K 377 3.97 54.50 20.40
N GLU K 378 3.00 54.90 21.23
CA GLU K 378 3.00 54.47 22.62
C GLU K 378 2.66 52.99 22.76
N LEU K 379 1.89 52.46 21.81
CA LEU K 379 1.59 51.03 21.75
C LEU K 379 2.87 50.20 21.59
N ILE K 380 3.73 50.64 20.68
CA ILE K 380 5.06 50.05 20.45
C ILE K 380 5.90 50.09 21.72
N ASP K 381 5.85 51.23 22.43
CA ASP K 381 6.62 51.39 23.67
C ASP K 381 6.11 50.44 24.75
N TYR K 382 4.79 50.29 24.87
CA TYR K 382 4.22 49.36 25.84
C TYR K 382 4.58 47.93 25.49
N ILE K 383 4.51 47.58 24.21
CA ILE K 383 4.80 46.22 23.76
C ILE K 383 6.27 45.86 23.98
N GLU K 384 7.18 46.79 23.69
CA GLU K 384 8.59 46.55 23.96
C GLU K 384 8.88 46.60 25.46
N ARG K 385 8.04 47.25 26.25
CA ARG K 385 8.23 47.39 27.68
C ARG K 385 7.90 46.12 28.47
N LEU K 386 7.21 45.14 27.87
CA LEU K 386 6.98 43.87 28.55
C LEU K 386 8.27 43.06 28.63
N LYS K 387 8.48 42.43 29.78
CA LYS K 387 9.54 41.43 29.92
C LYS K 387 9.28 40.27 28.98
N TYR K 388 10.36 39.72 28.42
CA TYR K 388 10.38 38.78 27.29
C TYR K 388 9.72 39.48 26.10
N THR K 389 9.15 38.72 25.16
CA THR K 389 8.40 39.32 24.08
C THR K 389 7.14 38.49 23.85
N PRO K 390 6.03 39.13 23.47
CA PRO K 390 4.83 38.35 23.13
C PRO K 390 5.04 37.51 21.88
N TYR K 391 4.46 36.32 21.91
CA TYR K 391 4.54 35.43 20.74
C TYR K 391 3.65 35.95 19.62
N LYS K 392 2.36 36.11 19.89
CA LYS K 392 1.42 36.75 18.99
C LYS K 392 0.76 37.92 19.69
N VAL K 393 0.52 39.00 18.97
CA VAL K 393 -0.32 40.10 19.46
C VAL K 393 -1.54 40.20 18.54
N PHE K 394 -2.70 40.37 19.15
CA PHE K 394 -3.96 40.46 18.41
C PHE K 394 -4.34 41.94 18.32
N LEU K 395 -3.94 42.59 17.23
CA LEU K 395 -4.23 44.01 17.05
C LEU K 395 -5.58 44.21 16.37
N GLU K 404 -3.67 47.49 10.95
CA GLU K 404 -3.35 47.87 9.58
C GLU K 404 -1.87 48.24 9.46
N ILE K 405 -1.60 49.55 9.36
CA ILE K 405 -0.22 50.03 9.31
C ILE K 405 0.47 49.82 10.66
N LEU K 406 -0.28 49.91 11.76
CA LEU K 406 0.29 49.65 13.08
C LEU K 406 0.62 48.16 13.25
N ALA K 407 -0.19 47.28 12.65
CA ALA K 407 0.10 45.85 12.68
C ALA K 407 1.37 45.53 11.92
N LYS K 408 1.56 46.14 10.75
CA LYS K 408 2.78 45.94 9.98
C LYS K 408 4.00 46.60 10.64
N ARG K 409 3.77 47.68 11.38
CA ARG K 409 4.89 48.31 12.14
C ARG K 409 5.29 47.35 13.27
N ILE K 410 4.29 46.77 13.94
CA ILE K 410 4.55 45.77 14.98
C ILE K 410 5.29 44.57 14.39
N ILE K 411 4.96 44.19 13.15
CA ILE K 411 5.70 43.18 12.40
C ILE K 411 7.16 43.61 12.22
N SER K 412 7.37 44.91 11.97
CA SER K 412 8.72 45.45 11.83
C SER K 412 9.55 45.38 13.11
N LYS K 413 8.93 45.17 14.28
CA LYS K 413 9.66 44.92 15.51
C LYS K 413 9.84 43.41 15.78
N LYS K 414 9.79 42.58 14.74
CA LYS K 414 10.06 41.12 14.79
C LYS K 414 9.08 40.37 15.69
N ILE K 415 7.84 40.87 15.80
CA ILE K 415 6.80 40.23 16.59
C ILE K 415 5.63 39.88 15.68
N ARG K 416 5.09 38.68 15.84
CA ARG K 416 4.00 38.18 15.01
C ARG K 416 2.71 38.95 15.28
N VAL K 417 1.82 38.99 14.28
CA VAL K 417 0.51 39.60 14.43
C VAL K 417 -0.49 38.59 13.89
N GLU K 418 -1.76 38.76 14.26
CA GLU K 418 -2.85 38.01 13.65
C GLU K 418 -3.76 38.88 12.80
N LEU K 419 -4.08 40.10 13.27
CA LEU K 419 -5.08 41.02 12.74
C LEU K 419 -6.42 40.32 12.51
N PRO K 420 -7.18 39.98 13.58
CA PRO K 420 -8.41 39.20 13.41
C PRO K 420 -9.54 39.98 12.74
N LYS K 434 -15.51 21.48 12.07
CA LYS K 434 -14.88 20.28 11.55
C LYS K 434 -13.41 20.53 11.21
N VAL K 435 -12.57 19.53 11.45
CA VAL K 435 -11.15 19.65 11.18
C VAL K 435 -10.91 19.61 9.68
N VAL K 436 -10.14 20.58 9.18
CA VAL K 436 -9.92 20.76 7.75
C VAL K 436 -8.62 20.06 7.36
N LEU K 437 -8.69 19.18 6.36
CA LEU K 437 -7.56 18.37 5.92
C LEU K 437 -7.35 18.54 4.42
N ASN K 438 -6.23 19.16 4.04
CA ASN K 438 -5.86 19.33 2.63
C ASN K 438 -5.05 18.12 2.17
N ILE K 439 -5.74 17.15 1.58
CA ILE K 439 -5.08 15.96 1.01
C ILE K 439 -4.77 16.31 -0.44
N ASN K 440 -3.53 16.74 -0.69
CA ASN K 440 -3.18 17.24 -2.00
C ASN K 440 -1.67 17.14 -2.20
N THR K 441 -1.26 17.10 -3.47
CA THR K 441 0.14 17.29 -3.83
C THR K 441 0.52 18.75 -3.65
N ASP K 442 1.80 19.07 -3.83
CA ASP K 442 2.28 20.42 -3.56
C ASP K 442 3.24 20.91 -4.62
N ASN K 443 2.91 22.05 -5.22
CA ASN K 443 3.86 22.86 -5.97
C ASN K 443 3.57 24.32 -5.64
N MET K 444 4.60 25.06 -5.25
CA MET K 444 4.42 26.41 -4.72
C MET K 444 5.10 27.42 -5.61
N CYS K 445 4.32 28.40 -6.09
CA CYS K 445 4.82 29.56 -6.79
C CYS K 445 4.72 30.71 -5.80
N ASN K 446 5.86 31.37 -5.54
CA ASN K 446 5.91 32.44 -4.54
C ASN K 446 5.01 33.59 -4.97
N PHE K 447 5.03 33.92 -6.28
CA PHE K 447 4.23 34.99 -6.89
C PHE K 447 4.33 36.31 -6.14
N ALA K 448 3.20 36.80 -5.62
CA ALA K 448 3.15 38.00 -4.80
C ALA K 448 3.85 37.79 -3.45
N SER K 449 3.68 38.79 -2.58
CA SER K 449 4.15 38.70 -1.20
C SER K 449 3.60 37.48 -0.47
N TYR K 450 2.30 37.22 -0.66
CA TYR K 450 1.71 35.97 -0.21
C TYR K 450 2.09 34.84 -1.14
N ARG K 451 2.38 33.67 -0.59
CA ARG K 451 2.69 32.49 -1.39
C ARG K 451 1.43 31.67 -1.63
N LEU K 452 1.45 31.03 -2.85
CA LEU K 452 0.20 30.35 -3.26
C LEU K 452 0.46 28.98 -3.88
N MET K 453 -0.63 28.26 -4.16
CA MET K 453 -0.56 27.01 -4.90
C MET K 453 -1.86 26.81 -5.65
N PRO K 454 -1.87 27.06 -6.99
CA PRO K 454 -3.11 26.94 -7.81
C PRO K 454 -3.82 25.59 -7.75
N PHE K 455 -5.08 25.57 -7.30
CA PHE K 455 -5.76 24.30 -7.16
C PHE K 455 -7.27 24.50 -7.28
N SER K 456 -7.83 24.18 -8.44
CA SER K 456 -9.25 23.89 -8.53
C SER K 456 -9.49 22.44 -8.11
N GLY K 457 -10.39 22.24 -7.14
CA GLY K 457 -10.62 20.89 -6.65
C GLY K 457 -12.00 20.59 -6.08
N PHE K 458 -12.03 19.83 -4.98
CA PHE K 458 -13.27 19.40 -4.35
C PHE K 458 -13.16 19.50 -2.83
N ILE K 459 -14.24 19.96 -2.20
CA ILE K 459 -14.39 19.91 -0.74
C ILE K 459 -15.36 18.79 -0.43
N VAL K 460 -14.94 17.85 0.41
CA VAL K 460 -15.76 16.73 0.83
C VAL K 460 -16.09 16.90 2.31
N GLU K 461 -17.38 16.98 2.61
CA GLU K 461 -17.86 17.04 3.98
C GLU K 461 -18.07 15.63 4.50
N LYS K 462 -17.56 15.36 5.70
CA LYS K 462 -17.63 14.03 6.29
C LYS K 462 -18.22 14.11 7.69
N ASP K 463 -18.09 13.02 8.47
CA ASP K 463 -18.76 12.89 9.76
C ASP K 463 -18.28 13.93 10.77
N ASP K 464 -16.97 14.11 10.88
CA ASP K 464 -16.44 15.11 11.79
C ASP K 464 -15.32 15.92 11.16
N ARG K 465 -15.00 15.67 9.90
CA ARG K 465 -13.88 16.31 9.23
C ARG K 465 -14.35 16.82 7.88
N ILE K 466 -13.66 17.85 7.38
CA ILE K 466 -13.82 18.31 6.02
C ILE K 466 -12.48 18.13 5.33
N GLU K 467 -12.51 17.60 4.12
CA GLU K 467 -11.29 17.26 3.42
C GLU K 467 -11.30 17.87 2.03
N ILE K 468 -10.12 18.00 1.44
CA ILE K 468 -9.96 18.63 0.14
C ILE K 468 -9.24 17.64 -0.78
N ASN K 469 -9.88 17.28 -1.89
CA ASN K 469 -9.28 16.35 -2.84
C ASN K 469 -9.26 16.92 -4.24
N ASP K 470 -8.50 16.26 -5.11
CA ASP K 470 -8.23 16.67 -6.48
C ASP K 470 -9.14 15.93 -7.46
N LYS K 471 -8.77 16.03 -8.75
CA LYS K 471 -9.54 15.40 -9.83
C LYS K 471 -9.51 13.88 -9.72
N ASN K 472 -8.39 13.30 -9.28
CA ASN K 472 -8.18 11.86 -9.33
C ASN K 472 -9.13 11.12 -8.38
N TRP K 473 -9.42 11.73 -7.22
CA TRP K 473 -10.44 11.22 -6.31
C TRP K 473 -11.81 11.15 -6.98
N PHE K 474 -12.17 12.19 -7.72
CA PHE K 474 -13.47 12.20 -8.34
C PHE K 474 -13.54 11.27 -9.54
N ASP K 475 -12.40 11.08 -10.23
CA ASP K 475 -12.32 10.06 -11.28
C ASP K 475 -12.49 8.66 -10.70
N MET K 476 -11.87 8.41 -9.53
CA MET K 476 -11.97 7.10 -8.90
C MET K 476 -13.39 6.81 -8.44
N ILE K 477 -14.04 7.80 -7.81
CA ILE K 477 -15.42 7.59 -7.37
C ILE K 477 -16.37 7.54 -8.58
N TRP K 478 -16.00 8.18 -9.68
CA TRP K 478 -16.79 8.10 -10.90
C TRP K 478 -16.69 6.74 -11.55
N ASN K 479 -15.50 6.15 -11.57
CA ASN K 479 -15.34 4.81 -12.11
C ASN K 479 -16.04 3.77 -11.25
N GLU K 480 -15.95 3.90 -9.92
CA GLU K 480 -16.64 2.98 -9.02
C GLU K 480 -18.15 3.11 -9.13
N GLU K 481 -18.66 4.34 -9.21
CA GLU K 481 -20.09 4.55 -9.39
C GLU K 481 -20.57 4.07 -10.75
N TYR K 482 -19.76 4.25 -11.80
CA TYR K 482 -20.18 3.84 -13.14
C TYR K 482 -20.16 2.33 -13.27
N ASN K 483 -19.24 1.66 -12.58
CA ASN K 483 -19.28 0.20 -12.48
C ASN K 483 -20.51 -0.26 -11.71
N LYS K 484 -20.89 0.48 -10.67
CA LYS K 484 -22.13 0.19 -9.95
C LYS K 484 -23.37 0.39 -10.82
N MET K 485 -23.29 1.31 -11.79
CA MET K 485 -24.47 1.61 -12.66
C MET K 485 -24.72 0.44 -13.62
N ARG K 486 -23.79 0.05 -14.38
CA ARG K 486 -23.92 -1.07 -15.34
C ARG K 486 -24.15 -2.36 -14.55
N SER K 487 -23.48 -2.48 -13.31
CA SER K 487 -23.98 -3.64 -12.58
C SER K 487 -25.49 -3.74 -12.68
N GLN K 488 -26.19 -2.62 -12.55
CA GLN K 488 -27.63 -2.58 -12.68
C GLN K 488 -28.02 -2.55 -14.16
N ILE K 489 -29.31 -2.84 -14.41
CA ILE K 489 -29.96 -2.88 -15.72
C ILE K 489 -29.22 -3.80 -16.70
N VAL K 490 -28.73 -4.92 -16.19
CA VAL K 490 -27.97 -5.86 -17.01
C VAL K 490 -28.95 -6.73 -17.78
N ALA K 491 -28.70 -6.87 -19.08
CA ALA K 491 -29.49 -7.69 -20.05
C ALA K 491 -30.94 -7.23 -20.03
N GLU K 492 -31.91 -8.13 -19.82
CA GLU K 492 -33.33 -7.79 -19.77
C GLU K 492 -33.95 -8.42 -18.53
N ASP K 493 -33.91 -7.69 -17.42
CA ASP K 493 -34.47 -8.19 -16.17
C ASP K 493 -35.96 -7.89 -16.10
N PHE K 494 -36.74 -8.93 -15.76
CA PHE K 494 -38.20 -8.88 -15.60
C PHE K 494 -38.90 -8.42 -16.87
N SER K 495 -38.35 -8.79 -18.03
CA SER K 495 -38.89 -8.37 -19.31
C SER K 495 -39.58 -9.52 -20.02
N ALA K 504 -34.96 -23.36 -28.24
CA ALA K 504 -33.61 -23.10 -27.77
C ALA K 504 -33.43 -23.58 -26.32
N LEU K 505 -34.16 -24.64 -25.96
CA LEU K 505 -34.12 -25.21 -24.62
C LEU K 505 -34.49 -26.67 -24.74
N PRO K 506 -33.80 -27.57 -24.02
CA PRO K 506 -34.08 -29.00 -24.17
C PRO K 506 -35.37 -29.39 -23.45
N ASP K 507 -35.85 -30.59 -23.76
CA ASP K 507 -37.04 -31.13 -23.13
C ASP K 507 -36.73 -32.46 -22.46
N MET K 508 -37.33 -32.63 -21.29
CA MET K 508 -37.33 -33.87 -20.53
C MET K 508 -38.56 -33.79 -19.62
N SER K 509 -39.10 -34.94 -19.24
CA SER K 509 -40.35 -34.98 -18.49
C SER K 509 -40.17 -34.37 -17.11
N HIS K 510 -41.30 -33.96 -16.51
CA HIS K 510 -41.34 -33.37 -15.18
C HIS K 510 -40.78 -34.34 -14.14
N ASP K 511 -41.10 -35.63 -14.28
CA ASP K 511 -40.57 -36.68 -13.40
C ASP K 511 -39.04 -36.75 -13.50
N LYS K 512 -38.51 -36.65 -14.72
CA LYS K 512 -37.07 -36.64 -14.94
C LYS K 512 -36.41 -35.44 -14.26
N ILE K 513 -37.08 -34.29 -14.27
CA ILE K 513 -36.50 -33.09 -13.70
C ILE K 513 -36.46 -33.20 -12.17
N ILE K 514 -37.53 -33.71 -11.55
CA ILE K 514 -37.51 -33.96 -10.10
C ILE K 514 -36.45 -34.99 -9.73
N GLU K 515 -36.30 -36.04 -10.56
CA GLU K 515 -35.30 -37.05 -10.29
C GLU K 515 -33.87 -36.51 -10.37
N ASN K 516 -33.60 -35.65 -11.36
CA ASN K 516 -32.23 -35.12 -11.50
C ASN K 516 -31.92 -34.07 -10.45
N ILE K 517 -32.87 -33.18 -10.13
CA ILE K 517 -32.63 -32.21 -9.06
C ILE K 517 -32.56 -32.91 -7.70
N GLU K 518 -33.32 -33.98 -7.51
CA GLU K 518 -33.25 -34.75 -6.27
C GLU K 518 -31.94 -35.51 -6.15
N TYR K 519 -31.38 -35.96 -7.27
CA TYR K 519 -30.09 -36.62 -7.18
C TYR K 519 -28.97 -35.61 -6.93
N LEU K 520 -29.00 -34.46 -7.61
CA LEU K 520 -27.93 -33.49 -7.43
C LEU K 520 -28.11 -32.62 -6.17
N PHE K 521 -29.25 -32.70 -5.48
CA PHE K 521 -29.35 -32.08 -4.17
C PHE K 521 -28.54 -32.82 -3.12
N ASN K 522 -28.53 -34.14 -3.18
CA ASN K 522 -27.97 -34.97 -2.12
C ASN K 522 -26.48 -35.24 -2.29
N ILE K 523 -25.90 -34.90 -3.43
CA ILE K 523 -24.47 -35.01 -3.64
C ILE K 523 -23.82 -33.64 -3.72
N LYS K 524 -24.56 -32.57 -3.40
CA LYS K 524 -24.08 -31.21 -3.22
C LYS K 524 -23.51 -30.63 -4.52
N ILE K 525 -24.30 -30.69 -5.59
CA ILE K 525 -24.07 -29.91 -6.81
C ILE K 525 -25.11 -28.82 -6.97
N LEU K 526 -26.38 -29.21 -7.11
CA LEU K 526 -27.49 -28.26 -7.09
C LEU K 526 -27.81 -28.01 -5.63
N SER K 527 -27.11 -27.07 -5.02
CA SER K 527 -27.30 -26.77 -3.63
C SER K 527 -28.41 -25.74 -3.46
N LYS K 528 -28.65 -25.34 -2.20
CA LYS K 528 -29.70 -24.39 -1.91
C LYS K 528 -29.36 -22.98 -2.40
N ASN K 529 -28.08 -22.60 -2.34
CA ASN K 529 -27.66 -21.32 -2.90
C ASN K 529 -27.79 -21.33 -4.42
N ARG K 530 -27.46 -22.47 -5.05
CA ARG K 530 -27.60 -22.63 -6.50
C ARG K 530 -29.05 -22.53 -6.93
N ILE K 531 -29.95 -23.19 -6.20
CA ILE K 531 -31.38 -23.16 -6.51
C ILE K 531 -31.96 -21.76 -6.25
N LYS K 532 -31.45 -21.08 -5.21
CA LYS K 532 -31.92 -19.71 -4.92
C LYS K 532 -31.54 -18.84 -6.12
N GLU K 533 -30.28 -18.80 -6.47
CA GLU K 533 -29.88 -17.93 -7.57
C GLU K 533 -30.43 -18.38 -8.92
N PHE K 534 -30.74 -19.68 -9.10
CA PHE K 534 -31.63 -20.11 -10.18
C PHE K 534 -32.95 -19.36 -10.19
N TRP K 535 -33.63 -19.30 -9.05
CA TRP K 535 -34.96 -18.70 -9.07
C TRP K 535 -34.87 -17.19 -9.22
N GLU K 536 -33.82 -16.57 -8.66
CA GLU K 536 -33.59 -15.15 -8.88
C GLU K 536 -33.29 -14.84 -10.34
N GLU K 537 -32.45 -15.64 -11.00
CA GLU K 537 -32.20 -15.37 -12.42
C GLU K 537 -33.36 -15.80 -13.32
N PHE K 538 -34.22 -16.71 -12.84
CA PHE K 538 -35.39 -17.09 -13.62
C PHE K 538 -36.50 -16.05 -13.56
N CYS K 539 -36.70 -15.41 -12.41
CA CYS K 539 -37.79 -14.45 -12.29
C CYS K 539 -37.52 -13.17 -13.08
N LYS K 540 -36.27 -12.91 -13.43
CA LYS K 540 -35.91 -11.83 -14.34
C LYS K 540 -35.96 -12.23 -15.81
N GLY K 541 -36.37 -13.44 -16.12
CA GLY K 541 -36.53 -13.87 -17.50
C GLY K 541 -35.75 -15.13 -17.80
N GLN K 542 -36.04 -15.70 -18.97
CA GLN K 542 -35.37 -16.90 -19.41
C GLN K 542 -33.94 -16.62 -19.85
N LYS K 543 -33.71 -15.45 -20.46
CA LYS K 543 -32.39 -15.08 -20.96
C LYS K 543 -31.37 -14.96 -19.84
N ALA K 544 -31.76 -14.38 -18.71
CA ALA K 544 -30.86 -14.27 -17.56
C ALA K 544 -30.54 -15.64 -16.96
N ALA K 545 -31.52 -16.55 -17.00
CA ALA K 545 -31.29 -17.89 -16.47
C ALA K 545 -30.37 -18.70 -17.38
N ILE K 546 -30.52 -18.55 -18.71
CA ILE K 546 -29.58 -19.16 -19.65
C ILE K 546 -28.18 -18.58 -19.47
N LYS K 547 -28.09 -17.26 -19.24
CA LYS K 547 -26.80 -16.61 -19.02
C LYS K 547 -26.12 -17.10 -17.75
N TYR K 548 -26.88 -17.26 -16.67
CA TYR K 548 -26.28 -17.70 -15.41
C TYR K 548 -25.89 -19.17 -15.50
N ILE K 549 -26.68 -19.99 -16.19
CA ILE K 549 -26.36 -21.41 -16.33
C ILE K 549 -25.14 -21.61 -17.21
N THR K 550 -25.02 -20.83 -18.29
CA THR K 550 -23.82 -20.88 -19.11
C THR K 550 -22.62 -20.26 -18.39
N GLN K 551 -22.85 -19.41 -17.39
CA GLN K 551 -21.74 -18.91 -16.59
C GLN K 551 -21.24 -19.96 -15.60
N VAL K 552 -22.15 -20.68 -14.96
CA VAL K 552 -21.76 -21.72 -14.01
C VAL K 552 -21.14 -22.92 -14.72
N HIS K 553 -21.75 -23.37 -15.80
CA HIS K 553 -21.29 -24.57 -16.50
C HIS K 553 -20.04 -24.33 -17.34
N ARG K 554 -19.62 -23.08 -17.56
CA ARG K 554 -18.50 -22.77 -18.43
C ARG K 554 -17.18 -23.32 -17.90
N LYS K 555 -16.66 -24.35 -18.58
CA LYS K 555 -15.33 -24.84 -18.27
C LYS K 555 -14.30 -23.84 -18.77
N ASN K 556 -13.61 -23.22 -17.84
CA ASN K 556 -12.65 -22.17 -18.15
C ASN K 556 -11.43 -22.81 -18.78
N PRO K 557 -11.03 -22.43 -20.01
CA PRO K 557 -9.87 -23.09 -20.65
C PRO K 557 -8.55 -22.87 -19.95
N ASN K 558 -8.42 -21.83 -19.12
CA ASN K 558 -7.18 -21.65 -18.37
C ASN K 558 -7.07 -22.62 -17.21
N THR K 559 -8.17 -22.88 -16.49
CA THR K 559 -8.13 -23.67 -15.28
C THR K 559 -8.81 -25.02 -15.38
N GLY K 560 -9.75 -25.20 -16.30
CA GLY K 560 -10.52 -26.43 -16.36
C GLY K 560 -11.46 -26.62 -15.19
N ARG K 561 -12.09 -25.55 -14.74
CA ARG K 561 -12.94 -25.57 -13.54
C ARG K 561 -14.27 -24.90 -13.85
N ARG K 562 -15.33 -25.69 -13.80
CA ARG K 562 -16.68 -25.14 -13.86
C ARG K 562 -17.06 -24.58 -12.49
N ASN K 563 -18.00 -23.66 -12.48
CA ASN K 563 -18.40 -23.02 -11.23
C ASN K 563 -19.42 -23.81 -10.42
N TRP K 564 -19.69 -25.06 -10.77
CA TRP K 564 -20.57 -25.88 -9.93
C TRP K 564 -19.88 -26.25 -8.62
N ASN K 565 -20.69 -26.55 -7.63
CA ASN K 565 -20.16 -27.15 -6.41
C ASN K 565 -19.72 -28.57 -6.72
N PRO K 566 -18.50 -28.96 -6.35
CA PRO K 566 -18.01 -30.32 -6.62
C PRO K 566 -18.85 -31.37 -5.92
N PRO K 567 -19.05 -32.52 -6.55
CA PRO K 567 -19.93 -33.54 -5.97
C PRO K 567 -19.30 -34.24 -4.77
N GLU K 568 -20.15 -34.63 -3.83
CA GLU K 568 -19.71 -35.31 -2.63
C GLU K 568 -19.86 -36.82 -2.83
N GLY K 569 -18.81 -37.56 -2.53
CA GLY K 569 -18.78 -38.99 -2.74
C GLY K 569 -17.62 -39.40 -3.65
N ASP K 570 -17.51 -40.72 -3.83
CA ASP K 570 -16.48 -41.28 -4.67
C ASP K 570 -16.92 -41.26 -6.13
N PHE K 571 -16.24 -40.46 -6.94
CA PHE K 571 -16.53 -40.37 -8.36
C PHE K 571 -15.22 -40.24 -9.12
N THR K 572 -15.17 -40.81 -10.32
CA THR K 572 -14.06 -40.54 -11.23
C THR K 572 -14.40 -39.29 -12.03
N ASP K 573 -13.45 -38.86 -12.88
CA ASP K 573 -13.58 -37.57 -13.57
C ASP K 573 -14.73 -37.58 -14.58
N ASN K 574 -14.88 -38.68 -15.32
CA ASN K 574 -15.88 -38.77 -16.38
C ASN K 574 -17.30 -38.70 -15.81
N GLU K 575 -17.52 -39.35 -14.67
CA GLU K 575 -18.80 -39.23 -13.98
C GLU K 575 -19.03 -37.81 -13.47
N ILE K 576 -17.98 -37.11 -13.05
CA ILE K 576 -18.12 -35.74 -12.56
C ILE K 576 -18.55 -34.79 -13.68
N GLU K 577 -17.92 -34.91 -14.86
CA GLU K 577 -18.41 -34.10 -15.99
C GLU K 577 -19.78 -34.55 -16.47
N LYS K 578 -20.12 -35.84 -16.35
CA LYS K 578 -21.45 -36.27 -16.76
C LYS K 578 -22.54 -35.75 -15.82
N LEU K 579 -22.24 -35.69 -14.52
CA LEU K 579 -23.17 -35.07 -13.57
C LEU K 579 -23.28 -33.57 -13.77
N TYR K 580 -22.18 -32.91 -14.15
CA TYR K 580 -22.26 -31.49 -14.49
C TYR K 580 -23.11 -31.25 -15.73
N GLU K 581 -22.98 -32.12 -16.74
CA GLU K 581 -23.82 -32.03 -17.93
C GLU K 581 -25.27 -32.34 -17.60
N THR K 582 -25.50 -33.22 -16.63
CA THR K 582 -26.86 -33.49 -16.15
C THR K 582 -27.47 -32.25 -15.50
N ALA K 583 -26.68 -31.53 -14.70
CA ALA K 583 -27.15 -30.27 -14.10
C ALA K 583 -27.43 -29.23 -15.16
N TYR K 584 -26.56 -29.15 -16.18
CA TYR K 584 -26.76 -28.29 -17.35
C TYR K 584 -28.09 -28.56 -18.04
N ASN K 585 -28.34 -29.82 -18.38
CA ASN K 585 -29.54 -30.18 -19.13
C ASN K 585 -30.79 -30.01 -18.29
N THR K 586 -30.71 -30.33 -16.99
CA THR K 586 -31.88 -30.22 -16.11
C THR K 586 -32.29 -28.77 -15.89
N LEU K 587 -31.32 -27.89 -15.62
CA LEU K 587 -31.65 -26.49 -15.42
C LEU K 587 -32.08 -25.81 -16.72
N LEU K 588 -31.44 -26.16 -17.84
CA LEU K 588 -31.85 -25.58 -19.13
C LEU K 588 -33.19 -26.13 -19.61
N SER K 589 -33.58 -27.31 -19.14
CA SER K 589 -34.88 -27.84 -19.50
C SER K 589 -36.00 -27.31 -18.62
N LEU K 590 -35.72 -27.00 -17.35
CA LEU K 590 -36.72 -26.31 -16.54
C LEU K 590 -36.76 -24.80 -16.84
N ILE K 591 -35.78 -24.30 -17.58
CA ILE K 591 -35.86 -22.94 -18.11
C ILE K 591 -37.07 -22.78 -19.04
N LYS K 592 -37.39 -23.82 -19.81
CA LYS K 592 -38.52 -23.76 -20.74
C LYS K 592 -39.88 -23.81 -20.04
N TYR K 593 -39.95 -24.31 -18.81
CA TYR K 593 -41.23 -24.44 -18.12
C TYR K 593 -41.73 -23.08 -17.62
N ASP K 594 -43.00 -23.05 -17.23
CA ASP K 594 -43.60 -21.84 -16.70
C ASP K 594 -43.20 -21.63 -15.25
N LYS K 595 -43.54 -20.44 -14.72
CA LYS K 595 -43.03 -20.00 -13.42
C LYS K 595 -43.65 -20.81 -12.27
N ASN K 596 -44.89 -21.24 -12.41
CA ASN K 596 -45.51 -21.94 -11.26
C ASN K 596 -45.16 -23.42 -11.35
N LYS K 597 -44.56 -23.85 -12.47
CA LYS K 597 -44.11 -25.25 -12.53
C LYS K 597 -42.64 -25.29 -12.11
N VAL K 598 -42.01 -24.12 -11.95
CA VAL K 598 -40.63 -24.08 -11.42
C VAL K 598 -40.78 -23.84 -9.91
N TYR K 599 -41.54 -22.82 -9.52
CA TYR K 599 -41.72 -22.50 -8.11
C TYR K 599 -42.12 -23.76 -7.33
N ASN K 600 -43.05 -24.55 -7.86
CA ASN K 600 -43.44 -25.78 -7.18
C ASN K 600 -42.40 -26.89 -7.27
N ILE K 601 -41.38 -26.76 -8.10
CA ILE K 601 -40.31 -27.77 -8.11
C ILE K 601 -39.12 -27.33 -7.24
N LEU K 602 -39.04 -26.05 -6.86
CA LEU K 602 -37.92 -25.66 -6.01
C LEU K 602 -38.29 -25.30 -4.57
N ILE K 603 -39.56 -25.34 -4.17
CA ILE K 603 -39.90 -25.30 -2.74
C ILE K 603 -39.51 -26.58 -2.01
N ASN K 604 -39.68 -27.76 -2.62
CA ASN K 604 -39.31 -28.96 -1.88
C ASN K 604 -37.80 -29.19 -1.81
N PHE K 605 -36.99 -28.28 -2.33
CA PHE K 605 -35.56 -28.21 -2.08
C PHE K 605 -35.16 -26.92 -1.37
N ASN K 606 -35.75 -25.80 -1.78
CA ASN K 606 -35.61 -24.50 -1.11
C ASN K 606 -36.96 -23.96 -0.69
N PRO K 607 -37.39 -24.15 0.56
CA PRO K 607 -38.66 -23.56 1.01
C PRO K 607 -38.61 -22.06 1.25
N LYS K 608 -37.44 -21.45 1.14
CA LYS K 608 -37.28 -20.00 1.27
C LYS K 608 -36.78 -19.43 -0.05
N LEU K 609 -37.45 -19.83 -1.14
CA LEU K 609 -37.08 -19.45 -2.49
C LEU K 609 -37.14 -17.94 -2.75
N LYS L 434 -39.36 16.42 -25.59
CA LYS L 434 -39.90 16.44 -24.24
C LYS L 434 -39.02 15.64 -23.28
N VAL L 435 -38.08 16.32 -22.63
CA VAL L 435 -37.17 15.72 -21.68
C VAL L 435 -37.56 16.24 -20.31
N VAL L 436 -38.10 15.38 -19.46
CA VAL L 436 -38.62 15.78 -18.16
C VAL L 436 -37.64 15.32 -17.09
N LEU L 437 -37.19 16.27 -16.26
CA LEU L 437 -36.18 16.03 -15.23
C LEU L 437 -36.88 15.74 -13.92
N ASN L 438 -36.93 14.46 -13.53
CA ASN L 438 -37.39 14.09 -12.19
C ASN L 438 -36.24 13.96 -11.19
N ILE L 439 -35.10 14.57 -11.49
CA ILE L 439 -34.03 14.74 -10.52
C ILE L 439 -34.30 16.04 -9.78
N ASN L 440 -34.02 16.04 -8.48
CA ASN L 440 -34.12 17.27 -7.70
C ASN L 440 -33.12 18.32 -8.21
N THR L 441 -33.65 19.50 -8.54
CA THR L 441 -32.82 20.60 -9.04
C THR L 441 -32.25 21.45 -7.92
N ASP L 442 -32.48 21.04 -6.68
CA ASP L 442 -31.84 21.64 -5.52
C ASP L 442 -30.43 21.05 -5.37
N ASN L 443 -29.68 21.60 -4.42
CA ASN L 443 -28.33 21.12 -4.02
C ASN L 443 -27.39 21.03 -5.22
N MET L 444 -27.10 22.20 -5.79
CA MET L 444 -26.33 22.25 -7.04
C MET L 444 -25.23 23.29 -6.88
N CYS L 445 -23.98 22.86 -7.11
CA CYS L 445 -22.79 23.67 -6.86
C CYS L 445 -22.56 24.68 -7.98
N ASN L 446 -21.59 25.57 -7.78
CA ASN L 446 -21.26 26.55 -8.86
C ASN L 446 -19.77 26.44 -9.19
N PHE L 447 -19.45 25.97 -10.41
CA PHE L 447 -18.02 25.83 -10.82
C PHE L 447 -17.84 26.36 -12.24
N ALA L 448 -16.79 27.17 -12.46
CA ALA L 448 -16.48 27.70 -13.78
C ALA L 448 -17.59 28.59 -14.34
N SER L 449 -18.24 29.35 -13.44
CA SER L 449 -19.41 30.19 -13.72
C SER L 449 -20.57 29.39 -14.31
N TYR L 450 -20.62 28.09 -13.98
CA TYR L 450 -21.76 27.24 -14.42
C TYR L 450 -22.25 26.48 -13.19
N ARG L 451 -23.48 26.39 -12.92
CA ARG L 451 -23.98 25.58 -11.79
C ARG L 451 -23.89 24.12 -12.25
N LEU L 452 -23.80 23.17 -11.39
CA LEU L 452 -23.53 21.78 -11.76
C LEU L 452 -23.85 20.87 -10.59
N MET L 453 -24.29 19.64 -10.88
CA MET L 453 -24.56 18.65 -9.81
C MET L 453 -24.31 17.25 -10.35
N PRO L 454 -23.26 16.54 -9.87
CA PRO L 454 -23.07 15.18 -10.31
C PRO L 454 -24.33 14.36 -10.14
N PHE L 455 -24.83 13.78 -11.23
CA PHE L 455 -26.07 12.95 -11.17
C PHE L 455 -25.68 11.50 -11.38
N SER L 456 -26.59 10.58 -11.05
CA SER L 456 -26.32 9.13 -11.25
C SER L 456 -27.64 8.37 -11.31
N GLY L 457 -28.26 8.25 -12.48
CA GLY L 457 -29.60 7.64 -12.52
C GLY L 457 -29.88 6.89 -13.81
N PHE L 458 -31.09 6.99 -14.33
CA PHE L 458 -31.47 6.20 -15.52
C PHE L 458 -32.25 7.03 -16.50
N ILE L 459 -32.11 6.77 -17.79
CA ILE L 459 -32.92 7.48 -18.82
C ILE L 459 -34.07 6.54 -19.23
N VAL L 460 -35.31 7.02 -19.37
CA VAL L 460 -36.47 6.17 -19.64
C VAL L 460 -37.15 6.68 -20.90
N GLU L 461 -37.18 5.85 -21.94
CA GLU L 461 -38.05 6.12 -23.08
C GLU L 461 -39.48 5.69 -22.81
N LYS L 462 -40.39 6.46 -23.39
CA LYS L 462 -41.84 6.27 -23.37
C LYS L 462 -42.31 6.55 -24.79
N ASP L 464 -43.70 9.62 -25.56
CA ASP L 464 -43.41 11.03 -25.77
C ASP L 464 -42.26 11.60 -24.95
N ARG L 465 -41.93 11.01 -23.81
CA ARG L 465 -40.98 11.63 -22.89
C ARG L 465 -39.71 10.81 -22.78
N ILE L 466 -38.57 11.52 -22.74
CA ILE L 466 -37.26 10.94 -22.48
C ILE L 466 -36.93 11.35 -21.05
N GLU L 467 -37.34 10.55 -20.08
CA GLU L 467 -37.43 11.02 -18.71
C GLU L 467 -36.17 10.62 -17.92
N ILE L 468 -35.78 11.48 -16.98
CA ILE L 468 -34.51 11.22 -16.22
C ILE L 468 -34.89 10.85 -14.78
N ASN L 469 -34.79 9.56 -14.44
CA ASN L 469 -35.19 9.10 -13.08
C ASN L 469 -33.94 8.71 -12.30
N ASP L 470 -34.03 8.71 -10.96
CA ASP L 470 -32.87 8.33 -10.10
C ASP L 470 -32.94 6.83 -9.79
N LYS L 471 -32.05 6.36 -8.90
CA LYS L 471 -32.02 4.93 -8.53
C LYS L 471 -33.30 4.55 -7.78
N ASN L 472 -33.77 5.42 -6.88
CA ASN L 472 -35.00 5.15 -6.09
C ASN L 472 -36.09 4.69 -7.06
N TRP L 473 -36.27 5.42 -8.17
CA TRP L 473 -37.26 5.03 -9.17
C TRP L 473 -36.98 3.63 -9.71
N PHE L 474 -35.72 3.31 -9.98
CA PHE L 474 -35.40 1.97 -10.46
C PHE L 474 -35.55 0.93 -9.37
N ASP L 475 -35.30 1.29 -8.11
CA ASP L 475 -35.58 0.36 -7.02
C ASP L 475 -37.09 0.10 -6.88
N MET L 476 -37.90 1.15 -7.05
CA MET L 476 -39.36 0.99 -7.00
C MET L 476 -39.87 0.15 -8.18
N ILE L 477 -39.34 0.39 -9.38
CA ILE L 477 -39.76 -0.38 -10.55
C ILE L 477 -39.27 -1.82 -10.47
N TRP L 478 -38.05 -2.02 -9.96
CA TRP L 478 -37.50 -3.37 -9.75
C TRP L 478 -38.34 -4.14 -8.73
N ASN L 479 -38.72 -3.48 -7.63
CA ASN L 479 -39.55 -4.14 -6.64
C ASN L 479 -40.96 -4.40 -7.17
N GLU L 480 -41.48 -3.51 -8.02
CA GLU L 480 -42.83 -3.70 -8.54
C GLU L 480 -42.85 -4.86 -9.53
N GLU L 481 -41.83 -4.96 -10.38
CA GLU L 481 -41.76 -6.10 -11.30
C GLU L 481 -41.38 -7.40 -10.61
N TYR L 482 -40.61 -7.33 -9.52
CA TYR L 482 -40.28 -8.53 -8.77
C TYR L 482 -41.50 -9.03 -8.00
N ASN L 483 -42.31 -8.12 -7.46
CA ASN L 483 -43.55 -8.49 -6.79
C ASN L 483 -44.68 -8.70 -7.79
N LYS L 484 -44.43 -8.45 -9.07
CA LYS L 484 -45.28 -8.89 -10.15
C LYS L 484 -44.91 -10.27 -10.65
N MET L 485 -43.65 -10.67 -10.50
CA MET L 485 -43.24 -12.03 -10.80
C MET L 485 -43.48 -12.99 -9.65
N ARG L 486 -43.48 -12.48 -8.42
CA ARG L 486 -43.77 -13.31 -7.23
C ARG L 486 -45.28 -13.32 -6.97
N SER L 487 -46.05 -12.54 -7.75
CA SER L 487 -47.50 -12.60 -7.64
C SER L 487 -48.04 -13.97 -8.03
N GLN L 488 -47.41 -14.59 -9.03
CA GLN L 488 -47.76 -15.95 -9.45
C GLN L 488 -47.07 -16.96 -8.54
N ILE L 489 -47.63 -17.12 -7.34
CA ILE L 489 -47.12 -18.04 -6.34
C ILE L 489 -48.31 -18.86 -5.84
N VAL L 490 -48.45 -20.08 -6.33
CA VAL L 490 -49.54 -20.95 -5.90
C VAL L 490 -49.17 -21.64 -4.60
N LEU L 505 -51.98 -40.75 12.04
CA LEU L 505 -52.65 -40.36 13.27
C LEU L 505 -52.54 -41.44 14.35
N PRO L 506 -51.46 -41.40 15.14
CA PRO L 506 -51.30 -42.38 16.24
C PRO L 506 -52.02 -41.94 17.51
N ASP L 507 -53.33 -42.20 17.53
CA ASP L 507 -54.20 -41.77 18.62
C ASP L 507 -53.89 -42.49 19.93
N MET L 508 -53.34 -41.75 20.90
CA MET L 508 -53.16 -42.28 22.23
C MET L 508 -54.30 -41.79 23.12
N SER L 509 -54.17 -42.02 24.42
CA SER L 509 -55.20 -41.63 25.37
C SER L 509 -55.31 -40.11 25.48
N HIS L 510 -56.52 -39.66 25.81
CA HIS L 510 -56.75 -38.25 26.14
C HIS L 510 -55.89 -37.83 27.32
N ASP L 511 -55.81 -38.68 28.35
CA ASP L 511 -54.94 -38.46 29.49
C ASP L 511 -53.47 -38.39 29.08
N LYS L 512 -53.10 -39.15 28.05
CA LYS L 512 -51.71 -39.08 27.55
C LYS L 512 -51.51 -37.67 26.98
N ILE L 513 -52.45 -37.25 26.14
CA ILE L 513 -52.34 -35.93 25.51
C ILE L 513 -52.15 -34.85 26.58
N ILE L 514 -52.99 -34.88 27.62
CA ILE L 514 -52.91 -33.83 28.68
C ILE L 514 -51.56 -33.96 29.40
N GLU L 515 -51.18 -35.17 29.81
CA GLU L 515 -49.92 -35.37 30.58
C GLU L 515 -48.72 -34.93 29.72
N ASN L 516 -48.72 -35.30 28.43
CA ASN L 516 -47.59 -34.94 27.54
C ASN L 516 -47.53 -33.42 27.38
N ILE L 517 -48.66 -32.78 27.10
CA ILE L 517 -48.65 -31.34 26.84
C ILE L 517 -48.35 -30.58 28.14
N GLU L 518 -48.67 -31.16 29.31
CA GLU L 518 -48.27 -30.59 30.59
C GLU L 518 -46.77 -30.61 30.75
N TYR L 519 -46.15 -31.75 30.43
CA TYR L 519 -44.69 -31.85 30.55
C TYR L 519 -43.99 -30.92 29.56
N LEU L 520 -44.43 -30.90 28.30
CA LEU L 520 -43.79 -30.05 27.29
C LEU L 520 -44.04 -28.56 27.54
N PHE L 521 -45.16 -28.21 28.17
CA PHE L 521 -45.33 -26.82 28.58
C PHE L 521 -44.45 -26.48 29.77
N ASN L 522 -44.15 -27.46 30.63
CA ASN L 522 -43.29 -27.16 31.76
C ASN L 522 -41.81 -27.15 31.37
N ILE L 523 -41.39 -28.07 30.49
CA ILE L 523 -39.99 -28.11 30.07
C ILE L 523 -39.72 -27.23 28.87
N LYS L 524 -40.72 -26.48 28.39
CA LYS L 524 -40.58 -25.41 27.40
C LYS L 524 -40.14 -25.93 26.03
N ILE L 525 -40.91 -26.86 25.47
CA ILE L 525 -40.86 -27.18 24.05
C ILE L 525 -42.12 -26.74 23.34
N LEU L 526 -43.28 -27.00 23.93
CA LEU L 526 -44.57 -26.65 23.33
C LEU L 526 -45.10 -25.45 24.10
N SER L 527 -44.81 -24.26 23.58
CA SER L 527 -45.06 -23.00 24.27
C SER L 527 -46.38 -22.40 23.81
N LYS L 528 -46.69 -21.19 24.29
CA LYS L 528 -47.95 -20.53 24.00
C LYS L 528 -48.06 -20.15 22.52
N ASN L 529 -46.96 -19.68 21.93
CA ASN L 529 -46.96 -19.30 20.52
C ASN L 529 -47.14 -20.52 19.62
N ARG L 530 -46.51 -21.64 19.97
CA ARG L 530 -46.64 -22.85 19.16
C ARG L 530 -48.03 -23.46 19.30
N ILE L 531 -48.62 -23.40 20.49
CA ILE L 531 -49.99 -23.85 20.70
C ILE L 531 -50.98 -22.98 19.91
N LYS L 532 -50.77 -21.67 19.92
CA LYS L 532 -51.63 -20.77 19.14
C LYS L 532 -51.48 -21.01 17.64
N GLU L 533 -50.25 -21.23 17.17
CA GLU L 533 -50.01 -21.52 15.76
C GLU L 533 -50.62 -22.85 15.35
N PHE L 534 -50.47 -23.89 16.21
CA PHE L 534 -51.11 -25.18 15.96
C PHE L 534 -52.63 -25.08 15.95
N TRP L 535 -53.19 -24.20 16.80
CA TRP L 535 -54.62 -24.02 16.79
C TRP L 535 -55.09 -23.32 15.52
N GLU L 536 -54.33 -22.35 15.03
CA GLU L 536 -54.67 -21.72 13.76
C GLU L 536 -54.56 -22.70 12.60
N GLU L 537 -53.58 -23.61 12.66
CA GLU L 537 -53.48 -24.64 11.63
C GLU L 537 -54.63 -25.64 11.70
N PHE L 538 -54.97 -26.07 12.91
CA PHE L 538 -56.07 -27.07 13.07
C PHE L 538 -57.38 -26.36 12.70
N CYS L 539 -57.39 -25.03 12.78
CA CYS L 539 -58.61 -24.26 12.45
C CYS L 539 -58.66 -24.02 10.93
N LYS L 540 -57.67 -24.53 10.18
CA LYS L 540 -57.71 -24.42 8.70
C LYS L 540 -57.61 -25.84 8.13
N GLY L 541 -58.06 -26.83 8.89
CA GLY L 541 -58.04 -28.23 8.41
C GLY L 541 -57.09 -29.08 9.24
N GLN L 542 -56.87 -30.33 8.83
CA GLN L 542 -55.91 -31.20 9.53
C GLN L 542 -54.66 -31.34 8.65
N LYS L 543 -54.85 -31.34 7.33
CA LYS L 543 -53.70 -31.47 6.40
C LYS L 543 -52.75 -30.30 6.61
N ALA L 544 -53.29 -29.09 6.79
CA ALA L 544 -52.43 -27.92 7.07
C ALA L 544 -51.62 -28.21 8.32
N ALA L 545 -52.29 -28.66 9.38
CA ALA L 545 -51.62 -28.96 10.63
C ALA L 545 -50.60 -30.09 10.49
N ILE L 546 -50.87 -31.06 9.59
CA ILE L 546 -49.88 -32.08 9.22
C ILE L 546 -48.62 -31.39 8.68
N LYS L 547 -48.81 -30.43 7.78
CA LYS L 547 -47.69 -29.70 7.18
C LYS L 547 -46.97 -28.84 8.21
N TYR L 548 -47.70 -28.32 9.20
CA TYR L 548 -47.06 -27.46 10.20
C TYR L 548 -46.19 -28.27 11.16
N ILE L 549 -46.69 -29.40 11.66
CA ILE L 549 -45.86 -30.26 12.52
C ILE L 549 -44.70 -30.86 11.71
N THR L 550 -44.92 -31.11 10.42
CA THR L 550 -43.83 -31.56 9.55
C THR L 550 -42.76 -30.48 9.41
N GLN L 551 -43.18 -29.21 9.32
CA GLN L 551 -42.22 -28.11 9.19
C GLN L 551 -41.43 -27.89 10.47
N VAL L 552 -42.11 -27.91 11.63
CA VAL L 552 -41.41 -27.69 12.90
C VAL L 552 -40.51 -28.87 13.24
N HIS L 553 -40.96 -30.09 12.98
CA HIS L 553 -40.19 -31.26 13.38
C HIS L 553 -39.16 -31.67 12.32
N ARG L 554 -39.03 -30.87 11.27
CA ARG L 554 -38.09 -31.20 10.17
C ARG L 554 -36.63 -30.95 10.60
N LYS L 555 -35.90 -31.99 11.00
CA LYS L 555 -34.48 -31.82 11.28
C LYS L 555 -33.78 -31.41 9.99
N ASN L 556 -33.05 -30.30 10.05
CA ASN L 556 -32.28 -29.85 8.90
C ASN L 556 -31.15 -30.84 8.63
N PRO L 557 -30.95 -31.27 7.37
CA PRO L 557 -29.89 -32.24 7.06
C PRO L 557 -28.49 -31.81 7.46
N ASN L 558 -28.27 -30.42 7.24
CA ASN L 558 -26.89 -29.92 7.46
C ASN L 558 -26.69 -29.63 8.95
N THR L 559 -27.44 -28.86 9.57
CA THR L 559 -27.27 -28.33 10.91
C THR L 559 -27.70 -29.28 12.02
N GLY L 560 -28.70 -30.12 11.79
CA GLY L 560 -29.32 -30.87 12.86
C GLY L 560 -30.05 -29.99 13.86
N ARG L 561 -30.86 -29.07 13.36
CA ARG L 561 -31.70 -28.20 14.18
C ARG L 561 -33.15 -28.45 13.84
N ARG L 562 -33.95 -28.77 14.86
CA ARG L 562 -35.40 -28.84 14.74
C ARG L 562 -35.96 -27.53 15.28
N ASN L 563 -37.00 -27.01 14.62
CA ASN L 563 -37.51 -25.66 14.94
C ASN L 563 -38.32 -25.60 16.26
N TRP L 564 -38.33 -26.62 17.10
CA TRP L 564 -38.89 -26.51 18.44
C TRP L 564 -37.99 -25.64 19.32
N ASN L 565 -38.49 -25.29 20.49
CA ASN L 565 -37.67 -24.51 21.45
C ASN L 565 -36.87 -25.53 22.25
N PRO L 566 -35.54 -25.35 22.48
CA PRO L 566 -34.79 -26.30 23.28
C PRO L 566 -35.48 -26.53 24.62
N PRO L 567 -35.57 -27.78 25.10
CA PRO L 567 -36.16 -28.06 26.39
C PRO L 567 -35.38 -27.40 27.51
N GLU L 568 -36.09 -26.72 28.42
CA GLU L 568 -35.42 -26.07 29.58
C GLU L 568 -35.14 -27.14 30.63
N GLY L 569 -33.89 -27.24 31.11
CA GLY L 569 -33.55 -28.27 32.06
C GLY L 569 -32.12 -28.75 31.82
N ASP L 570 -31.89 -30.04 32.09
CA ASP L 570 -30.56 -30.62 31.98
C ASP L 570 -30.61 -32.00 31.31
N PHE L 571 -31.50 -32.18 30.35
CA PHE L 571 -31.67 -33.48 29.71
C PHE L 571 -30.52 -33.78 28.74
N THR L 572 -30.29 -35.06 28.50
CA THR L 572 -29.28 -35.52 27.56
C THR L 572 -29.81 -35.41 26.14
N ASP L 573 -28.89 -35.54 25.17
CA ASP L 573 -29.21 -35.25 23.77
C ASP L 573 -30.18 -36.26 23.18
N ASN L 574 -30.03 -37.54 23.52
CA ASN L 574 -31.00 -38.55 23.12
C ASN L 574 -32.36 -38.29 23.77
N GLU L 575 -32.35 -37.83 25.02
CA GLU L 575 -33.59 -37.44 25.68
C GLU L 575 -34.23 -36.24 25.00
N ILE L 576 -33.42 -35.27 24.55
CA ILE L 576 -33.93 -34.10 23.84
C ILE L 576 -34.55 -34.53 22.51
N GLU L 577 -33.96 -35.48 21.83
CA GLU L 577 -34.50 -35.90 20.52
C GLU L 577 -35.79 -36.70 20.74
N LYS L 578 -35.84 -37.54 21.79
CA LYS L 578 -37.09 -38.24 22.09
C LYS L 578 -38.17 -37.29 22.59
N LEU L 579 -37.80 -36.18 23.20
CA LEU L 579 -38.76 -35.18 23.65
C LEU L 579 -39.36 -34.44 22.46
N TYR L 580 -38.52 -34.14 21.45
CA TYR L 580 -39.05 -33.61 20.19
C TYR L 580 -39.96 -34.62 19.49
N GLU L 581 -39.59 -35.91 19.55
CA GLU L 581 -40.45 -36.95 18.99
C GLU L 581 -41.80 -37.04 19.68
N THR L 582 -41.84 -37.02 21.02
CA THR L 582 -43.15 -37.13 21.67
C THR L 582 -43.95 -35.84 21.55
N ALA L 583 -43.28 -34.70 21.33
CA ALA L 583 -44.00 -33.51 20.88
C ALA L 583 -44.68 -33.74 19.55
N TYR L 584 -43.97 -34.40 18.62
CA TYR L 584 -44.53 -34.72 17.31
C TYR L 584 -45.73 -35.66 17.42
N ASN L 585 -45.60 -36.70 18.23
CA ASN L 585 -46.70 -37.70 18.35
C ASN L 585 -47.87 -37.06 19.08
N THR L 586 -47.62 -36.25 20.10
CA THR L 586 -48.69 -35.64 20.89
C THR L 586 -49.50 -34.65 20.07
N LEU L 587 -48.81 -33.75 19.35
CA LEU L 587 -49.51 -32.83 18.46
C LEU L 587 -50.21 -33.57 17.32
N LEU L 588 -49.54 -34.57 16.72
CA LEU L 588 -50.08 -35.28 15.57
C LEU L 588 -51.30 -36.11 15.94
N SER L 589 -51.35 -36.63 17.17
CA SER L 589 -52.55 -37.29 17.64
C SER L 589 -53.64 -36.28 17.99
N LEU L 590 -53.26 -35.07 18.40
CA LEU L 590 -54.27 -34.05 18.64
C LEU L 590 -54.91 -33.54 17.35
N ILE L 591 -54.22 -33.68 16.21
CA ILE L 591 -54.89 -33.36 14.93
C ILE L 591 -56.00 -34.37 14.61
N LYS L 592 -55.89 -35.60 15.10
CA LYS L 592 -56.91 -36.61 14.81
C LYS L 592 -58.21 -36.39 15.55
N TYR L 593 -58.25 -35.48 16.52
CA TYR L 593 -59.45 -35.24 17.31
C TYR L 593 -60.32 -34.22 16.57
N ASP L 594 -61.43 -33.79 17.18
CA ASP L 594 -62.29 -32.79 16.59
C ASP L 594 -62.20 -31.48 17.36
N LYS L 595 -62.76 -30.43 16.72
CA LYS L 595 -62.47 -29.03 17.04
C LYS L 595 -62.80 -28.66 18.48
N ASN L 596 -63.89 -29.21 19.02
CA ASN L 596 -64.30 -28.91 20.39
C ASN L 596 -63.29 -29.42 21.42
N LYS L 597 -62.86 -30.68 21.28
CA LYS L 597 -61.92 -31.24 22.25
C LYS L 597 -60.53 -30.62 22.14
N VAL L 598 -60.07 -30.35 20.91
CA VAL L 598 -58.80 -29.65 20.73
C VAL L 598 -58.87 -28.25 21.30
N TYR L 599 -60.04 -27.59 21.18
CA TYR L 599 -60.19 -26.25 21.74
C TYR L 599 -60.13 -26.27 23.26
N ASN L 600 -60.87 -27.12 23.89
CA ASN L 600 -60.92 -27.10 25.38
C ASN L 600 -59.59 -27.56 25.95
N ILE L 601 -58.87 -28.43 25.19
CA ILE L 601 -57.62 -28.93 25.74
C ILE L 601 -56.48 -27.91 25.58
N LEU L 602 -56.45 -27.17 24.47
CA LEU L 602 -55.41 -26.14 24.35
C LEU L 602 -55.68 -24.87 25.16
N ILE L 603 -56.93 -24.59 25.55
CA ILE L 603 -57.18 -23.35 26.28
C ILE L 603 -56.74 -23.43 27.74
N ASN L 604 -56.48 -24.64 28.25
CA ASN L 604 -55.89 -24.76 29.58
C ASN L 604 -54.46 -24.28 29.62
N PHE L 605 -53.77 -24.32 28.47
CA PHE L 605 -52.36 -24.01 28.40
C PHE L 605 -52.07 -22.71 27.66
N ASN L 606 -52.99 -22.23 26.84
CA ASN L 606 -52.91 -20.91 26.23
C ASN L 606 -54.29 -20.32 26.41
N PRO L 607 -54.47 -19.41 27.37
CA PRO L 607 -55.82 -18.86 27.65
C PRO L 607 -56.45 -18.07 26.50
N LYS L 608 -55.66 -17.58 25.56
CA LYS L 608 -56.21 -16.85 24.42
C LYS L 608 -56.94 -17.78 23.46
N ALA O 2 -85.01 30.76 3.35
CA ALA O 2 -83.72 30.11 3.09
C ALA O 2 -83.62 29.69 1.63
N LYS O 3 -82.79 30.40 0.87
CA LYS O 3 -82.62 30.14 -0.54
C LYS O 3 -81.21 29.70 -0.92
N THR O 4 -80.24 29.83 -0.03
CA THR O 4 -78.86 29.46 -0.30
C THR O 4 -78.36 28.51 0.77
N MET O 5 -77.67 27.45 0.35
CA MET O 5 -77.16 26.44 1.25
C MET O 5 -75.81 25.93 0.75
N LYS O 6 -74.86 25.85 1.68
CA LYS O 6 -73.47 25.50 1.31
C LYS O 6 -73.15 24.06 1.69
N LYS O 7 -72.63 23.32 0.73
CA LYS O 7 -72.21 21.95 0.98
C LYS O 7 -70.71 21.88 0.84
N ILE O 8 -70.03 21.73 1.97
CA ILE O 8 -68.57 21.69 2.00
C ILE O 8 -68.20 20.21 1.92
N TYR O 9 -67.59 19.81 0.82
CA TYR O 9 -67.20 18.41 0.64
C TYR O 9 -65.76 18.27 1.11
N VAL O 10 -65.56 17.56 2.21
CA VAL O 10 -64.25 17.47 2.84
C VAL O 10 -63.75 16.03 2.74
N THR O 11 -62.69 15.85 1.98
CA THR O 11 -61.96 14.59 1.94
C THR O 11 -60.72 14.69 2.79
N MET O 12 -60.24 13.54 3.24
CA MET O 12 -59.20 13.45 4.24
C MET O 12 -58.29 12.30 3.82
N LYS O 13 -56.98 12.48 3.93
CA LYS O 13 -56.13 11.31 3.88
C LYS O 13 -55.22 11.31 5.09
N THR O 14 -55.19 10.17 5.77
CA THR O 14 -54.40 10.02 6.98
C THR O 14 -52.92 10.04 6.66
N LEU O 15 -52.17 10.84 7.40
CA LEU O 15 -50.72 10.88 7.28
C LEU O 15 -50.02 10.12 8.40
N SER O 16 -50.60 10.12 9.58
CA SER O 16 -50.22 9.28 10.71
C SER O 16 -51.28 8.22 10.92
N PRO O 17 -50.98 7.13 11.61
CA PRO O 17 -52.02 6.14 11.91
C PRO O 17 -53.05 6.73 12.86
N LEU O 18 -54.31 6.49 12.55
CA LEU O 18 -55.40 7.16 13.24
C LEU O 18 -56.15 6.18 14.13
N TYR O 19 -56.50 6.63 15.32
CA TYR O 19 -57.35 5.84 16.21
C TYR O 19 -58.48 6.73 16.69
N THR O 20 -59.72 6.29 16.48
CA THR O 20 -60.87 6.81 17.19
C THR O 20 -61.58 5.62 17.81
N GLY O 21 -62.03 5.77 19.04
CA GLY O 21 -62.45 4.64 19.84
C GLY O 21 -63.77 4.05 19.36
N GLU O 22 -63.90 2.74 19.48
CA GLU O 22 -65.15 2.08 19.14
C GLU O 22 -66.16 2.40 20.23
N VAL O 23 -67.36 2.76 19.82
CA VAL O 23 -68.24 3.50 20.70
C VAL O 23 -69.41 2.66 21.21
N ARG O 24 -69.80 1.62 20.49
CA ARG O 24 -70.97 0.81 20.81
C ARG O 24 -70.56 -0.31 21.75
N ARG O 25 -71.36 -0.53 22.80
CA ARG O 25 -70.95 -1.42 23.90
C ARG O 25 -70.90 -2.88 23.48
N GLU O 26 -71.85 -3.33 22.66
CA GLU O 26 -71.88 -4.74 22.26
C GLU O 26 -70.74 -5.08 21.32
N ASP O 27 -70.43 -4.20 20.34
CA ASP O 27 -69.33 -4.50 19.44
C ASP O 27 -67.97 -4.27 20.10
N LYS O 28 -67.90 -3.35 21.07
CA LYS O 28 -66.70 -3.23 21.89
C LYS O 28 -66.44 -4.49 22.69
N GLU O 29 -67.48 -5.02 23.35
CA GLU O 29 -67.34 -6.22 24.16
C GLU O 29 -67.10 -7.47 23.30
N ALA O 30 -67.66 -7.48 22.08
CA ALA O 30 -67.38 -8.56 21.15
C ALA O 30 -65.94 -8.50 20.64
N ALA O 31 -65.41 -7.29 20.49
CA ALA O 31 -64.02 -7.12 20.08
C ALA O 31 -63.05 -7.07 21.25
N GLN O 32 -63.54 -7.05 22.50
CA GLN O 32 -62.65 -6.94 23.65
C GLN O 32 -62.00 -8.26 24.02
N LYS O 33 -62.49 -9.38 23.46
CA LYS O 33 -61.79 -10.65 23.62
C LYS O 33 -60.44 -10.62 22.91
N ARG O 34 -60.35 -9.91 21.80
CA ARG O 34 -59.11 -9.78 21.05
C ARG O 34 -58.48 -8.40 21.18
N VAL O 35 -59.25 -7.33 21.01
CA VAL O 35 -58.70 -5.98 20.86
C VAL O 35 -59.12 -5.16 22.06
N ASN O 36 -58.15 -4.60 22.79
CA ASN O 36 -58.48 -3.78 23.95
C ASN O 36 -58.99 -2.40 23.54
N PHE O 37 -58.56 -1.89 22.39
CA PHE O 37 -59.06 -0.63 21.85
C PHE O 37 -59.50 -0.81 20.41
N PRO O 38 -60.70 -1.32 20.17
CA PRO O 38 -61.20 -1.40 18.80
C PRO O 38 -61.49 -0.02 18.23
N VAL O 39 -61.43 0.07 16.90
CA VAL O 39 -61.67 1.32 16.22
C VAL O 39 -63.16 1.43 15.92
N ARG O 40 -63.64 2.64 15.69
CA ARG O 40 -65.06 2.88 15.46
C ARG O 40 -65.43 2.40 14.07
N LYS O 41 -66.34 1.44 13.98
CA LYS O 41 -66.68 0.81 12.71
C LYS O 41 -68.19 0.78 12.50
N THR O 42 -68.58 0.76 11.23
CA THR O 42 -69.97 0.54 10.88
C THR O 42 -70.32 -0.93 10.93
N ALA O 43 -71.60 -1.23 10.70
CA ALA O 43 -72.02 -2.59 10.39
C ALA O 43 -71.69 -2.95 8.95
N THR O 44 -71.45 -1.96 8.10
CA THR O 44 -70.95 -2.17 6.75
C THR O 44 -69.44 -2.03 6.69
N ASN O 45 -68.77 -2.04 7.85
CA ASN O 45 -67.32 -2.17 8.00
C ASN O 45 -66.56 -1.00 7.39
N LYS O 46 -66.99 0.22 7.74
CA LYS O 46 -66.30 1.45 7.38
C LYS O 46 -66.10 2.26 8.65
N VAL O 47 -64.97 2.96 8.73
CA VAL O 47 -64.62 3.68 9.94
C VAL O 47 -65.42 4.98 10.03
N LEU O 48 -66.07 5.19 11.17
CA LEU O 48 -66.80 6.41 11.48
C LEU O 48 -65.95 7.29 12.39
N ILE O 49 -65.90 8.58 12.08
CA ILE O 49 -65.09 9.54 12.83
C ILE O 49 -65.95 10.71 13.27
N PRO O 50 -66.08 10.95 14.58
CA PRO O 50 -66.71 12.18 15.07
C PRO O 50 -66.00 13.43 14.57
N PHE O 51 -66.74 14.24 13.83
CA PHE O 51 -66.18 15.38 13.12
C PHE O 51 -66.71 16.72 13.61
N LYS O 52 -67.96 16.77 14.09
CA LYS O 52 -68.56 18.00 14.57
C LYS O 52 -67.87 18.56 15.79
N GLY O 53 -67.69 17.72 16.82
CA GLY O 53 -67.00 18.14 18.03
C GLY O 53 -65.57 18.59 17.81
N ALA O 54 -64.87 17.97 16.86
CA ALA O 54 -63.49 18.34 16.58
C ALA O 54 -63.41 19.71 15.92
N LEU O 55 -64.27 19.96 14.92
CA LEU O 55 -64.34 21.28 14.30
C LEU O 55 -64.80 22.34 15.27
N ARG O 56 -65.78 22.01 16.11
CA ARG O 56 -66.26 22.93 17.14
C ARG O 56 -65.14 23.32 18.09
N SER O 57 -64.43 22.31 18.60
CA SER O 57 -63.32 22.54 19.55
C SER O 57 -62.26 23.40 18.89
N ALA O 58 -61.95 23.15 17.63
CA ALA O 58 -60.99 23.95 16.89
C ALA O 58 -61.41 25.42 16.83
N LEU O 59 -62.68 25.70 16.54
CA LEU O 59 -63.16 27.08 16.58
C LEU O 59 -63.11 27.70 17.97
N GLU O 60 -63.43 26.94 19.03
CA GLU O 60 -63.39 27.55 20.37
C GLU O 60 -61.98 27.91 20.83
N ILE O 61 -60.97 27.06 20.60
CA ILE O 61 -59.61 27.47 20.97
C ILE O 61 -59.11 28.60 20.07
N MET O 62 -59.41 28.54 18.75
CA MET O 62 -58.90 29.59 17.86
C MET O 62 -59.56 30.94 18.10
N LEU O 63 -60.87 30.96 18.32
CA LEU O 63 -61.55 32.23 18.56
C LEU O 63 -61.44 32.70 20.00
N LYS O 64 -61.11 31.82 20.94
CA LYS O 64 -60.73 32.29 22.26
C LYS O 64 -59.35 32.94 22.22
N ALA O 65 -58.45 32.40 21.38
CA ALA O 65 -57.12 32.99 21.25
C ALA O 65 -57.16 34.32 20.51
N LYS O 66 -57.97 34.43 19.45
CA LYS O 66 -57.99 35.69 18.72
C LYS O 66 -58.85 36.75 19.43
N GLY O 67 -59.65 36.34 20.40
CA GLY O 67 -60.31 37.28 21.29
C GLY O 67 -61.81 37.45 21.11
N GLU O 68 -62.42 36.55 20.33
CA GLU O 68 -63.89 36.61 20.10
C GLU O 68 -64.62 36.12 21.36
N ASN O 69 -65.85 36.58 21.56
CA ASN O 69 -66.65 36.13 22.73
C ASN O 69 -67.22 34.75 22.44
N VAL O 70 -66.36 33.73 22.47
CA VAL O 70 -66.81 32.34 22.12
C VAL O 70 -66.89 31.50 23.41
N CYS O 71 -68.04 30.89 23.66
CA CYS O 71 -68.24 30.05 24.86
C CYS O 71 -67.30 28.84 24.85
N ASP O 72 -67.06 28.29 26.01
CA ASP O 72 -66.21 27.11 26.13
C ASP O 72 -67.09 25.91 26.48
N THR O 73 -67.16 24.95 25.56
CA THR O 73 -67.94 23.74 25.80
C THR O 73 -67.04 22.62 26.30
N ARG O 79 -73.11 23.33 27.81
CA ARG O 79 -73.33 24.70 28.26
C ARG O 79 -72.89 25.70 27.20
N PRO O 80 -73.77 25.99 26.24
CA PRO O 80 -73.46 26.99 25.21
C PRO O 80 -73.88 28.40 25.63
N CYS O 81 -73.71 29.37 24.73
CA CYS O 81 -74.11 30.75 25.00
C CYS O 81 -75.30 31.17 24.15
N GLY O 82 -75.27 30.92 22.85
CA GLY O 82 -76.36 31.29 21.97
C GLY O 82 -76.13 32.58 21.21
N ARG O 83 -75.13 33.37 21.59
CA ARG O 83 -74.83 34.61 20.90
C ARG O 83 -73.50 34.59 20.16
N CYS O 84 -72.68 33.56 20.39
CA CYS O 84 -71.40 33.45 19.71
C CYS O 84 -71.59 32.87 18.32
N VAL O 85 -70.56 33.00 17.48
CA VAL O 85 -70.65 32.49 16.13
C VAL O 85 -70.39 30.98 16.07
N THR O 86 -69.76 30.39 17.09
CA THR O 86 -69.73 28.94 17.16
C THR O 86 -71.09 28.38 17.56
N CYS O 87 -71.87 29.14 18.32
CA CYS O 87 -73.26 28.76 18.57
C CYS O 87 -74.11 28.93 17.32
N SER O 88 -73.77 29.88 16.46
CA SER O 88 -74.48 30.00 15.18
C SER O 88 -74.07 28.90 14.21
N LEU O 89 -72.81 28.47 14.27
CA LEU O 89 -72.32 27.46 13.34
C LEU O 89 -72.77 26.06 13.78
N PHE O 90 -72.34 25.63 14.97
CA PHE O 90 -72.54 24.27 15.43
C PHE O 90 -73.62 24.15 16.51
N GLY O 91 -74.36 25.20 16.79
CA GLY O 91 -75.56 25.00 17.59
C GLY O 91 -75.53 25.38 19.05
N SER O 92 -76.52 26.14 19.47
CA SER O 92 -76.77 26.41 20.87
C SER O 92 -77.77 25.39 21.39
N MET O 93 -78.16 25.56 22.66
CA MET O 93 -79.12 24.64 23.27
C MET O 93 -80.53 24.90 22.78
N GLY O 94 -80.90 26.18 22.61
CA GLY O 94 -82.18 26.53 22.03
C GLY O 94 -82.20 26.40 20.53
N ARG O 95 -81.35 27.16 19.85
CA ARG O 95 -81.33 27.19 18.40
C ARG O 95 -80.40 26.12 17.83
N ALA O 96 -80.80 25.57 16.69
CA ALA O 96 -80.04 24.51 16.04
C ALA O 96 -78.82 25.09 15.34
N GLY O 97 -77.96 24.22 14.84
CA GLY O 97 -76.74 24.64 14.20
C GLY O 97 -76.92 24.81 12.69
N ARG O 98 -76.31 25.86 12.16
CA ARG O 98 -76.32 25.99 10.71
C ARG O 98 -75.40 24.97 10.06
N ALA O 99 -74.28 24.63 10.69
CA ALA O 99 -73.36 23.64 10.14
C ALA O 99 -73.75 22.25 10.66
N SER O 100 -74.52 21.53 9.84
CA SER O 100 -74.79 20.13 10.09
C SER O 100 -73.63 19.33 9.51
N VAL O 101 -72.89 18.64 10.37
CA VAL O 101 -71.60 18.08 10.00
C VAL O 101 -71.78 16.57 9.90
N ASP O 102 -71.39 16.00 8.77
CA ASP O 102 -71.47 14.55 8.66
C ASP O 102 -70.28 13.88 9.32
N PHE O 103 -70.46 12.60 9.62
CA PHE O 103 -69.33 11.78 10.03
C PHE O 103 -68.37 11.56 8.87
N LEU O 104 -67.11 11.37 9.23
CA LEU O 104 -66.03 11.20 8.26
C LEU O 104 -65.93 9.71 7.94
N ILE O 105 -66.81 9.26 7.03
CA ILE O 105 -66.88 7.86 6.65
C ILE O 105 -65.67 7.48 5.80
N SER O 106 -65.22 6.24 5.96
CA SER O 106 -64.13 5.73 5.14
C SER O 106 -64.64 5.33 3.77
N ASN O 107 -63.76 5.44 2.77
CA ASN O 107 -64.10 5.01 1.43
C ASN O 107 -63.86 3.52 1.23
N ASP O 108 -62.94 2.94 1.97
CA ASP O 108 -62.61 1.53 1.86
C ASP O 108 -63.17 0.77 3.07
N THR O 109 -62.86 -0.51 3.17
CA THR O 109 -63.47 -1.42 4.11
C THR O 109 -62.51 -1.67 5.27
N LYS O 110 -63.01 -2.31 6.34
CA LYS O 110 -62.23 -2.61 7.53
C LYS O 110 -61.01 -3.47 7.22
N GLU O 111 -61.19 -4.49 6.38
CA GLU O 111 -60.13 -5.44 6.07
C GLU O 111 -58.99 -4.78 5.30
N GLN O 112 -59.24 -3.66 4.63
CA GLN O 112 -58.23 -2.97 3.85
C GLN O 112 -57.54 -1.85 4.61
N ILE O 113 -58.20 -1.23 5.59
CA ILE O 113 -57.66 -0.04 6.25
C ILE O 113 -57.48 -0.20 7.75
N VAL O 114 -58.07 -1.18 8.42
CA VAL O 114 -57.95 -1.32 9.87
C VAL O 114 -56.97 -2.44 10.16
N ARG O 115 -56.02 -2.16 11.06
CA ARG O 115 -54.98 -3.15 11.40
C ARG O 115 -54.82 -3.27 12.91
N GLU O 116 -55.01 -4.46 13.45
CA GLU O 116 -54.73 -4.74 14.86
C GLU O 116 -53.26 -4.46 15.15
N SER O 117 -52.97 -3.96 16.34
CA SER O 117 -51.59 -3.60 16.65
C SER O 117 -51.32 -3.64 18.15
N THR O 118 -50.03 -3.67 18.48
CA THR O 118 -49.55 -3.83 19.84
C THR O 118 -49.02 -2.50 20.37
N HIS O 119 -49.47 -2.12 21.56
CA HIS O 119 -48.93 -0.97 22.27
C HIS O 119 -48.38 -1.44 23.62
N LEU O 120 -47.38 -0.73 24.11
CA LEU O 120 -46.64 -1.18 25.28
C LEU O 120 -46.68 -0.14 26.38
N ARG O 121 -46.19 -0.57 27.54
CA ARG O 121 -45.82 0.31 28.64
C ARG O 121 -44.53 -0.25 29.22
N ILE O 122 -43.50 0.58 29.23
CA ILE O 122 -42.10 0.17 29.38
C ILE O 122 -41.62 0.69 30.73
N GLU O 123 -41.05 -0.20 31.55
CA GLU O 123 -40.49 0.21 32.83
C GLU O 123 -39.25 1.07 32.61
N ARG O 124 -39.09 2.09 33.45
CA ARG O 124 -38.04 3.08 33.25
C ARG O 124 -36.76 2.76 34.00
N GLN O 125 -36.61 1.64 34.60
CA GLN O 125 -35.32 1.26 35.25
C GLN O 125 -34.86 -0.08 34.68
N THR O 126 -35.86 -0.91 34.18
CA THR O 126 -35.46 -2.16 33.58
C THR O 126 -35.48 -2.15 32.07
N LYS O 127 -36.07 -1.11 31.46
CA LYS O 127 -36.12 -0.97 29.98
C LYS O 127 -36.84 -2.18 29.36
N SER O 128 -37.81 -2.76 30.06
CA SER O 128 -38.56 -3.91 29.57
C SER O 128 -40.05 -3.60 29.62
N ALA O 129 -40.81 -4.42 28.89
CA ALA O 129 -42.23 -4.17 28.70
C ALA O 129 -42.99 -4.65 29.91
N SER O 130 -43.54 -3.69 30.65
CA SER O 130 -44.35 -4.02 31.86
C SER O 130 -45.78 -4.37 31.44
N ASP O 131 -46.39 -3.56 30.59
CA ASP O 131 -47.75 -3.82 30.12
C ASP O 131 -47.79 -3.93 28.61
N THR O 132 -48.74 -4.73 28.12
CA THR O 132 -48.90 -4.96 26.70
C THR O 132 -50.40 -4.98 26.40
N PHE O 133 -50.82 -4.29 25.35
CA PHE O 133 -52.23 -4.28 24.99
C PHE O 133 -52.35 -4.15 23.47
N LYS O 134 -53.55 -4.31 22.97
CA LYS O 134 -53.76 -4.29 21.52
C LYS O 134 -54.86 -3.30 21.16
N GLY O 135 -54.64 -2.52 20.16
CA GLY O 135 -55.63 -1.59 19.64
C GLY O 135 -55.65 -1.64 18.13
N GLU O 136 -56.81 -1.31 17.56
CA GLU O 136 -56.96 -1.28 16.12
C GLU O 136 -56.82 0.15 15.63
N GLU O 137 -56.06 0.33 14.55
CA GLU O 137 -55.82 1.66 14.02
C GLU O 137 -56.06 1.66 12.51
N VAL O 138 -56.31 2.85 11.99
CA VAL O 138 -56.52 3.08 10.57
C VAL O 138 -55.21 3.49 9.94
N ILE O 139 -54.88 2.88 8.81
CA ILE O 139 -53.60 3.13 8.15
C ILE O 139 -53.60 4.48 7.45
N GLU O 140 -52.43 4.83 6.97
CA GLU O 140 -52.13 6.10 6.33
C GLU O 140 -52.34 5.99 4.82
N GLY O 141 -52.93 7.02 4.24
CA GLY O 141 -53.38 6.97 2.87
C GLY O 141 -54.81 6.53 2.69
N ALA O 142 -55.49 6.17 3.77
CA ALA O 142 -56.91 5.81 3.71
C ALA O 142 -57.73 7.09 3.58
N THR O 143 -58.32 7.31 2.41
CA THR O 143 -59.09 8.52 2.17
C THR O 143 -60.51 8.39 2.72
N PHE O 144 -60.95 9.44 3.42
CA PHE O 144 -62.25 9.51 4.08
C PHE O 144 -63.01 10.71 3.55
N THR O 145 -64.34 10.64 3.52
CA THR O 145 -65.15 11.78 3.05
C THR O 145 -66.25 12.13 4.05
N ALA O 146 -66.61 13.41 4.04
CA ALA O 146 -67.77 13.93 4.76
C ALA O 146 -68.32 15.12 3.99
N THR O 147 -69.60 15.43 4.24
CA THR O 147 -70.31 16.49 3.53
C THR O 147 -70.89 17.44 4.57
N ILE O 148 -70.09 18.42 4.99
CA ILE O 148 -70.53 19.44 6.00
C ILE O 148 -71.58 20.34 5.35
N THR O 149 -72.76 20.44 5.96
CA THR O 149 -73.84 21.27 5.39
C THR O 149 -73.96 22.52 6.23
N ILE O 150 -73.79 23.68 5.62
CA ILE O 150 -74.03 24.94 6.39
C ILE O 150 -75.31 25.59 5.84
N SER O 151 -76.36 25.69 6.67
CA SER O 151 -77.59 26.38 6.23
C SER O 151 -77.47 27.88 6.53
N ASN O 152 -78.35 28.70 5.96
CA ASN O 152 -78.27 30.16 6.15
C ASN O 152 -76.80 30.55 6.14
N PRO O 153 -76.07 30.35 5.04
CA PRO O 153 -74.63 30.57 5.04
C PRO O 153 -74.22 32.00 5.27
N GLN O 154 -73.41 32.24 6.29
CA GLN O 154 -72.89 33.61 6.48
C GLN O 154 -71.69 33.76 5.54
N GLU O 155 -71.02 34.90 5.52
CA GLU O 155 -69.95 35.12 4.53
C GLU O 155 -68.68 34.39 4.97
N LYS O 156 -68.32 34.48 6.25
CA LYS O 156 -67.06 33.86 6.74
C LYS O 156 -67.35 32.50 7.37
N ASP O 157 -67.98 31.59 6.64
CA ASP O 157 -68.20 30.23 7.13
C ASP O 157 -67.17 29.26 6.57
N LEU O 158 -66.91 29.33 5.27
CA LEU O 158 -65.90 28.49 4.63
C LEU O 158 -64.50 28.80 5.14
N SER O 159 -64.23 30.08 5.42
CA SER O 159 -62.94 30.46 5.99
C SER O 159 -62.76 29.89 7.39
N LEU O 160 -63.81 29.99 8.22
CA LEU O 160 -63.78 29.41 9.55
C LEU O 160 -63.65 27.89 9.52
N ILE O 161 -64.34 27.24 8.56
CA ILE O 161 -64.30 25.78 8.45
C ILE O 161 -62.91 25.33 8.00
N GLN O 162 -62.33 26.00 7.00
CA GLN O 162 -60.97 25.65 6.57
C GLN O 162 -59.92 26.00 7.60
N SER O 163 -60.15 27.05 8.40
CA SER O 163 -59.27 27.39 9.51
C SER O 163 -59.27 26.28 10.56
N ALA O 164 -60.47 25.78 10.89
CA ALA O 164 -60.57 24.63 11.77
C ALA O 164 -59.94 23.40 11.16
N LEU O 165 -60.05 23.26 9.84
CA LEU O 165 -59.53 22.07 9.16
C LEU O 165 -58.01 22.05 9.21
N LYS O 166 -57.39 23.22 9.04
CA LYS O 166 -55.95 23.35 9.21
C LYS O 166 -55.54 23.15 10.66
N PHE O 167 -56.41 23.52 11.62
CA PHE O 167 -56.11 23.24 13.02
C PHE O 167 -56.16 21.74 13.31
N ILE O 168 -57.07 21.02 12.66
CA ILE O 168 -57.11 19.55 12.79
C ILE O 168 -55.89 18.91 12.16
N GLU O 169 -55.44 19.45 11.00
CA GLU O 169 -54.17 18.98 10.44
C GLU O 169 -52.98 19.28 11.35
N GLU O 170 -53.07 20.35 12.14
CA GLU O 170 -52.02 20.67 13.10
C GLU O 170 -52.06 19.75 14.32
N ASN O 171 -53.25 19.47 14.86
CA ASN O 171 -53.38 18.75 16.13
C ASN O 171 -53.77 17.28 15.97
N GLY O 172 -54.61 16.95 15.01
CA GLY O 172 -55.04 15.57 14.88
C GLY O 172 -56.52 15.41 15.15
N ILE O 173 -57.04 14.25 14.75
CA ILE O 173 -58.45 13.91 14.92
C ILE O 173 -58.52 12.51 15.50
N GLY O 174 -59.57 12.25 16.25
CA GLY O 174 -59.75 10.95 16.88
C GLY O 174 -59.17 10.94 18.28
N GLY O 175 -58.41 9.90 18.59
CA GLY O 175 -57.81 9.74 19.90
C GLY O 175 -56.32 9.47 19.80
N TRP O 176 -55.69 9.39 20.98
CA TRP O 176 -54.25 9.21 21.15
C TRP O 176 -53.46 10.30 20.42
N LEU O 177 -53.95 11.53 20.52
CA LEU O 177 -53.42 12.62 19.72
C LEU O 177 -52.04 13.08 20.19
N ASN O 178 -51.71 12.88 21.45
CA ASN O 178 -50.40 13.26 21.97
C ASN O 178 -49.32 12.22 21.71
N LYS O 179 -49.71 10.99 21.37
CA LYS O 179 -48.74 10.00 20.93
C LYS O 179 -48.33 10.18 19.47
N GLY O 180 -49.06 11.00 18.72
CA GLY O 180 -48.79 11.20 17.31
C GLY O 180 -49.89 10.73 16.40
N TYR O 181 -50.97 10.19 16.94
CA TYR O 181 -52.01 9.63 16.11
C TYR O 181 -52.91 10.73 15.53
N GLY O 182 -53.58 10.39 14.43
CA GLY O 182 -54.61 11.24 13.88
C GLY O 182 -54.13 12.37 13.02
N ARG O 183 -52.84 12.46 12.72
CA ARG O 183 -52.33 13.57 11.91
C ARG O 183 -52.74 13.34 10.47
N VAL O 184 -53.53 14.27 9.93
CA VAL O 184 -54.25 14.04 8.68
C VAL O 184 -54.06 15.26 7.79
N SER O 185 -54.36 15.07 6.51
CA SER O 185 -54.39 16.18 5.57
C SER O 185 -55.77 16.26 4.95
N PHE O 186 -56.17 17.48 4.62
CA PHE O 186 -57.55 17.79 4.27
C PHE O 186 -57.60 18.42 2.88
N GLU O 187 -58.60 18.01 2.11
CA GLU O 187 -58.88 18.58 0.80
C GLU O 187 -60.35 18.98 0.80
N VAL O 188 -60.63 20.22 0.41
CA VAL O 188 -61.99 20.74 0.44
C VAL O 188 -62.40 21.13 -0.97
N LYS O 189 -63.64 20.78 -1.33
CA LYS O 189 -64.28 21.35 -2.51
C LYS O 189 -65.67 21.85 -2.10
N SER O 190 -65.93 23.11 -2.37
CA SER O 190 -67.19 23.68 -1.95
C SER O 190 -68.21 23.66 -3.09
N GLU O 191 -69.40 24.19 -2.84
CA GLU O 191 -70.54 24.30 -3.75
C GLU O 191 -71.66 25.10 -3.10
N ASP O 192 -72.64 25.53 -3.89
CA ASP O 192 -73.87 26.11 -3.39
C ASP O 192 -75.03 25.33 -3.96
N VAL O 193 -76.16 25.37 -3.26
CA VAL O 193 -77.32 24.56 -3.63
C VAL O 193 -78.56 25.44 -3.66
N ALA O 194 -79.21 25.47 -4.83
CA ALA O 194 -80.48 26.14 -5.01
C ALA O 194 -81.28 25.34 -6.02
N THR O 195 -82.36 25.95 -6.54
CA THR O 195 -83.24 25.41 -7.58
C THR O 195 -83.91 24.10 -7.19
N ASP O 196 -84.59 23.48 -8.14
CA ASP O 196 -85.28 22.21 -7.92
C ASP O 196 -84.27 21.07 -7.71
ZN ZN P . 87.62 7.38 -1.86
ZN ZN Q . 60.43 10.54 -23.21
ZN ZN R . 32.05 -6.79 -33.03
ZN ZN S . -11.45 -33.37 7.91
ZN ZN T . -27.67 -15.50 33.09
ZN ZN U . -46.76 12.31 37.99
ZN ZN V . -89.76 -11.66 3.33
ZN ZN W . 31.07 20.38 13.93
ZN ZN X . 28.30 20.69 19.24
ZN ZN Y . 7.90 -27.85 -20.23
ZN ZN Z . -71.91 30.32 22.06
#